data_5X58
#
_entry.id   5X58
#
loop_
_entity.id
_entity.type
_entity.pdbx_description
1 polymer 'Spike glycoprotein'
2 non-polymer 2-acetamido-2-deoxy-beta-D-glucopyranose
#
_entity_poly.entity_id   1
_entity_poly.type   'polypeptide(L)'
_entity_poly.pdbx_seq_one_letter_code
;SDLDRCTTFDDVQAPNYTQHTSSMRGVYYPDEIFRSDTLYLTQDLFLPFYSNVTGFHTINHTFDNPVIPFKDGIYFAATE
KSNVVRGWVFGSTMNNKSQSVIIINNSTNVVIRACNFELCDNPFFAVSKPMGTQTHTMIFDNAFNCTFEYISDAFSLDVS
EKSGNFKHLREFVFKNKDGFLYVYKGYQPIDVVRDLPSGFNTLKPIFKLPLGINITNFRAILTAFSPAQDTWGTSAAAYF
VGYLKPTTFMLKYDENGTITDAVDCSQNPLAELKCSVKSFEIDKGIYQTSNFRVVPSGDVVRFPNITNLCPFGEVFNATK
FPSVYAWERKKISNCVADYSVLYNSTFFSTFKCYGVSATKLNDLCFSNVYADSFVVKGDDVRQIAPGQTGVIADYNYKLP
DDFMGCVLAWNTRNIDATSTGNYNYKYRYLRHGKLRPFERDISNVPFSPDGKPCTPPALNCYWPLNDYGFYTTTGIGYQP
YRVVVLSFELLNAPATVCGPKLSTDLIKNQCVNFNFNGLTGTGVLTPSSKRFQPFQQFGRDVSDFTDSVRDPKTSEILDI
SPCSFGGVSVITPGTNASSEVAVLYQDVNCTDVSTAIHADQLTPAWRIYSTGNNVFQTQAGCLIGAEHVDTSYECDIPIG
AGICASYHTVSLLRSTSQKSIVAYTMSLGADSSIAYSNNTIAIPTNFSISITTEVMPVSMAKTSVDCNMYICGDSTECAN
LLLQYGSFCTQLNRALSGIAAEQDRNTREVFAQVKQMYKTPTLKYFGGFNFSQILPDPLKPTKRSFIEDLLFNKVTLADA
GFMKQYGECLGDINARDLICAQKFNGLTVLPPLLTDDMIAAYTAALVSGTATAGWTFGAGAALQIPFAMQMAYRFNGIGV
TQNVLYENQKQIANQFNKAISQIQESLTTTSTALGKLQDVVNQNAQALNTLVKQLSSNFGAISSVLNDILSRLDKVEAEV
QIDRLITGRLQSLQTYVTQQLIRAAEIRASANLAATKMSECVLGQSKRVDFCGKGYHLMSFPQAAPHGVVFLHVTYVPSQ
ERNFTTAPAICHEGKAYFPREGVFVFNGTSWFITQRNFFSPQIITTDNTFVSGNCDVVIGIINNTVYDPLQPELDSFKEE
LDKYFKNHTSPDVDLGDISGINASVVNIQKEIDRLNEVAKNLNESLIDLQELGKYEQYIKIKRMKQIEDKIEEIESKQKK
IENEIARIKKIKLVPRGSLEWSHPQFEK
;
_entity_poly.pdbx_strand_id   A,B,C
#
# COMPACT_ATOMS: atom_id res chain seq x y z
N ARG A 5 56.58 36.81 -20.91
CA ARG A 5 57.02 36.67 -22.29
C ARG A 5 56.80 35.25 -22.81
N CYS A 6 56.48 35.14 -24.11
CA CYS A 6 56.17 33.85 -24.74
C CYS A 6 57.47 33.19 -25.19
N THR A 7 58.25 32.72 -24.21
CA THR A 7 59.53 32.08 -24.46
C THR A 7 59.31 30.57 -24.51
N THR A 8 59.49 29.99 -25.70
CA THR A 8 59.43 28.54 -25.87
C THR A 8 60.84 28.02 -26.13
N PHE A 9 61.17 26.91 -25.48
CA PHE A 9 62.43 26.25 -25.76
C PHE A 9 62.38 25.59 -27.13
N ASP A 10 63.56 25.35 -27.72
CA ASP A 10 63.62 24.85 -29.08
C ASP A 10 63.24 23.38 -29.18
N ASP A 11 64.01 22.52 -28.52
CA ASP A 11 63.81 21.06 -28.62
C ASP A 11 62.70 20.67 -27.65
N VAL A 12 61.50 20.51 -28.20
CA VAL A 12 60.34 20.09 -27.43
C VAL A 12 59.96 18.69 -27.93
N GLN A 13 60.29 17.67 -27.13
CA GLN A 13 60.02 16.30 -27.52
C GLN A 13 58.61 15.90 -27.12
N ALA A 14 57.89 15.27 -28.05
CA ALA A 14 56.50 14.90 -27.86
C ALA A 14 56.37 13.75 -26.85
N PRO A 15 55.25 13.71 -26.12
CA PRO A 15 55.04 12.59 -25.19
C PRO A 15 54.74 11.30 -25.93
N ASN A 16 55.22 10.19 -25.35
CA ASN A 16 54.97 8.88 -25.93
C ASN A 16 53.62 8.31 -25.49
N TYR A 17 52.96 8.94 -24.51
CA TYR A 17 51.69 8.54 -23.94
C TYR A 17 51.73 7.11 -23.39
N THR A 18 52.66 6.92 -22.45
CA THR A 18 52.80 5.63 -21.77
C THR A 18 51.67 5.52 -20.75
N GLN A 19 50.70 4.66 -21.06
CA GLN A 19 49.51 4.54 -20.22
C GLN A 19 49.82 3.75 -18.96
N HIS A 20 49.13 4.10 -17.89
CA HIS A 20 49.29 3.42 -16.61
C HIS A 20 47.92 3.18 -16.00
N THR A 21 47.88 2.30 -15.01
CA THR A 21 46.61 1.88 -14.42
C THR A 21 46.34 2.65 -13.14
N SER A 22 45.18 3.28 -13.07
CA SER A 22 44.68 3.91 -11.85
C SER A 22 44.23 2.78 -10.93
N SER A 23 45.19 2.19 -10.22
CA SER A 23 45.00 0.93 -9.51
C SER A 23 43.97 1.04 -8.39
N MET A 24 44.27 1.80 -7.34
CA MET A 24 43.31 2.03 -6.28
C MET A 24 43.36 3.49 -5.85
N ARG A 25 43.38 4.39 -6.82
CA ARG A 25 43.59 5.80 -6.53
C ARG A 25 42.41 6.62 -7.06
N GLY A 26 42.37 7.87 -6.64
CA GLY A 26 41.29 8.75 -7.01
C GLY A 26 40.07 8.62 -6.13
N VAL A 27 40.27 8.35 -4.84
CA VAL A 27 39.19 8.17 -3.89
C VAL A 27 39.26 9.32 -2.88
N TYR A 28 38.18 10.08 -2.79
CA TYR A 28 38.15 11.24 -1.91
C TYR A 28 36.91 11.17 -1.03
N TYR A 29 36.95 11.93 0.06
CA TYR A 29 35.77 12.09 0.90
C TYR A 29 34.73 12.87 0.11
N PRO A 30 33.57 12.24 -0.19
CA PRO A 30 32.64 12.87 -1.12
C PRO A 30 31.90 14.06 -0.55
N ASP A 31 31.77 14.13 0.77
CA ASP A 31 31.09 15.23 1.42
C ASP A 31 31.64 15.42 2.82
N GLU A 32 31.20 16.49 3.47
CA GLU A 32 31.74 16.90 4.75
C GLU A 32 31.02 16.21 5.91
N ILE A 33 30.81 14.91 5.79
CA ILE A 33 29.97 14.17 6.73
C ILE A 33 30.80 13.05 7.33
N PHE A 34 30.89 13.01 8.64
CA PHE A 34 31.63 11.94 9.29
C PHE A 34 30.80 10.67 9.31
N ARG A 35 31.41 9.58 8.87
CA ARG A 35 30.78 8.27 8.90
C ARG A 35 31.75 7.29 9.52
N SER A 36 31.27 6.54 10.50
CA SER A 36 32.12 5.68 11.30
C SER A 36 31.69 4.23 11.14
N ASP A 37 32.61 3.43 10.58
CA ASP A 37 32.50 1.98 10.41
C ASP A 37 31.24 1.60 9.67
N THR A 38 31.13 2.02 8.41
CA THR A 38 29.93 1.73 7.65
C THR A 38 30.29 1.66 6.18
N LEU A 39 29.40 1.05 5.41
CA LEU A 39 29.52 0.96 3.97
C LEU A 39 28.59 1.97 3.33
N TYR A 40 29.12 2.75 2.39
CA TYR A 40 28.37 3.89 1.89
C TYR A 40 28.49 3.98 0.39
N LEU A 41 27.36 4.03 -0.30
CA LEU A 41 27.30 4.21 -1.74
C LEU A 41 27.28 5.68 -2.07
N THR A 42 27.89 6.05 -3.21
CA THR A 42 28.01 7.45 -3.60
C THR A 42 27.91 7.55 -5.10
N GLN A 43 27.03 8.44 -5.58
CA GLN A 43 26.99 8.80 -7.00
C GLN A 43 27.64 10.16 -7.19
N ASP A 44 28.90 10.16 -7.61
CA ASP A 44 29.64 11.39 -7.81
C ASP A 44 30.75 11.09 -8.82
N LEU A 45 31.45 12.14 -9.25
CA LEU A 45 32.58 11.99 -10.16
C LEU A 45 33.77 11.42 -9.41
N PHE A 46 34.13 10.18 -9.73
CA PHE A 46 35.28 9.51 -9.13
C PHE A 46 36.20 9.02 -10.22
N LEU A 47 37.43 8.70 -9.83
CA LEU A 47 38.35 8.03 -10.73
C LEU A 47 38.11 6.53 -10.65
N PRO A 48 37.78 5.88 -11.75
CA PRO A 48 37.52 4.44 -11.70
C PRO A 48 38.79 3.65 -11.46
N PHE A 49 38.61 2.52 -10.77
CA PHE A 49 39.70 1.58 -10.55
C PHE A 49 40.14 0.97 -11.87
N TYR A 50 41.46 0.95 -12.08
CA TYR A 50 42.11 0.38 -13.26
C TYR A 50 41.65 1.07 -14.54
N SER A 51 41.88 2.37 -14.61
CA SER A 51 41.66 3.14 -15.81
C SER A 51 42.99 3.60 -16.38
N ASN A 52 42.97 4.09 -17.62
CA ASN A 52 44.19 4.47 -18.29
C ASN A 52 44.59 5.87 -17.85
N VAL A 53 45.76 5.97 -17.23
CA VAL A 53 46.29 7.24 -16.76
C VAL A 53 47.51 7.58 -17.58
N THR A 54 47.46 8.71 -18.29
CA THR A 54 48.51 9.09 -19.22
C THR A 54 49.72 9.60 -18.43
N GLY A 55 50.81 8.84 -18.49
CA GLY A 55 52.03 9.27 -17.82
C GLY A 55 52.74 10.38 -18.57
N PHE A 56 53.56 11.12 -17.84
CA PHE A 56 54.34 12.23 -18.40
C PHE A 56 55.71 12.21 -17.74
N HIS A 57 56.71 11.69 -18.45
CA HIS A 57 58.03 11.44 -17.90
C HIS A 57 59.00 12.50 -18.38
N THR A 58 59.52 13.30 -17.46
CA THR A 58 60.42 14.39 -17.82
C THR A 58 61.87 13.93 -17.74
N ILE A 59 62.58 14.04 -18.86
CA ILE A 59 64.02 13.74 -18.93
C ILE A 59 64.68 14.96 -19.55
N ASN A 60 66.00 14.91 -19.76
CA ASN A 60 66.79 16.00 -20.32
C ASN A 60 66.30 16.47 -21.69
N HIS A 61 65.67 15.59 -22.46
CA HIS A 61 65.13 15.95 -23.76
C HIS A 61 63.61 16.11 -23.74
N THR A 62 62.92 15.27 -22.97
CA THR A 62 61.46 15.26 -22.97
C THR A 62 60.91 16.28 -21.98
N PHE A 63 60.06 17.17 -22.47
CA PHE A 63 59.46 18.25 -21.69
C PHE A 63 57.94 18.12 -21.83
N ASP A 64 57.31 17.56 -20.81
CA ASP A 64 55.91 17.15 -20.90
C ASP A 64 54.99 18.16 -20.23
N ASN A 65 54.34 18.99 -21.05
CA ASN A 65 53.15 19.74 -20.64
C ASN A 65 52.26 20.07 -21.85
N PRO A 66 51.51 19.09 -22.36
CA PRO A 66 50.62 19.40 -23.49
C PRO A 66 49.33 20.05 -23.00
N VAL A 67 48.55 20.60 -23.92
CA VAL A 67 47.25 21.14 -23.56
C VAL A 67 46.27 19.98 -23.47
N ILE A 68 46.00 19.53 -22.27
CA ILE A 68 45.23 18.31 -22.04
C ILE A 68 43.77 18.70 -21.88
N PRO A 69 42.82 17.98 -22.49
CA PRO A 69 41.41 18.29 -22.26
C PRO A 69 40.99 17.94 -20.83
N PHE A 70 40.13 18.79 -20.27
CA PHE A 70 39.67 18.60 -18.91
C PHE A 70 38.61 17.52 -18.78
N LYS A 71 37.49 17.65 -19.51
CA LYS A 71 36.47 16.61 -19.68
C LYS A 71 35.86 16.14 -18.37
N ASP A 72 35.09 17.01 -17.72
CA ASP A 72 34.17 16.75 -16.61
C ASP A 72 34.91 16.52 -15.29
N GLY A 73 36.24 16.51 -15.31
CA GLY A 73 36.96 16.32 -14.08
C GLY A 73 38.18 15.44 -14.24
N ILE A 74 39.28 15.82 -13.59
CA ILE A 74 40.54 15.11 -13.75
C ILE A 74 41.04 14.64 -12.39
N TYR A 75 41.81 13.57 -12.43
CA TYR A 75 42.71 13.18 -11.35
C TYR A 75 44.09 13.70 -11.70
N PHE A 76 44.87 13.98 -10.66
CA PHE A 76 46.22 14.44 -10.90
C PHE A 76 47.13 13.81 -9.85
N ALA A 77 48.28 13.35 -10.31
CA ALA A 77 49.31 12.85 -9.41
C ALA A 77 50.64 13.39 -9.89
N ALA A 78 51.62 13.38 -9.00
CA ALA A 78 52.95 13.88 -9.34
C ALA A 78 53.96 13.21 -8.45
N THR A 79 54.72 12.26 -9.01
CA THR A 79 55.83 11.66 -8.28
C THR A 79 56.94 12.69 -8.12
N GLU A 80 57.19 13.10 -6.89
CA GLU A 80 58.12 14.19 -6.64
C GLU A 80 59.13 13.82 -5.56
N LYS A 81 60.33 14.32 -5.73
CA LYS A 81 61.39 14.40 -4.73
C LYS A 81 62.06 15.77 -4.77
N SER A 82 61.77 16.57 -5.78
CA SER A 82 62.22 17.95 -5.87
C SER A 82 61.08 18.96 -5.89
N ASN A 83 59.83 18.47 -5.89
CA ASN A 83 58.60 19.28 -5.93
C ASN A 83 58.58 20.20 -7.17
N VAL A 84 58.58 19.53 -8.32
CA VAL A 84 58.70 20.19 -9.61
C VAL A 84 57.35 20.70 -10.12
N VAL A 85 56.34 19.84 -10.17
CA VAL A 85 55.10 20.21 -10.84
C VAL A 85 54.26 21.03 -9.85
N ARG A 86 54.50 22.33 -9.83
CA ARG A 86 53.76 23.27 -9.00
C ARG A 86 53.14 24.30 -9.94
N GLY A 87 51.88 24.08 -10.28
CA GLY A 87 51.18 25.02 -11.14
C GLY A 87 50.16 24.42 -12.07
N TRP A 88 48.97 25.01 -12.09
CA TRP A 88 47.86 24.51 -12.88
C TRP A 88 47.13 25.68 -13.53
N VAL A 89 46.89 25.56 -14.82
CA VAL A 89 46.05 26.51 -15.54
C VAL A 89 44.82 25.74 -16.00
N PHE A 90 43.65 26.37 -15.89
CA PHE A 90 42.40 25.74 -16.35
C PHE A 90 41.70 26.72 -17.28
N GLY A 91 41.98 26.60 -18.57
CA GLY A 91 41.46 27.53 -19.56
C GLY A 91 40.46 26.89 -20.51
N SER A 92 39.83 27.76 -21.30
CA SER A 92 38.90 27.32 -22.33
C SER A 92 39.62 27.08 -23.65
N THR A 93 40.28 28.11 -24.18
CA THR A 93 41.09 27.99 -25.39
C THR A 93 42.56 28.24 -25.14
N MET A 94 42.96 28.50 -23.88
CA MET A 94 44.34 28.79 -23.46
C MET A 94 44.92 29.99 -24.21
N ASN A 95 44.07 30.99 -24.43
CA ASN A 95 44.49 32.22 -25.09
C ASN A 95 43.97 33.41 -24.30
N ASN A 96 44.19 34.60 -24.86
CA ASN A 96 43.98 35.84 -24.12
C ASN A 96 42.50 36.14 -23.89
N LYS A 97 41.62 35.73 -24.79
CA LYS A 97 40.22 36.10 -24.66
C LYS A 97 39.49 35.24 -23.65
N SER A 98 39.92 33.98 -23.50
CA SER A 98 39.20 33.04 -22.66
C SER A 98 39.53 33.25 -21.18
N GLN A 99 38.65 32.77 -20.31
CA GLN A 99 38.87 32.82 -18.88
C GLN A 99 39.71 31.63 -18.45
N SER A 100 40.73 31.91 -17.64
CA SER A 100 41.68 30.89 -17.23
C SER A 100 42.06 31.13 -15.78
N VAL A 101 41.74 30.17 -14.91
CA VAL A 101 42.23 30.26 -13.54
C VAL A 101 43.64 29.67 -13.51
N ILE A 102 44.51 30.28 -12.70
CA ILE A 102 45.90 29.86 -12.58
C ILE A 102 46.15 29.56 -11.10
N ILE A 103 46.26 28.27 -10.78
CA ILE A 103 46.60 27.84 -9.44
C ILE A 103 48.09 27.51 -9.41
N ILE A 104 48.86 28.32 -8.69
CA ILE A 104 50.31 28.14 -8.64
C ILE A 104 50.79 28.24 -7.20
N ASN A 105 51.83 27.50 -6.89
CA ASN A 105 52.63 27.70 -5.68
C ASN A 105 53.97 28.27 -6.08
N ASN A 106 54.30 29.45 -5.55
CA ASN A 106 55.61 30.00 -5.87
C ASN A 106 56.56 29.77 -4.69
N SER A 107 56.44 28.58 -4.10
CA SER A 107 57.37 28.00 -3.10
C SER A 107 57.33 28.74 -1.77
N THR A 108 56.34 29.60 -1.56
CA THR A 108 56.11 30.17 -0.24
C THR A 108 54.63 30.13 0.12
N ASN A 109 53.76 30.13 -0.88
CA ASN A 109 52.31 30.21 -0.69
C ASN A 109 51.63 29.90 -2.01
N VAL A 110 50.44 29.33 -1.92
CA VAL A 110 49.66 28.99 -3.10
C VAL A 110 48.79 30.18 -3.47
N VAL A 111 48.87 30.60 -4.74
CA VAL A 111 48.13 31.78 -5.20
C VAL A 111 47.20 31.42 -6.34
N ILE A 112 45.91 31.60 -6.13
CA ILE A 112 44.89 31.32 -7.13
C ILE A 112 44.35 32.63 -7.64
N ARG A 113 44.40 32.83 -8.96
CA ARG A 113 44.01 34.12 -9.54
C ARG A 113 43.48 33.88 -10.94
N ALA A 114 42.19 34.12 -11.13
CA ALA A 114 41.54 33.89 -12.41
C ALA A 114 41.30 35.20 -13.13
N CYS A 115 41.64 35.22 -14.42
CA CYS A 115 41.51 36.43 -15.23
C CYS A 115 41.47 35.98 -16.70
N ASN A 116 41.60 36.92 -17.62
CA ASN A 116 41.73 36.61 -19.05
C ASN A 116 43.21 36.73 -19.39
N PHE A 117 43.96 35.68 -19.10
CA PHE A 117 45.40 35.68 -19.28
C PHE A 117 45.77 35.40 -20.72
N GLU A 118 46.76 36.15 -21.22
CA GLU A 118 47.44 35.80 -22.46
C GLU A 118 48.40 34.67 -22.11
N LEU A 119 47.93 33.43 -22.30
CA LEU A 119 48.73 32.27 -21.92
C LEU A 119 49.90 32.08 -22.88
N CYS A 120 51.10 32.01 -22.32
CA CYS A 120 52.27 31.65 -23.09
C CYS A 120 52.22 30.16 -23.43
N ASP A 121 52.87 29.80 -24.54
CA ASP A 121 52.88 28.40 -24.94
C ASP A 121 53.85 27.56 -24.10
N ASN A 122 54.71 28.20 -23.32
CA ASN A 122 55.70 27.48 -22.51
C ASN A 122 55.96 28.25 -21.22
N PRO A 123 55.19 27.97 -20.17
CA PRO A 123 55.52 28.53 -18.86
C PRO A 123 56.59 27.73 -18.16
N PHE A 124 57.48 28.43 -17.45
CA PHE A 124 58.59 27.79 -16.77
C PHE A 124 59.09 28.71 -15.67
N PHE A 125 59.74 28.10 -14.68
CA PHE A 125 60.42 28.85 -13.63
C PHE A 125 61.92 28.77 -13.84
N ALA A 126 62.57 29.93 -13.95
CA ALA A 126 64.01 30.00 -14.14
C ALA A 126 64.71 29.67 -12.82
N VAL A 127 64.93 28.38 -12.62
CA VAL A 127 65.58 27.85 -11.42
C VAL A 127 66.90 27.21 -11.83
N SER A 128 67.96 27.54 -11.10
CA SER A 128 69.27 26.94 -11.38
C SER A 128 69.29 25.49 -10.93
N LYS A 129 70.05 24.67 -11.66
CA LYS A 129 70.09 23.24 -11.37
C LYS A 129 70.95 22.90 -10.16
N PRO A 130 72.22 23.42 -9.98
CA PRO A 130 72.91 23.10 -8.72
C PRO A 130 72.42 23.93 -7.53
N MET A 131 71.94 25.15 -7.78
CA MET A 131 71.48 26.00 -6.69
C MET A 131 70.09 25.59 -6.22
N GLY A 132 69.11 25.62 -7.12
CA GLY A 132 67.76 25.26 -6.76
C GLY A 132 66.99 26.39 -6.11
N THR A 133 67.04 27.58 -6.70
CA THR A 133 66.33 28.74 -6.19
C THR A 133 65.47 29.34 -7.29
N GLN A 134 64.24 29.71 -6.94
CA GLN A 134 63.34 30.37 -7.88
C GLN A 134 63.81 31.81 -8.07
N THR A 135 64.20 32.15 -9.29
CA THR A 135 64.64 33.52 -9.59
C THR A 135 63.46 34.38 -10.03
N HIS A 136 62.75 33.94 -11.07
CA HIS A 136 61.66 34.71 -11.65
C HIS A 136 60.53 33.77 -12.06
N THR A 137 59.46 34.38 -12.56
CA THR A 137 58.37 33.65 -13.21
C THR A 137 57.93 34.43 -14.44
N MET A 138 57.56 33.70 -15.49
CA MET A 138 57.18 34.29 -16.78
C MET A 138 55.90 33.66 -17.29
N ILE A 139 55.01 33.27 -16.37
CA ILE A 139 53.77 32.59 -16.75
C ILE A 139 52.80 33.56 -17.40
N PHE A 140 52.61 34.73 -16.78
CA PHE A 140 51.62 35.71 -17.22
C PHE A 140 52.33 37.03 -17.47
N ASP A 141 51.84 37.76 -18.48
CA ASP A 141 52.27 39.14 -18.70
C ASP A 141 51.09 40.09 -18.58
N ASN A 142 50.00 39.85 -19.32
CA ASN A 142 48.85 40.72 -19.32
C ASN A 142 47.69 40.04 -18.61
N ALA A 143 46.97 40.82 -17.79
CA ALA A 143 45.83 40.28 -17.05
C ALA A 143 44.73 41.34 -17.06
N PHE A 144 43.86 41.28 -18.06
CA PHE A 144 42.77 42.22 -18.22
C PHE A 144 41.46 41.50 -17.98
N ASN A 145 40.49 42.25 -17.43
CA ASN A 145 39.17 41.72 -17.05
C ASN A 145 39.29 40.54 -16.08
N CYS A 146 39.81 40.83 -14.89
CA CYS A 146 40.10 39.81 -13.88
C CYS A 146 38.89 39.59 -12.99
N THR A 147 38.48 38.33 -12.88
CA THR A 147 37.36 37.93 -12.04
C THR A 147 37.76 37.64 -10.61
N PHE A 148 38.66 36.69 -10.42
CA PHE A 148 38.86 36.05 -9.12
C PHE A 148 40.26 36.31 -8.59
N GLU A 149 40.35 36.44 -7.28
CA GLU A 149 41.61 36.73 -6.59
C GLU A 149 41.64 35.94 -5.29
N TYR A 150 42.77 35.29 -5.03
CA TYR A 150 42.92 34.55 -3.77
C TYR A 150 44.40 34.38 -3.45
N ILE A 151 44.70 34.44 -2.16
CA ILE A 151 46.02 34.14 -1.61
C ILE A 151 45.82 33.26 -0.38
N SER A 152 46.50 32.12 -0.34
CA SER A 152 46.26 31.11 0.69
C SER A 152 47.21 31.34 1.87
N ASP A 153 47.29 30.35 2.76
CA ASP A 153 48.21 30.40 3.90
C ASP A 153 49.57 29.85 3.51
N ALA A 154 50.62 30.39 4.13
CA ALA A 154 51.98 30.17 3.69
C ALA A 154 52.57 28.87 4.25
N PHE A 155 53.52 28.30 3.50
CA PHE A 155 54.28 27.13 3.90
C PHE A 155 55.53 27.05 3.04
N SER A 156 56.59 26.47 3.60
CA SER A 156 57.86 26.40 2.90
C SER A 156 57.86 25.28 1.85
N LEU A 157 58.81 25.36 0.93
CA LEU A 157 58.95 24.38 -0.14
C LEU A 157 60.41 24.27 -0.52
N ASP A 158 60.84 23.04 -0.81
CA ASP A 158 62.19 22.77 -1.30
C ASP A 158 62.13 22.59 -2.81
N VAL A 159 63.12 23.13 -3.52
CA VAL A 159 63.09 23.16 -4.98
C VAL A 159 64.22 22.33 -5.61
N SER A 160 65.37 22.21 -4.95
CA SER A 160 66.60 21.78 -5.59
C SER A 160 66.58 20.28 -5.94
N GLU A 161 67.61 19.89 -6.69
CA GLU A 161 67.66 18.57 -7.32
C GLU A 161 68.02 17.48 -6.31
N LYS A 162 67.33 16.34 -6.43
CA LYS A 162 67.69 15.10 -5.75
C LYS A 162 68.04 14.06 -6.79
N SER A 163 68.24 12.82 -6.35
CA SER A 163 68.60 11.73 -7.26
C SER A 163 68.17 10.41 -6.65
N GLY A 164 67.32 9.67 -7.37
CA GLY A 164 66.88 8.36 -6.90
C GLY A 164 65.38 8.17 -6.93
N ASN A 165 64.85 7.41 -5.98
CA ASN A 165 63.42 7.19 -5.88
C ASN A 165 62.70 8.41 -5.32
N PHE A 166 61.38 8.40 -5.41
CA PHE A 166 60.59 9.53 -5.00
C PHE A 166 60.13 9.40 -3.56
N LYS A 167 60.21 10.52 -2.83
CA LYS A 167 59.77 10.61 -1.45
C LYS A 167 58.34 11.13 -1.33
N HIS A 168 57.98 12.09 -2.17
CA HIS A 168 56.67 12.72 -2.13
C HIS A 168 55.77 12.20 -3.23
N LEU A 169 54.46 12.35 -3.02
CA LEU A 169 53.47 12.05 -4.05
C LEU A 169 52.22 12.88 -3.75
N ARG A 170 52.07 13.99 -4.47
CA ARG A 170 50.90 14.84 -4.31
C ARG A 170 49.79 14.33 -5.23
N GLU A 171 48.60 14.13 -4.69
CA GLU A 171 47.49 13.55 -5.43
C GLU A 171 46.30 14.51 -5.36
N PHE A 172 45.89 15.02 -6.53
CA PHE A 172 44.92 16.10 -6.62
C PHE A 172 43.75 15.69 -7.51
N VAL A 173 42.57 16.26 -7.20
CA VAL A 173 41.35 16.01 -7.96
C VAL A 173 40.65 17.33 -8.21
N PHE A 174 40.37 17.60 -9.49
CA PHE A 174 39.77 18.86 -9.90
C PHE A 174 38.42 18.58 -10.54
N LYS A 175 37.35 19.12 -9.95
CA LYS A 175 36.00 18.94 -10.48
C LYS A 175 35.40 20.29 -10.79
N ASN A 176 35.08 20.53 -12.05
CA ASN A 176 34.26 21.66 -12.44
C ASN A 176 32.80 21.28 -12.24
N LYS A 177 32.15 21.93 -11.29
CA LYS A 177 30.76 21.58 -10.97
C LYS A 177 29.99 22.79 -10.48
N ASP A 178 29.07 23.28 -11.33
CA ASP A 178 28.32 24.53 -11.12
C ASP A 178 29.25 25.71 -10.88
N GLY A 179 30.34 25.76 -11.63
CA GLY A 179 31.29 26.84 -11.49
C GLY A 179 32.12 26.80 -10.23
N PHE A 180 32.10 25.68 -9.50
CA PHE A 180 32.89 25.52 -8.29
C PHE A 180 33.97 24.50 -8.57
N LEU A 181 35.22 24.96 -8.63
CA LEU A 181 36.35 24.07 -8.82
C LEU A 181 36.68 23.36 -7.51
N TYR A 182 36.18 22.15 -7.33
CA TYR A 182 36.51 21.39 -6.14
C TYR A 182 37.92 20.81 -6.26
N VAL A 183 38.77 21.13 -5.29
CA VAL A 183 40.15 20.69 -5.29
C VAL A 183 40.37 19.83 -4.06
N TYR A 184 40.99 18.66 -4.26
CA TYR A 184 41.21 17.67 -3.21
C TYR A 184 42.71 17.43 -3.07
N LYS A 185 43.10 16.76 -1.98
CA LYS A 185 44.52 16.62 -1.68
C LYS A 185 44.79 15.40 -0.83
N GLY A 186 45.83 14.66 -1.18
CA GLY A 186 46.32 13.56 -0.37
C GLY A 186 47.81 13.36 -0.57
N TYR A 187 48.37 12.47 0.24
CA TYR A 187 49.81 12.30 0.30
C TYR A 187 50.15 10.97 0.94
N GLN A 188 51.16 10.29 0.39
CA GLN A 188 51.77 9.13 1.03
C GLN A 188 53.16 8.95 0.44
N PRO A 189 54.08 8.33 1.19
CA PRO A 189 55.41 8.06 0.64
C PRO A 189 55.41 6.81 -0.23
N ILE A 190 56.27 6.84 -1.25
CA ILE A 190 56.35 5.76 -2.24
C ILE A 190 57.80 5.35 -2.48
N ASP A 191 58.00 4.38 -3.37
CA ASP A 191 59.34 4.04 -3.88
C ASP A 191 59.16 3.40 -5.26
N VAL A 192 59.40 4.21 -6.29
CA VAL A 192 59.19 3.78 -7.68
C VAL A 192 60.02 4.71 -8.56
N VAL A 193 60.33 4.24 -9.77
CA VAL A 193 61.04 5.06 -10.75
C VAL A 193 60.07 5.75 -11.70
N ARG A 194 59.21 5.00 -12.36
CA ARG A 194 58.33 5.57 -13.37
C ARG A 194 56.87 5.16 -13.27
N ASP A 195 56.54 4.04 -12.62
CA ASP A 195 55.17 3.57 -12.62
C ASP A 195 54.34 4.31 -11.57
N LEU A 196 53.11 4.65 -11.91
CA LEU A 196 52.16 5.14 -10.92
C LEU A 196 51.81 4.00 -10.00
N PRO A 197 52.25 4.01 -8.74
CA PRO A 197 52.25 2.79 -7.93
C PRO A 197 50.85 2.39 -7.47
N SER A 198 50.66 1.09 -7.37
CA SER A 198 49.42 0.54 -6.86
C SER A 198 49.35 0.77 -5.35
N GLY A 199 48.16 1.06 -4.88
CA GLY A 199 47.95 1.37 -3.48
C GLY A 199 46.76 2.27 -3.32
N PHE A 200 46.20 2.27 -2.12
CA PHE A 200 44.99 3.02 -1.81
C PHE A 200 45.37 4.24 -0.99
N ASN A 201 44.80 5.39 -1.35
CA ASN A 201 45.05 6.62 -0.63
C ASN A 201 43.83 7.50 -0.74
N THR A 202 43.43 8.12 0.36
CA THR A 202 42.20 8.89 0.40
C THR A 202 42.52 10.38 0.37
N LEU A 203 41.70 11.13 -0.36
CA LEU A 203 41.97 12.53 -0.62
C LEU A 203 40.98 13.41 0.14
N LYS A 204 41.42 14.60 0.53
CA LYS A 204 40.67 15.50 1.38
C LYS A 204 40.51 16.86 0.74
N PRO A 205 39.37 17.52 0.92
CA PRO A 205 39.09 18.78 0.21
C PRO A 205 39.86 19.96 0.80
N ILE A 206 40.20 20.90 -0.07
CA ILE A 206 40.84 22.14 0.34
C ILE A 206 40.11 23.38 -0.19
N PHE A 207 39.69 23.37 -1.45
CA PHE A 207 39.13 24.58 -2.07
C PHE A 207 37.86 24.28 -2.85
N LYS A 208 36.80 25.01 -2.51
CA LYS A 208 35.60 25.12 -3.33
C LYS A 208 35.59 26.52 -3.96
N LEU A 209 36.30 26.64 -5.07
CA LEU A 209 36.58 27.95 -5.65
C LEU A 209 35.43 28.46 -6.49
N PRO A 210 34.80 29.58 -6.14
CA PRO A 210 33.68 30.09 -6.94
C PRO A 210 34.14 30.80 -8.21
N LEU A 211 34.46 30.03 -9.25
CA LEU A 211 35.01 30.58 -10.47
C LEU A 211 33.93 30.90 -11.50
N GLY A 212 33.16 29.89 -11.90
CA GLY A 212 32.14 30.09 -12.91
C GLY A 212 32.69 30.19 -14.32
N ILE A 213 33.86 29.61 -14.57
CA ILE A 213 34.55 29.77 -15.85
C ILE A 213 34.42 28.48 -16.64
N ASN A 214 34.49 28.60 -17.97
CA ASN A 214 34.47 27.45 -18.87
C ASN A 214 35.85 26.80 -18.83
N ILE A 215 35.91 25.63 -18.19
CA ILE A 215 37.13 24.84 -18.17
C ILE A 215 36.94 23.64 -19.10
N THR A 216 37.66 23.63 -20.21
CA THR A 216 37.70 22.47 -21.10
C THR A 216 39.12 21.95 -21.30
N ASN A 217 40.12 22.81 -21.17
CA ASN A 217 41.51 22.41 -21.32
C ASN A 217 42.31 22.79 -20.08
N PHE A 218 43.43 22.11 -19.89
CA PHE A 218 44.30 22.46 -18.79
C PHE A 218 45.73 22.11 -19.16
N ARG A 219 46.66 22.67 -18.38
CA ARG A 219 48.08 22.41 -18.57
C ARG A 219 48.79 22.61 -17.24
N ALA A 220 49.63 21.64 -16.86
CA ALA A 220 50.44 21.77 -15.66
C ALA A 220 51.59 22.74 -15.92
N ILE A 221 52.20 23.21 -14.85
CA ILE A 221 53.33 24.13 -14.93
C ILE A 221 54.53 23.49 -14.26
N LEU A 222 55.63 23.39 -15.00
CA LEU A 222 56.81 22.66 -14.57
C LEU A 222 57.85 23.61 -14.00
N THR A 223 58.77 23.05 -13.23
CA THR A 223 59.89 23.80 -12.66
C THR A 223 61.15 23.34 -13.41
N ALA A 224 61.55 24.12 -14.40
CA ALA A 224 62.74 23.79 -15.18
C ALA A 224 64.00 24.09 -14.38
N PHE A 225 65.01 23.24 -14.56
CA PHE A 225 66.29 23.40 -13.85
C PHE A 225 67.33 23.89 -14.85
N SER A 226 67.41 25.22 -14.96
CA SER A 226 68.36 25.85 -15.89
C SER A 226 69.75 25.84 -15.27
N THR A 231 69.15 25.39 -24.25
CA THR A 231 69.93 25.25 -23.03
C THR A 231 69.04 25.14 -21.82
N TRP A 232 68.56 23.92 -21.54
CA TRP A 232 67.72 23.68 -20.38
C TRP A 232 67.94 22.25 -19.90
N GLY A 233 67.42 21.97 -18.72
CA GLY A 233 67.50 20.64 -18.16
C GLY A 233 66.42 20.45 -17.11
N THR A 234 66.02 19.19 -16.95
CA THR A 234 65.01 18.82 -15.96
C THR A 234 65.48 17.60 -15.18
N SER A 235 65.12 17.56 -13.90
CA SER A 235 65.41 16.38 -13.10
C SER A 235 64.32 15.33 -13.28
N ALA A 236 64.61 14.12 -12.79
CA ALA A 236 63.69 12.99 -12.93
C ALA A 236 62.49 13.18 -12.01
N ALA A 237 61.36 13.58 -12.60
CA ALA A 237 60.13 13.80 -11.85
C ALA A 237 58.96 13.68 -12.82
N ALA A 238 58.11 12.69 -12.61
CA ALA A 238 56.98 12.42 -13.49
C ALA A 238 55.67 12.76 -12.81
N TYR A 239 54.67 13.06 -13.63
CA TYR A 239 53.33 13.33 -13.13
C TYR A 239 52.33 12.55 -13.96
N PHE A 240 51.11 12.43 -13.43
CA PHE A 240 50.11 11.52 -13.99
C PHE A 240 48.77 12.21 -14.02
N VAL A 241 48.00 11.94 -15.08
CA VAL A 241 46.70 12.59 -15.31
C VAL A 241 45.68 11.52 -15.63
N GLY A 242 44.63 11.42 -14.80
CA GLY A 242 43.50 10.57 -15.08
C GLY A 242 42.25 11.39 -15.34
N TYR A 243 41.16 10.69 -15.64
CA TYR A 243 39.88 11.31 -15.93
C TYR A 243 38.81 10.79 -14.99
N LEU A 244 37.97 11.69 -14.49
CA LEU A 244 36.89 11.34 -13.59
C LEU A 244 35.63 11.10 -14.39
N LYS A 245 34.87 10.09 -14.01
CA LYS A 245 33.64 9.72 -14.70
C LYS A 245 32.53 9.50 -13.69
N PRO A 246 31.29 9.85 -14.03
CA PRO A 246 30.18 9.70 -13.08
C PRO A 246 29.85 8.23 -12.85
N THR A 247 30.16 7.74 -11.66
CA THR A 247 30.08 6.32 -11.38
C THR A 247 29.58 6.14 -9.96
N THR A 248 28.66 5.18 -9.77
CA THR A 248 28.28 4.79 -8.43
C THR A 248 29.49 4.16 -7.74
N PHE A 249 29.59 4.37 -6.43
CA PHE A 249 30.90 4.17 -5.81
C PHE A 249 30.76 3.87 -4.32
N MET A 250 31.31 2.75 -3.87
CA MET A 250 31.11 2.24 -2.52
C MET A 250 32.33 2.54 -1.67
N LEU A 251 32.12 2.88 -0.40
CA LEU A 251 33.18 3.31 0.49
C LEU A 251 33.08 2.57 1.82
N LYS A 252 34.21 2.06 2.32
CA LYS A 252 34.25 1.44 3.63
C LYS A 252 34.96 2.34 4.62
N TYR A 253 34.27 2.69 5.69
CA TYR A 253 34.83 3.52 6.75
C TYR A 253 35.34 2.64 7.88
N ASP A 254 36.05 3.28 8.80
CA ASP A 254 36.75 2.57 9.86
C ASP A 254 36.16 2.97 11.22
N GLU A 255 36.61 2.26 12.26
CA GLU A 255 36.37 2.68 13.63
C GLU A 255 36.97 4.07 13.88
N ASN A 256 38.15 4.32 13.31
CA ASN A 256 38.70 5.67 13.29
C ASN A 256 37.79 6.62 12.51
N GLY A 257 37.18 6.14 11.44
CA GLY A 257 36.35 6.98 10.59
C GLY A 257 37.09 7.44 9.36
N THR A 258 37.99 6.59 8.86
CA THR A 258 38.83 6.88 7.72
C THR A 258 38.56 5.81 6.68
N ILE A 259 38.48 6.21 5.40
CA ILE A 259 38.17 5.27 4.33
C ILE A 259 39.30 4.27 4.15
N THR A 260 39.03 2.99 4.42
CA THR A 260 40.07 1.98 4.30
C THR A 260 40.07 1.36 2.92
N ASP A 261 38.90 1.08 2.36
CA ASP A 261 38.80 0.43 1.07
C ASP A 261 37.56 0.93 0.34
N ALA A 262 37.64 0.97 -0.98
CA ALA A 262 36.55 1.43 -1.81
C ALA A 262 36.34 0.43 -2.93
N VAL A 263 35.12 0.43 -3.48
CA VAL A 263 34.73 -0.48 -4.56
C VAL A 263 33.97 0.30 -5.61
N ASP A 264 34.44 0.23 -6.86
CA ASP A 264 33.72 0.82 -7.98
C ASP A 264 32.52 -0.06 -8.29
N CYS A 265 31.39 0.55 -8.63
CA CYS A 265 30.21 -0.26 -8.90
C CYS A 265 30.24 -0.85 -10.29
N SER A 266 30.88 -0.18 -11.24
CA SER A 266 30.83 -0.57 -12.64
C SER A 266 32.19 -1.04 -13.14
N GLN A 267 33.00 -1.63 -12.27
CA GLN A 267 34.27 -2.17 -12.72
C GLN A 267 34.10 -3.54 -13.35
N ASN A 268 33.64 -4.51 -12.56
CA ASN A 268 33.36 -5.85 -13.03
C ASN A 268 32.14 -6.35 -12.26
N PRO A 269 31.43 -7.39 -12.76
CA PRO A 269 30.17 -7.79 -12.11
C PRO A 269 30.32 -8.33 -10.71
N LEU A 270 31.52 -8.70 -10.28
CA LEU A 270 31.75 -9.01 -8.87
C LEU A 270 31.60 -7.74 -8.03
N ALA A 271 32.12 -6.62 -8.54
CA ALA A 271 32.05 -5.39 -7.77
C ALA A 271 30.70 -4.72 -7.94
N GLU A 272 29.96 -5.10 -8.99
CA GLU A 272 28.55 -4.75 -9.06
C GLU A 272 27.77 -5.44 -7.95
N LEU A 273 28.15 -6.69 -7.65
CA LEU A 273 27.47 -7.44 -6.60
C LEU A 273 27.78 -6.86 -5.23
N LYS A 274 29.03 -6.42 -5.04
CA LYS A 274 29.45 -5.90 -3.74
C LYS A 274 28.70 -4.62 -3.39
N CYS A 275 28.37 -3.82 -4.39
CA CYS A 275 27.52 -2.67 -4.15
C CYS A 275 26.06 -3.05 -4.05
N SER A 276 25.68 -4.24 -4.49
CA SER A 276 24.29 -4.65 -4.46
C SER A 276 23.93 -5.25 -3.11
N VAL A 277 24.74 -6.19 -2.61
CA VAL A 277 24.48 -6.79 -1.30
C VAL A 277 25.08 -5.97 -0.17
N LYS A 278 25.84 -4.92 -0.50
CA LYS A 278 26.49 -4.01 0.45
C LYS A 278 27.40 -4.77 1.42
N SER A 279 28.40 -5.44 0.85
CA SER A 279 29.41 -6.13 1.63
C SER A 279 30.63 -6.33 0.75
N PHE A 280 31.71 -6.79 1.36
CA PHE A 280 32.93 -7.10 0.62
C PHE A 280 33.22 -8.60 0.56
N GLU A 281 32.69 -9.38 1.50
CA GLU A 281 32.95 -10.81 1.55
C GLU A 281 31.60 -11.52 1.40
N ILE A 282 31.34 -12.01 0.20
CA ILE A 282 30.06 -12.60 -0.17
C ILE A 282 30.18 -14.11 -0.12
N ASP A 283 29.18 -14.78 0.44
CA ASP A 283 29.21 -16.21 0.65
C ASP A 283 29.30 -17.02 -0.63
N LYS A 284 28.21 -17.05 -1.40
CA LYS A 284 28.02 -17.96 -2.53
C LYS A 284 26.66 -17.65 -3.14
N GLY A 285 26.46 -18.06 -4.38
CA GLY A 285 25.12 -18.11 -4.89
C GLY A 285 24.87 -17.29 -6.14
N ILE A 286 23.71 -16.64 -6.17
CA ILE A 286 23.26 -15.90 -7.35
C ILE A 286 22.48 -14.69 -6.87
N TYR A 287 22.69 -13.54 -7.51
CA TYR A 287 22.24 -12.26 -6.98
C TYR A 287 21.59 -11.49 -8.13
N GLN A 288 21.36 -10.19 -7.95
CA GLN A 288 20.62 -9.44 -8.98
C GLN A 288 21.20 -8.05 -9.19
N THR A 289 20.90 -7.52 -10.40
CA THR A 289 20.85 -6.11 -10.78
C THR A 289 20.12 -6.04 -12.11
N SER A 290 19.31 -5.01 -12.35
CA SER A 290 18.29 -5.14 -13.39
C SER A 290 18.43 -4.15 -14.55
N ASN A 291 19.64 -3.76 -14.96
CA ASN A 291 19.78 -2.86 -16.10
C ASN A 291 20.00 -3.67 -17.36
N PHE A 292 19.69 -3.06 -18.51
CA PHE A 292 19.93 -3.57 -19.87
C PHE A 292 19.68 -2.52 -20.95
N ARG A 293 20.38 -2.72 -22.08
CA ARG A 293 20.03 -2.23 -23.41
C ARG A 293 19.89 -0.73 -23.67
N VAL A 294 21.00 0.01 -23.69
CA VAL A 294 20.97 1.37 -24.20
C VAL A 294 20.90 1.27 -25.72
N VAL A 295 20.57 2.38 -26.38
CA VAL A 295 20.05 2.37 -27.74
C VAL A 295 21.04 3.09 -28.65
N PRO A 296 21.55 2.40 -29.68
CA PRO A 296 22.50 3.03 -30.62
C PRO A 296 21.92 4.08 -31.55
N SER A 297 20.85 3.76 -32.28
CA SER A 297 20.39 4.60 -33.38
C SER A 297 18.98 5.11 -33.11
N GLY A 298 18.51 5.96 -34.01
CA GLY A 298 17.18 6.54 -33.93
C GLY A 298 16.53 6.64 -35.29
N ASP A 299 15.22 6.39 -35.33
CA ASP A 299 14.39 6.67 -36.49
C ASP A 299 13.45 7.82 -36.14
N VAL A 300 13.36 8.78 -37.03
CA VAL A 300 12.45 9.90 -36.84
C VAL A 300 11.57 10.02 -38.06
N VAL A 301 11.31 8.88 -38.71
CA VAL A 301 10.62 8.86 -39.99
C VAL A 301 9.13 9.14 -39.81
N ARG A 302 8.74 10.39 -40.04
CA ARG A 302 7.37 10.83 -39.89
C ARG A 302 6.80 11.22 -41.25
N PHE A 303 5.47 11.34 -41.31
CA PHE A 303 4.68 11.18 -42.53
C PHE A 303 5.01 12.06 -43.75
N PRO A 304 4.93 13.45 -43.66
CA PRO A 304 4.56 14.26 -44.85
C PRO A 304 5.31 14.02 -46.14
N ASN A 305 4.55 13.58 -47.14
CA ASN A 305 5.07 13.24 -48.44
C ASN A 305 4.67 14.29 -49.47
N ILE A 306 4.10 15.41 -49.00
CA ILE A 306 3.74 16.56 -49.82
C ILE A 306 4.61 17.75 -49.41
N THR A 307 4.66 18.02 -48.10
CA THR A 307 5.49 19.03 -47.43
C THR A 307 5.28 20.45 -47.93
N ASN A 308 4.10 21.02 -47.65
CA ASN A 308 3.91 22.46 -47.74
C ASN A 308 4.44 23.11 -46.46
N LEU A 309 4.22 24.41 -46.27
CA LEU A 309 4.70 25.05 -45.05
C LEU A 309 3.81 26.22 -44.68
N CYS A 310 3.77 26.52 -43.38
CA CYS A 310 3.11 27.67 -42.74
C CYS A 310 1.64 27.80 -43.12
N PRO A 311 0.76 26.93 -42.60
CA PRO A 311 -0.66 27.03 -42.97
C PRO A 311 -1.38 28.14 -42.23
N PHE A 312 -0.93 28.46 -41.01
CA PHE A 312 -1.53 29.48 -40.17
C PHE A 312 -0.85 30.82 -40.32
N GLY A 313 -0.01 30.98 -41.35
CA GLY A 313 0.44 32.31 -41.71
C GLY A 313 -0.68 33.14 -42.31
N GLU A 314 -1.68 32.49 -42.90
CA GLU A 314 -2.87 33.19 -43.35
C GLU A 314 -3.82 33.45 -42.18
N VAL A 315 -3.94 32.49 -41.27
CA VAL A 315 -5.00 32.42 -40.26
C VAL A 315 -4.89 33.54 -39.23
N PHE A 316 -3.71 33.70 -38.64
CA PHE A 316 -3.55 34.67 -37.57
C PHE A 316 -3.51 36.10 -38.10
N ASN A 317 -2.82 36.32 -39.21
CA ASN A 317 -2.77 37.64 -39.81
C ASN A 317 -3.91 37.86 -40.82
N ALA A 318 -5.00 37.11 -40.73
CA ALA A 318 -6.18 37.42 -41.52
C ALA A 318 -6.88 38.66 -40.98
N THR A 319 -7.60 39.34 -41.87
CA THR A 319 -8.26 40.57 -41.48
C THR A 319 -9.64 40.30 -40.90
N LYS A 320 -10.52 39.65 -41.67
CA LYS A 320 -11.91 39.48 -41.28
C LYS A 320 -12.06 38.28 -40.36
N PHE A 321 -12.08 38.53 -39.06
CA PHE A 321 -12.49 37.49 -38.12
C PHE A 321 -13.98 37.65 -37.81
N PRO A 322 -14.74 36.56 -37.76
CA PRO A 322 -16.16 36.68 -37.42
C PRO A 322 -16.41 36.88 -35.94
N SER A 323 -17.67 36.88 -35.54
CA SER A 323 -18.05 37.17 -34.17
C SER A 323 -17.91 35.91 -33.31
N VAL A 324 -18.35 36.05 -32.04
CA VAL A 324 -18.20 34.96 -31.08
C VAL A 324 -19.16 33.82 -31.40
N TYR A 325 -20.40 34.16 -31.74
CA TYR A 325 -21.41 33.14 -32.01
C TYR A 325 -21.17 32.44 -33.33
N ALA A 326 -20.56 33.14 -34.29
CA ALA A 326 -20.39 32.61 -35.64
C ALA A 326 -18.93 32.40 -36.00
N TRP A 327 -18.13 31.90 -35.05
CA TRP A 327 -16.71 31.62 -35.26
C TRP A 327 -16.49 30.58 -36.34
N GLU A 328 -15.39 30.70 -37.08
CA GLU A 328 -15.11 29.83 -38.21
C GLU A 328 -14.03 28.82 -37.84
N ARG A 329 -14.27 27.55 -38.13
CA ARG A 329 -13.28 26.51 -37.96
C ARG A 329 -12.61 26.25 -39.31
N LYS A 330 -11.30 26.53 -39.38
CA LYS A 330 -10.55 26.43 -40.62
C LYS A 330 -9.64 25.20 -40.56
N LYS A 331 -9.86 24.25 -41.46
CA LYS A 331 -9.10 23.01 -41.46
C LYS A 331 -7.75 23.20 -42.13
N ILE A 332 -6.72 22.63 -41.52
CA ILE A 332 -5.37 22.61 -42.07
C ILE A 332 -5.12 21.22 -42.64
N SER A 333 -4.74 21.18 -43.92
CA SER A 333 -4.67 19.93 -44.66
C SER A 333 -3.29 19.76 -45.26
N ASN A 334 -2.63 18.66 -44.92
CA ASN A 334 -1.38 18.16 -45.51
C ASN A 334 -0.23 19.17 -45.49
N CYS A 335 -0.19 20.04 -44.49
CA CYS A 335 0.78 21.12 -44.46
C CYS A 335 1.63 21.04 -43.19
N VAL A 336 2.94 21.15 -43.36
CA VAL A 336 3.86 21.14 -42.24
C VAL A 336 3.73 22.44 -41.47
N ALA A 337 3.10 22.39 -40.31
CA ALA A 337 2.93 23.58 -39.48
C ALA A 337 4.10 23.69 -38.52
N ASP A 338 5.08 24.52 -38.89
CA ASP A 338 6.17 24.85 -38.00
C ASP A 338 5.71 25.88 -36.99
N TYR A 339 5.70 25.52 -35.72
CA TYR A 339 5.37 26.45 -34.66
C TYR A 339 6.62 27.26 -34.31
N SER A 340 6.51 28.11 -33.28
CA SER A 340 7.51 29.06 -32.75
C SER A 340 7.74 30.25 -33.67
N VAL A 341 7.18 30.22 -34.89
CA VAL A 341 6.90 31.43 -35.64
C VAL A 341 5.72 32.07 -34.89
N LEU A 342 4.86 31.19 -34.39
CA LEU A 342 3.70 31.59 -33.61
C LEU A 342 4.06 31.94 -32.18
N TYR A 343 5.00 31.18 -31.59
CA TYR A 343 5.14 31.17 -30.13
C TYR A 343 6.11 32.19 -29.54
N ASN A 344 7.38 32.18 -29.96
CA ASN A 344 8.40 32.83 -29.15
C ASN A 344 8.36 34.36 -29.29
N SER A 345 8.03 34.85 -30.47
CA SER A 345 7.75 36.27 -30.65
C SER A 345 6.39 36.55 -30.01
N THR A 346 6.40 37.34 -28.93
CA THR A 346 5.20 37.55 -28.12
C THR A 346 4.29 38.55 -28.84
N PHE A 347 3.43 38.01 -29.70
CA PHE A 347 2.31 38.78 -30.21
C PHE A 347 1.11 38.70 -29.27
N PHE A 348 1.07 37.65 -28.45
CA PHE A 348 -0.15 37.24 -27.76
C PHE A 348 -0.10 37.69 -26.30
N SER A 349 -1.20 38.30 -25.84
CA SER A 349 -1.30 38.69 -24.44
C SER A 349 -1.42 37.47 -23.54
N THR A 350 -2.18 36.47 -23.97
CA THR A 350 -2.38 35.25 -23.19
C THR A 350 -2.20 34.06 -24.11
N PHE A 351 -1.00 33.49 -24.08
CA PHE A 351 -0.74 32.19 -24.67
C PHE A 351 -0.81 31.14 -23.56
N LYS A 352 -1.60 30.10 -23.78
CA LYS A 352 -1.89 29.14 -22.71
C LYS A 352 -2.28 27.81 -23.35
N CYS A 353 -1.40 26.82 -23.24
CA CYS A 353 -1.65 25.49 -23.79
C CYS A 353 -2.54 24.67 -22.87
N TYR A 354 -3.04 23.56 -23.41
CA TYR A 354 -3.73 22.55 -22.63
C TYR A 354 -3.31 21.18 -23.10
N GLY A 355 -2.84 20.35 -22.17
CA GLY A 355 -2.35 19.03 -22.53
C GLY A 355 -0.96 19.07 -23.14
N VAL A 356 -0.88 19.59 -24.36
CA VAL A 356 0.40 19.76 -25.05
C VAL A 356 1.16 20.91 -24.42
N SER A 357 2.44 21.04 -24.77
CA SER A 357 3.23 22.18 -24.33
C SER A 357 4.00 22.72 -25.52
N ALA A 358 4.27 24.02 -25.50
CA ALA A 358 4.60 24.75 -26.72
C ALA A 358 6.00 24.42 -27.24
N THR A 359 6.92 24.02 -26.36
CA THR A 359 8.28 23.77 -26.82
C THR A 359 8.36 22.44 -27.56
N LYS A 360 7.69 21.41 -27.05
CA LYS A 360 7.57 20.15 -27.77
C LYS A 360 6.36 20.10 -28.67
N LEU A 361 5.71 21.22 -28.94
CA LEU A 361 4.57 21.24 -29.84
C LEU A 361 4.99 21.02 -31.28
N ASN A 362 6.24 21.32 -31.60
CA ASN A 362 6.83 21.04 -32.90
C ASN A 362 6.95 19.55 -33.16
N ASP A 363 7.56 18.82 -32.22
CA ASP A 363 8.08 17.48 -32.46
C ASP A 363 7.02 16.44 -32.79
N LEU A 364 5.84 16.54 -32.22
CA LEU A 364 4.81 15.54 -32.47
C LEU A 364 3.93 15.96 -33.65
N CYS A 365 3.42 14.96 -34.36
CA CYS A 365 2.52 15.20 -35.47
C CYS A 365 1.07 15.23 -34.99
N PHE A 366 0.23 15.84 -35.81
CA PHE A 366 -1.21 15.87 -35.56
C PHE A 366 -1.94 15.50 -36.84
N SER A 367 -3.05 14.79 -36.69
CA SER A 367 -3.77 14.26 -37.84
C SER A 367 -4.48 15.36 -38.62
N ASN A 368 -5.11 16.30 -37.90
CA ASN A 368 -5.60 17.56 -38.42
C ASN A 368 -5.62 18.55 -37.28
N VAL A 369 -5.34 19.81 -37.59
CA VAL A 369 -5.47 20.86 -36.60
C VAL A 369 -6.52 21.85 -37.09
N TYR A 370 -7.25 22.42 -36.16
CA TYR A 370 -8.34 23.33 -36.47
C TYR A 370 -8.17 24.63 -35.73
N ALA A 371 -8.52 25.72 -36.40
CA ALA A 371 -8.35 27.07 -35.86
C ALA A 371 -9.73 27.70 -35.69
N ASP A 372 -10.05 28.11 -34.47
CA ASP A 372 -11.35 28.68 -34.17
C ASP A 372 -11.15 30.15 -33.81
N SER A 373 -11.50 31.03 -34.73
CA SER A 373 -11.04 32.42 -34.69
C SER A 373 -12.21 33.37 -34.47
N PHE A 374 -12.14 34.17 -33.41
CA PHE A 374 -13.21 35.08 -33.01
C PHE A 374 -12.66 36.07 -31.98
N VAL A 375 -13.44 37.12 -31.72
CA VAL A 375 -12.97 38.31 -30.99
C VAL A 375 -13.84 38.52 -29.76
N VAL A 376 -13.22 38.55 -28.57
CA VAL A 376 -13.93 38.64 -27.30
C VAL A 376 -13.38 39.77 -26.44
N LYS A 377 -13.92 39.85 -25.22
CA LYS A 377 -13.56 40.82 -24.20
C LYS A 377 -12.36 40.32 -23.41
N GLY A 378 -11.68 41.24 -22.70
CA GLY A 378 -10.49 40.88 -21.96
C GLY A 378 -10.76 40.01 -20.75
N ASP A 379 -11.94 40.17 -20.14
CA ASP A 379 -12.36 39.21 -19.13
C ASP A 379 -12.67 37.86 -19.77
N ASP A 380 -13.18 37.89 -21.01
CA ASP A 380 -13.53 36.66 -21.71
C ASP A 380 -12.31 35.96 -22.30
N VAL A 381 -11.14 36.60 -22.26
CA VAL A 381 -9.89 35.92 -22.59
C VAL A 381 -9.65 34.77 -21.63
N ARG A 382 -9.87 35.01 -20.34
CA ARG A 382 -9.74 33.94 -19.35
C ARG A 382 -10.87 32.93 -19.48
N GLN A 383 -12.03 33.37 -20.00
CA GLN A 383 -13.20 32.51 -19.97
C GLN A 383 -13.19 31.49 -21.08
N ILE A 384 -12.39 31.69 -22.13
CA ILE A 384 -12.24 30.69 -23.17
C ILE A 384 -11.28 29.65 -22.63
N ALA A 385 -11.84 28.60 -22.02
CA ALA A 385 -11.12 27.63 -21.21
C ALA A 385 -12.05 26.46 -20.92
N PRO A 386 -11.52 25.30 -20.52
CA PRO A 386 -12.39 24.28 -19.94
C PRO A 386 -12.98 24.75 -18.63
N GLY A 387 -14.21 24.30 -18.37
CA GLY A 387 -14.94 24.85 -17.22
C GLY A 387 -15.42 26.25 -17.53
N GLN A 388 -15.48 27.08 -16.48
CA GLN A 388 -15.86 28.51 -16.55
C GLN A 388 -17.24 28.69 -17.17
N THR A 389 -18.22 27.94 -16.67
CA THR A 389 -19.47 27.75 -17.39
C THR A 389 -20.38 28.97 -17.29
N GLY A 390 -20.47 29.59 -16.10
CA GLY A 390 -21.54 30.53 -15.82
C GLY A 390 -21.47 31.85 -16.57
N VAL A 391 -20.32 32.15 -17.18
CA VAL A 391 -20.15 33.36 -17.96
C VAL A 391 -20.82 33.20 -19.32
N ILE A 392 -20.90 34.29 -20.08
CA ILE A 392 -21.69 34.31 -21.29
C ILE A 392 -20.86 33.96 -22.54
N ALA A 393 -19.56 34.24 -22.53
CA ALA A 393 -18.75 33.92 -23.71
C ALA A 393 -18.50 32.42 -23.82
N ASP A 394 -18.26 31.76 -22.68
CA ASP A 394 -18.17 30.30 -22.67
C ASP A 394 -19.54 29.66 -22.93
N TYR A 395 -20.61 30.39 -22.64
CA TYR A 395 -21.96 30.01 -23.02
C TYR A 395 -22.19 30.10 -24.52
N ASN A 396 -21.31 30.78 -25.26
CA ASN A 396 -21.30 30.82 -26.71
C ASN A 396 -20.26 29.89 -27.33
N TYR A 397 -19.06 29.83 -26.75
CA TYR A 397 -18.01 28.96 -27.25
C TYR A 397 -17.49 28.13 -26.09
N LYS A 398 -17.80 26.84 -26.10
CA LYS A 398 -17.49 25.95 -24.99
C LYS A 398 -16.30 25.06 -25.36
N LEU A 399 -15.30 25.04 -24.49
CA LEU A 399 -14.16 24.15 -24.67
C LEU A 399 -14.24 23.04 -23.63
N PRO A 400 -14.19 21.78 -24.02
CA PRO A 400 -14.50 20.69 -23.08
C PRO A 400 -13.33 20.38 -22.15
N ASP A 401 -13.65 19.63 -21.11
CA ASP A 401 -12.62 19.13 -20.20
C ASP A 401 -11.84 17.99 -20.84
N ASP A 402 -12.48 17.22 -21.72
CA ASP A 402 -11.86 16.02 -22.28
C ASP A 402 -10.85 16.37 -23.37
N PHE A 403 -11.32 16.97 -24.45
CA PHE A 403 -10.44 17.33 -25.55
C PHE A 403 -9.98 18.77 -25.39
N MET A 404 -8.77 19.03 -25.85
CA MET A 404 -8.12 20.29 -25.47
C MET A 404 -7.02 20.62 -26.48
N GLY A 405 -6.78 21.91 -26.63
CA GLY A 405 -5.76 22.40 -27.53
C GLY A 405 -4.99 23.58 -26.98
N CYS A 406 -4.95 24.67 -27.73
CA CYS A 406 -4.23 25.88 -27.35
C CYS A 406 -5.10 27.10 -27.61
N VAL A 407 -5.18 27.99 -26.61
CA VAL A 407 -6.01 29.20 -26.72
C VAL A 407 -5.09 30.41 -26.84
N LEU A 408 -5.30 31.22 -27.87
CA LEU A 408 -4.36 32.27 -28.26
C LEU A 408 -5.08 33.61 -28.43
N ALA A 409 -4.91 34.50 -27.45
CA ALA A 409 -5.52 35.83 -27.50
C ALA A 409 -4.45 36.91 -27.60
N TRP A 410 -4.79 37.99 -28.32
CA TRP A 410 -3.85 39.09 -28.48
C TRP A 410 -4.62 40.39 -28.70
N ASN A 411 -3.99 41.50 -28.32
CA ASN A 411 -4.69 42.77 -28.20
C ASN A 411 -4.86 43.44 -29.56
N THR A 412 -6.04 44.04 -29.78
CA THR A 412 -6.38 44.75 -31.01
C THR A 412 -7.02 46.11 -30.67
N ARG A 413 -6.36 46.86 -29.78
CA ARG A 413 -6.77 48.24 -29.53
C ARG A 413 -6.62 49.11 -30.78
N ASN A 414 -5.63 48.82 -31.62
CA ASN A 414 -5.35 49.67 -32.77
C ASN A 414 -6.34 49.43 -33.90
N ILE A 415 -6.67 48.18 -34.18
CA ILE A 415 -7.42 47.84 -35.38
C ILE A 415 -8.92 47.88 -35.11
N ASP A 416 -9.39 47.01 -34.21
CA ASP A 416 -10.83 46.84 -34.02
C ASP A 416 -11.42 47.97 -33.18
N ALA A 417 -10.71 48.42 -32.16
CA ALA A 417 -11.23 49.42 -31.23
C ALA A 417 -11.19 50.80 -31.89
N THR A 418 -12.18 51.06 -32.73
CA THR A 418 -12.35 52.35 -33.37
C THR A 418 -12.79 53.38 -32.33
N SER A 419 -12.35 54.62 -32.52
CA SER A 419 -12.63 55.68 -31.54
C SER A 419 -14.12 56.02 -31.50
N THR A 420 -14.85 55.78 -32.59
CA THR A 420 -16.25 56.13 -32.64
C THR A 420 -17.18 54.94 -32.39
N GLY A 421 -16.66 53.72 -32.41
CA GLY A 421 -17.46 52.55 -32.13
C GLY A 421 -17.16 51.43 -33.11
N ASN A 422 -17.50 50.21 -32.70
CA ASN A 422 -17.26 49.02 -33.53
C ASN A 422 -18.38 48.02 -33.22
N TYR A 423 -19.43 48.06 -34.02
CA TYR A 423 -20.63 47.26 -33.80
C TYR A 423 -20.79 46.18 -34.87
N ASN A 424 -19.67 45.63 -35.35
CA ASN A 424 -19.71 44.49 -36.25
C ASN A 424 -19.78 43.18 -35.48
N TYR A 425 -19.25 43.17 -34.26
CA TYR A 425 -19.15 41.95 -33.46
C TYR A 425 -20.30 41.86 -32.47
N LYS A 426 -20.91 40.67 -32.39
CA LYS A 426 -22.01 40.42 -31.47
C LYS A 426 -21.79 39.06 -30.81
N TYR A 427 -22.62 38.76 -29.81
CA TYR A 427 -22.67 37.45 -29.18
C TYR A 427 -24.01 37.28 -28.51
N ARG A 428 -24.47 36.03 -28.42
CA ARG A 428 -25.74 35.73 -27.77
C ARG A 428 -25.58 35.82 -26.25
N TYR A 429 -26.60 36.34 -25.57
CA TYR A 429 -26.63 36.32 -24.11
C TYR A 429 -27.84 35.62 -23.54
N LEU A 430 -28.77 35.18 -24.38
CA LEU A 430 -29.91 34.36 -23.95
C LEU A 430 -30.12 33.23 -24.93
N ARG A 431 -30.32 32.02 -24.42
CA ARG A 431 -30.56 30.84 -25.24
C ARG A 431 -31.23 29.78 -24.39
N HIS A 432 -32.11 29.00 -25.01
CA HIS A 432 -32.77 27.87 -24.36
C HIS A 432 -31.72 26.83 -24.02
N GLY A 433 -31.40 26.72 -22.73
CA GLY A 433 -30.39 25.76 -22.29
C GLY A 433 -28.98 26.25 -22.55
N LYS A 434 -28.06 25.33 -22.78
CA LYS A 434 -26.65 25.65 -22.98
C LYS A 434 -26.18 25.12 -24.33
N LEU A 435 -24.90 25.31 -24.60
CA LEU A 435 -24.27 24.77 -25.80
C LEU A 435 -23.33 23.63 -25.45
N ARG A 436 -23.34 22.60 -26.29
CA ARG A 436 -22.35 21.54 -26.22
C ARG A 436 -20.99 22.10 -26.67
N PRO A 437 -19.89 21.47 -26.23
CA PRO A 437 -18.57 21.97 -26.64
C PRO A 437 -18.28 21.74 -28.11
N PHE A 438 -17.50 22.67 -28.69
CA PHE A 438 -17.24 22.79 -30.12
C PHE A 438 -18.55 22.81 -30.92
N GLU A 439 -19.49 23.62 -30.46
CA GLU A 439 -20.81 23.65 -31.06
C GLU A 439 -21.47 24.99 -30.73
N ARG A 440 -22.12 25.56 -31.72
CA ARG A 440 -22.52 26.96 -31.67
C ARG A 440 -23.86 27.13 -32.37
N ASP A 441 -24.40 28.35 -32.27
CA ASP A 441 -25.66 28.71 -32.91
C ASP A 441 -25.49 30.08 -33.56
N ILE A 442 -25.34 30.09 -34.89
CA ILE A 442 -25.20 31.34 -35.62
C ILE A 442 -26.55 32.04 -35.72
N SER A 443 -27.63 31.25 -35.69
CA SER A 443 -28.97 31.73 -36.04
C SER A 443 -29.49 32.78 -35.06
N ASN A 444 -30.11 33.82 -35.61
CA ASN A 444 -30.66 34.92 -34.84
C ASN A 444 -32.12 34.62 -34.54
N VAL A 445 -32.33 33.69 -33.62
CA VAL A 445 -33.67 33.27 -33.23
C VAL A 445 -34.22 34.27 -32.21
N PRO A 446 -35.42 34.85 -32.43
CA PRO A 446 -35.99 35.77 -31.44
C PRO A 446 -36.35 35.08 -30.14
N PHE A 447 -35.62 35.43 -29.08
CA PHE A 447 -35.69 34.66 -27.83
C PHE A 447 -36.94 35.02 -27.03
N SER A 448 -37.46 34.02 -26.34
CA SER A 448 -38.52 34.16 -25.36
C SER A 448 -38.13 33.28 -24.18
N PRO A 449 -38.42 33.71 -22.94
CA PRO A 449 -38.08 32.86 -21.79
C PRO A 449 -38.98 31.65 -21.63
N ASP A 450 -40.19 31.67 -22.22
CA ASP A 450 -41.10 30.54 -22.03
C ASP A 450 -40.94 29.50 -23.14
N GLY A 451 -40.64 29.93 -24.36
CA GLY A 451 -40.48 29.02 -25.46
C GLY A 451 -41.38 29.30 -26.65
N LYS A 452 -42.33 30.21 -26.45
CA LYS A 452 -43.21 30.62 -27.54
C LYS A 452 -42.44 31.42 -28.58
N PRO A 453 -42.88 31.40 -29.83
CA PRO A 453 -42.31 32.33 -30.82
C PRO A 453 -42.78 33.76 -30.55
N CYS A 454 -41.96 34.72 -30.98
CA CYS A 454 -42.17 36.13 -30.68
C CYS A 454 -42.13 37.00 -31.92
N THR A 455 -42.46 38.27 -31.70
CA THR A 455 -42.21 39.41 -32.57
C THR A 455 -41.99 40.62 -31.66
N PRO A 456 -40.78 41.17 -31.63
CA PRO A 456 -40.47 42.26 -30.69
C PRO A 456 -41.14 43.55 -31.10
N PRO A 457 -41.27 44.54 -30.20
CA PRO A 457 -40.86 44.69 -28.79
C PRO A 457 -41.92 44.28 -27.77
N ALA A 458 -42.52 43.10 -27.94
CA ALA A 458 -43.57 42.66 -27.03
C ALA A 458 -42.98 42.26 -25.68
N LEU A 459 -43.86 41.89 -24.75
CA LEU A 459 -43.45 41.53 -23.39
C LEU A 459 -42.63 40.25 -23.39
N ASN A 460 -41.38 40.37 -22.93
CA ASN A 460 -40.40 39.28 -22.84
C ASN A 460 -40.17 38.62 -24.20
N CYS A 461 -39.81 39.45 -25.19
CA CYS A 461 -39.42 39.00 -26.52
C CYS A 461 -38.17 39.78 -26.92
N TYR A 462 -37.01 39.25 -26.54
CA TYR A 462 -35.74 39.93 -26.70
C TYR A 462 -34.95 39.36 -27.88
N TRP A 463 -34.05 40.19 -28.41
CA TRP A 463 -33.09 39.66 -29.38
C TRP A 463 -31.92 39.02 -28.65
N PRO A 464 -31.42 37.89 -29.15
CA PRO A 464 -30.36 37.20 -28.41
C PRO A 464 -29.01 37.88 -28.49
N LEU A 465 -28.74 38.59 -29.58
CA LEU A 465 -27.41 39.17 -29.78
C LEU A 465 -27.26 40.45 -28.96
N ASN A 466 -26.01 40.82 -28.71
CA ASN A 466 -25.70 41.98 -27.90
C ASN A 466 -25.07 43.06 -28.78
N ASP A 467 -25.48 44.30 -28.53
CA ASP A 467 -24.86 45.46 -29.17
C ASP A 467 -23.49 45.65 -28.53
N TYR A 468 -22.51 44.95 -29.09
CA TYR A 468 -21.22 44.74 -28.45
C TYR A 468 -20.17 45.61 -29.13
N GLY A 469 -20.09 46.86 -28.65
CA GLY A 469 -19.20 47.84 -29.25
C GLY A 469 -17.88 47.99 -28.53
N PHE A 470 -17.00 48.79 -29.13
CA PHE A 470 -15.67 49.01 -28.58
C PHE A 470 -15.26 50.47 -28.74
N TYR A 471 -14.37 50.90 -27.86
CA TYR A 471 -13.74 52.21 -27.95
C TYR A 471 -12.29 52.08 -27.50
N THR A 472 -11.41 52.83 -28.15
CA THR A 472 -9.99 52.77 -27.79
C THR A 472 -9.70 53.51 -26.49
N THR A 473 -10.65 54.33 -26.03
CA THR A 473 -10.45 55.08 -24.79
C THR A 473 -10.80 54.25 -23.57
N THR A 474 -11.42 53.08 -23.76
CA THR A 474 -11.80 52.23 -22.65
C THR A 474 -10.56 51.54 -22.05
N GLY A 475 -10.78 50.89 -20.91
CA GLY A 475 -9.72 50.19 -20.24
C GLY A 475 -9.33 48.91 -20.96
N ILE A 476 -8.27 48.28 -20.42
CA ILE A 476 -7.73 47.05 -21.00
C ILE A 476 -8.72 45.90 -20.86
N GLY A 477 -9.57 45.95 -19.83
CA GLY A 477 -10.56 44.89 -19.65
C GLY A 477 -11.68 44.91 -20.68
N TYR A 478 -11.86 46.03 -21.37
CA TYR A 478 -12.88 46.15 -22.39
C TYR A 478 -12.32 46.21 -23.82
N GLN A 479 -11.02 46.00 -23.99
CA GLN A 479 -10.44 46.03 -25.32
C GLN A 479 -10.79 44.76 -26.08
N PRO A 480 -10.84 44.79 -27.41
CA PRO A 480 -11.10 43.55 -28.17
C PRO A 480 -9.86 42.68 -28.28
N TYR A 481 -10.08 41.37 -28.29
CA TYR A 481 -8.99 40.40 -28.37
C TYR A 481 -9.33 39.32 -29.38
N ARG A 482 -8.58 39.29 -30.48
CA ARG A 482 -8.72 38.25 -31.49
C ARG A 482 -8.21 36.92 -30.94
N VAL A 483 -9.11 35.96 -30.76
CA VAL A 483 -8.79 34.69 -30.12
C VAL A 483 -8.86 33.58 -31.15
N VAL A 484 -7.75 32.90 -31.36
CA VAL A 484 -7.70 31.72 -32.21
C VAL A 484 -7.46 30.50 -31.34
N VAL A 485 -8.39 29.54 -31.41
CA VAL A 485 -8.33 28.33 -30.61
C VAL A 485 -7.82 27.20 -31.49
N LEU A 486 -6.67 26.65 -31.12
CA LEU A 486 -6.02 25.60 -31.91
C LEU A 486 -6.37 24.25 -31.31
N SER A 487 -7.51 23.69 -31.70
CA SER A 487 -7.81 22.32 -31.33
C SER A 487 -7.00 21.39 -32.21
N PHE A 488 -6.55 20.30 -31.61
CA PHE A 488 -5.71 19.33 -32.29
C PHE A 488 -6.49 18.06 -32.53
N GLU A 489 -5.87 17.05 -33.13
CA GLU A 489 -6.43 15.70 -33.17
C GLU A 489 -5.44 14.73 -32.56
N LEU A 490 -5.77 14.26 -31.36
CA LEU A 490 -5.09 13.10 -30.80
C LEU A 490 -5.57 11.82 -31.47
N LEU A 491 -6.70 11.90 -32.18
CA LEU A 491 -7.18 10.79 -32.99
C LEU A 491 -6.22 10.57 -34.15
N ASN A 492 -5.36 9.57 -34.01
CA ASN A 492 -4.20 9.41 -34.89
C ASN A 492 -4.64 8.82 -36.23
N ALA A 493 -5.08 9.71 -37.12
CA ALA A 493 -5.33 9.45 -38.53
C ALA A 493 -4.00 9.64 -39.25
N PRO A 494 -3.89 9.46 -40.57
CA PRO A 494 -2.69 9.96 -41.28
C PRO A 494 -2.47 11.44 -41.05
N ALA A 495 -1.22 11.78 -40.70
CA ALA A 495 -0.93 13.05 -40.05
C ALA A 495 -0.87 14.21 -41.04
N THR A 496 -1.03 15.41 -40.50
CA THR A 496 -0.96 16.67 -41.26
C THR A 496 0.22 17.52 -40.83
N VAL A 497 0.28 17.89 -39.55
CA VAL A 497 1.35 18.74 -39.07
C VAL A 497 2.60 17.90 -38.84
N CYS A 498 3.76 18.45 -39.17
CA CYS A 498 5.02 17.77 -38.91
C CYS A 498 5.83 18.45 -37.82
N GLY A 499 5.99 19.78 -37.88
CA GLY A 499 6.99 20.44 -37.06
C GLY A 499 8.36 19.93 -37.40
N PRO A 500 8.89 20.36 -38.55
CA PRO A 500 9.68 19.47 -39.40
C PRO A 500 11.01 19.02 -38.82
N LYS A 501 11.20 17.71 -38.82
CA LYS A 501 12.50 17.09 -38.68
C LYS A 501 12.76 16.31 -39.96
N LEU A 502 14.03 16.10 -40.29
CA LEU A 502 14.38 15.29 -41.45
C LEU A 502 14.15 13.83 -41.10
N SER A 503 13.50 13.09 -41.99
CA SER A 503 13.10 11.72 -41.70
C SER A 503 14.16 10.75 -42.17
N THR A 504 14.68 9.94 -41.25
CA THR A 504 15.72 8.99 -41.60
C THR A 504 15.11 7.74 -42.23
N ASP A 505 15.97 6.77 -42.52
CA ASP A 505 15.53 5.49 -43.06
C ASP A 505 15.35 4.49 -41.93
N LEU A 506 14.31 3.67 -42.02
CA LEU A 506 14.05 2.68 -40.99
C LEU A 506 14.95 1.48 -41.17
N ILE A 507 15.27 0.83 -40.06
CA ILE A 507 16.24 -0.26 -40.04
C ILE A 507 15.68 -1.39 -39.19
N LYS A 508 16.06 -2.62 -39.55
CA LYS A 508 15.60 -3.80 -38.82
C LYS A 508 16.40 -3.99 -37.53
N ASN A 509 17.51 -3.26 -37.40
CA ASN A 509 18.46 -3.25 -36.27
C ASN A 509 17.73 -3.15 -34.93
N GLN A 510 18.14 -3.96 -33.96
CA GLN A 510 17.56 -3.89 -32.65
C GLN A 510 17.93 -2.58 -31.97
N CYS A 511 17.06 -2.14 -31.05
CA CYS A 511 17.23 -0.93 -30.26
C CYS A 511 17.39 0.31 -31.12
N VAL A 512 16.28 0.77 -31.69
CA VAL A 512 16.26 2.04 -32.38
C VAL A 512 15.31 2.97 -31.65
N ASN A 513 15.74 4.20 -31.39
CA ASN A 513 14.84 5.23 -30.86
C ASN A 513 13.86 5.67 -31.95
N PHE A 514 12.81 4.89 -32.13
CA PHE A 514 11.88 5.20 -33.21
C PHE A 514 11.02 6.40 -32.81
N ASN A 515 10.89 7.34 -33.73
CA ASN A 515 9.99 8.49 -33.58
C ASN A 515 9.12 8.47 -34.83
N PHE A 516 8.01 7.77 -34.74
CA PHE A 516 6.98 7.93 -35.75
C PHE A 516 6.14 9.16 -35.42
N ASN A 517 4.97 9.25 -36.05
CA ASN A 517 4.09 10.42 -36.00
C ASN A 517 3.79 10.91 -34.59
N GLY A 518 3.46 9.99 -33.69
CA GLY A 518 3.25 10.37 -32.31
C GLY A 518 3.82 9.39 -31.31
N LEU A 519 4.81 8.62 -31.73
CA LEU A 519 5.36 7.56 -30.91
C LEU A 519 6.86 7.80 -30.68
N THR A 520 7.17 8.49 -29.59
CA THR A 520 8.57 8.69 -29.22
C THR A 520 9.03 7.55 -28.31
N GLY A 521 8.81 6.31 -28.72
CA GLY A 521 9.26 5.16 -27.97
C GLY A 521 10.66 4.74 -28.40
N THR A 522 11.03 3.54 -27.95
CA THR A 522 12.28 2.94 -28.37
C THR A 522 12.10 1.43 -28.44
N GLY A 523 12.85 0.80 -29.33
CA GLY A 523 12.70 -0.64 -29.49
C GLY A 523 13.26 -1.22 -30.76
N VAL A 524 12.72 -2.36 -31.18
CA VAL A 524 13.28 -3.17 -32.27
C VAL A 524 12.27 -3.13 -33.41
N LEU A 525 12.62 -2.44 -34.48
CA LEU A 525 11.74 -2.44 -35.64
C LEU A 525 11.91 -3.76 -36.40
N THR A 526 10.79 -4.40 -36.69
CA THR A 526 10.80 -5.74 -37.28
C THR A 526 9.56 -5.90 -38.16
N PRO A 527 9.69 -6.32 -39.42
CA PRO A 527 8.50 -6.45 -40.27
C PRO A 527 7.64 -7.62 -39.86
N SER A 528 6.32 -7.46 -40.01
CA SER A 528 5.35 -8.37 -39.43
C SER A 528 4.22 -8.66 -40.39
N SER A 529 3.57 -9.81 -40.19
CA SER A 529 2.38 -10.19 -40.95
C SER A 529 1.12 -9.91 -40.12
N LYS A 530 0.79 -8.62 -40.04
CA LYS A 530 -0.43 -8.18 -39.35
C LYS A 530 -1.23 -7.37 -40.37
N ARG A 531 -2.55 -7.42 -40.28
CA ARG A 531 -3.36 -7.19 -41.47
C ARG A 531 -3.61 -5.71 -41.75
N PHE A 532 -4.05 -4.95 -40.74
CA PHE A 532 -4.20 -3.49 -40.82
C PHE A 532 -5.14 -2.99 -41.92
N GLN A 533 -6.46 -3.12 -41.71
CA GLN A 533 -7.44 -2.37 -42.49
C GLN A 533 -7.06 -0.89 -42.55
N PRO A 534 -7.19 -0.25 -43.73
CA PRO A 534 -6.49 1.03 -43.97
C PRO A 534 -6.92 2.24 -43.15
N PHE A 535 -7.94 2.11 -42.31
CA PHE A 535 -8.32 3.20 -41.43
C PHE A 535 -7.71 3.07 -40.03
N GLN A 536 -6.80 2.12 -39.82
CA GLN A 536 -6.07 2.00 -38.57
C GLN A 536 -4.60 1.83 -38.85
N GLN A 537 -3.77 2.48 -38.04
CA GLN A 537 -2.34 2.46 -38.31
C GLN A 537 -1.47 2.31 -37.06
N PHE A 538 -2.06 2.14 -35.88
CA PHE A 538 -1.34 1.72 -34.69
C PHE A 538 -1.86 0.36 -34.28
N GLY A 539 -0.97 -0.53 -33.86
CA GLY A 539 -1.39 -1.81 -33.34
C GLY A 539 -1.07 -1.94 -31.86
N ARG A 540 -2.03 -2.47 -31.11
CA ARG A 540 -1.84 -2.77 -29.71
C ARG A 540 -2.19 -4.23 -29.49
N ASP A 541 -1.59 -4.83 -28.45
CA ASP A 541 -1.69 -6.27 -28.29
C ASP A 541 -2.55 -6.67 -27.11
N VAL A 542 -2.18 -6.28 -25.90
CA VAL A 542 -2.94 -6.68 -24.72
C VAL A 542 -3.18 -5.48 -23.82
N SER A 543 -2.40 -4.42 -24.01
CA SER A 543 -2.38 -3.33 -23.06
C SER A 543 -2.02 -2.01 -23.74
N ASP A 544 -1.58 -1.08 -22.89
CA ASP A 544 -1.23 0.30 -23.17
C ASP A 544 -0.23 0.48 -24.31
N PHE A 545 0.73 -0.43 -24.44
CA PHE A 545 1.86 -0.21 -25.32
C PHE A 545 1.51 -0.53 -26.77
N THR A 546 2.01 0.31 -27.68
CA THR A 546 1.83 0.11 -29.11
C THR A 546 2.71 -1.05 -29.56
N ASP A 547 2.08 -2.09 -30.11
CA ASP A 547 2.81 -3.27 -30.54
C ASP A 547 3.35 -3.12 -31.96
N SER A 548 2.51 -2.68 -32.89
CA SER A 548 2.88 -2.64 -34.30
C SER A 548 2.43 -1.33 -34.93
N VAL A 549 3.23 -0.86 -35.90
CA VAL A 549 2.90 0.36 -36.63
C VAL A 549 3.02 0.05 -38.13
N ARG A 550 2.09 0.60 -38.91
CA ARG A 550 2.28 0.73 -40.35
C ARG A 550 3.04 2.03 -40.59
N ASP A 551 4.13 1.92 -41.35
CA ASP A 551 5.03 3.04 -41.58
C ASP A 551 4.33 4.16 -42.35
N PRO A 552 4.54 5.42 -42.00
CA PRO A 552 3.80 6.48 -42.69
C PRO A 552 4.30 6.78 -44.09
N LYS A 553 5.60 6.60 -44.37
CA LYS A 553 6.10 6.81 -45.72
C LYS A 553 5.71 5.66 -46.65
N THR A 554 6.15 4.45 -46.32
CA THR A 554 6.12 3.35 -47.27
C THR A 554 4.94 2.40 -47.09
N SER A 555 4.12 2.62 -46.06
CA SER A 555 2.97 1.77 -45.70
C SER A 555 3.39 0.31 -45.45
N GLU A 556 4.58 0.14 -44.90
CA GLU A 556 5.08 -1.18 -44.53
C GLU A 556 4.60 -1.52 -43.14
N ILE A 557 4.14 -2.74 -42.96
CA ILE A 557 3.58 -3.21 -41.71
C ILE A 557 4.68 -3.87 -40.90
N LEU A 558 4.94 -3.33 -39.72
CA LEU A 558 6.05 -3.78 -38.89
C LEU A 558 5.64 -3.79 -37.43
N ASP A 559 6.09 -4.79 -36.67
CA ASP A 559 5.81 -4.83 -35.24
C ASP A 559 7.04 -4.46 -34.44
N ILE A 560 6.81 -3.95 -33.24
CA ILE A 560 7.87 -3.41 -32.40
C ILE A 560 8.07 -4.36 -31.24
N SER A 561 9.29 -4.79 -31.07
CA SER A 561 9.74 -5.43 -29.85
C SER A 561 10.59 -4.44 -29.06
N PRO A 562 10.56 -4.47 -27.75
CA PRO A 562 11.35 -3.52 -26.97
C PRO A 562 12.82 -3.89 -26.99
N CYS A 563 13.63 -2.97 -26.50
CA CYS A 563 15.05 -3.25 -26.28
C CYS A 563 15.19 -4.36 -25.25
N SER A 564 15.97 -5.38 -25.62
CA SER A 564 15.83 -6.70 -25.05
C SER A 564 16.33 -6.75 -23.61
N PHE A 565 15.49 -6.29 -22.71
CA PHE A 565 15.81 -6.10 -21.30
C PHE A 565 15.78 -7.43 -20.54
N GLY A 566 15.85 -7.31 -19.22
CA GLY A 566 15.92 -8.46 -18.36
C GLY A 566 16.74 -8.11 -17.13
N GLY A 567 16.91 -9.11 -16.28
CA GLY A 567 17.72 -8.95 -15.09
C GLY A 567 19.06 -9.63 -15.22
N VAL A 568 20.08 -8.98 -14.68
CA VAL A 568 21.42 -9.54 -14.63
C VAL A 568 21.61 -10.26 -13.31
N SER A 569 21.83 -11.55 -13.38
CA SER A 569 22.16 -12.33 -12.20
C SER A 569 23.61 -12.76 -12.33
N VAL A 570 24.28 -12.94 -11.19
CA VAL A 570 25.72 -13.18 -11.16
C VAL A 570 26.04 -14.35 -10.23
N ILE A 571 26.67 -15.39 -10.78
CA ILE A 571 27.16 -16.50 -9.98
C ILE A 571 28.48 -16.13 -9.34
N THR A 572 28.59 -16.34 -8.03
CA THR A 572 29.88 -16.29 -7.37
C THR A 572 30.08 -17.52 -6.52
N PRO A 573 31.28 -18.06 -6.49
CA PRO A 573 31.69 -18.89 -5.37
C PRO A 573 32.18 -18.01 -4.24
N GLY A 574 32.79 -18.60 -3.22
CA GLY A 574 33.37 -17.85 -2.11
C GLY A 574 34.37 -16.79 -2.50
N THR A 575 34.09 -15.54 -2.08
CA THR A 575 35.04 -14.46 -2.32
C THR A 575 36.31 -14.68 -1.50
N ASN A 576 36.17 -15.30 -0.32
CA ASN A 576 37.36 -15.80 0.38
C ASN A 576 37.96 -16.99 -0.35
N ALA A 577 37.13 -17.80 -0.99
CA ALA A 577 37.64 -18.93 -1.75
C ALA A 577 38.30 -18.46 -3.04
N SER A 578 37.60 -17.64 -3.83
CA SER A 578 38.19 -17.07 -5.03
C SER A 578 37.49 -15.77 -5.44
N SER A 579 38.27 -14.73 -5.70
CA SER A 579 37.75 -13.54 -6.35
C SER A 579 37.70 -13.68 -7.86
N GLU A 580 37.88 -14.91 -8.37
CA GLU A 580 37.81 -15.22 -9.79
C GLU A 580 36.44 -14.91 -10.34
N VAL A 581 36.36 -14.71 -11.66
CA VAL A 581 35.34 -13.93 -12.34
C VAL A 581 33.91 -14.40 -12.05
N ALA A 582 33.12 -13.48 -11.48
CA ALA A 582 31.69 -13.69 -11.35
C ALA A 582 31.08 -13.82 -12.73
N VAL A 583 30.47 -14.96 -13.00
CA VAL A 583 29.88 -15.21 -14.30
C VAL A 583 28.41 -14.81 -14.19
N LEU A 584 27.81 -14.48 -15.33
CA LEU A 584 26.66 -13.60 -15.29
C LEU A 584 25.44 -14.21 -15.94
N TYR A 585 24.34 -13.49 -15.85
CA TYR A 585 23.11 -13.83 -16.56
C TYR A 585 22.61 -12.67 -17.36
N GLN A 586 22.19 -12.98 -18.55
CA GLN A 586 21.40 -12.10 -19.37
C GLN A 586 20.19 -12.95 -19.71
N ASP A 587 18.98 -12.49 -19.37
CA ASP A 587 17.78 -13.34 -19.44
C ASP A 587 17.13 -13.29 -20.82
N VAL A 588 18.02 -13.15 -21.81
CA VAL A 588 17.78 -12.63 -23.15
C VAL A 588 18.29 -13.70 -24.09
N ASN A 589 17.85 -13.66 -25.35
CA ASN A 589 18.51 -14.35 -26.46
C ASN A 589 19.97 -13.96 -26.52
N CYS A 590 20.84 -14.94 -26.80
CA CYS A 590 22.27 -14.76 -26.54
C CYS A 590 22.93 -13.89 -27.60
N THR A 591 22.51 -14.04 -28.85
CA THR A 591 23.15 -13.29 -29.93
C THR A 591 22.75 -11.82 -29.90
N ASP A 592 21.66 -11.51 -29.21
CA ASP A 592 21.35 -10.11 -28.92
C ASP A 592 22.28 -9.56 -27.85
N VAL A 593 22.89 -10.45 -27.08
CA VAL A 593 23.80 -10.02 -26.01
C VAL A 593 25.21 -9.91 -26.53
N SER A 594 25.67 -10.95 -27.24
CA SER A 594 27.04 -11.00 -27.77
C SER A 594 27.27 -9.88 -28.78
N THR A 595 26.27 -9.61 -29.62
CA THR A 595 26.38 -8.48 -30.53
C THR A 595 26.07 -7.14 -29.88
N ALA A 596 26.08 -7.06 -28.55
CA ALA A 596 25.94 -5.81 -27.84
C ALA A 596 26.97 -5.62 -26.73
N ILE A 597 27.76 -6.64 -26.41
CA ILE A 597 28.89 -6.46 -25.51
C ILE A 597 30.15 -6.09 -26.29
N HIS A 598 30.28 -6.58 -27.52
CA HIS A 598 31.35 -6.13 -28.39
C HIS A 598 31.19 -4.68 -28.82
N ALA A 599 29.96 -4.20 -29.00
CA ALA A 599 29.67 -2.78 -29.07
C ALA A 599 29.29 -2.30 -27.66
N ASP A 600 28.73 -1.11 -27.47
CA ASP A 600 28.46 -0.61 -26.13
C ASP A 600 26.98 -0.47 -25.83
N GLN A 601 26.15 -1.43 -26.25
CA GLN A 601 24.71 -1.26 -26.08
C GLN A 601 24.18 -1.66 -24.71
N LEU A 602 24.95 -2.41 -23.92
CA LEU A 602 24.42 -2.68 -22.59
C LEU A 602 24.60 -1.47 -21.68
N THR A 603 23.65 -1.30 -20.78
CA THR A 603 23.86 -0.27 -19.77
C THR A 603 23.72 -0.72 -18.31
N PRO A 604 24.23 -1.89 -17.93
CA PRO A 604 25.05 -1.93 -16.71
C PRO A 604 26.50 -1.60 -16.99
N ALA A 605 26.99 -1.97 -18.18
CA ALA A 605 28.18 -1.42 -18.83
C ALA A 605 29.44 -1.60 -17.99
N TRP A 606 29.83 -2.85 -17.80
CA TRP A 606 31.03 -3.11 -17.02
C TRP A 606 32.27 -2.77 -17.84
N ARG A 607 33.29 -2.26 -17.14
CA ARG A 607 34.42 -1.65 -17.81
C ARG A 607 35.45 -2.68 -18.21
N ILE A 608 36.06 -3.37 -17.24
CA ILE A 608 37.02 -4.41 -17.58
C ILE A 608 36.23 -5.70 -17.77
N TYR A 609 35.62 -5.83 -18.93
CA TYR A 609 34.70 -6.89 -19.21
C TYR A 609 34.92 -7.37 -20.64
N SER A 610 36.18 -7.68 -20.97
CA SER A 610 36.49 -8.21 -22.30
C SER A 610 35.96 -9.62 -22.50
N THR A 611 35.63 -10.31 -21.41
CA THR A 611 34.74 -11.46 -21.42
C THR A 611 33.42 -11.11 -22.09
N GLY A 612 32.81 -12.04 -22.84
CA GLY A 612 33.04 -13.47 -22.77
C GLY A 612 33.77 -14.27 -23.83
N ASN A 613 34.06 -15.50 -23.44
CA ASN A 613 34.51 -16.58 -24.31
C ASN A 613 33.44 -17.64 -24.49
N ASN A 614 32.56 -17.79 -23.51
CA ASN A 614 31.54 -18.82 -23.49
C ASN A 614 30.15 -18.20 -23.60
N VAL A 615 29.24 -18.91 -24.27
CA VAL A 615 27.89 -18.43 -24.55
C VAL A 615 26.94 -19.63 -24.45
N PHE A 616 25.83 -19.45 -23.72
CA PHE A 616 24.76 -20.43 -23.66
C PHE A 616 23.51 -19.85 -24.31
N GLN A 617 22.47 -20.67 -24.40
CA GLN A 617 21.13 -20.22 -24.71
C GLN A 617 20.15 -20.92 -23.79
N THR A 618 20.63 -21.36 -22.64
CA THR A 618 19.85 -22.15 -21.70
C THR A 618 18.73 -21.32 -21.11
N GLN A 619 17.51 -21.89 -21.15
CA GLN A 619 16.19 -21.26 -20.96
C GLN A 619 16.13 -20.16 -19.88
N ALA A 620 16.89 -20.36 -18.80
CA ALA A 620 17.09 -19.35 -17.77
C ALA A 620 17.68 -18.05 -18.29
N GLY A 621 18.49 -18.11 -19.34
CA GLY A 621 19.07 -16.90 -19.89
C GLY A 621 20.22 -17.22 -20.83
N CYS A 622 21.36 -16.57 -20.58
CA CYS A 622 22.61 -16.96 -21.21
C CYS A 622 23.78 -16.63 -20.28
N LEU A 623 24.39 -17.68 -19.73
CA LEU A 623 25.64 -17.53 -19.01
C LEU A 623 26.73 -17.03 -19.95
N ILE A 624 27.68 -16.32 -19.36
CA ILE A 624 28.75 -15.75 -20.16
C ILE A 624 30.09 -16.29 -19.71
N GLY A 625 30.40 -16.16 -18.43
CA GLY A 625 31.71 -16.61 -18.02
C GLY A 625 31.79 -18.09 -17.69
N ALA A 626 30.65 -18.77 -17.65
CA ALA A 626 30.63 -20.15 -17.18
C ALA A 626 30.86 -21.12 -18.33
N GLU A 627 31.55 -22.21 -18.01
CA GLU A 627 32.02 -23.16 -19.01
C GLU A 627 31.06 -24.33 -19.10
N HIS A 628 30.71 -24.72 -20.32
CA HIS A 628 29.88 -25.90 -20.53
C HIS A 628 30.71 -27.16 -20.32
N VAL A 629 30.24 -28.02 -19.42
CA VAL A 629 30.92 -29.27 -19.12
C VAL A 629 29.90 -30.40 -19.24
N ASP A 630 30.26 -31.45 -20.01
CA ASP A 630 29.30 -32.49 -20.32
C ASP A 630 28.98 -33.38 -19.12
N THR A 631 29.90 -33.50 -18.17
CA THR A 631 29.59 -34.31 -17.01
C THR A 631 28.67 -33.55 -16.06
N SER A 632 28.23 -34.23 -15.02
CA SER A 632 27.02 -33.82 -14.31
C SER A 632 27.09 -34.27 -12.87
N TYR A 633 27.34 -33.33 -11.95
CA TYR A 633 27.69 -33.68 -10.58
C TYR A 633 26.48 -33.70 -9.65
N GLU A 634 25.92 -32.53 -9.35
CA GLU A 634 24.93 -32.31 -8.30
C GLU A 634 24.62 -30.81 -8.36
N CYS A 635 23.44 -30.37 -7.93
CA CYS A 635 23.16 -28.95 -8.01
C CYS A 635 23.88 -28.19 -6.92
N ASP A 636 24.75 -27.28 -7.31
CA ASP A 636 25.54 -26.49 -6.37
C ASP A 636 24.98 -25.08 -6.23
N ILE A 637 24.81 -24.36 -7.34
CA ILE A 637 24.17 -23.06 -7.34
C ILE A 637 23.07 -23.12 -8.39
N PRO A 638 21.80 -22.91 -8.03
CA PRO A 638 20.72 -23.11 -8.99
C PRO A 638 20.70 -22.01 -10.04
N ILE A 639 20.26 -22.38 -11.24
CA ILE A 639 20.27 -21.48 -12.37
C ILE A 639 18.86 -21.34 -12.93
N GLY A 640 18.30 -22.46 -13.33
CA GLY A 640 17.05 -22.46 -14.04
C GLY A 640 17.13 -23.45 -15.19
N ALA A 641 16.05 -24.20 -15.34
CA ALA A 641 15.85 -25.18 -16.40
C ALA A 641 16.93 -26.26 -16.38
N GLY A 642 17.13 -26.85 -15.21
CA GLY A 642 17.85 -28.09 -15.08
C GLY A 642 19.35 -27.96 -14.97
N ILE A 643 19.91 -26.79 -15.20
CA ILE A 643 21.34 -26.64 -15.08
C ILE A 643 21.66 -25.96 -13.76
N CYS A 644 22.82 -26.27 -13.19
CA CYS A 644 23.31 -25.62 -11.99
C CYS A 644 24.79 -25.29 -12.17
N ALA A 645 25.23 -24.20 -11.58
CA ALA A 645 26.59 -23.72 -11.71
C ALA A 645 27.38 -24.09 -10.46
N SER A 646 28.69 -24.11 -10.60
CA SER A 646 29.55 -24.59 -9.53
C SER A 646 30.94 -24.01 -9.68
N TYR A 647 31.89 -24.59 -8.93
CA TYR A 647 33.28 -24.14 -8.91
C TYR A 647 34.16 -25.39 -8.98
N HIS A 648 34.45 -25.85 -10.19
CA HIS A 648 35.29 -27.03 -10.38
C HIS A 648 36.31 -26.77 -11.49
N THR A 649 37.09 -27.78 -11.84
CA THR A 649 38.08 -27.65 -12.91
C THR A 649 37.43 -27.73 -14.28
N LYS A 659 40.92 -23.65 -11.23
CA LYS A 659 39.53 -23.79 -10.81
C LYS A 659 38.63 -22.74 -11.45
N SER A 660 37.85 -23.15 -12.44
CA SER A 660 36.95 -22.26 -13.14
C SER A 660 35.55 -22.38 -12.56
N ILE A 661 34.58 -21.76 -13.24
CA ILE A 661 33.17 -21.92 -12.90
C ILE A 661 32.50 -22.77 -13.94
N VAL A 662 31.88 -23.85 -13.49
CA VAL A 662 31.41 -24.94 -14.32
C VAL A 662 29.90 -24.86 -14.45
N ALA A 663 29.41 -24.82 -15.69
CA ALA A 663 27.99 -24.90 -15.96
C ALA A 663 27.67 -26.26 -16.52
N TYR A 664 26.59 -26.86 -16.02
CA TYR A 664 26.28 -28.25 -16.32
C TYR A 664 24.82 -28.51 -15.99
N THR A 665 24.18 -29.36 -16.78
CA THR A 665 22.90 -29.90 -16.37
C THR A 665 23.12 -30.88 -15.21
N MET A 666 22.28 -30.79 -14.19
CA MET A 666 22.56 -31.47 -12.95
C MET A 666 22.12 -32.94 -13.02
N SER A 667 22.89 -33.79 -12.36
CA SER A 667 22.50 -35.16 -12.11
C SER A 667 21.82 -35.24 -10.77
N LEU A 668 20.66 -35.89 -10.76
CA LEU A 668 19.81 -35.91 -9.59
C LEU A 668 20.36 -36.95 -8.64
N GLY A 669 21.09 -36.50 -7.63
CA GLY A 669 21.71 -37.42 -6.69
C GLY A 669 22.75 -38.32 -7.31
N ALA A 670 22.41 -39.59 -7.48
CA ALA A 670 23.26 -40.55 -8.15
C ALA A 670 22.43 -41.68 -8.74
N ASP A 671 22.73 -42.10 -9.97
CA ASP A 671 21.97 -43.16 -10.59
C ASP A 671 22.28 -44.49 -9.92
N SER A 672 21.24 -45.27 -9.68
CA SER A 672 21.35 -46.49 -8.89
C SER A 672 20.65 -47.62 -9.62
N SER A 673 20.72 -48.81 -9.03
CA SER A 673 20.14 -49.99 -9.64
C SER A 673 19.87 -51.03 -8.57
N ILE A 674 18.64 -51.51 -8.53
CA ILE A 674 18.27 -52.69 -7.75
C ILE A 674 17.48 -53.62 -8.65
N ALA A 675 17.67 -54.92 -8.48
CA ALA A 675 17.02 -55.90 -9.35
C ALA A 675 15.75 -56.40 -8.69
N TYR A 676 14.62 -56.18 -9.35
CA TYR A 676 13.38 -56.85 -8.92
C TYR A 676 13.51 -58.34 -9.17
N SER A 677 13.06 -59.14 -8.21
CA SER A 677 13.04 -60.59 -8.37
C SER A 677 11.90 -61.15 -7.55
N ASN A 678 11.30 -62.24 -8.03
CA ASN A 678 10.14 -62.79 -7.34
C ASN A 678 10.53 -63.53 -6.07
N ASN A 679 11.80 -63.91 -5.93
CA ASN A 679 12.23 -64.78 -4.84
C ASN A 679 13.12 -64.08 -3.82
N THR A 680 14.05 -63.25 -4.26
CA THR A 680 15.06 -62.71 -3.36
C THR A 680 14.52 -61.51 -2.61
N ILE A 681 14.63 -61.56 -1.28
CA ILE A 681 14.40 -60.38 -0.45
C ILE A 681 15.76 -59.98 0.10
N ALA A 682 15.94 -58.70 0.39
CA ALA A 682 17.16 -58.21 1.00
C ALA A 682 16.79 -57.62 2.35
N ILE A 683 17.27 -58.22 3.42
CA ILE A 683 16.99 -57.72 4.77
C ILE A 683 18.32 -57.44 5.44
N PRO A 684 18.38 -56.42 6.29
CA PRO A 684 19.65 -56.00 6.85
C PRO A 684 20.14 -56.91 7.96
N THR A 685 21.46 -57.04 8.02
CA THR A 685 22.10 -57.71 9.13
C THR A 685 22.68 -56.75 10.15
N ASN A 686 22.73 -55.46 9.84
CA ASN A 686 23.43 -54.52 10.70
C ASN A 686 22.83 -53.14 10.49
N PHE A 687 23.10 -52.26 11.44
CA PHE A 687 22.45 -50.95 11.47
C PHE A 687 23.42 -49.94 12.07
N SER A 688 23.28 -48.70 11.63
CA SER A 688 24.11 -47.61 12.11
C SER A 688 23.21 -46.53 12.67
N ILE A 689 23.12 -46.45 14.00
CA ILE A 689 22.36 -45.40 14.65
C ILE A 689 23.07 -44.07 14.42
N SER A 690 22.50 -43.25 13.57
CA SER A 690 23.00 -41.92 13.27
C SER A 690 21.98 -40.90 13.72
N ILE A 691 22.47 -39.79 14.27
CA ILE A 691 21.59 -38.71 14.65
C ILE A 691 21.78 -37.58 13.66
N THR A 692 20.76 -36.73 13.57
CA THR A 692 20.69 -35.75 12.51
C THR A 692 20.11 -34.46 13.06
N THR A 693 20.82 -33.37 12.84
CA THR A 693 20.29 -32.07 13.22
C THR A 693 19.15 -31.69 12.28
N GLU A 694 18.03 -31.29 12.86
CA GLU A 694 16.96 -30.69 12.07
C GLU A 694 16.60 -29.37 12.71
N VAL A 695 16.97 -28.29 12.05
CA VAL A 695 16.85 -26.97 12.65
C VAL A 695 15.53 -26.35 12.21
N MET A 696 14.78 -25.83 13.19
CA MET A 696 13.44 -25.30 12.99
C MET A 696 13.35 -23.94 13.64
N PRO A 697 13.14 -22.87 12.88
CA PRO A 697 12.95 -21.56 13.49
C PRO A 697 11.57 -21.45 14.11
N VAL A 698 11.51 -20.88 15.32
CA VAL A 698 10.25 -20.83 16.03
C VAL A 698 9.82 -19.39 16.29
N SER A 699 10.77 -18.46 16.30
CA SER A 699 10.41 -17.09 16.63
C SER A 699 11.27 -16.16 15.80
N MET A 700 10.91 -14.89 15.81
CA MET A 700 11.73 -13.88 15.17
C MET A 700 11.78 -12.66 16.07
N ALA A 701 12.33 -11.57 15.55
CA ALA A 701 12.50 -10.35 16.32
C ALA A 701 11.16 -9.71 16.60
N LYS A 702 11.01 -9.17 17.80
CA LYS A 702 9.77 -8.56 18.27
C LYS A 702 9.72 -7.07 18.01
N THR A 703 10.31 -6.63 16.90
CA THR A 703 10.38 -5.24 16.44
C THR A 703 9.05 -4.50 16.53
N SER A 704 9.04 -3.35 17.21
CA SER A 704 7.85 -2.53 17.27
C SER A 704 8.20 -1.08 16.99
N VAL A 705 8.03 -0.64 15.76
CA VAL A 705 8.41 0.71 15.35
C VAL A 705 7.49 1.75 15.98
N ASP A 706 8.09 2.74 16.62
CA ASP A 706 7.36 3.85 17.21
C ASP A 706 6.98 4.81 16.09
N CYS A 707 5.80 4.56 15.51
CA CYS A 707 5.31 5.10 14.25
C CYS A 707 5.39 6.62 14.13
N ASN A 708 5.18 7.33 15.23
CA ASN A 708 5.26 8.78 15.16
C ASN A 708 6.71 9.23 15.16
N MET A 709 7.59 8.49 15.83
CA MET A 709 9.00 8.86 15.87
C MET A 709 9.68 8.52 14.56
N TYR A 710 9.19 7.47 13.87
CA TYR A 710 9.75 7.11 12.57
C TYR A 710 9.46 8.18 11.53
N ILE A 711 8.18 8.50 11.35
CA ILE A 711 7.75 9.38 10.29
C ILE A 711 8.27 10.80 10.51
N CYS A 712 7.96 11.38 11.66
CA CYS A 712 8.50 12.67 12.05
C CYS A 712 8.52 12.84 13.56
N GLY A 713 9.70 12.65 14.16
CA GLY A 713 9.74 12.57 15.61
C GLY A 713 10.14 13.89 16.26
N ASP A 714 11.17 14.54 15.72
CA ASP A 714 11.60 15.81 16.27
C ASP A 714 10.59 16.91 15.99
N SER A 715 9.82 16.78 14.91
CA SER A 715 8.83 17.78 14.55
C SER A 715 7.54 17.56 15.34
N THR A 716 6.82 18.66 15.55
CA THR A 716 5.47 18.62 16.09
C THR A 716 4.45 19.23 15.14
N GLU A 717 4.91 19.90 14.08
CA GLU A 717 3.99 20.37 13.06
C GLU A 717 3.66 19.26 12.08
N CYS A 718 4.59 18.33 11.90
CA CYS A 718 4.31 17.14 11.12
C CYS A 718 3.42 16.17 11.87
N ALA A 719 3.59 16.09 13.20
CA ALA A 719 2.78 15.18 14.00
C ALA A 719 1.33 15.65 14.05
N ASN A 720 1.13 16.97 13.95
CA ASN A 720 -0.23 17.48 13.75
C ASN A 720 -0.71 17.15 12.35
N LEU A 721 0.20 17.21 11.36
CA LEU A 721 -0.17 16.90 9.99
C LEU A 721 -0.36 15.40 9.79
N LEU A 722 0.28 14.59 10.63
CA LEU A 722 0.13 13.14 10.54
C LEU A 722 -1.19 12.68 11.13
N LEU A 723 -1.79 13.52 11.98
CA LEU A 723 -2.95 13.14 12.77
C LEU A 723 -4.19 12.99 11.89
N GLN A 724 -4.20 13.63 10.73
CA GLN A 724 -5.38 13.61 9.87
C GLN A 724 -5.39 12.41 8.92
N TYR A 725 -4.50 11.45 9.14
CA TYR A 725 -4.54 10.16 8.46
C TYR A 725 -5.27 9.14 9.31
N GLY A 726 -5.96 9.60 10.35
CA GLY A 726 -6.81 8.76 11.15
C GLY A 726 -6.05 7.76 12.00
N SER A 727 -6.10 6.50 11.60
CA SER A 727 -5.53 5.41 12.37
C SER A 727 -4.55 4.64 11.48
N PHE A 728 -3.63 5.37 10.87
CA PHE A 728 -2.49 4.74 10.22
C PHE A 728 -1.23 4.83 11.06
N CYS A 729 -1.25 5.58 12.15
CA CYS A 729 -0.51 5.23 13.35
C CYS A 729 -1.51 4.48 14.21
N THR A 730 -1.05 3.78 15.25
CA THR A 730 -1.85 3.18 16.34
C THR A 730 -2.67 1.97 15.85
N GLN A 731 -2.70 1.74 14.53
CA GLN A 731 -3.14 0.47 13.99
C GLN A 731 -1.97 -0.24 13.33
N LEU A 732 -1.10 0.56 12.71
CA LEU A 732 0.22 0.14 12.27
C LEU A 732 0.97 -0.38 13.48
N ASN A 733 0.95 0.40 14.57
CA ASN A 733 1.58 -0.01 15.82
C ASN A 733 0.87 -1.22 16.43
N ARG A 734 -0.45 -1.29 16.28
CA ARG A 734 -1.18 -2.42 16.86
C ARG A 734 -1.01 -3.67 16.02
N ALA A 735 -0.63 -3.53 14.75
CA ALA A 735 -0.46 -4.69 13.88
C ALA A 735 0.80 -5.46 14.24
N LEU A 736 1.94 -4.78 14.34
CA LEU A 736 3.16 -5.48 14.66
C LEU A 736 3.41 -5.54 16.16
N SER A 737 2.45 -5.08 16.97
CA SER A 737 2.42 -5.51 18.36
C SER A 737 1.68 -6.82 18.51
N GLY A 738 0.81 -7.14 17.54
CA GLY A 738 0.21 -8.46 17.51
C GLY A 738 1.19 -9.51 17.04
N ILE A 739 2.14 -9.11 16.20
CA ILE A 739 3.25 -10.00 15.84
C ILE A 739 4.10 -10.30 17.05
N ALA A 740 4.48 -9.26 17.79
CA ALA A 740 5.35 -9.43 18.95
C ALA A 740 4.66 -10.20 20.06
N ALA A 741 3.33 -10.12 20.12
CA ALA A 741 2.60 -10.86 21.13
C ALA A 741 2.58 -12.35 20.81
N GLU A 742 2.70 -12.70 19.53
CA GLU A 742 2.66 -14.12 19.19
C GLU A 742 4.04 -14.72 18.99
N GLN A 743 5.11 -13.93 19.09
CA GLN A 743 6.45 -14.52 19.05
C GLN A 743 6.76 -15.24 20.35
N ASP A 744 6.07 -14.88 21.43
CA ASP A 744 6.19 -15.65 22.66
C ASP A 744 5.15 -16.76 22.70
N ARG A 745 4.01 -16.56 22.03
CA ARG A 745 3.05 -17.64 21.85
C ARG A 745 3.65 -18.76 21.03
N ASN A 746 4.47 -18.41 20.03
CA ASN A 746 5.21 -19.41 19.27
C ASN A 746 6.24 -20.11 20.13
N THR A 747 6.83 -19.40 21.09
CA THR A 747 7.91 -20.00 21.85
C THR A 747 7.36 -20.73 23.08
N ARG A 748 6.11 -20.48 23.46
CA ARG A 748 5.48 -21.27 24.50
C ARG A 748 4.84 -22.53 23.92
N GLU A 749 4.33 -22.45 22.69
CA GLU A 749 3.78 -23.63 22.04
C GLU A 749 4.86 -24.68 21.80
N VAL A 750 6.08 -24.24 21.49
CA VAL A 750 7.13 -25.20 21.22
C VAL A 750 7.68 -25.77 22.52
N PHE A 751 8.26 -24.92 23.36
CA PHE A 751 9.06 -25.39 24.47
C PHE A 751 8.27 -25.80 25.70
N ALA A 752 7.17 -25.15 26.00
CA ALA A 752 6.38 -25.54 27.16
C ALA A 752 5.44 -26.69 26.88
N GLN A 753 5.96 -27.78 26.31
CA GLN A 753 5.20 -29.03 26.24
C GLN A 753 5.28 -29.74 27.57
N VAL A 754 6.44 -29.68 28.22
CA VAL A 754 6.58 -30.20 29.56
C VAL A 754 5.89 -29.24 30.53
N LYS A 755 5.31 -29.79 31.58
CA LYS A 755 4.63 -28.97 32.58
C LYS A 755 5.56 -28.72 33.77
N GLN A 756 6.17 -29.78 34.29
CA GLN A 756 7.02 -29.66 35.46
C GLN A 756 8.49 -29.87 35.09
N MET A 757 9.35 -28.98 35.57
CA MET A 757 10.75 -28.94 35.15
C MET A 757 11.51 -30.05 35.87
N TYR A 758 11.88 -31.09 35.13
CA TYR A 758 12.72 -32.13 35.71
C TYR A 758 14.15 -31.67 35.76
N LYS A 759 14.77 -31.80 36.93
CA LYS A 759 16.10 -31.26 37.14
C LYS A 759 17.12 -32.11 36.41
N THR A 760 18.28 -31.51 36.13
CA THR A 760 19.35 -32.18 35.43
C THR A 760 19.94 -33.29 36.31
N PRO A 761 19.93 -34.53 35.85
CA PRO A 761 20.51 -35.62 36.66
C PRO A 761 22.02 -35.57 36.64
N THR A 762 22.61 -36.07 37.73
CA THR A 762 24.05 -36.02 37.90
C THR A 762 24.75 -37.15 37.14
N LEU A 763 24.28 -38.39 37.33
CA LEU A 763 24.87 -39.55 36.66
C LEU A 763 24.44 -39.54 35.20
N LYS A 764 25.22 -38.85 34.38
CA LYS A 764 24.83 -38.61 32.98
C LYS A 764 25.29 -39.72 32.05
N TYR A 765 26.01 -40.71 32.56
CA TYR A 765 26.40 -41.86 31.76
C TYR A 765 25.28 -42.88 31.86
N PHE A 766 24.26 -42.71 31.02
CA PHE A 766 23.05 -43.53 31.08
C PHE A 766 23.24 -44.79 30.25
N GLY A 767 23.91 -45.79 30.82
CA GLY A 767 24.08 -47.07 30.16
C GLY A 767 24.85 -47.04 28.86
N GLY A 768 25.99 -46.34 28.85
CA GLY A 768 26.82 -46.21 27.68
C GLY A 768 26.57 -44.94 26.89
N PHE A 769 25.39 -44.35 27.05
CA PHE A 769 24.98 -43.19 26.28
C PHE A 769 25.46 -41.94 27.01
N ASN A 770 26.24 -41.10 26.34
CA ASN A 770 27.13 -40.18 27.05
C ASN A 770 26.42 -38.94 27.57
N PHE A 771 25.56 -38.34 26.74
CA PHE A 771 24.77 -37.14 27.07
C PHE A 771 25.64 -35.94 27.48
N SER A 772 26.39 -35.41 26.51
CA SER A 772 27.06 -34.12 26.65
C SER A 772 26.16 -32.99 26.17
N GLN A 773 24.85 -33.16 26.30
CA GLN A 773 23.87 -32.24 25.75
C GLN A 773 22.89 -31.75 26.81
N ILE A 774 23.18 -31.97 28.08
CA ILE A 774 22.17 -31.86 29.13
C ILE A 774 22.68 -30.93 30.24
N LEU A 775 23.46 -29.90 29.84
CA LEU A 775 23.73 -28.70 30.64
C LEU A 775 24.45 -28.98 31.96
N PRO A 776 25.77 -29.22 31.94
CA PRO A 776 26.48 -29.44 33.21
C PRO A 776 26.68 -28.15 34.00
N ASP A 777 26.68 -28.30 35.32
CA ASP A 777 26.83 -27.16 36.23
C ASP A 777 28.25 -26.64 36.41
N PRO A 778 29.29 -27.46 36.79
CA PRO A 778 30.57 -26.83 37.18
C PRO A 778 31.40 -26.27 36.04
N LEU A 779 31.45 -26.96 34.89
CA LEU A 779 32.37 -26.55 33.83
C LEU A 779 31.87 -25.31 33.10
N LYS A 780 30.58 -25.26 32.82
CA LYS A 780 30.01 -24.09 32.16
C LYS A 780 29.41 -23.16 33.20
N PRO A 781 29.86 -21.91 33.29
CA PRO A 781 29.17 -20.95 34.18
C PRO A 781 27.77 -20.63 33.71
N THR A 782 27.57 -20.53 32.40
CA THR A 782 26.24 -20.37 31.85
C THR A 782 25.45 -21.67 31.97
N LYS A 783 24.14 -21.54 32.05
CA LYS A 783 23.25 -22.69 32.15
C LYS A 783 22.70 -23.04 30.77
N ARG A 784 23.59 -23.58 29.94
CA ARG A 784 23.21 -24.12 28.63
C ARG A 784 24.16 -25.26 28.32
N SER A 785 23.73 -26.13 27.42
CA SER A 785 24.53 -27.29 27.03
C SER A 785 25.79 -26.94 26.27
N PHE A 786 26.65 -27.94 26.06
CA PHE A 786 27.82 -27.75 25.21
C PHE A 786 27.43 -27.69 23.75
N ILE A 787 26.37 -28.41 23.38
CA ILE A 787 25.88 -28.32 22.01
C ILE A 787 25.09 -27.04 21.82
N GLU A 788 24.33 -26.63 22.83
CA GLU A 788 23.60 -25.36 22.77
C GLU A 788 24.55 -24.18 22.69
N ASP A 789 25.63 -24.20 23.48
CA ASP A 789 26.60 -23.11 23.45
C ASP A 789 27.36 -23.09 22.12
N LEU A 790 27.44 -24.24 21.45
CA LEU A 790 28.00 -24.26 20.11
C LEU A 790 26.97 -23.79 19.09
N LEU A 791 25.69 -23.77 19.48
CA LEU A 791 24.64 -23.27 18.59
C LEU A 791 24.46 -21.76 18.75
N PHE A 792 24.59 -21.26 19.97
CA PHE A 792 24.43 -19.81 20.17
C PHE A 792 25.61 -19.03 19.59
N ASN A 793 26.74 -19.69 19.35
CA ASN A 793 27.87 -18.98 18.78
C ASN A 793 27.78 -18.89 17.26
N LYS A 794 27.11 -19.85 16.62
CA LYS A 794 27.09 -19.94 15.16
C LYS A 794 25.87 -19.22 14.59
N VAL A 795 25.70 -17.97 15.02
CA VAL A 795 24.73 -17.04 14.44
C VAL A 795 25.35 -15.65 14.40
N THR A 796 24.65 -14.71 13.77
CA THR A 796 25.06 -13.32 13.54
C THR A 796 26.47 -13.20 12.95
N ASP A 817 23.88 -6.16 33.34
CA ASP A 817 22.59 -5.88 32.73
C ASP A 817 22.74 -4.83 31.63
N LEU A 818 21.96 -4.99 30.57
CA LEU A 818 22.07 -4.14 29.39
C LEU A 818 21.30 -2.85 29.61
N ILE A 819 21.75 -1.78 28.94
CA ILE A 819 21.12 -0.47 29.00
C ILE A 819 20.67 -0.07 27.60
N CYS A 820 19.65 0.78 27.54
CA CYS A 820 18.97 1.08 26.29
C CYS A 820 19.80 1.99 25.39
N ALA A 821 19.64 1.82 24.07
CA ALA A 821 20.35 2.61 23.07
C ALA A 821 19.47 3.63 22.39
N GLN A 822 18.38 3.18 21.76
CA GLN A 822 17.32 4.03 21.20
C GLN A 822 17.78 5.02 20.14
N LYS A 823 18.14 4.54 18.95
CA LYS A 823 18.54 5.37 17.83
C LYS A 823 17.37 6.24 17.35
N PHE A 824 17.69 7.20 16.47
CA PHE A 824 16.75 8.25 16.08
C PHE A 824 15.58 7.73 15.27
N ASN A 825 15.75 6.60 14.59
CA ASN A 825 14.82 6.16 13.56
C ASN A 825 13.50 5.64 14.11
N GLY A 826 13.35 5.53 15.42
CA GLY A 826 12.08 5.08 15.98
C GLY A 826 11.93 3.59 16.05
N LEU A 827 12.93 2.84 15.58
CA LEU A 827 12.88 1.39 15.59
C LEU A 827 13.33 0.86 16.93
N THR A 828 12.88 -0.34 17.26
CA THR A 828 13.38 -1.04 18.44
C THR A 828 13.29 -2.54 18.24
N VAL A 829 13.91 -3.30 19.14
CA VAL A 829 13.75 -4.75 19.17
C VAL A 829 13.39 -5.13 20.59
N LEU A 830 12.16 -5.50 20.78
CA LEU A 830 11.68 -5.88 22.10
C LEU A 830 12.26 -7.23 22.50
N PRO A 831 12.59 -7.41 23.77
CA PRO A 831 13.15 -8.68 24.21
C PRO A 831 12.09 -9.74 24.30
N PRO A 832 12.42 -11.00 24.05
CA PRO A 832 11.45 -12.07 24.17
C PRO A 832 11.14 -12.37 25.63
N LEU A 833 9.90 -12.81 25.86
CA LEU A 833 9.44 -13.11 27.21
C LEU A 833 10.10 -14.36 27.77
N LEU A 834 10.54 -15.27 26.92
CA LEU A 834 11.34 -16.41 27.34
C LEU A 834 12.79 -16.09 27.01
N THR A 835 13.60 -15.90 28.04
CA THR A 835 15.01 -15.57 27.83
C THR A 835 15.75 -16.78 27.29
N ASP A 836 16.98 -16.55 26.84
CA ASP A 836 17.80 -17.63 26.32
C ASP A 836 18.17 -18.62 27.43
N ASP A 837 18.24 -18.14 28.67
CA ASP A 837 18.55 -19.02 29.79
C ASP A 837 17.32 -19.78 30.26
N MET A 838 16.11 -19.28 29.94
CA MET A 838 14.91 -20.03 30.28
C MET A 838 14.56 -21.01 29.17
N ILE A 839 14.90 -20.69 27.93
CA ILE A 839 14.77 -21.65 26.84
C ILE A 839 15.75 -22.80 27.04
N ALA A 840 16.96 -22.48 27.50
CA ALA A 840 17.94 -23.53 27.77
C ALA A 840 17.56 -24.32 29.01
N ALA A 841 16.76 -23.74 29.89
CA ALA A 841 16.25 -24.49 31.04
C ALA A 841 15.19 -25.49 30.60
N TYR A 842 14.33 -25.07 29.68
CA TYR A 842 13.32 -25.94 29.08
C TYR A 842 13.95 -27.17 28.44
N THR A 843 14.92 -26.97 27.55
CA THR A 843 15.51 -28.09 26.83
C THR A 843 16.39 -28.94 27.72
N ALA A 844 16.79 -28.42 28.88
CA ALA A 844 17.40 -29.26 29.89
C ALA A 844 16.37 -30.21 30.48
N ALA A 845 15.13 -29.73 30.63
CA ALA A 845 14.08 -30.56 31.22
C ALA A 845 13.55 -31.57 30.21
N LEU A 846 13.55 -31.20 28.93
CA LEU A 846 13.06 -32.13 27.91
C LEU A 846 14.04 -33.28 27.70
N VAL A 847 15.34 -33.00 27.77
CA VAL A 847 16.31 -34.07 27.59
C VAL A 847 16.38 -34.93 28.85
N SER A 848 16.29 -34.30 30.03
CA SER A 848 16.28 -35.07 31.27
C SER A 848 15.03 -35.90 31.41
N GLY A 849 13.90 -35.40 30.88
CA GLY A 849 12.71 -36.23 30.82
C GLY A 849 12.85 -37.34 29.81
N THR A 850 13.61 -37.09 28.74
CA THR A 850 13.81 -38.12 27.72
C THR A 850 14.82 -39.15 28.21
N ALA A 851 15.83 -38.71 28.97
CA ALA A 851 16.87 -39.62 29.43
C ALA A 851 16.38 -40.49 30.57
N THR A 852 15.43 -40.01 31.36
CA THR A 852 15.01 -40.72 32.56
C THR A 852 13.59 -41.25 32.48
N ALA A 853 12.69 -40.56 31.79
CA ALA A 853 11.30 -41.02 31.79
C ALA A 853 10.77 -41.33 30.41
N GLY A 854 10.83 -40.36 29.51
CA GLY A 854 10.40 -40.54 28.14
C GLY A 854 8.91 -40.51 27.85
N TRP A 855 8.17 -41.52 28.31
CA TRP A 855 6.90 -41.83 27.69
C TRP A 855 5.69 -41.16 28.31
N THR A 856 5.39 -41.48 29.57
CA THR A 856 4.21 -40.89 30.21
C THR A 856 4.49 -39.44 30.56
N PHE A 857 5.77 -39.09 30.61
CA PHE A 857 6.34 -37.76 30.49
C PHE A 857 5.66 -36.90 29.42
N GLY A 858 5.32 -37.49 28.29
CA GLY A 858 4.52 -36.80 27.30
C GLY A 858 3.06 -36.74 27.70
N ALA A 859 2.48 -37.90 27.99
CA ALA A 859 1.06 -38.02 28.31
C ALA A 859 0.65 -37.29 29.58
N GLY A 860 1.15 -37.74 30.73
CA GLY A 860 0.79 -37.10 31.99
C GLY A 860 1.99 -36.75 32.86
N ALA A 861 2.02 -37.32 34.07
CA ALA A 861 3.18 -37.20 34.92
C ALA A 861 4.26 -38.14 34.39
N ALA A 862 5.50 -37.96 34.81
CA ALA A 862 6.56 -38.75 34.18
C ALA A 862 6.93 -39.91 35.10
N LEU A 863 7.28 -41.01 34.46
CA LEU A 863 7.50 -42.29 35.11
C LEU A 863 8.92 -42.74 34.80
N GLN A 864 9.71 -43.02 35.82
CA GLN A 864 11.13 -43.32 35.60
C GLN A 864 11.27 -44.71 34.96
N ILE A 865 12.02 -44.75 33.86
CA ILE A 865 12.38 -45.99 33.17
C ILE A 865 13.89 -45.90 32.96
N PRO A 866 14.65 -46.93 33.29
CA PRO A 866 16.09 -46.92 32.97
C PRO A 866 16.31 -46.89 31.47
N PHE A 867 17.41 -46.23 31.07
CA PHE A 867 17.51 -45.74 29.70
C PHE A 867 17.79 -46.88 28.73
N ALA A 868 18.33 -47.98 29.21
CA ALA A 868 18.44 -49.16 28.38
C ALA A 868 17.08 -49.82 28.18
N MET A 869 16.23 -49.77 29.21
CA MET A 869 14.87 -50.27 29.07
C MET A 869 14.03 -49.31 28.23
N GLN A 870 14.41 -48.04 28.19
CA GLN A 870 13.66 -47.06 27.41
C GLN A 870 13.98 -47.19 25.93
N MET A 871 15.25 -47.32 25.58
CA MET A 871 15.65 -47.47 24.19
C MET A 871 15.15 -48.78 23.60
N ALA A 872 15.11 -49.84 24.41
CA ALA A 872 14.68 -51.14 23.90
C ALA A 872 13.20 -51.14 23.58
N TYR A 873 12.43 -50.32 24.28
CA TYR A 873 11.02 -50.15 23.95
C TYR A 873 10.86 -49.29 22.70
N ARG A 874 11.89 -48.52 22.37
CA ARG A 874 11.84 -47.69 21.16
C ARG A 874 12.34 -48.45 19.95
N PHE A 875 13.19 -49.46 20.16
CA PHE A 875 13.41 -50.45 19.11
C PHE A 875 12.14 -51.23 18.85
N ASN A 876 11.38 -51.52 19.91
CA ASN A 876 10.18 -52.33 19.75
C ASN A 876 9.06 -51.57 19.04
N GLY A 877 9.18 -50.24 18.95
CA GLY A 877 8.28 -49.50 18.10
C GLY A 877 8.63 -49.63 16.63
N ILE A 878 9.89 -49.89 16.34
CA ILE A 878 10.37 -50.01 14.96
C ILE A 878 9.96 -51.39 14.44
N GLY A 879 9.87 -52.35 15.34
CA GLY A 879 9.56 -53.70 14.94
C GLY A 879 10.74 -54.59 15.22
N VAL A 880 11.94 -54.00 15.21
CA VAL A 880 13.15 -54.70 15.61
C VAL A 880 13.04 -55.03 17.09
N THR A 881 13.33 -56.27 17.45
CA THR A 881 12.95 -56.79 18.76
C THR A 881 13.84 -56.24 19.87
N GLN A 882 13.43 -56.50 21.11
CA GLN A 882 14.15 -56.00 22.27
C GLN A 882 15.40 -56.82 22.53
N ASN A 883 15.51 -57.97 21.87
CA ASN A 883 16.72 -58.79 21.83
C ASN A 883 17.88 -57.98 21.28
N VAL A 884 17.60 -57.19 20.24
CA VAL A 884 18.64 -56.62 19.40
C VAL A 884 19.38 -55.50 20.14
N LEU A 885 18.75 -54.92 21.14
CA LEU A 885 19.47 -53.95 21.96
C LEU A 885 20.50 -54.62 22.83
N TYR A 886 20.07 -55.50 23.75
CA TYR A 886 20.97 -56.00 24.79
C TYR A 886 22.00 -56.97 24.21
N GLU A 887 21.72 -57.51 23.03
CA GLU A 887 22.71 -58.23 22.25
C GLU A 887 23.83 -57.29 21.80
N ASN A 888 23.48 -56.03 21.52
CA ASN A 888 24.42 -55.09 20.91
C ASN A 888 24.48 -53.75 21.64
N GLN A 889 24.23 -53.75 22.95
CA GLN A 889 24.07 -52.50 23.70
C GLN A 889 25.35 -51.67 23.75
N LYS A 890 26.49 -52.33 23.89
CA LYS A 890 27.76 -51.62 23.83
C LYS A 890 28.01 -51.06 22.43
N GLN A 891 27.60 -51.80 21.40
CA GLN A 891 27.80 -51.33 20.04
C GLN A 891 26.81 -50.24 19.68
N ILE A 892 25.59 -50.34 20.21
CA ILE A 892 24.59 -49.30 20.05
C ILE A 892 25.03 -48.01 20.74
N ALA A 893 25.59 -48.14 21.94
CA ALA A 893 25.99 -46.96 22.70
C ALA A 893 27.18 -46.26 22.05
N ASN A 894 28.11 -47.02 21.47
CA ASN A 894 29.27 -46.39 20.86
C ASN A 894 28.92 -45.77 19.51
N GLN A 895 27.88 -46.28 18.85
CA GLN A 895 27.38 -45.61 17.66
C GLN A 895 26.63 -44.34 18.04
N PHE A 896 26.05 -44.33 19.25
CA PHE A 896 25.38 -43.13 19.73
C PHE A 896 26.41 -42.08 20.13
N ASN A 897 27.45 -42.48 20.85
CA ASN A 897 28.41 -41.51 21.38
C ASN A 897 29.30 -40.97 20.28
N LYS A 898 29.53 -41.76 19.24
CA LYS A 898 30.25 -41.25 18.09
C LYS A 898 29.38 -40.27 17.30
N ALA A 899 28.06 -40.45 17.35
CA ALA A 899 27.15 -39.63 16.56
C ALA A 899 27.10 -38.20 17.09
N ILE A 900 27.02 -38.04 18.41
CA ILE A 900 27.07 -36.71 19.01
C ILE A 900 28.44 -36.08 18.82
N SER A 901 29.50 -36.89 18.84
CA SER A 901 30.84 -36.38 18.62
C SER A 901 31.03 -35.92 17.18
N GLN A 902 30.24 -36.47 16.25
CA GLN A 902 30.22 -35.91 14.91
C GLN A 902 29.43 -34.61 14.87
N ILE A 903 28.34 -34.54 15.63
CA ILE A 903 27.51 -33.33 15.66
C ILE A 903 28.26 -32.18 16.31
N GLN A 904 29.04 -32.48 17.36
CA GLN A 904 29.92 -31.48 17.93
C GLN A 904 31.02 -31.08 16.96
N GLU A 905 31.34 -31.95 16.00
CA GLU A 905 32.34 -31.63 15.00
C GLU A 905 31.72 -30.97 13.77
N SER A 906 30.52 -31.42 13.36
CA SER A 906 29.95 -30.97 12.09
C SER A 906 29.45 -29.54 12.19
N LEU A 907 28.65 -29.23 13.20
CA LEU A 907 28.06 -27.91 13.32
C LEU A 907 28.97 -26.93 14.08
N THR A 908 30.25 -27.25 14.19
CA THR A 908 31.27 -26.29 14.59
C THR A 908 31.69 -25.43 13.41
N THR A 909 31.87 -26.03 12.24
CA THR A 909 32.50 -25.39 11.09
C THR A 909 31.58 -25.25 9.88
N THR A 910 30.72 -26.24 9.64
CA THR A 910 30.07 -26.36 8.33
C THR A 910 28.97 -25.32 8.13
N SER A 911 28.45 -24.76 9.23
CA SER A 911 27.38 -23.75 9.26
C SER A 911 26.12 -24.21 8.54
N THR A 912 25.50 -25.27 9.06
CA THR A 912 24.25 -25.78 8.48
C THR A 912 23.10 -25.44 9.42
N ALA A 913 23.29 -25.68 10.72
CA ALA A 913 22.34 -25.20 11.72
C ALA A 913 22.33 -23.67 11.81
N LEU A 914 23.38 -23.02 11.33
CA LEU A 914 23.35 -21.63 10.93
C LEU A 914 22.21 -21.42 9.95
N GLY A 915 22.24 -22.16 8.85
CA GLY A 915 21.54 -21.86 7.60
C GLY A 915 20.07 -21.47 7.64
N LYS A 916 19.27 -22.24 8.37
CA LYS A 916 17.83 -21.96 8.39
C LYS A 916 17.51 -20.85 9.39
N LEU A 917 18.28 -20.76 10.48
CA LEU A 917 18.06 -19.69 11.44
C LEU A 917 18.66 -18.37 10.97
N GLN A 918 19.81 -18.42 10.32
CA GLN A 918 20.46 -17.21 9.86
C GLN A 918 19.66 -16.57 8.75
N ASP A 919 18.93 -17.38 7.98
CA ASP A 919 18.05 -16.85 6.95
C ASP A 919 16.84 -16.18 7.57
N VAL A 920 16.51 -16.52 8.81
CA VAL A 920 15.45 -15.81 9.53
C VAL A 920 15.99 -14.48 10.07
N VAL A 921 17.21 -14.50 10.60
CA VAL A 921 17.77 -13.29 11.21
C VAL A 921 18.18 -12.29 10.15
N ASN A 922 18.70 -12.78 9.02
CA ASN A 922 19.08 -11.87 7.93
C ASN A 922 17.86 -11.26 7.27
N GLN A 923 16.76 -11.99 7.21
CA GLN A 923 15.58 -11.50 6.51
C GLN A 923 14.89 -10.43 7.34
N ASN A 924 15.03 -10.49 8.66
CA ASN A 924 14.48 -9.44 9.51
C ASN A 924 15.40 -8.23 9.53
N ALA A 925 16.71 -8.47 9.55
CA ALA A 925 17.66 -7.37 9.62
C ALA A 925 17.75 -6.61 8.30
N GLN A 926 17.41 -7.29 7.20
CA GLN A 926 17.43 -6.60 5.91
C GLN A 926 16.10 -5.88 5.69
N ALA A 927 15.03 -6.35 6.33
CA ALA A 927 13.76 -5.64 6.26
C ALA A 927 13.77 -4.42 7.16
N LEU A 928 14.62 -4.44 8.20
CA LEU A 928 14.82 -3.24 8.99
C LEU A 928 15.68 -2.23 8.26
N ASN A 929 16.74 -2.68 7.61
CA ASN A 929 17.64 -1.76 6.92
C ASN A 929 16.97 -1.16 5.70
N THR A 930 15.97 -1.84 5.15
CA THR A 930 15.14 -1.22 4.12
C THR A 930 14.29 -0.12 4.73
N LEU A 931 13.69 -0.39 5.89
CA LEU A 931 12.81 0.58 6.54
C LEU A 931 13.57 1.81 7.01
N VAL A 932 14.82 1.61 7.43
CA VAL A 932 15.63 2.73 7.90
C VAL A 932 16.10 3.58 6.73
N LYS A 933 16.42 2.94 5.60
CA LYS A 933 16.93 3.71 4.46
C LYS A 933 15.82 4.42 3.70
N GLN A 934 14.56 4.17 4.05
CA GLN A 934 13.49 4.96 3.43
C GLN A 934 13.36 6.31 4.13
N LEU A 935 14.03 6.49 5.26
CA LEU A 935 14.11 7.81 5.87
C LEU A 935 15.03 8.71 5.06
N SER A 936 16.06 8.13 4.44
CA SER A 936 16.91 8.91 3.54
C SER A 936 16.33 9.02 2.15
N SER A 937 15.16 8.44 1.91
CA SER A 937 14.50 8.60 0.63
C SER A 937 13.82 9.96 0.55
N ASN A 938 13.79 10.53 -0.65
CA ASN A 938 13.34 11.90 -0.82
C ASN A 938 11.83 11.98 -0.96
N PHE A 939 11.24 11.06 -1.72
CA PHE A 939 9.81 10.99 -2.05
C PHE A 939 9.30 12.27 -2.71
N GLY A 940 10.12 12.91 -3.52
CA GLY A 940 9.67 14.11 -4.20
C GLY A 940 9.58 15.33 -3.32
N ALA A 941 10.19 15.30 -2.15
CA ALA A 941 10.26 16.49 -1.31
C ALA A 941 11.53 17.25 -1.67
N ILE A 942 11.80 18.34 -0.96
CA ILE A 942 13.05 19.06 -1.18
C ILE A 942 14.22 18.26 -0.64
N SER A 943 14.10 17.73 0.57
CA SER A 943 15.16 16.98 1.19
C SER A 943 14.55 15.82 1.96
N SER A 944 15.36 14.78 2.16
CA SER A 944 14.90 13.64 2.95
C SER A 944 14.92 13.97 4.44
N VAL A 945 15.76 14.92 4.85
CA VAL A 945 15.81 15.34 6.24
C VAL A 945 14.55 16.13 6.55
N LEU A 946 13.85 15.73 7.60
CA LEU A 946 12.53 16.32 7.83
C LEU A 946 12.64 17.66 8.52
N ASN A 947 13.65 17.86 9.36
CA ASN A 947 13.78 19.15 10.05
C ASN A 947 14.29 20.24 9.12
N ASP A 948 14.94 19.86 8.02
CA ASP A 948 15.33 20.85 7.02
C ASP A 948 14.13 21.36 6.24
N ILE A 949 13.07 20.55 6.15
CA ILE A 949 11.87 21.02 5.46
C ILE A 949 11.15 22.03 6.34
N LEU A 950 11.16 21.81 7.65
CA LEU A 950 10.55 22.76 8.58
C LEU A 950 11.33 24.06 8.65
N SER A 951 12.65 23.97 8.68
CA SER A 951 13.48 25.13 8.99
C SER A 951 13.60 26.11 7.84
N ARG A 952 13.08 25.80 6.64
CA ARG A 952 13.19 26.78 5.55
C ARG A 952 11.96 26.83 4.64
N LEU A 953 10.77 26.46 5.12
CA LEU A 953 9.61 26.61 4.24
C LEU A 953 8.35 27.21 4.87
N ASP A 954 8.40 27.63 6.13
CA ASP A 954 7.39 28.46 6.78
C ASP A 954 5.97 27.89 6.87
N LYS A 955 5.83 26.55 6.86
CA LYS A 955 4.60 25.83 7.22
C LYS A 955 3.41 26.10 6.28
N VAL A 956 3.61 26.81 5.19
CA VAL A 956 2.57 26.99 4.20
C VAL A 956 3.01 26.34 2.89
N GLU A 957 4.30 26.45 2.60
CA GLU A 957 4.91 25.65 1.54
C GLU A 957 5.32 24.27 2.07
N ALA A 958 5.60 24.18 3.37
CA ALA A 958 6.01 22.92 3.97
C ALA A 958 4.90 21.90 3.99
N GLU A 959 3.64 22.33 4.14
CA GLU A 959 2.49 21.44 4.11
C GLU A 959 2.36 20.70 2.78
N VAL A 960 2.85 21.27 1.69
CA VAL A 960 2.94 20.55 0.42
C VAL A 960 4.10 19.56 0.42
N GLN A 961 5.21 19.92 1.07
CA GLN A 961 6.43 19.12 0.96
C GLN A 961 6.58 18.11 2.08
N ILE A 962 5.99 18.37 3.25
CA ILE A 962 5.98 17.37 4.30
C ILE A 962 5.00 16.25 3.96
N ASP A 963 3.89 16.60 3.31
CA ASP A 963 2.86 15.62 3.01
C ASP A 963 3.32 14.65 1.93
N ARG A 964 4.24 15.08 1.07
CA ARG A 964 4.90 14.15 0.17
C ARG A 964 5.83 13.23 0.94
N LEU A 965 6.34 13.70 2.07
CA LEU A 965 7.29 12.92 2.83
C LEU A 965 6.58 12.05 3.86
N ILE A 966 5.35 12.43 4.24
CA ILE A 966 4.56 11.60 5.15
C ILE A 966 4.01 10.38 4.43
N THR A 967 3.38 10.61 3.27
CA THR A 967 2.76 9.50 2.53
C THR A 967 3.81 8.56 1.95
N GLY A 968 5.04 9.02 1.83
CA GLY A 968 6.12 8.12 1.49
C GLY A 968 6.55 7.27 2.67
N ARG A 969 6.45 7.81 3.87
CA ARG A 969 6.89 7.07 5.04
C ARG A 969 5.76 6.26 5.66
N LEU A 970 4.51 6.60 5.34
CA LEU A 970 3.42 5.67 5.61
C LEU A 970 3.56 4.45 4.74
N GLN A 971 3.84 4.66 3.46
CA GLN A 971 3.81 3.56 2.51
C GLN A 971 5.10 2.75 2.60
N SER A 972 6.06 3.18 3.43
CA SER A 972 7.19 2.33 3.77
C SER A 972 6.96 1.61 5.09
N LEU A 973 6.17 2.18 5.99
CA LEU A 973 5.76 1.43 7.18
C LEU A 973 4.68 0.42 6.85
N GLN A 974 3.73 0.81 6.00
CA GLN A 974 2.67 -0.10 5.60
C GLN A 974 3.23 -1.23 4.75
N THR A 975 4.33 -0.96 4.05
CA THR A 975 5.07 -2.03 3.38
C THR A 975 5.72 -2.95 4.40
N TYR A 976 6.42 -2.39 5.39
CA TYR A 976 7.22 -3.17 6.32
C TYR A 976 6.35 -4.06 7.20
N VAL A 977 5.27 -3.51 7.72
CA VAL A 977 4.41 -4.26 8.63
C VAL A 977 3.68 -5.37 7.88
N THR A 978 3.36 -5.14 6.61
CA THR A 978 2.78 -6.19 5.80
C THR A 978 3.79 -7.28 5.48
N GLN A 979 5.05 -6.91 5.24
CA GLN A 979 6.08 -7.93 5.06
C GLN A 979 6.32 -8.70 6.34
N GLN A 980 6.20 -8.05 7.50
CA GLN A 980 6.41 -8.74 8.77
C GLN A 980 5.24 -9.63 9.12
N LEU A 981 4.03 -9.27 8.71
CA LEU A 981 2.87 -10.12 8.95
C LEU A 981 2.91 -11.36 8.08
N ILE A 982 3.58 -11.28 6.94
CA ILE A 982 3.74 -12.46 6.10
C ILE A 982 4.86 -13.35 6.64
N ARG A 983 5.93 -12.73 7.15
CA ARG A 983 6.99 -13.50 7.77
C ARG A 983 6.53 -14.11 9.09
N ALA A 984 5.58 -13.47 9.76
CA ALA A 984 5.03 -14.04 10.99
C ALA A 984 4.23 -15.29 10.70
N ALA A 985 3.55 -15.32 9.56
CA ALA A 985 2.80 -16.51 9.18
C ALA A 985 3.74 -17.62 8.74
N GLU A 986 4.87 -17.25 8.13
CA GLU A 986 5.82 -18.26 7.69
C GLU A 986 6.59 -18.85 8.85
N ILE A 987 6.63 -18.16 9.97
CA ILE A 987 7.34 -18.66 11.14
C ILE A 987 6.39 -19.31 12.12
N ARG A 988 5.13 -18.82 12.18
CA ARG A 988 4.12 -19.53 12.97
C ARG A 988 3.82 -20.89 12.37
N ALA A 989 3.87 -21.00 11.05
CA ALA A 989 3.77 -22.30 10.41
C ALA A 989 5.00 -23.15 10.68
N SER A 990 6.13 -22.50 10.91
CA SER A 990 7.35 -23.23 11.25
C SER A 990 7.48 -23.42 12.76
N ALA A 991 6.76 -22.62 13.54
CA ALA A 991 6.72 -22.87 14.97
C ALA A 991 5.68 -23.92 15.32
N ASN A 992 4.60 -23.99 14.55
CA ASN A 992 3.61 -25.04 14.77
C ASN A 992 4.14 -26.38 14.30
N LEU A 993 5.06 -26.38 13.34
CA LEU A 993 5.69 -27.63 12.93
C LEU A 993 6.70 -28.08 13.98
N ALA A 994 7.40 -27.12 14.60
CA ALA A 994 8.33 -27.47 15.66
C ALA A 994 7.60 -27.76 16.95
N ALA A 995 6.36 -27.27 17.09
CA ALA A 995 5.57 -27.60 18.26
C ALA A 995 5.10 -29.04 18.21
N THR A 996 4.89 -29.56 17.01
CA THR A 996 4.54 -30.97 16.88
C THR A 996 5.77 -31.86 16.94
N LYS A 997 6.91 -31.38 16.42
CA LYS A 997 8.12 -32.19 16.50
C LYS A 997 8.62 -32.31 17.92
N MET A 998 8.38 -31.31 18.77
CA MET A 998 8.71 -31.54 20.16
C MET A 998 7.63 -32.38 20.83
N SER A 999 6.42 -32.33 20.28
CA SER A 999 5.35 -33.16 20.84
C SER A 999 5.51 -34.61 20.45
N GLU A 1000 6.00 -34.88 19.23
CA GLU A 1000 5.94 -36.22 18.69
C GLU A 1000 7.30 -36.88 18.51
N CYS A 1001 8.33 -36.13 18.15
CA CYS A 1001 9.64 -36.75 18.08
C CYS A 1001 10.27 -36.86 19.46
N VAL A 1002 10.11 -35.83 20.28
CA VAL A 1002 10.79 -35.76 21.57
C VAL A 1002 10.02 -36.51 22.64
N LEU A 1003 8.75 -36.16 22.84
CA LEU A 1003 7.97 -36.77 23.91
C LEU A 1003 7.65 -38.23 23.59
N GLY A 1004 7.02 -38.48 22.44
CA GLY A 1004 6.76 -39.82 22.01
C GLY A 1004 7.75 -40.29 20.96
N GLN A 1005 7.43 -41.44 20.36
CA GLN A 1005 8.17 -41.96 19.23
C GLN A 1005 7.26 -41.89 18.03
N SER A 1006 7.82 -41.51 16.88
CA SER A 1006 7.01 -41.23 15.71
C SER A 1006 7.10 -42.37 14.71
N LYS A 1007 6.00 -43.09 14.56
CA LYS A 1007 5.88 -44.12 13.52
C LYS A 1007 5.83 -43.49 12.14
N ARG A 1008 5.28 -42.28 12.07
CA ARG A 1008 5.26 -41.36 10.95
C ARG A 1008 6.64 -41.18 10.33
N VAL A 1009 6.83 -41.60 9.09
CA VAL A 1009 8.15 -41.76 8.50
C VAL A 1009 8.60 -40.45 7.86
N ASP A 1010 9.92 -40.20 7.93
CA ASP A 1010 10.58 -39.02 7.39
C ASP A 1010 10.01 -37.71 7.91
N PHE A 1011 9.41 -37.77 9.09
CA PHE A 1011 8.96 -36.58 9.78
C PHE A 1011 10.01 -36.10 10.77
N CYS A 1012 10.45 -36.97 11.66
CA CYS A 1012 11.50 -36.57 12.57
C CYS A 1012 12.85 -36.75 11.91
N GLY A 1013 13.24 -37.98 11.62
CA GLY A 1013 14.55 -38.26 11.09
C GLY A 1013 14.50 -38.86 9.70
N LYS A 1014 15.69 -39.16 9.16
CA LYS A 1014 15.76 -39.87 7.89
C LYS A 1014 15.38 -41.33 8.07
N GLY A 1015 16.07 -42.03 8.97
CA GLY A 1015 15.79 -43.43 9.17
C GLY A 1015 14.58 -43.70 10.04
N TYR A 1016 14.48 -44.93 10.54
CA TYR A 1016 13.48 -45.27 11.53
C TYR A 1016 13.80 -44.57 12.85
N HIS A 1017 12.82 -43.93 13.44
CA HIS A 1017 13.06 -42.95 14.48
C HIS A 1017 13.06 -43.58 15.87
N LEU A 1018 14.19 -43.47 16.57
CA LEU A 1018 14.25 -43.92 17.96
C LEU A 1018 13.76 -42.83 18.90
N MET A 1019 14.47 -41.71 18.97
CA MET A 1019 14.11 -40.60 19.84
C MET A 1019 14.74 -39.33 19.29
N SER A 1020 14.45 -38.21 19.95
CA SER A 1020 14.98 -36.93 19.52
C SER A 1020 15.27 -36.07 20.74
N PHE A 1021 16.09 -35.04 20.54
CA PHE A 1021 16.46 -34.14 21.62
C PHE A 1021 16.40 -32.70 21.14
N PRO A 1022 15.66 -31.86 21.80
CA PRO A 1022 15.65 -30.45 21.41
C PRO A 1022 16.86 -29.73 21.95
N GLN A 1023 17.38 -28.75 21.23
CA GLN A 1023 18.48 -27.96 21.74
C GLN A 1023 18.12 -26.51 21.56
N ALA A 1024 18.39 -25.71 22.58
CA ALA A 1024 18.06 -24.29 22.55
C ALA A 1024 18.93 -23.57 21.53
N ALA A 1025 18.34 -23.26 20.40
CA ALA A 1025 19.04 -22.48 19.39
C ALA A 1025 18.48 -21.06 19.47
N PRO A 1026 19.22 -20.04 19.03
CA PRO A 1026 18.66 -18.68 19.09
C PRO A 1026 17.61 -18.43 18.03
N HIS A 1027 16.41 -18.07 18.49
CA HIS A 1027 15.16 -17.97 17.73
C HIS A 1027 14.84 -19.27 16.99
N GLY A 1028 15.06 -20.43 17.60
CA GLY A 1028 14.75 -21.67 16.93
C GLY A 1028 15.01 -22.90 17.77
N VAL A 1029 14.76 -24.08 17.20
CA VAL A 1029 15.06 -25.33 17.85
C VAL A 1029 15.94 -26.13 16.89
N VAL A 1030 16.96 -26.77 17.44
CA VAL A 1030 17.71 -27.78 16.72
C VAL A 1030 17.39 -29.12 17.35
N PHE A 1031 16.62 -29.95 16.65
CA PHE A 1031 16.34 -31.29 17.12
C PHE A 1031 17.48 -32.23 16.72
N LEU A 1032 17.76 -33.19 17.59
CA LEU A 1032 18.81 -34.17 17.33
C LEU A 1032 18.11 -35.52 17.20
N HIS A 1033 17.69 -35.85 15.99
CA HIS A 1033 16.84 -37.01 15.76
C HIS A 1033 17.68 -38.27 15.72
N VAL A 1034 17.65 -39.03 16.81
CA VAL A 1034 18.34 -40.31 16.88
C VAL A 1034 17.56 -41.32 16.05
N THR A 1035 18.14 -41.77 14.94
CA THR A 1035 17.44 -42.63 14.00
C THR A 1035 18.04 -44.03 14.06
N TYR A 1036 17.57 -44.91 13.17
CA TYR A 1036 18.02 -46.30 13.16
C TYR A 1036 18.93 -46.62 11.98
N VAL A 1037 18.46 -46.40 10.75
CA VAL A 1037 19.19 -46.51 9.49
C VAL A 1037 19.88 -47.87 9.34
N PRO A 1038 19.13 -48.92 8.98
CA PRO A 1038 19.76 -50.24 8.82
C PRO A 1038 20.66 -50.28 7.59
N SER A 1039 21.87 -50.80 7.77
CA SER A 1039 22.93 -50.51 6.82
C SER A 1039 23.40 -51.71 6.01
N GLN A 1040 23.85 -52.77 6.67
CA GLN A 1040 24.51 -53.87 5.98
C GLN A 1040 23.52 -55.00 5.75
N GLU A 1041 23.22 -55.30 4.48
CA GLU A 1041 22.22 -56.29 4.15
C GLU A 1041 22.84 -57.43 3.36
N ARG A 1042 22.04 -58.48 3.19
CA ARG A 1042 22.40 -59.65 2.41
C ARG A 1042 21.20 -60.08 1.56
N ASN A 1043 21.48 -60.66 0.40
CA ASN A 1043 20.43 -61.32 -0.36
C ASN A 1043 19.91 -62.53 0.37
N PHE A 1044 18.61 -62.75 0.29
CA PHE A 1044 17.99 -63.95 0.83
C PHE A 1044 16.80 -64.34 -0.04
N THR A 1045 16.80 -65.58 -0.49
CA THR A 1045 15.65 -66.13 -1.17
C THR A 1045 14.51 -66.25 -0.17
N THR A 1046 13.31 -65.84 -0.56
CA THR A 1046 12.15 -66.00 0.31
C THR A 1046 10.97 -66.49 -0.50
N ALA A 1047 9.97 -66.98 0.23
CA ALA A 1047 8.73 -67.44 -0.35
C ALA A 1047 7.65 -67.41 0.72
N PRO A 1048 6.50 -66.80 0.44
CA PRO A 1048 5.43 -66.78 1.43
C PRO A 1048 4.79 -68.16 1.55
N ALA A 1049 4.28 -68.44 2.75
CA ALA A 1049 3.41 -69.58 3.03
C ALA A 1049 4.04 -70.92 2.68
N ILE A 1050 5.05 -71.34 3.44
CA ILE A 1050 5.67 -72.66 3.27
C ILE A 1050 4.61 -73.75 3.42
N CYS A 1051 4.63 -74.72 2.52
CA CYS A 1051 3.62 -75.76 2.50
C CYS A 1051 4.03 -76.89 3.43
N HIS A 1052 3.29 -77.06 4.52
CA HIS A 1052 3.57 -78.11 5.48
C HIS A 1052 2.27 -78.80 5.85
N GLU A 1053 2.15 -80.07 5.45
CA GLU A 1053 1.03 -80.95 5.77
C GLU A 1053 -0.29 -80.35 5.27
N GLY A 1054 -0.38 -80.23 3.96
CA GLY A 1054 -1.60 -79.74 3.33
C GLY A 1054 -1.64 -78.23 3.20
N LYS A 1055 -2.35 -77.56 4.10
CA LYS A 1055 -2.50 -76.12 4.04
C LYS A 1055 -1.22 -75.44 4.54
N ALA A 1056 -0.80 -74.41 3.81
CA ALA A 1056 0.43 -73.69 4.08
C ALA A 1056 0.27 -72.74 5.26
N TYR A 1057 1.40 -72.23 5.74
CA TYR A 1057 1.46 -71.41 6.95
C TYR A 1057 2.00 -70.03 6.61
N PHE A 1058 1.13 -69.05 6.63
CA PHE A 1058 1.48 -67.64 6.48
C PHE A 1058 2.16 -67.14 7.74
N PRO A 1059 3.15 -66.25 7.62
CA PRO A 1059 3.94 -65.88 8.80
C PRO A 1059 3.21 -64.88 9.68
N ARG A 1060 3.42 -65.05 10.99
CA ARG A 1060 2.95 -64.08 11.98
C ARG A 1060 4.03 -63.02 12.11
N GLU A 1061 3.95 -62.02 11.23
CA GLU A 1061 4.91 -60.93 11.08
C GLU A 1061 6.31 -61.48 10.79
N GLY A 1062 6.46 -62.07 9.60
CA GLY A 1062 7.74 -62.58 9.15
C GLY A 1062 7.87 -62.48 7.65
N VAL A 1063 8.93 -63.04 7.07
CA VAL A 1063 9.15 -62.97 5.63
C VAL A 1063 9.42 -64.35 5.04
N PHE A 1064 9.66 -65.33 5.91
CA PHE A 1064 10.22 -66.65 5.56
C PHE A 1064 11.54 -66.54 4.81
N VAL A 1065 12.56 -66.06 5.50
CA VAL A 1065 13.92 -66.00 5.00
C VAL A 1065 14.46 -67.42 4.78
N PHE A 1066 15.41 -67.55 3.87
CA PHE A 1066 16.06 -68.83 3.59
C PHE A 1066 17.56 -68.61 3.43
N ASN A 1067 18.33 -68.97 4.45
CA ASN A 1067 19.78 -69.07 4.33
C ASN A 1067 20.14 -70.45 3.77
N GLY A 1068 21.41 -70.84 3.89
CA GLY A 1068 21.84 -72.10 3.30
C GLY A 1068 21.20 -73.34 3.89
N THR A 1069 20.25 -73.88 3.13
CA THR A 1069 19.54 -75.14 3.37
C THR A 1069 18.86 -75.15 4.76
N SER A 1070 18.13 -74.07 5.04
CA SER A 1070 17.27 -73.96 6.22
C SER A 1070 16.34 -72.77 6.06
N TRP A 1071 15.09 -72.95 6.45
CA TRP A 1071 14.12 -71.87 6.46
C TRP A 1071 14.00 -71.28 7.86
N PHE A 1072 13.86 -69.95 7.93
CA PHE A 1072 13.63 -69.25 9.17
C PHE A 1072 12.63 -68.13 8.92
N ILE A 1073 12.20 -67.49 10.00
CA ILE A 1073 11.39 -66.27 9.90
C ILE A 1073 12.14 -65.15 10.61
N THR A 1074 12.09 -63.97 10.01
CA THR A 1074 12.72 -62.78 10.58
C THR A 1074 11.76 -61.62 10.52
N GLN A 1075 12.02 -60.63 11.37
CA GLN A 1075 11.47 -59.30 11.15
C GLN A 1075 12.31 -58.63 10.06
N ARG A 1076 11.65 -57.84 9.22
CA ARG A 1076 12.28 -57.40 7.98
C ARG A 1076 13.04 -56.09 8.13
N ASN A 1077 13.51 -55.78 9.34
CA ASN A 1077 14.45 -54.68 9.49
C ASN A 1077 15.74 -55.10 10.17
N PHE A 1078 15.87 -56.36 10.57
CA PHE A 1078 17.09 -56.90 11.15
C PHE A 1078 17.09 -58.41 11.01
N PHE A 1079 18.18 -58.98 10.51
CA PHE A 1079 18.25 -60.42 10.29
C PHE A 1079 18.43 -61.13 11.62
N SER A 1080 17.32 -61.61 12.18
CA SER A 1080 17.33 -62.40 13.40
C SER A 1080 16.55 -63.69 13.11
N PRO A 1081 17.23 -64.72 12.61
CA PRO A 1081 16.52 -65.94 12.19
C PRO A 1081 15.99 -66.76 13.37
N GLN A 1082 14.68 -66.94 13.41
CA GLN A 1082 14.05 -67.74 14.44
C GLN A 1082 13.65 -69.10 13.90
N ILE A 1083 13.66 -70.09 14.78
CA ILE A 1083 13.19 -71.43 14.44
C ILE A 1083 11.70 -71.37 14.16
N ILE A 1084 11.28 -71.90 13.02
CA ILE A 1084 9.90 -71.82 12.60
C ILE A 1084 9.04 -72.76 13.47
N THR A 1085 7.99 -72.20 14.05
CA THR A 1085 7.11 -72.93 14.96
C THR A 1085 5.66 -72.73 14.54
N THR A 1086 4.76 -73.15 15.42
CA THR A 1086 3.33 -72.95 15.16
C THR A 1086 2.93 -71.50 15.47
N ASP A 1087 3.39 -70.97 16.59
CA ASP A 1087 3.03 -69.63 17.01
C ASP A 1087 3.80 -68.54 16.25
N ASN A 1088 4.77 -68.91 15.41
CA ASN A 1088 5.36 -67.98 14.48
C ASN A 1088 4.54 -67.85 13.20
N THR A 1089 3.52 -68.69 13.03
CA THR A 1089 2.67 -68.69 11.84
C THR A 1089 1.22 -68.77 12.27
N PHE A 1090 0.37 -68.96 11.27
CA PHE A 1090 -1.04 -69.27 11.47
C PHE A 1090 -1.52 -69.99 10.21
N VAL A 1091 -2.82 -70.20 10.09
CA VAL A 1091 -3.37 -70.92 8.96
C VAL A 1091 -4.31 -70.03 8.15
N ARG B 5 -37.46 24.03 -54.91
CA ARG B 5 -38.86 24.35 -54.69
C ARG B 5 -39.51 23.38 -53.70
N CYS B 6 -40.46 23.91 -52.90
CA CYS B 6 -41.12 23.14 -51.85
C CYS B 6 -42.29 22.38 -52.45
N THR B 7 -41.97 21.35 -53.24
CA THR B 7 -42.96 20.52 -53.91
C THR B 7 -43.23 19.29 -53.04
N THR B 8 -44.44 19.23 -52.49
CA THR B 8 -44.89 18.06 -51.74
C THR B 8 -45.92 17.29 -52.56
N PHE B 9 -45.80 15.97 -52.57
CA PHE B 9 -46.82 15.15 -53.21
C PHE B 9 -48.09 15.16 -52.37
N ASP B 10 -49.22 14.85 -53.01
CA ASP B 10 -50.50 14.95 -52.33
C ASP B 10 -50.72 13.82 -51.34
N ASP B 11 -50.75 12.58 -51.82
CA ASP B 11 -51.06 11.42 -50.98
C ASP B 11 -49.79 11.01 -50.25
N VAL B 12 -49.68 11.44 -48.99
CA VAL B 12 -48.55 11.10 -48.14
C VAL B 12 -49.10 10.19 -47.03
N GLN B 13 -48.82 8.90 -47.14
CA GLN B 13 -49.33 7.94 -46.17
C GLN B 13 -48.38 7.84 -44.98
N ALA B 14 -48.95 7.88 -43.77
CA ALA B 14 -48.18 7.89 -42.53
C ALA B 14 -47.52 6.52 -42.30
N PRO B 15 -46.35 6.51 -41.64
CA PRO B 15 -45.72 5.23 -41.30
C PRO B 15 -46.49 4.49 -40.21
N ASN B 16 -46.50 3.15 -40.33
CA ASN B 16 -47.15 2.33 -39.32
C ASN B 16 -46.24 2.05 -38.12
N TYR B 17 -44.95 2.39 -38.23
CA TYR B 17 -43.91 2.17 -37.21
C TYR B 17 -43.81 0.69 -36.82
N THR B 18 -43.54 -0.12 -37.84
CA THR B 18 -43.31 -1.55 -37.64
C THR B 18 -41.93 -1.74 -37.03
N GLN B 19 -41.88 -2.07 -35.74
CA GLN B 19 -40.63 -2.17 -35.03
C GLN B 19 -39.90 -3.46 -35.39
N HIS B 20 -38.58 -3.40 -35.38
CA HIS B 20 -37.74 -4.55 -35.68
C HIS B 20 -36.60 -4.60 -34.67
N THR B 21 -35.95 -5.76 -34.61
CA THR B 21 -34.92 -6.00 -33.61
C THR B 21 -33.55 -5.77 -34.21
N SER B 22 -32.77 -4.91 -33.56
CA SER B 22 -31.36 -4.73 -33.88
C SER B 22 -30.61 -5.95 -33.34
N SER B 23 -30.63 -7.02 -34.13
CA SER B 23 -30.22 -8.35 -33.68
C SER B 23 -28.75 -8.41 -33.29
N MET B 24 -27.86 -8.26 -34.25
CA MET B 24 -26.43 -8.23 -33.97
C MET B 24 -25.77 -7.14 -34.81
N ARG B 25 -26.39 -5.98 -34.89
CA ARG B 25 -25.93 -4.93 -35.77
C ARG B 25 -25.60 -3.66 -34.99
N GLY B 26 -24.95 -2.73 -35.67
CA GLY B 26 -24.52 -1.51 -35.03
C GLY B 26 -23.20 -1.64 -34.31
N VAL B 27 -22.28 -2.45 -34.83
CA VAL B 27 -20.99 -2.68 -34.22
C VAL B 27 -19.92 -2.11 -35.15
N TYR B 28 -19.13 -1.17 -34.64
CA TYR B 28 -18.13 -0.52 -35.46
C TYR B 28 -16.79 -0.58 -34.75
N TYR B 29 -15.72 -0.38 -35.51
CA TYR B 29 -14.39 -0.24 -34.92
C TYR B 29 -14.35 1.06 -34.12
N PRO B 30 -14.16 0.98 -32.81
CA PRO B 30 -14.35 2.17 -31.97
C PRO B 30 -13.23 3.18 -32.11
N ASP B 31 -12.04 2.75 -32.51
CA ASP B 31 -10.91 3.64 -32.69
C ASP B 31 -9.98 3.06 -33.74
N GLU B 32 -8.97 3.86 -34.09
CA GLU B 32 -8.07 3.54 -35.19
C GLU B 32 -6.90 2.67 -34.72
N ILE B 33 -7.19 1.66 -33.92
CA ILE B 33 -6.16 0.87 -33.25
C ILE B 33 -6.32 -0.58 -33.66
N PHE B 34 -5.27 -1.17 -34.20
CA PHE B 34 -5.34 -2.57 -34.56
C PHE B 34 -5.19 -3.44 -33.32
N ARG B 35 -6.12 -4.38 -33.17
CA ARG B 35 -6.07 -5.35 -32.08
C ARG B 35 -6.25 -6.73 -32.67
N SER B 36 -5.35 -7.65 -32.30
CA SER B 36 -5.31 -8.96 -32.91
C SER B 36 -5.56 -10.03 -31.87
N ASP B 37 -6.67 -10.76 -32.04
CA ASP B 37 -7.08 -11.92 -31.25
C ASP B 37 -7.16 -11.58 -29.77
N THR B 38 -8.06 -10.67 -29.41
CA THR B 38 -8.17 -10.27 -28.03
C THR B 38 -9.60 -9.83 -27.75
N LEU B 39 -9.93 -9.80 -26.46
CA LEU B 39 -11.22 -9.33 -25.99
C LEU B 39 -11.06 -7.92 -25.44
N TYR B 40 -11.94 -7.02 -25.89
CA TYR B 40 -11.71 -5.61 -25.59
C TYR B 40 -13.03 -4.96 -25.18
N LEU B 41 -13.01 -4.30 -24.02
CA LEU B 41 -14.16 -3.55 -23.53
C LEU B 41 -14.09 -2.12 -24.05
N THR B 42 -15.25 -1.53 -24.29
CA THR B 42 -15.33 -0.19 -24.87
C THR B 42 -16.52 0.55 -24.28
N GLN B 43 -16.28 1.76 -23.79
CA GLN B 43 -17.36 2.66 -23.39
C GLN B 43 -17.54 3.72 -24.46
N ASP B 44 -18.52 3.53 -25.33
CA ASP B 44 -18.79 4.47 -26.41
C ASP B 44 -20.24 4.30 -26.82
N LEU B 45 -20.71 5.18 -27.69
CA LEU B 45 -22.07 5.10 -28.21
C LEU B 45 -22.17 3.95 -29.21
N PHE B 46 -22.89 2.90 -28.83
CA PHE B 46 -23.12 1.74 -29.69
C PHE B 46 -24.61 1.50 -29.83
N LEU B 47 -24.96 0.71 -30.82
CA LEU B 47 -26.32 0.23 -30.96
C LEU B 47 -26.49 -1.04 -30.12
N PRO B 48 -27.39 -1.06 -29.15
CA PRO B 48 -27.53 -2.25 -28.32
C PRO B 48 -28.15 -3.40 -29.09
N PHE B 49 -27.74 -4.61 -28.69
CA PHE B 49 -28.30 -5.82 -29.25
C PHE B 49 -29.76 -5.94 -28.85
N TYR B 50 -30.60 -6.26 -29.84
CA TYR B 50 -32.05 -6.47 -29.69
C TYR B 50 -32.74 -5.22 -29.15
N SER B 51 -32.61 -4.13 -29.90
CA SER B 51 -33.34 -2.90 -29.62
C SER B 51 -34.37 -2.67 -30.70
N ASN B 52 -35.28 -1.73 -30.44
CA ASN B 52 -36.38 -1.47 -31.36
C ASN B 52 -35.89 -0.56 -32.47
N VAL B 53 -35.93 -1.06 -33.71
CA VAL B 53 -35.51 -0.31 -34.88
C VAL B 53 -36.74 -0.03 -35.72
N THR B 54 -37.04 1.25 -35.91
CA THR B 54 -38.25 1.66 -36.61
C THR B 54 -38.09 1.42 -38.10
N GLY B 55 -38.86 0.47 -38.65
CA GLY B 55 -38.81 0.22 -40.06
C GLY B 55 -39.54 1.28 -40.87
N PHE B 56 -39.17 1.39 -42.14
CA PHE B 56 -39.78 2.35 -43.06
C PHE B 56 -39.91 1.67 -44.42
N HIS B 57 -41.13 1.23 -44.74
CA HIS B 57 -41.38 0.39 -45.91
C HIS B 57 -42.03 1.24 -46.99
N THR B 58 -41.34 1.40 -48.12
CA THR B 58 -41.84 2.23 -49.20
C THR B 58 -42.60 1.38 -50.22
N ILE B 59 -43.88 1.72 -50.44
CA ILE B 59 -44.71 1.08 -51.44
C ILE B 59 -45.28 2.20 -52.29
N ASN B 60 -46.13 1.86 -53.27
CA ASN B 60 -46.75 2.80 -54.20
C ASN B 60 -47.55 3.90 -53.52
N HIS B 61 -48.07 3.64 -52.32
CA HIS B 61 -48.81 4.64 -51.56
C HIS B 61 -48.00 5.20 -50.40
N THR B 62 -47.19 4.36 -49.75
CA THR B 62 -46.48 4.78 -48.54
C THR B 62 -45.14 5.42 -48.91
N PHE B 63 -44.93 6.64 -48.44
CA PHE B 63 -43.73 7.43 -48.71
C PHE B 63 -43.13 7.81 -47.36
N ASP B 64 -42.07 7.10 -46.97
CA ASP B 64 -41.55 7.18 -45.61
C ASP B 64 -40.30 8.05 -45.55
N ASN B 65 -40.46 9.29 -45.09
CA ASN B 65 -39.37 10.12 -44.61
C ASN B 65 -39.85 11.15 -43.58
N PRO B 66 -40.13 10.73 -42.35
CA PRO B 66 -40.55 11.71 -41.35
C PRO B 66 -39.36 12.45 -40.77
N VAL B 67 -39.62 13.53 -40.03
CA VAL B 67 -38.54 14.23 -39.34
C VAL B 67 -38.25 13.47 -38.06
N ILE B 68 -37.20 12.66 -38.08
CA ILE B 68 -36.91 11.73 -36.98
C ILE B 68 -35.95 12.43 -36.03
N PRO B 69 -36.15 12.33 -34.71
CA PRO B 69 -35.18 12.92 -33.77
C PRO B 69 -33.86 12.16 -33.80
N PHE B 70 -32.78 12.91 -33.69
CA PHE B 70 -31.44 12.33 -33.73
C PHE B 70 -31.05 11.64 -32.43
N LYS B 71 -31.07 12.38 -31.32
CA LYS B 71 -30.95 11.84 -29.96
C LYS B 71 -29.65 11.07 -29.72
N ASP B 72 -28.52 11.79 -29.72
CA ASP B 72 -27.19 11.38 -29.26
C ASP B 72 -26.51 10.43 -30.24
N GLY B 73 -27.19 10.05 -31.31
CA GLY B 73 -26.57 9.17 -32.28
C GLY B 73 -27.51 8.13 -32.82
N ILE B 74 -27.43 7.87 -34.12
CA ILE B 74 -28.35 6.95 -34.79
C ILE B 74 -27.56 5.85 -35.48
N TYR B 75 -28.22 4.71 -35.62
CA TYR B 75 -27.86 3.68 -36.57
C TYR B 75 -28.72 3.87 -37.81
N PHE B 76 -28.19 3.46 -38.95
CA PHE B 76 -28.96 3.57 -40.17
C PHE B 76 -28.67 2.34 -41.02
N ALA B 77 -29.73 1.79 -41.59
CA ALA B 77 -29.60 0.69 -42.53
C ALA B 77 -30.55 0.97 -43.68
N ALA B 78 -30.29 0.31 -44.81
CA ALA B 78 -31.14 0.50 -45.99
C ALA B 78 -31.05 -0.74 -46.85
N THR B 79 -32.10 -1.54 -46.84
CA THR B 79 -32.19 -2.69 -47.74
C THR B 79 -32.37 -2.18 -49.16
N GLU B 80 -31.37 -2.40 -50.01
CA GLU B 80 -31.40 -1.82 -51.35
C GLU B 80 -31.07 -2.87 -52.39
N LYS B 81 -31.70 -2.72 -53.54
CA LYS B 81 -31.37 -3.36 -54.81
C LYS B 81 -31.43 -2.35 -55.94
N SER B 82 -31.95 -1.16 -55.69
CA SER B 82 -31.94 -0.06 -56.66
C SER B 82 -31.15 1.15 -56.16
N ASN B 83 -30.64 1.10 -54.92
CA ASN B 83 -29.89 2.17 -54.26
C ASN B 83 -30.70 3.47 -54.20
N VAL B 84 -31.82 3.36 -53.47
CA VAL B 84 -32.81 4.42 -53.39
C VAL B 84 -32.44 5.46 -52.34
N VAL B 85 -32.17 5.03 -51.10
CA VAL B 85 -32.02 5.97 -50.02
C VAL B 85 -30.61 6.53 -50.05
N ARG B 86 -30.41 7.58 -50.84
CA ARG B 86 -29.14 8.27 -50.96
C ARG B 86 -29.38 9.72 -50.55
N GLY B 87 -29.08 10.04 -49.30
CA GLY B 87 -29.24 11.40 -48.85
C GLY B 87 -29.65 11.56 -47.40
N TRP B 88 -28.94 12.42 -46.68
CA TRP B 88 -29.16 12.62 -45.26
C TRP B 88 -29.07 14.12 -44.95
N VAL B 89 -30.05 14.61 -44.23
CA VAL B 89 -30.03 15.96 -43.70
C VAL B 89 -29.96 15.84 -42.18
N PHE B 90 -29.15 16.69 -41.54
CA PHE B 90 -29.06 16.68 -40.08
C PHE B 90 -29.26 18.11 -39.60
N GLY B 91 -30.51 18.45 -39.30
CA GLY B 91 -30.86 19.81 -38.93
C GLY B 91 -31.30 19.94 -37.47
N SER B 92 -31.45 21.19 -37.06
CA SER B 92 -31.96 21.50 -35.72
C SER B 92 -33.48 21.62 -35.71
N THR B 93 -34.01 22.54 -36.52
CA THR B 93 -35.45 22.69 -36.69
C THR B 93 -35.93 22.38 -38.10
N MET B 94 -35.02 21.97 -38.99
CA MET B 94 -35.28 21.65 -40.40
C MET B 94 -35.93 22.83 -41.14
N ASN B 95 -35.47 24.04 -40.81
CA ASN B 95 -35.95 25.25 -41.45
C ASN B 95 -34.76 26.11 -41.85
N ASN B 96 -35.07 27.31 -42.35
CA ASN B 96 -34.06 28.14 -43.00
C ASN B 96 -33.05 28.73 -42.02
N LYS B 97 -33.47 28.99 -40.79
CA LYS B 97 -32.58 29.67 -39.86
C LYS B 97 -31.56 28.72 -39.25
N SER B 98 -31.93 27.45 -39.10
CA SER B 98 -31.08 26.50 -38.39
C SER B 98 -29.97 25.98 -39.31
N GLN B 99 -28.91 25.47 -38.68
CA GLN B 99 -27.80 24.87 -39.41
C GLN B 99 -28.13 23.42 -39.73
N SER B 100 -27.91 23.04 -40.99
CA SER B 100 -28.26 21.71 -41.46
C SER B 100 -27.18 21.22 -42.40
N VAL B 101 -26.52 20.13 -42.04
CA VAL B 101 -25.60 19.50 -42.99
C VAL B 101 -26.41 18.58 -43.88
N ILE B 102 -26.03 18.52 -45.15
CA ILE B 102 -26.72 17.72 -46.15
C ILE B 102 -25.68 16.77 -46.76
N ILE B 103 -25.75 15.50 -46.40
CA ILE B 103 -24.89 14.48 -46.98
C ILE B 103 -25.69 13.75 -48.05
N ILE B 104 -25.29 13.94 -49.31
CA ILE B 104 -26.00 13.34 -50.44
C ILE B 104 -25.02 12.70 -51.41
N ASN B 105 -25.46 11.64 -52.04
CA ASN B 105 -24.79 11.09 -53.21
C ASN B 105 -25.67 11.36 -54.43
N ASN B 106 -25.12 12.07 -55.41
CA ASN B 106 -25.93 12.30 -56.61
C ASN B 106 -25.46 11.34 -57.72
N SER B 107 -25.17 10.11 -57.31
CA SER B 107 -24.93 8.93 -58.17
C SER B 107 -23.63 9.04 -58.96
N THR B 108 -22.77 9.99 -58.61
CA THR B 108 -21.42 10.00 -59.16
C THR B 108 -20.39 10.25 -58.07
N ASN B 109 -20.79 10.92 -56.99
CA ASN B 109 -19.89 11.32 -55.92
C ASN B 109 -20.73 11.79 -54.73
N VAL B 110 -20.18 11.61 -53.54
CA VAL B 110 -20.86 12.01 -52.31
C VAL B 110 -20.47 13.46 -52.00
N VAL B 111 -21.47 14.31 -51.79
CA VAL B 111 -21.23 15.72 -51.54
C VAL B 111 -21.80 16.15 -50.20
N ILE B 112 -20.93 16.60 -49.30
CA ILE B 112 -21.32 17.05 -47.97
C ILE B 112 -21.19 18.56 -47.93
N ARG B 113 -22.27 19.25 -47.59
CA ARG B 113 -22.27 20.71 -47.63
C ARG B 113 -23.24 21.23 -46.57
N ALA B 114 -22.69 21.88 -45.55
CA ALA B 114 -23.49 22.40 -44.44
C ALA B 114 -23.68 23.90 -44.57
N CYS B 115 -24.92 24.33 -44.39
CA CYS B 115 -25.27 25.75 -44.52
C CYS B 115 -26.56 25.97 -43.74
N ASN B 116 -27.20 27.12 -43.94
CA ASN B 116 -28.52 27.39 -43.38
C ASN B 116 -29.52 27.21 -44.51
N PHE B 117 -29.90 25.96 -44.76
CA PHE B 117 -30.76 25.62 -45.87
C PHE B 117 -32.21 25.86 -45.52
N GLU B 118 -32.96 26.43 -46.48
CA GLU B 118 -34.41 26.43 -46.43
C GLU B 118 -34.85 25.03 -46.83
N LEU B 119 -35.06 24.17 -45.83
CA LEU B 119 -35.41 22.78 -46.10
C LEU B 119 -36.83 22.67 -46.62
N CYS B 120 -36.97 22.02 -47.78
CA CYS B 120 -38.30 21.69 -48.29
C CYS B 120 -38.89 20.55 -47.47
N ASP B 121 -40.22 20.50 -47.42
CA ASP B 121 -40.88 19.45 -46.67
C ASP B 121 -40.84 18.10 -47.39
N ASN B 122 -40.47 18.09 -48.67
CA ASN B 122 -40.46 16.85 -49.45
C ASN B 122 -39.33 16.91 -50.48
N PRO B 123 -38.14 16.47 -50.11
CA PRO B 123 -37.07 16.33 -51.11
C PRO B 123 -37.21 15.04 -51.89
N PHE B 124 -36.90 15.10 -53.18
CA PHE B 124 -37.03 13.95 -54.05
C PHE B 124 -36.15 14.14 -55.27
N PHE B 125 -35.78 13.03 -55.90
CA PHE B 125 -35.08 13.05 -57.17
C PHE B 125 -36.02 12.64 -58.29
N ALA B 126 -36.17 13.51 -59.29
CA ALA B 126 -37.04 13.22 -60.44
C ALA B 126 -36.35 12.20 -61.34
N VAL B 127 -36.58 10.94 -61.02
CA VAL B 127 -36.03 9.80 -61.75
C VAL B 127 -37.18 9.04 -62.40
N SER B 128 -37.02 8.72 -63.68
CA SER B 128 -38.04 7.93 -64.37
C SER B 128 -38.01 6.48 -63.92
N LYS B 129 -39.18 5.85 -63.90
CA LYS B 129 -39.27 4.48 -63.41
C LYS B 129 -38.77 3.44 -64.40
N PRO B 130 -39.13 3.45 -65.74
CA PRO B 130 -38.50 2.46 -66.62
C PRO B 130 -37.07 2.84 -67.02
N MET B 131 -36.77 4.14 -67.09
CA MET B 131 -35.44 4.57 -67.49
C MET B 131 -34.44 4.42 -66.35
N GLY B 132 -34.70 5.10 -65.23
CA GLY B 132 -33.79 5.04 -64.09
C GLY B 132 -32.61 5.97 -64.21
N THR B 133 -32.87 7.23 -64.56
CA THR B 133 -31.82 8.23 -64.69
C THR B 133 -32.19 9.45 -63.85
N GLN B 134 -31.19 9.98 -63.14
CA GLN B 134 -31.37 11.20 -62.36
C GLN B 134 -31.45 12.39 -63.30
N THR B 135 -32.59 13.07 -63.33
CA THR B 135 -32.74 14.24 -64.18
C THR B 135 -32.33 15.51 -63.45
N HIS B 136 -32.95 15.76 -62.29
CA HIS B 136 -32.71 16.98 -61.53
C HIS B 136 -32.70 16.66 -60.04
N THR B 137 -32.45 17.70 -59.24
CA THR B 137 -32.61 17.64 -57.79
C THR B 137 -33.25 18.94 -57.34
N MET B 138 -34.10 18.85 -56.31
CA MET B 138 -34.85 19.99 -55.80
C MET B 138 -34.79 20.03 -54.27
N ILE B 139 -33.67 19.58 -53.72
CA ILE B 139 -33.52 19.49 -52.27
C ILE B 139 -33.36 20.88 -51.66
N PHE B 140 -32.48 21.70 -52.25
CA PHE B 140 -32.14 23.01 -51.72
C PHE B 140 -32.40 24.05 -52.79
N ASP B 141 -32.83 25.24 -52.35
CA ASP B 141 -32.92 26.40 -53.23
C ASP B 141 -32.02 27.52 -52.73
N ASN B 142 -32.15 27.92 -51.48
CA ASN B 142 -31.38 29.01 -50.91
C ASN B 142 -30.35 28.47 -49.93
N ALA B 143 -29.14 29.02 -49.99
CA ALA B 143 -28.07 28.58 -49.09
C ALA B 143 -27.29 29.82 -48.66
N PHE B 144 -27.71 30.42 -47.56
CA PHE B 144 -27.09 31.62 -47.02
C PHE B 144 -26.40 31.28 -45.71
N ASN B 145 -25.28 31.98 -45.46
CA ASN B 145 -24.43 31.75 -44.29
C ASN B 145 -23.93 30.30 -44.23
N CYS B 146 -23.14 29.92 -45.22
CA CYS B 146 -22.67 28.54 -45.37
C CYS B 146 -21.36 28.33 -44.62
N THR B 147 -21.35 27.32 -43.75
CA THR B 147 -20.18 26.96 -42.96
C THR B 147 -19.25 26.01 -43.69
N PHE B 148 -19.76 24.85 -44.07
CA PHE B 148 -18.91 23.71 -44.43
C PHE B 148 -19.11 23.31 -45.88
N GLU B 149 -18.03 22.86 -46.50
CA GLU B 149 -18.01 22.48 -47.90
C GLU B 149 -17.12 21.25 -48.06
N TYR B 150 -17.61 20.25 -48.79
CA TYR B 150 -16.82 19.07 -49.04
C TYR B 150 -17.32 18.35 -50.29
N ILE B 151 -16.37 17.80 -51.04
CA ILE B 151 -16.63 16.93 -52.19
C ILE B 151 -15.71 15.73 -52.08
N SER B 152 -16.27 14.52 -52.15
CA SER B 152 -15.52 13.30 -51.89
C SER B 152 -14.95 12.74 -53.19
N ASP B 153 -14.46 11.50 -53.15
CA ASP B 153 -13.96 10.81 -54.34
C ASP B 153 -15.09 10.10 -55.06
N ALA B 154 -14.98 10.01 -56.38
CA ALA B 154 -16.08 9.61 -57.24
C ALA B 154 -16.19 8.08 -57.34
N PHE B 155 -17.42 7.62 -57.59
CA PHE B 155 -17.73 6.22 -57.84
C PHE B 155 -19.09 6.14 -58.50
N SER B 156 -19.28 5.10 -59.32
CA SER B 156 -20.52 4.96 -60.07
C SER B 156 -21.64 4.42 -59.18
N LEU B 157 -22.88 4.59 -59.66
CA LEU B 157 -24.06 4.14 -58.94
C LEU B 157 -25.15 3.76 -59.95
N ASP B 158 -25.87 2.69 -59.65
CA ASP B 158 -27.02 2.27 -60.45
C ASP B 158 -28.29 2.74 -59.76
N VAL B 159 -29.26 3.21 -60.55
CA VAL B 159 -30.45 3.84 -60.01
C VAL B 159 -31.73 3.05 -60.32
N SER B 160 -31.78 2.35 -61.44
CA SER B 160 -33.02 1.87 -62.03
C SER B 160 -33.65 0.73 -61.22
N GLU B 161 -34.88 0.39 -61.61
CA GLU B 161 -35.73 -0.51 -60.84
C GLU B 161 -35.30 -1.97 -61.01
N LYS B 162 -35.33 -2.70 -59.91
CA LYS B 162 -35.20 -4.16 -59.89
C LYS B 162 -36.50 -4.74 -59.33
N SER B 163 -36.50 -6.06 -59.11
CA SER B 163 -37.69 -6.74 -58.58
C SER B 163 -37.26 -8.00 -57.86
N GLY B 164 -37.61 -8.10 -56.58
CA GLY B 164 -37.29 -9.30 -55.81
C GLY B 164 -36.61 -9.02 -54.48
N ASN B 165 -35.72 -9.91 -54.07
CA ASN B 165 -34.98 -9.73 -52.83
C ASN B 165 -33.88 -8.69 -53.00
N PHE B 166 -33.29 -8.29 -51.88
CA PHE B 166 -32.30 -7.24 -51.88
C PHE B 166 -30.88 -7.80 -51.99
N LYS B 167 -30.07 -7.15 -52.82
CA LYS B 167 -28.67 -7.51 -52.99
C LYS B 167 -27.74 -6.69 -52.12
N HIS B 168 -28.05 -5.41 -51.93
CA HIS B 168 -27.22 -4.51 -51.17
C HIS B 168 -27.81 -4.25 -49.79
N LEU B 169 -26.95 -3.82 -48.86
CA LEU B 169 -27.38 -3.38 -47.54
C LEU B 169 -26.31 -2.43 -47.01
N ARG B 170 -26.60 -1.12 -47.11
CA ARG B 170 -25.70 -0.11 -46.59
C ARG B 170 -26.02 0.14 -45.13
N GLU B 171 -25.01 0.08 -44.26
CA GLU B 171 -25.20 0.21 -42.82
C GLU B 171 -24.35 1.36 -42.30
N PHE B 172 -24.99 2.39 -41.76
CA PHE B 172 -24.34 3.65 -41.41
C PHE B 172 -24.59 3.99 -39.95
N VAL B 173 -23.63 4.70 -39.36
CA VAL B 173 -23.70 5.14 -37.97
C VAL B 173 -23.27 6.59 -37.89
N PHE B 174 -24.13 7.43 -37.32
CA PHE B 174 -23.90 8.87 -37.23
C PHE B 174 -23.82 9.27 -35.77
N LYS B 175 -22.68 9.81 -35.35
CA LYS B 175 -22.48 10.26 -33.98
C LYS B 175 -22.13 11.73 -33.97
N ASN B 176 -22.99 12.54 -33.36
CA ASN B 176 -22.64 13.92 -33.04
C ASN B 176 -21.83 13.92 -31.76
N LYS B 177 -20.55 14.30 -31.86
CA LYS B 177 -19.67 14.26 -30.71
C LYS B 177 -18.61 15.34 -30.78
N ASP B 178 -18.75 16.37 -29.94
CA ASP B 178 -17.92 17.58 -29.95
C ASP B 178 -17.91 18.24 -31.33
N GLY B 179 -19.08 18.28 -31.96
CA GLY B 179 -19.19 18.87 -33.27
C GLY B 179 -18.57 18.09 -34.40
N PHE B 180 -18.19 16.83 -34.15
CA PHE B 180 -17.61 15.97 -35.17
C PHE B 180 -18.62 14.88 -35.50
N LEU B 181 -19.19 14.95 -36.70
CA LEU B 181 -20.11 13.93 -37.15
C LEU B 181 -19.34 12.69 -37.59
N TYR B 182 -19.21 11.71 -36.71
CA TYR B 182 -18.56 10.46 -37.08
C TYR B 182 -19.49 9.61 -37.92
N VAL B 183 -19.03 9.24 -39.12
CA VAL B 183 -19.82 8.46 -40.06
C VAL B 183 -19.10 7.15 -40.31
N TYR B 184 -19.84 6.04 -40.21
CA TYR B 184 -19.29 4.70 -40.34
C TYR B 184 -19.97 3.99 -41.51
N LYS B 185 -19.41 2.86 -41.93
CA LYS B 185 -19.90 2.22 -43.15
C LYS B 185 -19.59 0.72 -43.12
N GLY B 186 -20.58 -0.08 -43.53
CA GLY B 186 -20.39 -1.50 -43.73
C GLY B 186 -21.34 -2.02 -44.77
N TYR B 187 -21.14 -3.29 -45.14
CA TYR B 187 -21.85 -3.87 -46.27
C TYR B 187 -21.79 -5.39 -46.19
N GLN B 188 -22.91 -6.05 -46.50
CA GLN B 188 -22.94 -7.48 -46.72
C GLN B 188 -24.17 -7.81 -47.56
N PRO B 189 -24.13 -8.91 -48.31
CA PRO B 189 -25.33 -9.30 -49.08
C PRO B 189 -26.33 -10.04 -48.21
N ILE B 190 -27.61 -9.85 -48.53
CA ILE B 190 -28.72 -10.41 -47.76
C ILE B 190 -29.73 -11.09 -48.69
N ASP B 191 -30.80 -11.61 -48.09
CA ASP B 191 -31.96 -12.09 -48.83
C ASP B 191 -33.18 -12.03 -47.90
N VAL B 192 -33.98 -10.98 -48.07
CA VAL B 192 -35.14 -10.73 -47.22
C VAL B 192 -36.09 -9.80 -47.96
N VAL B 193 -37.35 -9.81 -47.57
CA VAL B 193 -38.34 -8.91 -48.16
C VAL B 193 -38.50 -7.64 -47.33
N ARG B 194 -38.78 -7.78 -46.04
CA ARG B 194 -39.07 -6.61 -45.21
C ARG B 194 -38.35 -6.59 -43.87
N ASP B 195 -37.89 -7.72 -43.34
CA ASP B 195 -37.31 -7.74 -42.01
C ASP B 195 -35.85 -7.29 -42.05
N LEU B 196 -35.45 -6.50 -41.07
CA LEU B 196 -34.04 -6.20 -40.88
C LEU B 196 -33.35 -7.46 -40.42
N PRO B 197 -32.50 -8.09 -41.25
CA PRO B 197 -32.11 -9.48 -41.00
C PRO B 197 -31.13 -9.60 -39.85
N SER B 198 -31.23 -10.72 -39.16
CA SER B 198 -30.30 -11.04 -38.09
C SER B 198 -28.96 -11.44 -38.68
N GLY B 199 -27.90 -11.03 -38.01
CA GLY B 199 -26.55 -11.27 -38.49
C GLY B 199 -25.62 -10.21 -37.97
N PHE B 200 -24.34 -10.54 -37.97
CA PHE B 200 -23.31 -9.67 -37.43
C PHE B 200 -22.53 -9.05 -38.58
N ASN B 201 -22.30 -7.75 -38.49
CA ASN B 201 -21.53 -7.04 -39.52
C ASN B 201 -20.82 -5.87 -38.85
N THR B 202 -19.56 -5.68 -39.22
CA THR B 202 -18.74 -4.67 -38.57
C THR B 202 -18.59 -3.45 -39.48
N LEU B 203 -18.63 -2.27 -38.88
CA LEU B 203 -18.66 -1.03 -39.62
C LEU B 203 -17.33 -0.29 -39.49
N LYS B 204 -16.96 0.45 -40.51
CA LYS B 204 -15.67 1.10 -40.62
C LYS B 204 -15.83 2.59 -40.86
N PRO B 205 -14.94 3.42 -40.29
CA PRO B 205 -15.12 4.88 -40.36
C PRO B 205 -14.74 5.44 -41.72
N ILE B 206 -15.43 6.51 -42.11
CA ILE B 206 -15.12 7.24 -43.33
C ILE B 206 -14.91 8.73 -43.09
N PHE B 207 -15.77 9.36 -42.28
CA PHE B 207 -15.74 10.82 -42.14
C PHE B 207 -15.82 11.25 -40.68
N LYS B 208 -14.84 12.05 -40.25
CA LYS B 208 -14.90 12.82 -39.03
C LYS B 208 -15.12 14.29 -39.42
N LEU B 209 -16.37 14.64 -39.63
CA LEU B 209 -16.69 15.94 -40.24
C LEU B 209 -16.71 17.05 -39.21
N PRO B 210 -15.85 18.06 -39.32
CA PRO B 210 -15.85 19.16 -38.34
C PRO B 210 -16.98 20.16 -38.58
N LEU B 211 -18.18 19.81 -38.10
CA LEU B 211 -19.36 20.63 -38.36
C LEU B 211 -19.61 21.63 -37.23
N GLY B 212 -19.78 21.14 -36.01
CA GLY B 212 -20.08 22.02 -34.91
C GLY B 212 -21.50 22.52 -34.87
N ILE B 213 -22.43 21.79 -35.48
CA ILE B 213 -23.81 22.24 -35.64
C ILE B 213 -24.70 21.49 -34.67
N ASN B 214 -25.81 22.11 -34.29
CA ASN B 214 -26.82 21.49 -33.44
C ASN B 214 -27.62 20.51 -34.28
N ILE B 215 -27.38 19.22 -34.04
CA ILE B 215 -28.16 18.17 -34.69
C ILE B 215 -29.09 17.57 -33.67
N THR B 216 -30.39 17.80 -33.85
CA THR B 216 -31.42 17.14 -33.05
C THR B 216 -32.41 16.36 -33.89
N ASN B 217 -32.61 16.77 -35.14
CA ASN B 217 -33.52 16.08 -36.04
C ASN B 217 -32.80 15.68 -37.31
N PHE B 218 -33.36 14.68 -38.00
CA PHE B 218 -32.78 14.28 -39.27
C PHE B 218 -33.88 13.72 -40.16
N ARG B 219 -33.57 13.62 -41.44
CA ARG B 219 -34.50 13.06 -42.43
C ARG B 219 -33.69 12.48 -43.59
N ALA B 220 -34.01 11.25 -43.96
CA ALA B 220 -33.39 10.64 -45.12
C ALA B 220 -33.96 11.26 -46.40
N ILE B 221 -33.26 11.04 -47.51
CA ILE B 221 -33.68 11.55 -48.81
C ILE B 221 -33.87 10.37 -49.75
N LEU B 222 -35.06 10.27 -50.33
CA LEU B 222 -35.45 9.12 -51.13
C LEU B 222 -35.29 9.42 -52.61
N THR B 223 -35.23 8.35 -53.39
CA THR B 223 -35.15 8.44 -54.85
C THR B 223 -36.49 7.99 -55.40
N ALA B 224 -37.35 8.95 -55.71
CA ALA B 224 -38.67 8.64 -56.25
C ALA B 224 -38.57 8.21 -57.70
N PHE B 225 -39.40 7.25 -58.09
CA PHE B 225 -39.42 6.73 -59.45
C PHE B 225 -40.66 7.26 -60.16
N SER B 226 -40.50 8.44 -60.78
CA SER B 226 -41.59 9.08 -61.49
C SER B 226 -41.79 8.42 -62.86
N THR B 231 -49.09 11.85 -58.86
CA THR B 231 -48.51 11.01 -59.89
C THR B 231 -47.06 10.68 -59.56
N TRP B 232 -46.87 9.65 -58.73
CA TRP B 232 -45.53 9.21 -58.36
C TRP B 232 -45.56 7.72 -58.08
N GLY B 233 -44.38 7.14 -57.96
CA GLY B 233 -44.25 5.73 -57.65
C GLY B 233 -42.88 5.45 -57.06
N THR B 234 -42.82 4.41 -56.23
CA THR B 234 -41.58 3.99 -55.61
C THR B 234 -41.43 2.48 -55.73
N SER B 235 -40.20 2.02 -55.89
CA SER B 235 -39.93 0.59 -55.90
C SER B 235 -39.78 0.07 -54.47
N ALA B 236 -39.78 -1.26 -54.35
CA ALA B 236 -39.70 -1.92 -53.05
C ALA B 236 -38.30 -1.77 -52.50
N ALA B 237 -38.13 -0.86 -51.53
CA ALA B 237 -36.84 -0.62 -50.90
C ALA B 237 -37.09 0.01 -49.53
N ALA B 238 -36.71 -0.69 -48.47
CA ALA B 238 -36.95 -0.24 -47.11
C ALA B 238 -35.64 0.15 -46.44
N TYR B 239 -35.76 1.04 -45.45
CA TYR B 239 -34.61 1.46 -44.66
C TYR B 239 -34.99 1.41 -43.19
N PHE B 240 -33.96 1.44 -42.34
CA PHE B 240 -34.14 1.18 -40.92
C PHE B 240 -33.33 2.17 -40.11
N VAL B 241 -33.90 2.59 -38.98
CA VAL B 241 -33.30 3.62 -38.12
C VAL B 241 -33.30 3.12 -36.69
N GLY B 242 -32.10 2.99 -36.10
CA GLY B 242 -31.97 2.70 -34.69
C GLY B 242 -31.36 3.88 -33.94
N TYR B 243 -31.24 3.71 -32.62
CA TYR B 243 -30.70 4.74 -31.75
C TYR B 243 -29.50 4.22 -30.98
N LEU B 244 -28.46 5.04 -30.89
CA LEU B 244 -27.25 4.68 -30.19
C LEU B 244 -27.34 5.17 -28.75
N LYS B 245 -26.87 4.34 -27.82
CA LYS B 245 -26.91 4.67 -26.40
C LYS B 245 -25.56 4.39 -25.77
N PRO B 246 -25.16 5.18 -24.78
CA PRO B 246 -23.83 4.99 -24.17
C PRO B 246 -23.81 3.72 -23.32
N THR B 247 -23.08 2.72 -23.80
CA THR B 247 -23.13 1.40 -23.20
C THR B 247 -21.74 0.81 -23.23
N THR B 248 -21.33 0.17 -22.13
CA THR B 248 -20.10 -0.61 -22.13
C THR B 248 -20.28 -1.78 -23.09
N PHE B 249 -19.19 -2.16 -23.76
CA PHE B 249 -19.36 -2.97 -24.95
C PHE B 249 -18.12 -3.79 -25.26
N MET B 250 -18.27 -5.11 -25.38
CA MET B 250 -17.14 -6.03 -25.47
C MET B 250 -16.98 -6.47 -26.93
N LEU B 251 -15.73 -6.63 -27.36
CA LEU B 251 -15.42 -6.93 -28.76
C LEU B 251 -14.42 -8.08 -28.83
N LYS B 252 -14.69 -9.05 -29.70
CA LYS B 252 -13.75 -10.13 -29.95
C LYS B 252 -13.07 -9.96 -31.29
N TYR B 253 -11.76 -9.89 -31.28
CA TYR B 253 -10.97 -9.76 -32.49
C TYR B 253 -10.47 -11.14 -32.94
N ASP B 254 -9.90 -11.16 -34.14
CA ASP B 254 -9.54 -12.41 -34.78
C ASP B 254 -8.02 -12.45 -34.98
N GLU B 255 -7.52 -13.62 -35.40
CA GLU B 255 -6.16 -13.74 -35.91
C GLU B 255 -5.94 -12.81 -37.10
N ASN B 256 -6.95 -12.71 -37.97
CA ASN B 256 -6.94 -11.68 -39.01
C ASN B 256 -6.92 -10.28 -38.40
N GLY B 257 -7.63 -10.08 -37.30
CA GLY B 257 -7.73 -8.77 -36.69
C GLY B 257 -9.03 -8.09 -37.05
N THR B 258 -10.08 -8.89 -37.21
CA THR B 258 -11.39 -8.41 -37.61
C THR B 258 -12.37 -8.83 -36.53
N ILE B 259 -13.31 -7.95 -36.18
CA ILE B 259 -14.26 -8.23 -35.11
C ILE B 259 -15.21 -9.36 -35.52
N THR B 260 -15.13 -10.48 -34.83
CA THR B 260 -15.97 -11.63 -35.18
C THR B 260 -17.27 -11.61 -34.41
N ASP B 261 -17.22 -11.28 -33.12
CA ASP B 261 -18.40 -11.29 -32.27
C ASP B 261 -18.27 -10.21 -31.22
N ALA B 262 -19.42 -9.66 -30.82
CA ALA B 262 -19.46 -8.60 -29.82
C ALA B 262 -20.52 -8.95 -28.79
N VAL B 263 -20.37 -8.37 -27.59
CA VAL B 263 -21.28 -8.61 -26.48
C VAL B 263 -21.60 -7.29 -25.81
N ASP B 264 -22.89 -6.98 -25.71
CA ASP B 264 -23.34 -5.80 -24.97
C ASP B 264 -23.20 -6.08 -23.49
N CYS B 265 -22.79 -5.09 -22.71
CA CYS B 265 -22.60 -5.35 -21.29
C CYS B 265 -23.91 -5.30 -20.54
N SER B 266 -24.87 -4.52 -21.01
CA SER B 266 -26.11 -4.28 -20.28
C SER B 266 -27.32 -4.88 -21.00
N GLN B 267 -27.12 -5.98 -21.72
CA GLN B 267 -28.25 -6.63 -22.36
C GLN B 267 -29.01 -7.50 -21.37
N ASN B 268 -28.34 -8.53 -20.85
CA ASN B 268 -28.89 -9.43 -19.85
C ASN B 268 -27.75 -9.82 -18.91
N PRO B 269 -28.04 -10.31 -17.70
CA PRO B 269 -26.97 -10.56 -16.73
C PRO B 269 -25.98 -11.64 -17.12
N LEU B 270 -26.33 -12.49 -18.09
CA LEU B 270 -25.32 -13.39 -18.67
C LEU B 270 -24.26 -12.59 -19.41
N ALA B 271 -24.69 -11.56 -20.16
CA ALA B 271 -23.73 -10.78 -20.93
C ALA B 271 -23.06 -9.74 -20.06
N GLU B 272 -23.65 -9.44 -18.90
CA GLU B 272 -22.92 -8.69 -17.87
C GLU B 272 -21.76 -9.52 -17.34
N LEU B 273 -21.97 -10.83 -17.21
CA LEU B 273 -20.94 -11.72 -16.70
C LEU B 273 -19.81 -11.86 -17.71
N LYS B 274 -20.18 -11.91 -19.00
CA LYS B 274 -19.18 -12.11 -20.06
C LYS B 274 -18.22 -10.94 -20.15
N CYS B 275 -18.71 -9.74 -19.86
CA CYS B 275 -17.83 -8.59 -19.77
C CYS B 275 -17.09 -8.54 -18.45
N SER B 276 -17.56 -9.28 -17.44
CA SER B 276 -16.92 -9.25 -16.13
C SER B 276 -15.75 -10.22 -16.06
N VAL B 277 -15.95 -11.46 -16.49
CA VAL B 277 -14.87 -12.44 -16.51
C VAL B 277 -14.02 -12.36 -17.77
N LYS B 278 -14.45 -11.54 -18.74
CA LYS B 278 -13.77 -11.33 -20.02
C LYS B 278 -13.58 -12.64 -20.78
N SER B 279 -14.71 -13.28 -21.09
CA SER B 279 -14.72 -14.49 -21.89
C SER B 279 -16.11 -14.65 -22.48
N PHE B 280 -16.24 -15.62 -23.38
CA PHE B 280 -17.54 -15.93 -23.97
C PHE B 280 -18.07 -17.30 -23.52
N GLU B 281 -17.20 -18.20 -23.08
CA GLU B 281 -17.61 -19.53 -22.66
C GLU B 281 -17.22 -19.69 -21.20
N ILE B 282 -18.20 -19.56 -20.33
CA ILE B 282 -18.01 -19.55 -18.88
C ILE B 282 -18.37 -20.91 -18.33
N ASP B 283 -17.55 -21.43 -17.41
CA ASP B 283 -17.71 -22.77 -16.89
C ASP B 283 -19.00 -22.97 -16.12
N LYS B 284 -19.11 -22.37 -14.93
CA LYS B 284 -20.17 -22.65 -13.97
C LYS B 284 -19.93 -21.73 -12.78
N GLY B 285 -20.96 -21.53 -11.97
CA GLY B 285 -20.73 -20.98 -10.66
C GLY B 285 -21.46 -19.69 -10.36
N ILE B 286 -20.77 -18.77 -9.70
CA ILE B 286 -21.37 -17.53 -9.23
C ILE B 286 -20.30 -16.44 -9.31
N TYR B 287 -20.68 -15.25 -9.75
CA TYR B 287 -19.73 -14.23 -10.14
C TYR B 287 -20.19 -12.91 -9.54
N GLN B 288 -19.62 -11.78 -9.99
CA GLN B 288 -19.94 -10.50 -9.34
C GLN B 288 -20.11 -9.37 -10.35
N THR B 289 -20.84 -8.34 -9.90
CA THR B 289 -20.82 -6.95 -10.35
C THR B 289 -21.56 -6.14 -9.29
N SER B 290 -21.12 -4.90 -9.00
CA SER B 290 -21.51 -4.30 -7.73
C SER B 290 -22.32 -3.02 -7.87
N ASN B 291 -23.17 -2.86 -8.87
CA ASN B 291 -24.00 -1.66 -8.97
C ASN B 291 -25.35 -1.91 -8.33
N PHE B 292 -26.02 -0.83 -7.92
CA PHE B 292 -27.39 -0.79 -7.40
C PHE B 292 -27.94 0.64 -7.25
N ARG B 293 -29.28 0.72 -7.32
CA ARG B 293 -30.10 1.79 -6.77
C ARG B 293 -29.91 3.23 -7.22
N VAL B 294 -30.31 3.56 -8.46
CA VAL B 294 -30.42 4.95 -8.85
C VAL B 294 -31.68 5.51 -8.18
N VAL B 295 -31.82 6.83 -8.17
CA VAL B 295 -32.69 7.53 -7.24
C VAL B 295 -33.79 8.23 -8.03
N PRO B 296 -35.07 7.91 -7.76
CA PRO B 296 -36.18 8.56 -8.48
C PRO B 296 -36.44 10.01 -8.13
N SER B 297 -36.59 10.35 -6.85
CA SER B 297 -37.08 11.65 -6.43
C SER B 297 -36.04 12.39 -5.61
N GLY B 298 -36.36 13.63 -5.27
CA GLY B 298 -35.49 14.48 -4.48
C GLY B 298 -36.29 15.32 -3.49
N ASP B 299 -35.74 15.49 -2.30
CA ASP B 299 -36.22 16.45 -1.31
C ASP B 299 -35.20 17.57 -1.20
N VAL B 300 -35.69 18.79 -1.22
CA VAL B 300 -34.81 19.95 -1.04
C VAL B 300 -35.37 20.81 0.07
N VAL B 301 -36.04 20.16 1.03
CA VAL B 301 -36.78 20.86 2.07
C VAL B 301 -35.82 21.46 3.11
N ARG B 302 -35.54 22.75 2.95
CA ARG B 302 -34.62 23.47 3.82
C ARG B 302 -35.38 24.52 4.61
N PHE B 303 -34.75 25.04 5.67
CA PHE B 303 -35.41 25.62 6.83
C PHE B 303 -36.39 26.78 6.62
N PRO B 304 -35.97 27.97 6.04
CA PRO B 304 -36.60 29.27 6.40
C PRO B 304 -38.11 29.37 6.38
N ASN B 305 -38.66 29.61 7.57
CA ASN B 305 -40.09 29.70 7.77
C ASN B 305 -40.51 31.14 8.00
N ILE B 306 -39.58 32.08 7.79
CA ILE B 306 -39.82 33.52 7.88
C ILE B 306 -39.65 34.14 6.49
N THR B 307 -38.51 33.82 5.85
CA THR B 307 -38.15 34.18 4.48
C THR B 307 -38.14 35.68 4.20
N ASN B 308 -37.19 36.40 4.80
CA ASN B 308 -36.84 37.74 4.35
C ASN B 308 -35.89 37.63 3.16
N LEU B 309 -35.32 38.74 2.69
CA LEU B 309 -34.40 38.65 1.56
C LEU B 309 -33.38 39.78 1.64
N CYS B 310 -32.21 39.52 1.05
CA CYS B 310 -31.08 40.45 0.85
C CYS B 310 -30.63 41.14 2.13
N PRO B 311 -29.96 40.43 3.05
CA PRO B 311 -29.54 41.08 4.29
C PRO B 311 -28.31 41.95 4.12
N PHE B 312 -27.44 41.60 3.17
CA PHE B 312 -26.20 42.32 2.90
C PHE B 312 -26.36 43.34 1.79
N GLY B 313 -27.60 43.66 1.41
CA GLY B 313 -27.84 44.83 0.59
C GLY B 313 -27.59 46.12 1.34
N GLU B 314 -27.74 46.08 2.67
CA GLU B 314 -27.36 47.22 3.51
C GLU B 314 -25.85 47.24 3.73
N VAL B 315 -25.24 46.07 3.93
CA VAL B 315 -23.89 45.90 4.45
C VAL B 315 -22.83 46.43 3.48
N PHE B 316 -22.88 45.98 2.23
CA PHE B 316 -21.85 46.34 1.27
C PHE B 316 -22.00 47.79 0.80
N ASN B 317 -23.21 48.23 0.55
CA ASN B 317 -23.45 49.60 0.14
C ASN B 317 -23.67 50.54 1.34
N ALA B 318 -23.22 50.16 2.53
CA ALA B 318 -23.22 51.09 3.65
C ALA B 318 -22.14 52.15 3.47
N THR B 319 -22.37 53.31 4.08
CA THR B 319 -21.44 54.42 3.94
C THR B 319 -20.32 54.34 4.97
N LYS B 320 -20.67 54.34 6.25
CA LYS B 320 -19.69 54.44 7.33
C LYS B 320 -19.13 53.07 7.65
N PHE B 321 -17.97 52.76 7.07
CA PHE B 321 -17.21 51.61 7.52
C PHE B 321 -16.18 52.04 8.56
N PRO B 322 -16.01 51.30 9.64
CA PRO B 322 -14.98 51.67 10.62
C PRO B 322 -13.57 51.33 10.18
N SER B 323 -12.61 51.53 11.09
CA SER B 323 -11.21 51.32 10.76
C SER B 323 -10.83 49.84 10.89
N VAL B 324 -9.53 49.58 10.73
CA VAL B 324 -9.04 48.20 10.72
C VAL B 324 -9.09 47.62 12.13
N TYR B 325 -8.68 48.42 13.12
CA TYR B 325 -8.62 47.92 14.49
C TYR B 325 -10.01 47.79 15.11
N ALA B 326 -10.96 48.61 14.65
CA ALA B 326 -12.30 48.64 15.24
C ALA B 326 -13.37 48.18 14.26
N TRP B 327 -13.10 47.14 13.48
CA TRP B 327 -14.03 46.57 12.53
C TRP B 327 -15.29 46.05 13.22
N GLU B 328 -16.43 46.12 12.53
CA GLU B 328 -17.71 45.76 13.10
C GLU B 328 -18.17 44.43 12.53
N ARG B 329 -18.57 43.51 13.40
CA ARG B 329 -19.17 42.24 12.99
C ARG B 329 -20.68 42.37 13.05
N LYS B 330 -21.33 42.27 11.90
CA LYS B 330 -22.77 42.46 11.78
C LYS B 330 -23.45 41.11 11.56
N LYS B 331 -24.31 40.72 12.50
CA LYS B 331 -24.97 39.43 12.43
C LYS B 331 -26.15 39.47 11.48
N ILE B 332 -26.29 38.43 10.67
CA ILE B 332 -27.42 38.24 9.78
C ILE B 332 -28.35 37.20 10.40
N SER B 333 -29.61 37.58 10.59
CA SER B 333 -30.56 36.77 11.35
C SER B 333 -31.79 36.47 10.52
N ASN B 334 -32.07 35.19 10.35
CA ASN B 334 -33.30 34.63 9.77
C ASN B 334 -33.63 35.17 8.37
N CYS B 335 -32.62 35.50 7.58
CA CYS B 335 -32.84 36.15 6.30
C CYS B 335 -32.21 35.32 5.18
N VAL B 336 -32.98 35.10 4.12
CA VAL B 336 -32.51 34.36 2.95
C VAL B 336 -31.51 35.22 2.20
N ALA B 337 -30.23 34.89 2.31
CA ALA B 337 -29.19 35.63 1.62
C ALA B 337 -28.95 35.00 0.26
N ASP B 338 -29.57 35.59 -0.77
CA ASP B 338 -29.28 35.19 -2.14
C ASP B 338 -27.98 35.81 -2.59
N TYR B 339 -26.98 34.99 -2.89
CA TYR B 339 -25.72 35.46 -3.42
C TYR B 339 -25.87 35.66 -4.93
N SER B 340 -24.77 36.01 -5.61
CA SER B 340 -24.60 36.32 -7.03
C SER B 340 -25.22 37.67 -7.41
N VAL B 341 -25.97 38.29 -6.50
CA VAL B 341 -26.18 39.73 -6.53
C VAL B 341 -24.83 40.31 -6.13
N LEU B 342 -24.17 39.60 -5.22
CA LEU B 342 -22.85 39.97 -4.73
C LEU B 342 -21.76 39.58 -5.72
N TYR B 343 -21.90 38.42 -6.35
CA TYR B 343 -20.76 37.78 -7.00
C TYR B 343 -20.51 38.14 -8.46
N ASN B 344 -21.50 37.92 -9.34
CA ASN B 344 -21.19 37.87 -10.76
C ASN B 344 -20.95 39.26 -11.36
N SER B 345 -21.66 40.26 -10.87
CA SER B 345 -21.34 41.65 -11.20
C SER B 345 -20.06 42.02 -10.46
N THR B 346 -18.98 42.27 -11.21
CA THR B 346 -17.66 42.48 -10.62
C THR B 346 -17.59 43.89 -10.07
N PHE B 347 -18.00 44.02 -8.80
CA PHE B 347 -17.69 45.23 -8.04
C PHE B 347 -16.33 45.11 -7.38
N PHE B 348 -15.85 43.89 -7.18
CA PHE B 348 -14.76 43.61 -6.26
C PHE B 348 -13.47 43.38 -7.03
N SER B 349 -12.40 44.04 -6.57
CA SER B 349 -11.08 43.84 -7.17
C SER B 349 -10.55 42.45 -6.87
N THR B 350 -10.75 41.98 -5.64
CA THR B 350 -10.27 40.67 -5.21
C THR B 350 -11.41 39.95 -4.50
N PHE B 351 -12.10 39.10 -5.24
CA PHE B 351 -13.02 38.14 -4.66
C PHE B 351 -12.29 36.79 -4.55
N LYS B 352 -12.32 36.21 -3.35
CA LYS B 352 -11.50 35.03 -3.09
C LYS B 352 -12.14 34.25 -1.94
N CYS B 353 -12.71 33.09 -2.26
CA CYS B 353 -13.35 32.24 -1.25
C CYS B 353 -12.31 31.42 -0.50
N TYR B 354 -12.76 30.81 0.59
CA TYR B 354 -11.99 29.82 1.33
C TYR B 354 -12.91 28.70 1.76
N GLY B 355 -12.56 27.46 1.41
CA GLY B 355 -13.40 26.33 1.72
C GLY B 355 -14.59 26.22 0.80
N VAL B 356 -15.54 27.14 0.95
CA VAL B 356 -16.72 27.20 0.09
C VAL B 356 -16.30 27.71 -1.28
N SER B 357 -17.20 27.60 -2.25
CA SER B 357 -16.97 28.18 -3.57
C SER B 357 -18.23 28.91 -4.00
N ALA B 358 -18.06 29.95 -4.81
CA ALA B 358 -19.08 30.98 -4.95
C ALA B 358 -20.29 30.50 -5.75
N THR B 359 -20.11 29.53 -6.65
CA THR B 359 -21.22 29.10 -7.48
C THR B 359 -22.18 28.23 -6.68
N LYS B 360 -21.66 27.32 -5.87
CA LYS B 360 -22.48 26.56 -4.95
C LYS B 360 -22.65 27.23 -3.60
N LEU B 361 -22.29 28.50 -3.47
CA LEU B 361 -22.46 29.21 -2.22
C LEU B 361 -23.93 29.49 -1.93
N ASN B 362 -24.76 29.51 -2.98
CA ASN B 362 -26.21 29.63 -2.85
C ASN B 362 -26.81 28.41 -2.18
N ASP B 363 -26.51 27.23 -2.72
CA ASP B 363 -27.25 26.00 -2.46
C ASP B 363 -27.25 25.54 -1.00
N LEU B 364 -26.16 25.74 -0.29
CA LEU B 364 -26.07 25.27 1.08
C LEU B 364 -26.52 26.36 2.05
N CYS B 365 -27.09 25.94 3.17
CA CYS B 365 -27.52 26.86 4.21
C CYS B 365 -26.39 27.11 5.20
N PHE B 366 -26.51 28.22 5.92
CA PHE B 366 -25.58 28.55 6.99
C PHE B 366 -26.38 28.97 8.21
N SER B 367 -25.85 28.61 9.39
CA SER B 367 -26.57 28.83 10.64
C SER B 367 -26.62 30.30 11.01
N ASN B 368 -25.50 31.00 10.84
CA ASN B 368 -25.40 32.45 10.88
C ASN B 368 -24.21 32.85 10.03
N VAL B 369 -24.33 33.99 9.35
CA VAL B 369 -23.19 34.54 8.63
C VAL B 369 -22.87 35.90 9.23
N TYR B 370 -21.58 36.23 9.23
CA TYR B 370 -21.11 37.45 9.84
C TYR B 370 -20.27 38.23 8.84
N ALA B 371 -20.41 39.55 8.88
CA ALA B 371 -19.74 40.45 7.94
C ALA B 371 -18.77 41.32 8.74
N ASP B 372 -17.50 41.28 8.37
CA ASP B 372 -16.46 42.02 9.06
C ASP B 372 -15.93 43.09 8.11
N SER B 373 -16.33 44.35 8.34
CA SER B 373 -16.21 45.39 7.33
C SER B 373 -15.23 46.47 7.79
N PHE B 374 -14.19 46.70 6.99
CA PHE B 374 -13.13 47.64 7.31
C PHE B 374 -12.32 47.92 6.05
N VAL B 375 -11.47 48.95 6.10
CA VAL B 375 -10.82 49.54 4.92
C VAL B 375 -9.31 49.48 5.09
N VAL B 376 -8.62 48.84 4.13
CA VAL B 376 -7.19 48.61 4.22
C VAL B 376 -6.49 49.08 2.95
N LYS B 377 -5.18 48.81 2.90
CA LYS B 377 -4.27 49.13 1.81
C LYS B 377 -4.33 48.03 0.75
N GLY B 378 -3.88 48.35 -0.46
CA GLY B 378 -3.93 47.39 -1.56
C GLY B 378 -2.98 46.22 -1.39
N ASP B 379 -1.84 46.45 -0.73
CA ASP B 379 -1.00 45.33 -0.32
C ASP B 379 -1.69 44.52 0.76
N ASP B 380 -2.47 45.19 1.62
CA ASP B 380 -3.15 44.51 2.71
C ASP B 380 -4.42 43.80 2.24
N VAL B 381 -4.82 43.99 0.99
CA VAL B 381 -5.87 43.17 0.39
C VAL B 381 -5.45 41.72 0.36
N ARG B 382 -4.21 41.46 -0.05
CA ARG B 382 -3.68 40.10 -0.03
C ARG B 382 -3.45 39.60 1.39
N GLN B 383 -3.21 40.53 2.32
CA GLN B 383 -2.79 40.11 3.65
C GLN B 383 -3.96 39.67 4.51
N ILE B 384 -5.19 40.05 4.15
CA ILE B 384 -6.36 39.55 4.85
C ILE B 384 -6.63 38.15 4.33
N ALA B 385 -6.08 37.16 5.04
CA ALA B 385 -5.98 35.78 4.58
C ALA B 385 -5.53 34.92 5.75
N PRO B 386 -5.73 33.61 5.68
CA PRO B 386 -5.04 32.73 6.64
C PRO B 386 -3.53 32.78 6.44
N GLY B 387 -2.80 32.64 7.54
CA GLY B 387 -1.37 32.86 7.47
C GLY B 387 -1.06 34.34 7.35
N GLN B 388 0.04 34.65 6.64
CA GLN B 388 0.49 36.02 6.35
C GLN B 388 0.70 36.83 7.62
N THR B 389 1.44 36.26 8.56
CA THR B 389 1.42 36.75 9.94
C THR B 389 2.24 38.03 10.12
N GLY B 390 3.41 38.11 9.47
CA GLY B 390 4.39 39.12 9.82
C GLY B 390 4.02 40.55 9.45
N VAL B 391 3.01 40.72 8.60
CA VAL B 391 2.55 42.05 8.21
C VAL B 391 1.70 42.65 9.33
N ILE B 392 1.36 43.92 9.18
CA ILE B 392 0.74 44.68 10.26
C ILE B 392 -0.79 44.63 10.21
N ALA B 393 -1.38 44.49 9.01
CA ALA B 393 -2.84 44.46 8.93
C ALA B 393 -3.39 43.13 9.43
N ASP B 394 -2.71 42.03 9.12
CA ASP B 394 -3.06 40.73 9.69
C ASP B 394 -2.75 40.68 11.18
N TYR B 395 -1.81 41.51 11.63
CA TYR B 395 -1.53 41.72 13.05
C TYR B 395 -2.66 42.47 13.74
N ASN B 396 -3.56 43.12 12.98
CA ASN B 396 -4.78 43.73 13.50
C ASN B 396 -6.02 42.87 13.28
N TYR B 397 -6.15 42.24 12.12
CA TYR B 397 -7.30 41.38 11.83
C TYR B 397 -6.76 40.04 11.35
N LYS B 398 -6.90 39.02 12.18
CA LYS B 398 -6.34 37.71 11.93
C LYS B 398 -7.43 36.75 11.48
N LEU B 399 -7.21 36.09 10.35
CA LEU B 399 -8.13 35.06 9.89
C LEU B 399 -7.47 33.70 10.06
N PRO B 400 -8.11 32.74 10.72
CA PRO B 400 -7.41 31.51 11.11
C PRO B 400 -7.30 30.53 9.96
N ASP B 401 -6.43 29.54 10.17
CA ASP B 401 -6.31 28.44 9.21
C ASP B 401 -7.48 27.48 9.32
N ASP B 402 -8.08 27.36 10.50
CA ASP B 402 -9.12 26.37 10.75
C ASP B 402 -10.44 26.82 10.16
N PHE B 403 -10.99 27.91 10.67
CA PHE B 403 -12.26 28.43 10.20
C PHE B 403 -12.04 29.47 9.12
N MET B 404 -12.97 29.54 8.19
CA MET B 404 -12.69 30.28 6.96
C MET B 404 -14.01 30.66 6.29
N GLY B 405 -13.96 31.78 5.57
CA GLY B 405 -15.12 32.27 4.84
C GLY B 405 -14.77 32.84 3.49
N CYS B 406 -15.18 34.09 3.25
CA CYS B 406 -14.95 34.76 1.98
C CYS B 406 -14.46 36.18 2.25
N VAL B 407 -13.38 36.58 1.56
CA VAL B 407 -12.78 37.90 1.73
C VAL B 407 -13.07 38.73 0.48
N LEU B 408 -13.64 39.92 0.68
CA LEU B 408 -14.20 40.72 -0.42
C LEU B 408 -13.68 42.15 -0.37
N ALA B 409 -12.74 42.48 -1.26
CA ALA B 409 -12.18 43.82 -1.33
C ALA B 409 -12.56 44.49 -2.64
N TRP B 410 -12.74 45.82 -2.59
CA TRP B 410 -13.10 46.57 -3.78
C TRP B 410 -12.60 48.00 -3.66
N ASN B 411 -12.36 48.63 -4.81
CA ASN B 411 -11.62 49.90 -4.84
C ASN B 411 -12.52 51.08 -4.49
N THR B 412 -11.97 52.02 -3.73
CA THR B 412 -12.67 53.23 -3.32
C THR B 412 -11.77 54.45 -3.52
N ARG B 413 -11.18 54.56 -4.71
CA ARG B 413 -10.47 55.77 -5.09
C ARG B 413 -11.38 56.99 -5.14
N ASN B 414 -12.65 56.79 -5.50
CA ASN B 414 -13.56 57.92 -5.69
C ASN B 414 -14.06 58.46 -4.36
N ILE B 415 -14.41 57.57 -3.43
CA ILE B 415 -15.12 57.99 -2.23
C ILE B 415 -14.14 58.34 -1.12
N ASP B 416 -13.35 57.37 -0.68
CA ASP B 416 -12.50 57.55 0.50
C ASP B 416 -11.25 58.37 0.18
N ALA B 417 -10.65 58.13 -0.99
CA ALA B 417 -9.38 58.77 -1.34
C ALA B 417 -9.65 60.22 -1.75
N THR B 418 -9.80 61.07 -0.74
CA THR B 418 -9.96 62.51 -0.95
C THR B 418 -8.63 63.10 -1.43
N SER B 419 -8.73 64.13 -2.27
CA SER B 419 -7.53 64.73 -2.87
C SER B 419 -6.68 65.45 -1.83
N THR B 420 -7.29 65.88 -0.73
CA THR B 420 -6.54 66.62 0.29
C THR B 420 -6.14 65.75 1.48
N GLY B 421 -6.69 64.55 1.61
CA GLY B 421 -6.32 63.66 2.69
C GLY B 421 -7.54 62.99 3.30
N ASN B 422 -7.31 61.87 3.97
CA ASN B 422 -8.39 61.11 4.60
C ASN B 422 -7.80 60.43 5.84
N TYR B 423 -7.93 61.10 6.98
CA TYR B 423 -7.34 60.66 8.24
C TYR B 423 -8.40 60.20 9.23
N ASN B 424 -9.47 59.60 8.74
CA ASN B 424 -10.46 58.99 9.61
C ASN B 424 -10.08 57.56 9.97
N TYR B 425 -9.33 56.90 9.09
CA TYR B 425 -8.99 55.49 9.26
C TYR B 425 -7.60 55.35 9.88
N LYS B 426 -7.49 54.46 10.87
CA LYS B 426 -6.23 54.19 11.55
C LYS B 426 -6.10 52.69 11.74
N TYR B 427 -4.91 52.26 12.18
CA TYR B 427 -4.67 50.87 12.57
C TYR B 427 -3.47 50.84 13.50
N ARG B 428 -3.45 49.86 14.39
CA ARG B 428 -2.34 49.70 15.32
C ARG B 428 -1.13 49.12 14.59
N TYR B 429 0.06 49.59 14.95
CA TYR B 429 1.29 48.98 14.45
C TYR B 429 2.23 48.49 15.53
N LEU B 430 1.90 48.72 16.80
CA LEU B 430 2.64 48.17 17.93
C LEU B 430 1.66 47.65 18.99
N ARG B 431 1.92 46.46 19.49
CA ARG B 431 1.08 45.83 20.51
C ARG B 431 1.89 44.76 21.22
N HIS B 432 1.64 44.59 22.51
CA HIS B 432 2.24 43.54 23.31
C HIS B 432 1.78 42.19 22.78
N GLY B 433 2.67 41.47 22.10
CA GLY B 433 2.32 40.18 21.55
C GLY B 433 1.52 40.30 20.27
N LYS B 434 0.64 39.33 20.01
CA LYS B 434 -0.15 39.28 18.80
C LYS B 434 -1.62 39.24 19.14
N LEU B 435 -2.46 39.14 18.12
CA LEU B 435 -3.89 38.98 18.29
C LEU B 435 -4.33 37.58 17.89
N ARG B 436 -5.26 37.03 18.67
CA ARG B 436 -5.94 35.79 18.30
C ARG B 436 -6.86 36.06 17.11
N PRO B 437 -7.18 35.02 16.33
CA PRO B 437 -8.07 35.24 15.17
C PRO B 437 -9.50 35.55 15.58
N PHE B 438 -10.16 36.37 14.75
CA PHE B 438 -11.47 36.99 15.02
C PHE B 438 -11.48 37.71 16.36
N GLU B 439 -10.44 38.49 16.60
CA GLU B 439 -10.27 39.14 17.88
C GLU B 439 -9.37 40.36 17.71
N ARG B 440 -9.75 41.46 18.35
CA ARG B 440 -9.18 42.76 18.03
C ARG B 440 -9.06 43.58 19.30
N ASP B 441 -8.43 44.74 19.17
CA ASP B 441 -8.26 45.69 20.27
C ASP B 441 -8.58 47.08 19.76
N ILE B 442 -9.77 47.59 20.12
CA ILE B 442 -10.16 48.93 19.72
C ILE B 442 -9.42 49.97 20.56
N SER B 443 -9.03 49.59 21.77
CA SER B 443 -8.55 50.53 22.78
C SER B 443 -7.22 51.19 22.38
N ASN B 444 -7.14 52.50 22.62
CA ASN B 444 -5.97 53.30 22.30
C ASN B 444 -5.07 53.34 23.52
N VAL B 445 -4.40 52.22 23.76
CA VAL B 445 -3.50 52.08 24.91
C VAL B 445 -2.15 52.69 24.54
N PRO B 446 -1.60 53.63 25.33
CA PRO B 446 -0.28 54.20 25.03
C PRO B 446 0.83 53.17 25.15
N PHE B 447 1.44 52.83 24.01
CA PHE B 447 2.33 51.69 23.96
C PHE B 447 3.71 52.02 24.51
N SER B 448 4.33 51.03 25.14
CA SER B 448 5.71 51.06 25.57
C SER B 448 6.31 49.70 25.22
N PRO B 449 7.58 49.66 24.81
CA PRO B 449 8.17 48.36 24.49
C PRO B 449 8.49 47.50 25.71
N ASP B 450 8.60 48.10 26.89
CA ASP B 450 8.96 47.31 28.08
C ASP B 450 7.72 46.81 28.81
N GLY B 451 6.65 47.61 28.82
CA GLY B 451 5.43 47.21 29.50
C GLY B 451 4.96 48.20 30.54
N LYS B 452 5.80 49.18 30.85
CA LYS B 452 5.42 50.23 31.78
C LYS B 452 4.36 51.13 31.17
N PRO B 453 3.52 51.75 32.01
CA PRO B 453 2.62 52.79 31.48
C PRO B 453 3.39 54.05 31.14
N CYS B 454 2.85 54.82 30.19
CA CYS B 454 3.52 55.98 29.64
C CYS B 454 2.66 57.23 29.67
N THR B 455 3.30 58.33 29.30
CA THR B 455 2.70 59.61 28.90
C THR B 455 3.62 60.22 27.85
N PRO B 456 3.17 60.33 26.60
CA PRO B 456 4.05 60.81 25.52
C PRO B 456 4.34 62.29 25.65
N PRO B 457 5.38 62.82 24.98
CA PRO B 457 6.38 62.25 24.06
C PRO B 457 7.67 61.79 24.74
N ALA B 458 7.56 61.02 25.81
CA ALA B 458 8.75 60.56 26.53
C ALA B 458 9.50 59.49 25.73
N LEU B 459 10.63 59.05 26.27
CA LEU B 459 11.48 58.08 25.60
C LEU B 459 10.79 56.73 25.50
N ASN B 460 10.57 56.28 24.25
CA ASN B 460 9.90 55.02 23.91
C ASN B 460 8.50 54.94 24.51
N CYS B 461 7.68 55.95 24.21
CA CYS B 461 6.27 55.98 24.59
C CYS B 461 5.50 56.46 23.35
N TYR B 462 5.11 55.51 22.51
CA TYR B 462 4.49 55.80 21.23
C TYR B 462 2.99 55.56 21.28
N TRP B 463 2.28 56.23 20.37
CA TRP B 463 0.88 55.90 20.17
C TRP B 463 0.76 54.71 19.23
N PRO B 464 -0.16 53.78 19.51
CA PRO B 464 -0.24 52.57 18.69
C PRO B 464 -0.82 52.81 17.31
N LEU B 465 -1.71 53.78 17.17
CA LEU B 465 -2.40 53.98 15.90
C LEU B 465 -1.51 54.72 14.91
N ASN B 466 -1.84 54.57 13.63
CA ASN B 466 -1.07 55.15 12.56
C ASN B 466 -1.86 56.27 11.89
N ASP B 467 -1.17 57.37 11.57
CA ASP B 467 -1.76 58.45 10.79
C ASP B 467 -1.86 57.95 9.36
N TYR B 468 -2.97 57.30 9.07
CA TYR B 468 -3.13 56.48 7.88
C TYR B 468 -4.03 57.21 6.88
N GLY B 469 -3.38 58.07 6.08
CA GLY B 469 -4.10 58.91 5.15
C GLY B 469 -4.12 58.36 3.73
N PHE B 470 -4.89 59.04 2.88
CA PHE B 470 -5.05 58.63 1.49
C PHE B 470 -5.05 59.83 0.57
N TYR B 471 -4.67 59.59 -0.68
CA TYR B 471 -4.76 60.58 -1.74
C TYR B 471 -5.13 59.86 -3.03
N THR B 472 -5.95 60.52 -3.84
CA THR B 472 -6.38 59.92 -5.11
C THR B 472 -5.26 59.95 -6.14
N THR B 473 -4.21 60.75 -5.92
CA THR B 473 -3.11 60.83 -6.86
C THR B 473 -2.10 59.72 -6.66
N THR B 474 -2.22 58.96 -5.56
CA THR B 474 -1.28 57.89 -5.29
C THR B 474 -1.56 56.70 -6.20
N GLY B 475 -0.64 55.73 -6.16
CA GLY B 475 -0.77 54.54 -6.96
C GLY B 475 -1.86 53.61 -6.45
N ILE B 476 -2.08 52.53 -7.22
CA ILE B 476 -3.11 51.55 -6.91
C ILE B 476 -2.76 50.79 -5.64
N GLY B 477 -1.46 50.65 -5.33
CA GLY B 477 -1.06 49.94 -4.13
C GLY B 477 -1.36 50.70 -2.85
N TYR B 478 -1.59 52.01 -2.95
CA TYR B 478 -1.90 52.83 -1.79
C TYR B 478 -3.36 53.29 -1.75
N GLN B 479 -4.20 52.81 -2.65
CA GLN B 479 -5.60 53.20 -2.65
C GLN B 479 -6.35 52.51 -1.52
N PRO B 480 -7.44 53.10 -1.01
CA PRO B 480 -8.21 52.41 0.04
C PRO B 480 -9.12 51.33 -0.55
N TYR B 481 -9.32 50.27 0.21
CA TYR B 481 -10.14 49.14 -0.21
C TYR B 481 -11.07 48.72 0.91
N ARG B 482 -12.37 48.92 0.72
CA ARG B 482 -13.38 48.48 1.67
C ARG B 482 -13.48 46.95 1.64
N VAL B 483 -13.09 46.30 2.74
CA VAL B 483 -13.00 44.85 2.80
C VAL B 483 -14.08 44.34 3.73
N VAL B 484 -14.96 43.50 3.21
CA VAL B 484 -15.96 42.81 4.02
C VAL B 484 -15.62 41.33 4.04
N VAL B 485 -15.44 40.80 5.25
CA VAL B 485 -15.07 39.40 5.45
C VAL B 485 -16.32 38.63 5.86
N LEU B 486 -16.71 37.67 5.02
CA LEU B 486 -17.93 36.89 5.25
C LEU B 486 -17.56 35.58 5.92
N SER B 487 -17.44 35.59 7.24
CA SER B 487 -17.29 34.34 7.96
C SER B 487 -18.64 33.65 8.04
N PHE B 488 -18.61 32.33 7.94
CA PHE B 488 -19.82 31.53 7.92
C PHE B 488 -19.92 30.75 9.22
N GLU B 489 -20.96 29.94 9.37
CA GLU B 489 -21.01 28.95 10.45
C GLU B 489 -21.22 27.58 9.85
N LEU B 490 -20.15 26.77 9.88
CA LEU B 490 -20.28 25.34 9.64
C LEU B 490 -20.89 24.65 10.85
N LEU B 491 -20.91 25.33 12.00
CA LEU B 491 -21.59 24.83 13.18
C LEU B 491 -23.10 24.84 12.93
N ASN B 492 -23.64 23.67 12.61
CA ASN B 492 -24.99 23.55 12.07
C ASN B 492 -26.02 23.71 13.18
N ALA B 493 -26.34 24.97 13.47
CA ALA B 493 -27.46 25.39 14.30
C ALA B 493 -28.68 25.46 13.40
N PRO B 494 -29.88 25.81 13.87
CA PRO B 494 -30.96 26.18 12.93
C PRO B 494 -30.54 27.32 12.00
N ALA B 495 -30.80 27.11 10.71
CA ALA B 495 -30.11 27.86 9.66
C ALA B 495 -30.71 29.25 9.46
N THR B 496 -29.90 30.12 8.85
CA THR B 496 -30.30 31.49 8.53
C THR B 496 -30.33 31.71 7.03
N VAL B 497 -29.21 31.49 6.34
CA VAL B 497 -29.14 31.73 4.91
C VAL B 497 -29.77 30.55 4.18
N CYS B 498 -30.51 30.82 3.11
CA CYS B 498 -31.07 29.76 2.29
C CYS B 498 -30.40 29.68 0.93
N GLY B 499 -30.24 30.80 0.21
CA GLY B 499 -29.89 30.76 -1.18
C GLY B 499 -30.98 30.05 -1.96
N PRO B 500 -32.10 30.74 -2.16
CA PRO B 500 -33.42 30.09 -2.09
C PRO B 500 -33.70 29.08 -3.19
N LYS B 501 -34.09 27.88 -2.76
CA LYS B 501 -34.77 26.92 -3.60
C LYS B 501 -36.14 26.68 -3.00
N LEU B 502 -37.09 26.27 -3.83
CA LEU B 502 -38.42 25.93 -3.32
C LEU B 502 -38.34 24.59 -2.61
N SER B 503 -38.93 24.50 -1.43
CA SER B 503 -38.79 23.32 -0.60
C SER B 503 -39.94 22.36 -0.86
N THR B 504 -39.62 21.13 -1.25
CA THR B 504 -40.64 20.14 -1.56
C THR B 504 -41.14 19.50 -0.27
N ASP B 505 -42.03 18.52 -0.44
CA ASP B 505 -42.55 17.76 0.69
C ASP B 505 -41.74 16.49 0.87
N LEU B 506 -41.49 16.12 2.12
CA LEU B 506 -40.71 14.92 2.39
C LEU B 506 -41.59 13.69 2.26
N ILE B 507 -40.96 12.59 1.88
CA ILE B 507 -41.68 11.35 1.57
C ILE B 507 -40.94 10.19 2.21
N LYS B 508 -41.71 9.15 2.58
CA LYS B 508 -41.14 7.97 3.21
C LYS B 508 -40.49 7.05 2.17
N ASN B 509 -40.79 7.30 0.89
CA ASN B 509 -40.30 6.59 -0.29
C ASN B 509 -38.80 6.34 -0.24
N GLN B 510 -38.38 5.12 -0.58
CA GLN B 510 -36.96 4.82 -0.61
C GLN B 510 -36.29 5.57 -1.76
N CYS B 511 -34.99 5.83 -1.57
CA CYS B 511 -34.15 6.51 -2.54
C CYS B 511 -34.65 7.89 -2.91
N VAL B 512 -34.48 8.84 -2.00
CA VAL B 512 -34.76 10.23 -2.29
C VAL B 512 -33.45 11.01 -2.20
N ASN B 513 -33.18 11.85 -3.20
CA ASN B 513 -32.06 12.78 -3.11
C ASN B 513 -32.38 13.89 -2.12
N PHE B 514 -32.19 13.59 -0.83
CA PHE B 514 -32.56 14.57 0.18
C PHE B 514 -31.52 15.69 0.21
N ASN B 515 -32.02 16.92 0.23
CA ASN B 515 -31.19 18.11 0.40
C ASN B 515 -31.80 18.85 1.57
N PHE B 516 -31.33 18.54 2.76
CA PHE B 516 -31.62 19.39 3.91
C PHE B 516 -30.65 20.55 3.92
N ASN B 517 -30.57 21.23 5.07
CA ASN B 517 -29.83 22.47 5.25
C ASN B 517 -28.38 22.42 4.76
N GLY B 518 -27.67 21.35 5.09
CA GLY B 518 -26.32 21.19 4.59
C GLY B 518 -25.99 19.76 4.21
N LEU B 519 -27.02 18.97 3.89
CA LEU B 519 -26.85 17.56 3.61
C LEU B 519 -27.35 17.25 2.21
N THR B 520 -26.44 17.31 1.23
CA THR B 520 -26.78 16.92 -0.13
C THR B 520 -26.50 15.44 -0.33
N GLY B 521 -27.02 14.59 0.55
CA GLY B 521 -26.88 13.16 0.42
C GLY B 521 -28.02 12.56 -0.38
N THR B 522 -28.10 11.24 -0.32
CA THR B 522 -29.23 10.52 -0.92
C THR B 522 -29.53 9.30 -0.07
N GLY B 523 -30.80 8.89 -0.08
CA GLY B 523 -31.18 7.76 0.74
C GLY B 523 -32.65 7.61 1.01
N VAL B 524 -32.98 6.95 2.12
CA VAL B 524 -34.36 6.53 2.41
C VAL B 524 -34.80 7.32 3.64
N LEU B 525 -35.72 8.25 3.45
CA LEU B 525 -36.25 8.97 4.59
C LEU B 525 -37.26 8.09 5.32
N THR B 526 -37.09 7.97 6.62
CA THR B 526 -37.89 7.05 7.43
C THR B 526 -38.04 7.63 8.83
N PRO B 527 -39.26 7.74 9.37
CA PRO B 527 -39.41 8.31 10.71
C PRO B 527 -38.89 7.38 11.79
N SER B 528 -38.33 7.97 12.85
CA SER B 528 -37.57 7.22 13.84
C SER B 528 -37.87 7.69 15.25
N SER B 529 -37.62 6.80 16.22
CA SER B 529 -37.76 7.13 17.64
C SER B 529 -36.38 7.39 18.23
N LYS B 530 -35.85 8.57 17.91
CA LYS B 530 -34.58 9.03 18.44
C LYS B 530 -34.85 10.38 19.12
N ARG B 531 -34.11 10.68 20.18
CA ARG B 531 -34.66 11.60 21.18
C ARG B 531 -34.43 13.07 20.82
N PHE B 532 -33.19 13.44 20.48
CA PHE B 532 -32.86 14.78 19.99
C PHE B 532 -33.19 15.94 20.93
N GLN B 533 -32.40 16.11 21.98
CA GLN B 533 -32.38 17.37 22.74
C GLN B 533 -32.30 18.56 21.80
N PRO B 534 -33.06 19.64 22.05
CA PRO B 534 -33.33 20.65 20.99
C PRO B 534 -32.15 21.48 20.51
N PHE B 535 -30.98 21.32 21.10
CA PHE B 535 -29.80 22.02 20.59
C PHE B 535 -28.97 21.16 19.64
N GLN B 536 -29.47 19.99 19.24
CA GLN B 536 -28.79 19.17 18.24
C GLN B 536 -29.82 18.70 17.21
N GLN B 537 -29.40 18.70 15.95
CA GLN B 537 -30.34 18.39 14.90
C GLN B 537 -29.76 17.49 13.80
N PHE B 538 -28.52 17.03 13.92
CA PHE B 538 -27.98 15.98 13.07
C PHE B 538 -27.68 14.78 13.96
N GLY B 539 -27.97 13.58 13.46
CA GLY B 539 -27.62 12.38 14.19
C GLY B 539 -26.57 11.58 13.44
N ARG B 540 -25.59 11.09 14.19
CA ARG B 540 -24.57 10.20 13.65
C ARG B 540 -24.55 8.95 14.51
N ASP B 541 -24.12 7.84 13.90
CA ASP B 541 -24.25 6.55 14.56
C ASP B 541 -22.93 5.97 15.00
N VAL B 542 -22.01 5.71 14.09
CA VAL B 542 -20.74 5.11 14.46
C VAL B 542 -19.60 5.86 13.79
N SER B 543 -19.90 6.63 12.75
CA SER B 543 -18.87 7.18 11.89
C SER B 543 -19.31 8.49 11.26
N ASP B 544 -18.62 8.82 10.18
CA ASP B 544 -18.72 10.04 9.38
C ASP B 544 -20.13 10.37 8.91
N PHE B 545 -20.92 9.35 8.58
CA PHE B 545 -22.17 9.57 7.88
C PHE B 545 -23.28 9.98 8.83
N THR B 546 -24.10 10.93 8.39
CA THR B 546 -25.25 11.39 9.15
C THR B 546 -26.34 10.32 9.11
N ASP B 547 -26.72 9.83 10.29
CA ASP B 547 -27.71 8.76 10.38
C ASP B 547 -29.13 9.31 10.40
N SER B 548 -29.39 10.32 11.23
CA SER B 548 -30.73 10.82 11.42
C SER B 548 -30.76 12.34 11.43
N VAL B 549 -31.85 12.90 10.93
CA VAL B 549 -32.03 14.35 10.93
C VAL B 549 -33.41 14.66 11.52
N ARG B 550 -33.48 15.73 12.32
CA ARG B 550 -34.74 16.38 12.64
C ARG B 550 -35.03 17.37 11.52
N ASP B 551 -36.23 17.27 10.96
CA ASP B 551 -36.63 18.08 9.81
C ASP B 551 -36.67 19.57 10.18
N PRO B 552 -36.20 20.46 9.31
CA PRO B 552 -36.16 21.87 9.69
C PRO B 552 -37.52 22.55 9.67
N LYS B 553 -38.44 22.13 8.80
CA LYS B 553 -39.77 22.72 8.79
C LYS B 553 -40.62 22.21 9.95
N THR B 554 -40.83 20.91 10.02
CA THR B 554 -41.86 20.34 10.88
C THR B 554 -41.33 19.78 12.19
N SER B 555 -40.01 19.80 12.39
CA SER B 555 -39.34 19.24 13.58
C SER B 555 -39.66 17.77 13.78
N GLU B 556 -39.84 17.04 12.69
CA GLU B 556 -40.07 15.61 12.74
C GLU B 556 -38.74 14.89 12.76
N ILE B 557 -38.64 13.89 13.62
CA ILE B 557 -37.42 13.13 13.83
C ILE B 557 -37.44 11.92 12.93
N LEU B 558 -36.46 11.82 12.04
CA LEU B 558 -36.42 10.77 11.02
C LEU B 558 -34.99 10.29 10.83
N ASP B 559 -34.82 8.99 10.63
CA ASP B 559 -33.49 8.45 10.35
C ASP B 559 -33.35 8.09 8.89
N ILE B 560 -32.11 8.12 8.40
CA ILE B 560 -31.82 7.94 6.99
C ILE B 560 -31.16 6.58 6.82
N SER B 561 -31.72 5.78 5.95
CA SER B 561 -31.07 4.61 5.43
C SER B 561 -30.62 4.90 4.01
N PRO B 562 -29.50 4.35 3.57
CA PRO B 562 -29.03 4.63 2.20
C PRO B 562 -29.88 3.89 1.17
N CYS B 563 -29.66 4.25 -0.08
CA CYS B 563 -30.24 3.51 -1.19
C CYS B 563 -29.71 2.08 -1.20
N SER B 564 -30.63 1.13 -1.24
CA SER B 564 -30.38 -0.21 -0.75
C SER B 564 -29.44 -0.98 -1.66
N PHE B 565 -28.15 -0.70 -1.52
CA PHE B 565 -27.10 -1.21 -2.37
C PHE B 565 -26.76 -2.65 -2.04
N GLY B 566 -25.66 -3.11 -2.63
CA GLY B 566 -25.24 -4.48 -2.50
C GLY B 566 -24.54 -4.91 -3.77
N GLY B 567 -24.13 -6.17 -3.77
CA GLY B 567 -23.51 -6.75 -4.94
C GLY B 567 -24.44 -7.68 -5.68
N VAL B 568 -24.36 -7.63 -7.01
CA VAL B 568 -25.11 -8.52 -7.88
C VAL B 568 -24.25 -9.73 -8.20
N SER B 569 -24.71 -10.89 -7.77
CA SER B 569 -24.07 -12.14 -8.14
C SER B 569 -24.99 -12.88 -9.08
N VAL B 570 -24.42 -13.69 -9.96
CA VAL B 570 -25.16 -14.33 -11.04
C VAL B 570 -24.81 -15.81 -11.13
N ILE B 571 -25.83 -16.67 -10.98
CA ILE B 571 -25.64 -18.10 -11.17
C ILE B 571 -25.69 -18.43 -12.66
N THR B 572 -24.69 -19.17 -13.13
CA THR B 572 -24.77 -19.77 -14.45
C THR B 572 -24.43 -21.24 -14.37
N PRO B 573 -25.13 -22.06 -15.12
CA PRO B 573 -24.59 -23.36 -15.51
C PRO B 573 -23.69 -23.20 -16.72
N GLY B 574 -23.28 -24.30 -17.33
CA GLY B 574 -22.47 -24.27 -18.53
C GLY B 574 -23.05 -23.48 -19.68
N THR B 575 -22.29 -22.49 -20.16
CA THR B 575 -22.71 -21.73 -21.33
C THR B 575 -22.71 -22.62 -22.58
N ASN B 576 -21.80 -23.60 -22.62
CA ASN B 576 -21.92 -24.66 -23.62
C ASN B 576 -23.09 -25.56 -23.32
N ALA B 577 -23.40 -25.77 -22.04
CA ALA B 577 -24.55 -26.58 -21.68
C ALA B 577 -25.85 -25.84 -21.95
N SER B 578 -25.97 -24.61 -21.45
CA SER B 578 -27.13 -23.80 -21.75
C SER B 578 -26.84 -22.31 -21.60
N SER B 579 -27.21 -21.52 -22.61
CA SER B 579 -27.23 -20.08 -22.48
C SER B 579 -28.49 -19.57 -21.81
N GLU B 580 -29.29 -20.48 -21.23
CA GLU B 580 -30.52 -20.15 -20.51
C GLU B 580 -30.22 -19.26 -19.32
N VAL B 581 -31.24 -18.53 -18.87
CA VAL B 581 -31.12 -17.28 -18.13
C VAL B 581 -30.27 -17.39 -16.86
N ALA B 582 -29.20 -16.60 -16.83
CA ALA B 582 -28.42 -16.41 -15.63
C ALA B 582 -29.30 -15.79 -14.56
N VAL B 583 -29.48 -16.50 -13.45
CA VAL B 583 -30.33 -16.02 -12.37
C VAL B 583 -29.42 -15.28 -11.40
N LEU B 584 -29.99 -14.37 -10.64
CA LEU B 584 -29.19 -13.28 -10.11
C LEU B 584 -29.26 -13.20 -8.59
N TYR B 585 -28.47 -12.29 -8.05
CA TYR B 585 -28.53 -11.95 -6.64
C TYR B 585 -28.68 -10.46 -6.44
N GLN B 586 -29.55 -10.13 -5.53
CA GLN B 586 -29.63 -8.80 -4.97
C GLN B 586 -29.51 -9.05 -3.49
N ASP B 587 -28.52 -8.43 -2.83
CA ASP B 587 -28.17 -8.80 -1.45
C ASP B 587 -28.99 -8.01 -0.43
N VAL B 588 -30.23 -7.74 -0.85
CA VAL B 588 -31.11 -6.68 -0.40
C VAL B 588 -32.40 -7.38 0.01
N ASN B 589 -33.22 -6.70 0.82
CA ASN B 589 -34.62 -7.04 0.99
C ASN B 589 -35.33 -7.10 -0.37
N CYS B 590 -36.21 -8.08 -0.52
CA CYS B 590 -36.66 -8.45 -1.87
C CYS B 590 -37.69 -7.46 -2.40
N THR B 591 -38.56 -6.95 -1.53
CA THR B 591 -39.61 -6.05 -2.00
C THR B 591 -39.05 -4.68 -2.33
N ASP B 592 -37.85 -4.37 -1.83
CA ASP B 592 -37.15 -3.18 -2.31
C ASP B 592 -36.60 -3.41 -3.70
N VAL B 593 -36.45 -4.68 -4.10
CA VAL B 593 -35.91 -5.00 -5.41
C VAL B 593 -37.03 -5.10 -6.44
N SER B 594 -38.09 -5.85 -6.09
CA SER B 594 -39.22 -6.07 -6.99
C SER B 594 -39.94 -4.76 -7.30
N THR B 595 -40.09 -3.90 -6.30
CA THR B 595 -40.65 -2.58 -6.56
C THR B 595 -39.64 -1.59 -7.14
N ALA B 596 -38.51 -2.07 -7.67
CA ALA B 596 -37.57 -1.23 -8.37
C ALA B 596 -37.11 -1.81 -9.70
N ILE B 597 -37.47 -3.05 -10.02
CA ILE B 597 -37.23 -3.59 -11.36
C ILE B 597 -38.43 -3.31 -12.25
N HIS B 598 -39.64 -3.28 -11.69
CA HIS B 598 -40.81 -2.84 -12.44
C HIS B 598 -40.75 -1.37 -12.80
N ALA B 599 -40.18 -0.52 -11.95
CA ALA B 599 -39.77 0.82 -12.31
C ALA B 599 -38.30 0.77 -12.73
N ASP B 600 -37.60 1.89 -12.88
CA ASP B 600 -36.22 1.86 -13.37
C ASP B 600 -35.19 2.28 -12.33
N GLN B 601 -35.35 1.86 -11.07
CA GLN B 601 -34.45 2.36 -10.03
C GLN B 601 -33.14 1.61 -9.93
N LEU B 602 -33.02 0.42 -10.51
CA LEU B 602 -31.70 -0.21 -10.46
C LEU B 602 -30.78 0.42 -11.48
N THR B 603 -29.50 0.48 -11.11
CA THR B 603 -28.54 0.89 -12.10
C THR B 603 -27.34 -0.05 -12.33
N PRO B 604 -27.55 -1.37 -12.37
CA PRO B 604 -26.94 -2.13 -13.46
C PRO B 604 -27.83 -2.15 -14.69
N ALA B 605 -29.15 -2.12 -14.48
CA ALA B 605 -30.15 -1.73 -15.47
C ALA B 605 -30.12 -2.59 -16.72
N TRP B 606 -30.45 -3.87 -16.55
CA TRP B 606 -30.46 -4.75 -17.70
C TRP B 606 -31.67 -4.49 -18.58
N ARG B 607 -31.48 -4.63 -19.88
CA ARG B 607 -32.47 -4.15 -20.84
C ARG B 607 -33.56 -5.18 -21.07
N ILE B 608 -33.20 -6.35 -21.61
CA ILE B 608 -34.20 -7.39 -21.81
C ILE B 608 -34.25 -8.20 -20.52
N TYR B 609 -34.96 -7.66 -19.55
CA TYR B 609 -34.96 -8.20 -18.22
C TYR B 609 -36.38 -8.10 -17.66
N SER B 610 -37.36 -8.61 -18.43
CA SER B 610 -38.74 -8.61 -17.96
C SER B 610 -38.96 -9.60 -16.82
N THR B 611 -38.03 -10.54 -16.65
CA THR B 611 -37.87 -11.28 -15.41
C THR B 611 -37.69 -10.31 -14.23
N GLY B 612 -38.22 -10.65 -13.05
CA GLY B 612 -38.60 -11.98 -12.63
C GLY B 612 -40.03 -12.45 -12.48
N ASN B 613 -40.13 -13.76 -12.30
CA ASN B 613 -41.32 -14.47 -11.88
C ASN B 613 -41.18 -15.02 -10.47
N ASN B 614 -39.95 -15.28 -10.04
CA ASN B 614 -39.66 -15.89 -8.75
C ASN B 614 -38.92 -14.90 -7.86
N VAL B 615 -39.19 -14.99 -6.56
CA VAL B 615 -38.63 -14.07 -5.56
C VAL B 615 -38.35 -14.87 -4.29
N PHE B 616 -37.15 -14.69 -3.73
CA PHE B 616 -36.78 -15.25 -2.44
C PHE B 616 -36.56 -14.13 -1.45
N GLN B 617 -36.32 -14.50 -0.20
CA GLN B 617 -35.80 -13.59 0.82
C GLN B 617 -34.69 -14.29 1.60
N THR B 618 -34.07 -15.28 0.96
CA THR B 618 -33.08 -16.12 1.62
C THR B 618 -31.84 -15.32 1.95
N GLN B 619 -31.38 -15.44 3.21
CA GLN B 619 -30.43 -14.59 3.93
C GLN B 619 -29.26 -14.06 3.10
N ALA B 620 -28.77 -14.88 2.18
CA ALA B 620 -27.77 -14.49 1.18
C ALA B 620 -28.22 -13.32 0.31
N GLY B 621 -29.51 -13.18 0.07
CA GLY B 621 -29.99 -12.09 -0.75
C GLY B 621 -31.42 -12.31 -1.20
N CYS B 622 -31.64 -12.18 -2.50
CA CYS B 622 -32.87 -12.62 -3.13
C CYS B 622 -32.61 -13.05 -4.57
N LEU B 623 -32.69 -14.36 -4.80
CA LEU B 623 -32.68 -14.89 -6.15
C LEU B 623 -33.89 -14.39 -6.92
N ILE B 624 -33.72 -14.28 -8.23
CA ILE B 624 -34.79 -13.77 -9.07
C ILE B 624 -35.20 -14.82 -10.09
N GLY B 625 -34.26 -15.31 -10.87
CA GLY B 625 -34.66 -16.25 -11.89
C GLY B 625 -34.77 -17.68 -11.41
N ALA B 626 -34.31 -17.97 -10.20
CA ALA B 626 -34.23 -19.34 -9.74
C ALA B 626 -35.52 -19.78 -9.08
N GLU B 627 -35.85 -21.06 -9.27
CA GLU B 627 -37.13 -21.61 -8.87
C GLU B 627 -36.99 -22.31 -7.52
N HIS B 628 -37.93 -22.05 -6.62
CA HIS B 628 -37.95 -22.75 -5.34
C HIS B 628 -38.47 -24.16 -5.52
N VAL B 629 -37.68 -25.14 -5.10
CA VAL B 629 -38.05 -26.54 -5.20
C VAL B 629 -37.91 -27.18 -3.83
N ASP B 630 -38.96 -27.88 -3.37
CA ASP B 630 -38.98 -28.38 -2.00
C ASP B 630 -38.02 -29.55 -1.79
N THR B 631 -37.70 -30.30 -2.85
CA THR B 631 -36.76 -31.39 -2.65
C THR B 631 -35.32 -30.84 -2.59
N SER B 632 -34.39 -31.73 -2.30
CA SER B 632 -33.11 -31.31 -1.76
C SER B 632 -32.04 -32.31 -2.15
N TYR B 633 -31.19 -31.94 -3.11
CA TYR B 633 -30.29 -32.90 -3.74
C TYR B 633 -28.92 -32.94 -3.09
N GLU B 634 -28.11 -31.89 -3.27
CA GLU B 634 -26.69 -31.84 -2.95
C GLU B 634 -26.25 -30.43 -3.33
N CYS B 635 -25.20 -29.88 -2.72
CA CYS B 635 -24.82 -28.53 -3.09
C CYS B 635 -24.08 -28.53 -4.41
N ASP B 636 -24.64 -27.83 -5.39
CA ASP B 636 -24.07 -27.75 -6.73
C ASP B 636 -23.35 -26.43 -6.95
N ILE B 637 -24.03 -25.31 -6.73
CA ILE B 637 -23.43 -23.99 -6.78
C ILE B 637 -23.77 -23.30 -5.48
N PRO B 638 -22.78 -22.90 -4.66
CA PRO B 638 -23.09 -22.36 -3.34
C PRO B 638 -23.72 -20.98 -3.42
N ILE B 639 -24.58 -20.69 -2.46
CA ILE B 639 -25.32 -19.45 -2.45
C ILE B 639 -25.06 -18.70 -1.16
N GLY B 640 -25.38 -19.34 -0.05
CA GLY B 640 -25.35 -18.68 1.23
C GLY B 640 -26.56 -19.10 2.02
N ALA B 641 -26.32 -19.38 3.30
CA ALA B 641 -27.33 -19.75 4.28
C ALA B 641 -28.10 -21.00 3.88
N GLY B 642 -27.35 -22.04 3.55
CA GLY B 642 -27.88 -23.38 3.46
C GLY B 642 -28.51 -23.74 2.13
N ILE B 643 -28.72 -22.80 1.25
CA ILE B 643 -29.30 -23.14 -0.04
C ILE B 643 -28.20 -23.18 -1.09
N CYS B 644 -28.37 -24.01 -2.10
CA CYS B 644 -27.46 -24.07 -3.23
C CYS B 644 -28.28 -24.14 -4.51
N ALA B 645 -27.75 -23.56 -5.58
CA ALA B 645 -28.45 -23.50 -6.86
C ALA B 645 -27.87 -24.55 -7.80
N SER B 646 -28.65 -24.89 -8.81
CA SER B 646 -28.28 -25.99 -9.70
C SER B 646 -28.97 -25.84 -11.04
N TYR B 647 -28.94 -26.91 -11.82
CA TYR B 647 -29.53 -26.93 -13.16
C TYR B 647 -30.31 -28.24 -13.31
N HIS B 648 -31.57 -28.23 -12.90
CA HIS B 648 -32.42 -29.41 -12.98
C HIS B 648 -33.79 -29.04 -13.53
N THR B 649 -34.71 -30.00 -13.58
CA THR B 649 -36.06 -29.74 -14.06
C THR B 649 -36.90 -29.06 -12.99
N LYS B 659 -35.22 -27.75 -18.76
CA LYS B 659 -34.18 -27.65 -17.74
C LYS B 659 -34.02 -26.22 -17.22
N SER B 660 -34.55 -25.96 -16.04
CA SER B 660 -34.48 -24.64 -15.44
C SER B 660 -33.32 -24.57 -14.46
N ILE B 661 -33.26 -23.48 -13.69
CA ILE B 661 -32.31 -23.35 -12.60
C ILE B 661 -33.05 -23.47 -11.29
N VAL B 662 -32.60 -24.41 -10.47
CA VAL B 662 -33.32 -24.88 -9.29
C VAL B 662 -32.64 -24.32 -8.05
N ALA B 663 -33.42 -23.65 -7.22
CA ALA B 663 -32.95 -23.19 -5.92
C ALA B 663 -33.58 -24.05 -4.84
N TYR B 664 -32.75 -24.46 -3.88
CA TYR B 664 -33.16 -25.45 -2.90
C TYR B 664 -32.22 -25.40 -1.71
N THR B 665 -32.75 -25.62 -0.51
CA THR B 665 -31.88 -25.89 0.62
C THR B 665 -31.25 -27.27 0.44
N MET B 666 -29.95 -27.35 0.72
CA MET B 666 -29.22 -28.54 0.34
C MET B 666 -29.38 -29.66 1.38
N SER B 667 -29.41 -30.88 0.88
CA SER B 667 -29.32 -32.06 1.72
C SER B 667 -27.87 -32.48 1.81
N LEU B 668 -27.43 -32.70 3.05
CA LEU B 668 -26.03 -32.95 3.34
C LEU B 668 -25.75 -34.40 2.99
N GLY B 669 -25.16 -34.64 1.82
CA GLY B 669 -24.89 -35.99 1.38
C GLY B 669 -26.14 -36.82 1.16
N ALA B 670 -26.39 -37.75 2.06
CA ALA B 670 -27.59 -38.57 2.04
C ALA B 670 -27.93 -39.06 3.44
N ASP B 671 -29.20 -39.01 3.82
CA ASP B 671 -29.58 -39.45 5.16
C ASP B 671 -29.49 -40.97 5.25
N SER B 672 -28.93 -41.44 6.36
CA SER B 672 -28.60 -42.85 6.51
C SER B 672 -29.12 -43.34 7.85
N SER B 673 -28.93 -44.63 8.11
CA SER B 673 -29.42 -45.23 9.33
C SER B 673 -28.62 -46.50 9.62
N ILE B 674 -28.07 -46.57 10.82
CA ILE B 674 -27.50 -47.80 11.36
C ILE B 674 -28.08 -48.01 12.76
N ALA B 675 -28.31 -49.26 13.13
CA ALA B 675 -28.94 -49.57 14.40
C ALA B 675 -27.88 -49.91 15.42
N TYR B 676 -27.81 -49.12 16.50
CA TYR B 676 -26.98 -49.52 17.64
C TYR B 676 -27.60 -50.75 18.30
N SER B 677 -26.75 -51.70 18.66
CA SER B 677 -27.21 -52.88 19.38
C SER B 677 -26.07 -53.37 20.27
N ASN B 678 -26.41 -53.95 21.42
CA ASN B 678 -25.38 -54.37 22.34
C ASN B 678 -24.68 -55.64 21.89
N ASN B 679 -25.29 -56.39 20.98
CA ASN B 679 -24.79 -57.71 20.61
C ASN B 679 -24.22 -57.78 19.21
N THR B 680 -24.87 -57.14 18.24
CA THR B 680 -24.50 -57.34 16.84
C THR B 680 -23.32 -56.45 16.47
N ILE B 681 -22.28 -57.06 15.91
CA ILE B 681 -21.20 -56.31 15.28
C ILE B 681 -21.33 -56.58 13.78
N ALA B 682 -20.89 -55.64 12.97
CA ALA B 682 -20.88 -55.82 11.52
C ALA B 682 -19.44 -55.74 11.07
N ILE B 683 -18.91 -56.85 10.54
CA ILE B 683 -17.54 -56.88 10.06
C ILE B 683 -17.57 -57.29 8.60
N PRO B 684 -16.66 -56.77 7.79
CA PRO B 684 -16.72 -57.00 6.35
C PRO B 684 -16.25 -58.38 5.95
N THR B 685 -16.89 -58.90 4.90
CA THR B 685 -16.43 -60.13 4.27
C THR B 685 -15.65 -59.87 3.00
N ASN B 686 -15.65 -58.64 2.49
CA ASN B 686 -15.06 -58.38 1.19
C ASN B 686 -14.63 -56.93 1.15
N PHE B 687 -13.77 -56.62 0.18
CA PHE B 687 -13.13 -55.32 0.11
C PHE B 687 -12.87 -54.96 -1.33
N SER B 688 -12.90 -53.66 -1.62
CA SER B 688 -12.67 -53.16 -2.96
C SER B 688 -11.49 -52.19 -2.91
N ILE B 689 -10.33 -52.64 -3.37
CA ILE B 689 -9.17 -51.75 -3.44
C ILE B 689 -9.41 -50.73 -4.53
N SER B 690 -9.66 -49.50 -4.11
CA SER B 690 -9.86 -48.38 -5.00
C SER B 690 -8.74 -47.38 -4.80
N ILE B 691 -8.28 -46.79 -5.88
CA ILE B 691 -7.27 -45.75 -5.79
C ILE B 691 -7.94 -44.42 -6.09
N THR B 692 -7.31 -43.35 -5.60
CA THR B 692 -7.95 -42.05 -5.58
C THR B 692 -6.91 -40.99 -5.89
N THR B 693 -7.19 -40.17 -6.88
CA THR B 693 -6.32 -39.04 -7.15
C THR B 693 -6.46 -37.99 -6.06
N GLU B 694 -5.32 -37.56 -5.53
CA GLU B 694 -5.31 -36.42 -4.63
C GLU B 694 -4.30 -35.42 -5.15
N VAL B 695 -4.79 -34.32 -5.69
CA VAL B 695 -3.93 -33.38 -6.41
C VAL B 695 -3.49 -32.29 -5.45
N MET B 696 -2.19 -32.02 -5.43
CA MET B 696 -1.56 -31.10 -4.48
C MET B 696 -0.68 -30.15 -5.26
N PRO B 697 -0.97 -28.86 -5.29
CA PRO B 697 -0.06 -27.91 -5.94
C PRO B 697 1.17 -27.67 -5.09
N VAL B 698 2.34 -27.66 -5.74
CA VAL B 698 3.57 -27.53 -5.00
C VAL B 698 4.33 -26.27 -5.38
N SER B 699 4.07 -25.74 -6.56
CA SER B 699 4.84 -24.58 -7.01
C SER B 699 3.93 -23.69 -7.82
N MET B 700 4.40 -22.49 -8.10
CA MET B 700 3.69 -21.58 -8.98
C MET B 700 4.69 -20.90 -9.89
N ALA B 701 4.22 -19.91 -10.64
CA ALA B 701 5.06 -19.23 -11.61
C ALA B 701 6.11 -18.39 -10.89
N LYS B 702 7.31 -18.37 -11.45
CA LYS B 702 8.45 -17.67 -10.88
C LYS B 702 8.60 -16.27 -11.41
N THR B 703 7.47 -15.60 -11.67
CA THR B 703 7.38 -14.23 -12.18
C THR B 703 8.28 -13.23 -11.47
N SER B 704 9.11 -12.51 -12.22
CA SER B 704 9.94 -11.48 -11.63
C SER B 704 9.86 -10.22 -12.47
N VAL B 705 9.02 -9.28 -12.06
CA VAL B 705 8.78 -8.06 -12.82
C VAL B 705 10.01 -7.14 -12.77
N ASP B 706 10.46 -6.72 -13.93
CA ASP B 706 11.57 -5.78 -14.04
C ASP B 706 11.04 -4.39 -13.75
N CYS B 707 11.09 -4.03 -12.47
CA CYS B 707 10.40 -2.91 -11.84
C CYS B 707 10.61 -1.57 -12.54
N ASN B 708 11.79 -1.33 -13.08
CA ASN B 708 12.02 -0.08 -13.78
C ASN B 708 11.40 -0.10 -15.16
N MET B 709 11.36 -1.26 -15.79
CA MET B 709 10.77 -1.38 -17.12
C MET B 709 9.25 -1.34 -17.04
N TYR B 710 8.68 -1.82 -15.94
CA TYR B 710 7.24 -1.77 -15.75
C TYR B 710 6.75 -0.34 -15.61
N ILE B 711 7.31 0.38 -14.64
CA ILE B 711 6.84 1.72 -14.29
C ILE B 711 7.08 2.69 -15.43
N CYS B 712 8.33 2.82 -15.85
CA CYS B 712 8.68 3.63 -17.00
C CYS B 712 9.96 3.15 -17.65
N GLY B 713 9.84 2.40 -18.75
CA GLY B 713 11.02 1.73 -19.29
C GLY B 713 11.65 2.49 -20.43
N ASP B 714 10.84 2.98 -21.36
CA ASP B 714 11.38 3.73 -22.49
C ASP B 714 11.89 5.11 -22.05
N SER B 715 11.34 5.64 -20.96
CA SER B 715 11.76 6.94 -20.47
C SER B 715 13.01 6.80 -19.61
N THR B 716 13.79 7.88 -19.59
CA THR B 716 14.91 8.02 -18.67
C THR B 716 14.77 9.22 -17.76
N GLU B 717 13.81 10.10 -18.04
CA GLU B 717 13.51 11.20 -17.12
C GLU B 717 12.61 10.72 -16.00
N CYS B 718 11.78 9.72 -16.28
CA CYS B 718 10.99 9.10 -15.23
C CYS B 718 11.86 8.19 -14.36
N ALA B 719 12.86 7.54 -14.94
CA ALA B 719 13.74 6.66 -14.17
C ALA B 719 14.61 7.47 -13.22
N ASN B 720 14.92 8.71 -13.60
CA ASN B 720 15.54 9.63 -12.65
C ASN B 720 14.54 10.05 -11.59
N LEU B 721 13.28 10.24 -11.99
CA LEU B 721 12.24 10.64 -11.05
C LEU B 721 11.83 9.47 -10.16
N LEU B 722 12.03 8.24 -10.63
CA LEU B 722 11.70 7.07 -9.83
C LEU B 722 12.76 6.82 -8.77
N LEU B 723 13.95 7.37 -8.96
CA LEU B 723 15.10 7.06 -8.12
C LEU B 723 14.95 7.64 -6.73
N GLN B 724 14.13 8.67 -6.57
CA GLN B 724 13.99 9.35 -5.30
C GLN B 724 12.94 8.69 -4.40
N TYR B 725 12.46 7.52 -4.79
CA TYR B 725 11.62 6.69 -3.93
C TYR B 725 12.47 5.67 -3.18
N GLY B 726 13.78 5.84 -3.21
CA GLY B 726 14.69 5.03 -2.42
C GLY B 726 14.79 3.60 -2.92
N SER B 727 14.20 2.68 -2.17
CA SER B 727 14.31 1.26 -2.44
C SER B 727 12.91 0.67 -2.57
N PHE B 728 12.10 1.29 -3.42
CA PHE B 728 10.85 0.68 -3.83
C PHE B 728 10.93 0.04 -5.21
N CYS B 729 12.02 0.26 -5.93
CA CYS B 729 12.58 -0.74 -6.81
C CYS B 729 13.63 -1.46 -5.98
N THR B 730 14.12 -2.62 -6.43
CA THR B 730 15.29 -3.35 -5.90
C THR B 730 15.01 -3.96 -4.52
N GLN B 731 13.88 -3.61 -3.91
CA GLN B 731 13.36 -4.37 -2.77
C GLN B 731 12.06 -5.05 -3.18
N LEU B 732 11.30 -4.37 -4.02
CA LEU B 732 10.17 -4.93 -4.75
C LEU B 732 10.69 -6.09 -5.58
N ASN B 733 11.80 -5.85 -6.30
CA ASN B 733 12.43 -6.89 -7.09
C ASN B 733 13.02 -7.97 -6.20
N ARG B 734 13.53 -7.60 -5.03
CA ARG B 734 14.12 -8.61 -4.15
C ARG B 734 13.06 -9.40 -3.42
N ALA B 735 11.84 -8.87 -3.34
CA ALA B 735 10.78 -9.57 -2.63
C ALA B 735 10.26 -10.75 -3.45
N LEU B 736 9.93 -10.53 -4.72
CA LEU B 736 9.43 -11.63 -5.53
C LEU B 736 10.55 -12.35 -6.26
N SER B 737 11.81 -12.01 -5.97
CA SER B 737 12.89 -12.94 -6.27
C SER B 737 13.08 -13.92 -5.14
N GLY B 738 12.65 -13.55 -3.93
CA GLY B 738 12.62 -14.51 -2.84
C GLY B 738 11.50 -15.52 -3.00
N ILE B 739 10.41 -15.10 -3.64
CA ILE B 739 9.36 -16.04 -4.02
C ILE B 739 9.88 -17.04 -5.03
N ALA B 740 10.55 -16.55 -6.07
CA ALA B 740 11.03 -17.42 -7.14
C ALA B 740 12.14 -18.34 -6.64
N ALA B 741 12.86 -17.91 -5.61
CA ALA B 741 13.91 -18.75 -5.05
C ALA B 741 13.32 -19.91 -4.25
N GLU B 742 12.11 -19.73 -3.72
CA GLU B 742 11.53 -20.81 -2.94
C GLU B 742 10.54 -21.64 -3.73
N GLN B 743 10.26 -21.30 -5.00
CA GLN B 743 9.43 -22.18 -5.81
C GLN B 743 10.20 -23.43 -6.21
N ASP B 744 11.53 -23.36 -6.21
CA ASP B 744 12.31 -24.56 -6.41
C ASP B 744 12.61 -25.24 -5.08
N ARG B 745 12.68 -24.46 -4.00
CA ARG B 745 12.76 -25.06 -2.68
C ARG B 745 11.51 -25.86 -2.37
N ASN B 746 10.36 -25.39 -2.83
CA ASN B 746 9.14 -26.16 -2.69
C ASN B 746 9.17 -27.42 -3.55
N THR B 747 9.84 -27.36 -4.69
CA THR B 747 9.81 -28.50 -5.59
C THR B 747 10.94 -29.47 -5.26
N ARG B 748 11.93 -29.04 -4.50
CA ARG B 748 12.94 -29.98 -4.01
C ARG B 748 12.49 -30.65 -2.72
N GLU B 749 11.73 -29.94 -1.89
CA GLU B 749 11.21 -30.53 -0.67
C GLU B 749 10.23 -31.65 -0.99
N VAL B 750 9.46 -31.50 -2.07
CA VAL B 750 8.48 -32.52 -2.41
C VAL B 750 9.17 -33.71 -3.08
N PHE B 751 9.78 -33.48 -4.23
CA PHE B 751 10.20 -34.57 -5.09
C PHE B 751 11.53 -35.19 -4.72
N ALA B 752 12.48 -34.43 -4.22
CA ALA B 752 13.77 -35.02 -3.84
C ALA B 752 13.73 -35.64 -2.45
N GLN B 753 12.74 -36.49 -2.16
CA GLN B 753 12.80 -37.32 -0.98
C GLN B 753 13.71 -38.51 -1.20
N VAL B 754 13.67 -39.06 -2.42
CA VAL B 754 14.62 -40.08 -2.80
C VAL B 754 15.99 -39.45 -3.01
N LYS B 755 17.04 -40.19 -2.67
CA LYS B 755 18.40 -39.69 -2.86
C LYS B 755 18.98 -40.22 -4.17
N GLN B 756 18.87 -41.53 -4.39
CA GLN B 756 19.45 -42.15 -5.57
C GLN B 756 18.36 -42.60 -6.53
N MET B 757 18.53 -42.28 -7.81
CA MET B 757 17.50 -42.48 -8.82
C MET B 757 17.46 -43.95 -9.21
N TYR B 758 16.43 -44.66 -8.78
CA TYR B 758 16.26 -46.03 -9.21
C TYR B 758 15.69 -46.06 -10.61
N LYS B 759 16.33 -46.85 -11.48
CA LYS B 759 15.96 -46.84 -12.89
C LYS B 759 14.65 -47.58 -13.08
N THR B 760 13.97 -47.28 -14.18
CA THR B 760 12.71 -47.89 -14.50
C THR B 760 12.89 -49.38 -14.81
N PRO B 761 12.24 -50.27 -14.09
CA PRO B 761 12.38 -51.70 -14.37
C PRO B 761 11.63 -52.09 -15.62
N THR B 762 12.12 -53.13 -16.27
CA THR B 762 11.56 -53.58 -17.53
C THR B 762 10.32 -54.45 -17.33
N LEU B 763 10.42 -55.46 -16.47
CA LEU B 763 9.31 -56.37 -16.19
C LEU B 763 8.31 -55.64 -15.30
N LYS B 764 7.38 -54.94 -15.94
CA LYS B 764 6.47 -54.05 -15.22
C LYS B 764 5.21 -54.77 -14.76
N TYR B 765 5.04 -56.04 -15.10
CA TYR B 765 3.93 -56.83 -14.62
C TYR B 765 4.35 -57.42 -13.27
N PHE B 766 4.19 -56.65 -12.20
CA PHE B 766 4.66 -57.03 -10.88
C PHE B 766 3.59 -57.84 -10.16
N GLY B 767 3.51 -59.12 -10.48
CA GLY B 767 2.58 -60.02 -9.80
C GLY B 767 1.11 -59.69 -9.97
N GLY B 768 0.69 -59.40 -11.20
CA GLY B 768 -0.68 -59.06 -11.51
C GLY B 768 -0.93 -57.56 -11.58
N PHE B 769 -0.08 -56.78 -10.95
CA PHE B 769 -0.24 -55.34 -10.84
C PHE B 769 0.41 -54.70 -12.06
N ASN B 770 -0.36 -53.90 -12.82
CA ASN B 770 0.01 -53.67 -14.22
C ASN B 770 1.08 -52.60 -14.38
N PHE B 771 0.95 -51.49 -13.65
CA PHE B 771 1.88 -50.36 -13.66
C PHE B 771 2.06 -49.73 -15.05
N SER B 772 1.00 -49.11 -15.54
CA SER B 772 1.08 -48.23 -16.71
C SER B 772 1.37 -46.80 -16.31
N GLN B 773 2.10 -46.62 -15.20
CA GLN B 773 2.34 -45.32 -14.61
C GLN B 773 3.83 -45.03 -14.43
N ILE B 774 4.70 -45.83 -15.03
CA ILE B 774 6.10 -45.86 -14.63
C ILE B 774 6.98 -45.65 -15.87
N LEU B 775 6.48 -44.83 -16.82
CA LEU B 775 7.29 -44.19 -17.86
C LEU B 775 7.97 -45.18 -18.81
N PRO B 776 7.25 -45.76 -19.77
CA PRO B 776 7.90 -46.67 -20.73
C PRO B 776 8.75 -45.94 -21.76
N ASP B 777 9.83 -46.60 -22.18
CA ASP B 777 10.77 -46.01 -23.13
C ASP B 777 10.33 -46.06 -24.60
N PRO B 778 9.94 -47.23 -25.23
CA PRO B 778 9.77 -47.21 -26.69
C PRO B 778 8.53 -46.50 -27.20
N LEU B 779 7.39 -46.64 -26.51
CA LEU B 779 6.13 -46.13 -27.06
C LEU B 779 6.05 -44.62 -26.93
N LYS B 780 6.46 -44.08 -25.80
CA LYS B 780 6.46 -42.63 -25.61
C LYS B 780 7.85 -42.08 -25.91
N PRO B 781 7.98 -41.15 -26.87
CA PRO B 781 9.29 -40.50 -27.06
C PRO B 781 9.67 -39.62 -25.89
N THR B 782 8.70 -38.94 -25.29
CA THR B 782 8.94 -38.19 -24.07
C THR B 782 9.13 -39.13 -22.90
N LYS B 783 9.89 -38.67 -21.90
CA LYS B 783 10.16 -39.46 -20.70
C LYS B 783 9.19 -39.03 -19.60
N ARG B 784 7.94 -39.43 -19.77
CA ARG B 784 6.92 -39.25 -18.75
C ARG B 784 5.91 -40.39 -18.89
N SER B 785 5.18 -40.66 -17.82
CA SER B 785 4.20 -41.74 -17.82
C SER B 785 3.01 -41.49 -18.73
N PHE B 786 2.18 -42.52 -18.90
CA PHE B 786 0.93 -42.35 -19.63
C PHE B 786 -0.09 -41.59 -18.81
N ILE B 787 -0.04 -41.75 -17.48
CA ILE B 787 -0.93 -40.98 -16.62
C ILE B 787 -0.40 -39.56 -16.48
N GLU B 788 0.93 -39.40 -16.42
CA GLU B 788 1.53 -38.06 -16.36
C GLU B 788 1.25 -37.29 -17.64
N ASP B 789 1.37 -37.93 -18.79
CA ASP B 789 1.10 -37.26 -20.06
C ASP B 789 -0.38 -36.91 -20.19
N LEU B 790 -1.23 -37.66 -19.51
CA LEU B 790 -2.64 -37.31 -19.46
C LEU B 790 -2.87 -36.18 -18.45
N LEU B 791 -1.91 -35.95 -17.55
CA LEU B 791 -2.02 -34.85 -16.61
C LEU B 791 -1.46 -33.56 -17.18
N PHE B 792 -0.38 -33.65 -17.97
CA PHE B 792 0.19 -32.44 -18.56
C PHE B 792 -0.70 -31.87 -19.65
N ASN B 793 -1.62 -32.66 -20.18
CA ASN B 793 -2.51 -32.15 -21.22
C ASN B 793 -3.71 -31.43 -20.62
N LYS B 794 -4.13 -31.80 -19.41
CA LYS B 794 -5.35 -31.28 -18.82
C LYS B 794 -5.06 -30.07 -17.94
N VAL B 795 -4.33 -29.11 -18.50
CA VAL B 795 -4.13 -27.79 -17.92
C VAL B 795 -4.16 -26.75 -19.04
N THR B 796 -4.12 -25.47 -18.65
CA THR B 796 -4.21 -24.30 -19.53
C THR B 796 -5.38 -24.35 -20.51
N LEU B 818 13.47 -23.11 -26.95
CA LEU B 818 12.61 -21.92 -26.98
C LEU B 818 13.47 -20.66 -27.01
N ILE B 819 12.93 -19.60 -27.61
CA ILE B 819 13.60 -18.31 -27.69
C ILE B 819 12.73 -17.26 -26.99
N CYS B 820 13.39 -16.20 -26.52
CA CYS B 820 12.75 -15.24 -25.64
C CYS B 820 11.78 -14.32 -26.38
N ALA B 821 10.73 -13.89 -25.70
CA ALA B 821 9.71 -13.01 -26.26
C ALA B 821 9.82 -11.59 -25.74
N GLN B 822 9.73 -11.40 -24.42
CA GLN B 822 9.98 -10.14 -23.73
C GLN B 822 9.08 -8.97 -24.16
N LYS B 823 7.80 -9.02 -23.80
CA LYS B 823 6.86 -7.95 -24.08
C LYS B 823 7.24 -6.67 -23.34
N PHE B 824 6.55 -5.57 -23.71
CA PHE B 824 6.93 -4.23 -23.27
C PHE B 824 6.73 -4.01 -21.77
N ASN B 825 5.82 -4.77 -21.16
CA ASN B 825 5.33 -4.45 -19.83
C ASN B 825 6.32 -4.75 -18.71
N GLY B 826 7.47 -5.34 -19.03
CA GLY B 826 8.46 -5.58 -18.01
C GLY B 826 8.26 -6.87 -17.24
N LEU B 827 7.20 -7.61 -17.55
CA LEU B 827 6.90 -8.86 -16.86
C LEU B 827 7.69 -9.99 -17.49
N THR B 828 7.93 -11.04 -16.71
CA THR B 828 8.50 -12.26 -17.25
C THR B 828 8.04 -13.46 -16.43
N VAL B 829 8.31 -14.66 -16.92
CA VAL B 829 8.09 -15.88 -16.16
C VAL B 829 9.37 -16.69 -16.22
N LEU B 830 10.06 -16.74 -15.12
CA LEU B 830 11.32 -17.46 -15.04
C LEU B 830 11.06 -18.95 -15.07
N PRO B 831 11.92 -19.73 -15.71
CA PRO B 831 11.71 -21.16 -15.78
C PRO B 831 12.08 -21.82 -14.46
N PRO B 832 11.42 -22.90 -14.09
CA PRO B 832 11.77 -23.60 -12.86
C PRO B 832 13.07 -24.36 -13.01
N LEU B 833 13.78 -24.48 -11.89
CA LEU B 833 15.07 -25.15 -11.87
C LEU B 833 14.93 -26.65 -12.06
N LEU B 834 13.80 -27.21 -11.71
CA LEU B 834 13.49 -28.61 -12.00
C LEU B 834 12.56 -28.62 -13.21
N THR B 835 13.07 -29.11 -14.34
CA THR B 835 12.26 -29.15 -15.55
C THR B 835 11.16 -30.19 -15.42
N ASP B 836 10.22 -30.16 -16.36
CA ASP B 836 9.14 -31.13 -16.36
C ASP B 836 9.65 -32.53 -16.63
N ASP B 837 10.77 -32.64 -17.36
CA ASP B 837 11.35 -33.96 -17.63
C ASP B 837 12.19 -34.45 -16.46
N MET B 838 12.64 -33.54 -15.59
CA MET B 838 13.34 -33.98 -14.39
C MET B 838 12.38 -34.28 -13.25
N ILE B 839 11.24 -33.60 -13.23
CA ILE B 839 10.18 -33.95 -12.29
C ILE B 839 9.60 -35.30 -12.66
N ALA B 840 9.44 -35.57 -13.95
CA ALA B 840 8.95 -36.87 -14.39
C ALA B 840 9.99 -37.95 -14.17
N ALA B 841 11.27 -37.58 -14.10
CA ALA B 841 12.32 -38.54 -13.78
C ALA B 841 12.24 -38.92 -12.32
N TYR B 842 11.99 -37.94 -11.45
CA TYR B 842 11.81 -38.16 -10.03
C TYR B 842 10.68 -39.15 -9.75
N THR B 843 9.50 -38.89 -10.31
CA THR B 843 8.35 -39.74 -10.02
C THR B 843 8.46 -41.10 -10.70
N ALA B 844 9.36 -41.22 -11.68
CA ALA B 844 9.71 -42.54 -12.17
C ALA B 844 10.50 -43.31 -11.12
N ALA B 845 11.35 -42.60 -10.38
CA ALA B 845 12.17 -43.25 -9.37
C ALA B 845 11.37 -43.55 -8.11
N LEU B 846 10.38 -42.72 -7.81
CA LEU B 846 9.55 -42.97 -6.63
C LEU B 846 8.64 -44.15 -6.83
N VAL B 847 8.11 -44.32 -8.05
CA VAL B 847 7.24 -45.46 -8.30
C VAL B 847 8.06 -46.74 -8.43
N SER B 848 9.23 -46.65 -9.07
CA SER B 848 10.10 -47.81 -9.19
C SER B 848 10.66 -48.23 -7.83
N GLY B 849 10.89 -47.26 -6.95
CA GLY B 849 11.25 -47.61 -5.59
C GLY B 849 10.08 -48.20 -4.83
N THR B 850 8.86 -47.77 -5.17
CA THR B 850 7.68 -48.30 -4.51
C THR B 850 7.35 -49.68 -5.05
N ALA B 851 7.59 -49.90 -6.34
CA ALA B 851 7.24 -51.18 -6.95
C ALA B 851 8.25 -52.26 -6.60
N THR B 852 9.49 -51.88 -6.33
CA THR B 852 10.54 -52.87 -6.10
C THR B 852 11.07 -52.88 -4.68
N ALA B 853 11.09 -51.75 -3.99
CA ALA B 853 11.68 -51.74 -2.67
C ALA B 853 10.72 -51.30 -1.57
N GLY B 854 10.15 -50.10 -1.73
CA GLY B 854 9.18 -49.58 -0.80
C GLY B 854 9.69 -49.00 0.52
N TRP B 855 10.22 -49.86 1.40
CA TRP B 855 10.26 -49.50 2.81
C TRP B 855 11.55 -48.83 3.27
N THR B 856 12.68 -49.52 3.20
CA THR B 856 13.93 -48.93 3.66
C THR B 856 14.41 -47.90 2.65
N PHE B 857 13.89 -47.99 1.43
CA PHE B 857 13.80 -46.95 0.43
C PHE B 857 13.45 -45.57 0.98
N GLY B 858 12.53 -45.53 1.94
CA GLY B 858 12.26 -44.30 2.65
C GLY B 858 13.34 -43.97 3.68
N ALA B 859 13.62 -44.94 4.55
CA ALA B 859 14.56 -44.77 5.65
C ALA B 859 15.99 -44.53 5.19
N GLY B 860 16.61 -45.53 4.56
CA GLY B 860 17.98 -45.39 4.10
C GLY B 860 18.19 -45.78 2.65
N ALA B 861 19.06 -46.76 2.44
CA ALA B 861 19.22 -47.36 1.12
C ALA B 861 18.03 -48.26 0.86
N ALA B 862 17.79 -48.64 -0.40
CA ALA B 862 16.57 -49.37 -0.68
C ALA B 862 16.88 -50.86 -0.79
N LEU B 863 15.93 -51.65 -0.35
CA LEU B 863 16.07 -53.09 -0.21
C LEU B 863 14.99 -53.77 -1.04
N GLN B 864 15.40 -54.66 -1.95
CA GLN B 864 14.43 -55.23 -2.88
C GLN B 864 13.52 -56.21 -2.16
N ILE B 865 12.21 -56.03 -2.34
CA ILE B 865 11.18 -56.92 -1.84
C ILE B 865 10.26 -57.20 -3.02
N PRO B 866 9.93 -58.45 -3.32
CA PRO B 866 8.94 -58.72 -4.38
C PRO B 866 7.58 -58.15 -4.02
N PHE B 867 6.87 -57.72 -5.06
CA PHE B 867 5.77 -56.78 -4.86
C PHE B 867 4.57 -57.44 -4.22
N ALA B 868 4.45 -58.76 -4.35
CA ALA B 868 3.43 -59.47 -3.61
C ALA B 868 3.80 -59.56 -2.13
N MET B 869 5.08 -59.70 -1.84
CA MET B 869 5.55 -59.68 -0.45
C MET B 869 5.47 -58.27 0.11
N GLN B 870 5.53 -57.26 -0.76
CA GLN B 870 5.48 -55.88 -0.29
C GLN B 870 4.05 -55.48 0.06
N MET B 871 3.09 -55.82 -0.80
CA MET B 871 1.69 -55.51 -0.55
C MET B 871 1.15 -56.25 0.66
N ALA B 872 1.62 -57.48 0.87
CA ALA B 872 1.11 -58.28 1.98
C ALA B 872 1.58 -57.73 3.31
N TYR B 873 2.73 -57.07 3.32
CA TYR B 873 3.20 -56.38 4.52
C TYR B 873 2.43 -55.08 4.71
N ARG B 874 1.81 -54.58 3.66
CA ARG B 874 1.02 -53.36 3.77
C ARG B 874 -0.42 -53.67 4.14
N PHE B 875 -0.89 -54.87 3.82
CA PHE B 875 -2.10 -55.36 4.47
C PHE B 875 -1.87 -55.57 5.95
N ASN B 876 -0.67 -56.03 6.32
CA ASN B 876 -0.39 -56.32 7.72
C ASN B 876 -0.24 -55.04 8.54
N GLY B 877 -0.08 -53.90 7.89
CA GLY B 877 -0.17 -52.64 8.61
C GLY B 877 -1.60 -52.26 8.93
N ILE B 878 -2.54 -52.73 8.12
CA ILE B 878 -3.96 -52.42 8.30
C ILE B 878 -4.51 -53.29 9.42
N GLY B 879 -3.92 -54.45 9.60
CA GLY B 879 -4.41 -55.38 10.60
C GLY B 879 -4.97 -56.61 9.93
N VAL B 880 -5.44 -56.44 8.70
CA VAL B 880 -5.87 -57.55 7.87
C VAL B 880 -4.64 -58.41 7.55
N THR B 881 -4.76 -59.72 7.73
CA THR B 881 -3.61 -60.59 7.80
C THR B 881 -2.99 -60.82 6.42
N GLN B 882 -1.81 -61.43 6.43
CA GLN B 882 -1.09 -61.67 5.18
C GLN B 882 -1.68 -62.85 4.42
N ASN B 883 -2.54 -63.62 5.09
CA ASN B 883 -3.36 -64.66 4.49
C ASN B 883 -4.22 -64.07 3.38
N VAL B 884 -4.78 -62.89 3.64
CA VAL B 884 -5.87 -62.35 2.83
C VAL B 884 -5.37 -61.89 1.47
N LEU B 885 -4.08 -61.62 1.35
CA LEU B 885 -3.53 -61.31 0.03
C LEU B 885 -3.48 -62.55 -0.83
N TYR B 886 -2.69 -63.55 -0.42
CA TYR B 886 -2.39 -64.68 -1.32
C TYR B 886 -3.61 -65.58 -1.52
N GLU B 887 -4.57 -65.49 -0.61
CA GLU B 887 -5.88 -66.08 -0.82
C GLU B 887 -6.60 -65.41 -1.98
N ASN B 888 -6.38 -64.10 -2.16
CA ASN B 888 -7.15 -63.31 -3.11
C ASN B 888 -6.26 -62.46 -4.02
N GLN B 889 -5.04 -62.92 -4.31
CA GLN B 889 -4.05 -62.10 -5.00
C GLN B 889 -4.46 -61.76 -6.43
N LYS B 890 -5.06 -62.73 -7.12
CA LYS B 890 -5.59 -62.45 -8.46
C LYS B 890 -6.75 -61.48 -8.40
N GLN B 891 -7.58 -61.58 -7.36
CA GLN B 891 -8.72 -60.68 -7.23
C GLN B 891 -8.27 -59.30 -6.77
N ILE B 892 -7.24 -59.25 -5.92
CA ILE B 892 -6.64 -57.99 -5.51
C ILE B 892 -6.00 -57.28 -6.70
N ALA B 893 -5.29 -58.04 -7.54
CA ALA B 893 -4.60 -57.45 -8.67
C ALA B 893 -5.58 -56.91 -9.71
N ASN B 894 -6.69 -57.61 -9.93
CA ASN B 894 -7.64 -57.15 -10.93
C ASN B 894 -8.46 -55.97 -10.42
N GLN B 895 -8.61 -55.84 -9.10
CA GLN B 895 -9.21 -54.62 -8.56
C GLN B 895 -8.22 -53.47 -8.64
N PHE B 896 -6.93 -53.78 -8.62
CA PHE B 896 -5.91 -52.74 -8.80
C PHE B 896 -5.86 -52.29 -10.24
N ASN B 897 -5.87 -53.23 -11.18
CA ASN B 897 -5.68 -52.88 -12.58
C ASN B 897 -6.91 -52.22 -13.15
N LYS B 898 -8.09 -52.55 -12.61
CA LYS B 898 -9.30 -51.84 -12.99
C LYS B 898 -9.30 -50.43 -12.44
N ALA B 899 -8.64 -50.23 -11.29
CA ALA B 899 -8.66 -48.93 -10.63
C ALA B 899 -7.87 -47.89 -11.41
N ILE B 900 -6.69 -48.27 -11.91
CA ILE B 900 -5.91 -47.37 -12.75
C ILE B 900 -6.61 -47.14 -14.09
N SER B 901 -7.31 -48.17 -14.59
CA SER B 901 -8.05 -48.02 -15.84
C SER B 901 -9.23 -47.08 -15.67
N GLN B 902 -9.75 -46.96 -14.44
CA GLN B 902 -10.74 -45.93 -14.17
C GLN B 902 -10.09 -44.56 -14.09
N ILE B 903 -8.88 -44.49 -13.53
CA ILE B 903 -8.17 -43.21 -13.39
C ILE B 903 -7.72 -42.69 -14.76
N GLN B 904 -7.32 -43.61 -15.64
CA GLN B 904 -7.05 -43.23 -17.02
C GLN B 904 -8.32 -42.80 -17.74
N GLU B 905 -9.48 -43.26 -17.26
CA GLU B 905 -10.75 -42.87 -17.84
C GLU B 905 -11.32 -41.62 -17.18
N SER B 906 -11.16 -41.50 -15.86
CA SER B 906 -11.84 -40.42 -15.12
C SER B 906 -11.20 -39.07 -15.38
N LEU B 907 -9.87 -38.99 -15.24
CA LEU B 907 -9.17 -37.72 -15.39
C LEU B 907 -8.77 -37.44 -16.85
N THR B 908 -9.39 -38.14 -17.80
CA THR B 908 -9.36 -37.76 -19.20
C THR B 908 -10.36 -36.66 -19.50
N THR B 909 -11.57 -36.76 -18.94
CA THR B 909 -12.69 -35.92 -19.33
C THR B 909 -13.21 -35.04 -18.20
N THR B 910 -13.21 -35.54 -16.95
CA THR B 910 -14.01 -34.93 -15.90
C THR B 910 -13.39 -33.63 -15.38
N SER B 911 -12.09 -33.45 -15.61
CA SER B 911 -11.30 -32.27 -15.20
C SER B 911 -11.36 -32.02 -13.70
N THR B 912 -10.87 -32.96 -12.90
CA THR B 912 -10.84 -32.80 -11.46
C THR B 912 -9.42 -32.56 -11.01
N ALA B 913 -8.48 -33.35 -11.53
CA ALA B 913 -7.05 -33.06 -11.35
C ALA B 913 -6.62 -31.78 -12.05
N LEU B 914 -7.40 -31.32 -13.02
CA LEU B 914 -7.41 -29.94 -13.47
C LEU B 914 -7.61 -29.03 -12.27
N GLY B 915 -8.72 -29.23 -11.55
CA GLY B 915 -9.34 -28.27 -10.66
C GLY B 915 -8.49 -27.52 -9.65
N LYS B 916 -7.65 -28.25 -8.92
CA LYS B 916 -6.86 -27.61 -7.88
C LYS B 916 -5.61 -26.95 -8.47
N LEU B 917 -5.06 -27.53 -9.55
CA LEU B 917 -3.90 -26.94 -10.19
C LEU B 917 -4.29 -25.78 -11.09
N GLN B 918 -5.43 -25.89 -11.78
CA GLN B 918 -5.87 -24.84 -12.68
C GLN B 918 -6.25 -23.60 -11.89
N ASP B 919 -6.71 -23.78 -10.66
CA ASP B 919 -7.02 -22.66 -9.80
C ASP B 919 -5.74 -21.97 -9.34
N VAL B 920 -4.61 -22.67 -9.37
CA VAL B 920 -3.33 -22.03 -9.10
C VAL B 920 -2.84 -21.27 -10.31
N VAL B 921 -3.01 -21.85 -11.51
CA VAL B 921 -2.50 -21.22 -12.72
C VAL B 921 -3.38 -20.04 -13.11
N ASN B 922 -4.70 -20.15 -12.90
CA ASN B 922 -5.59 -19.03 -13.22
C ASN B 922 -5.39 -17.88 -12.24
N GLN B 923 -5.06 -18.17 -11.00
CA GLN B 923 -4.94 -17.12 -10.00
C GLN B 923 -3.67 -16.32 -10.22
N ASN B 924 -2.64 -16.96 -10.78
CA ASN B 924 -1.43 -16.24 -11.12
C ASN B 924 -1.59 -15.46 -12.42
N ALA B 925 -2.29 -16.05 -13.39
CA ALA B 925 -2.45 -15.39 -14.68
C ALA B 925 -3.43 -14.24 -14.61
N GLN B 926 -4.34 -14.28 -13.63
CA GLN B 926 -5.26 -13.16 -13.46
C GLN B 926 -4.63 -12.06 -12.63
N ALA B 927 -3.66 -12.42 -11.77
CA ALA B 927 -2.92 -11.42 -11.04
C ALA B 927 -1.90 -10.73 -11.92
N LEU B 928 -1.45 -11.41 -12.97
CA LEU B 928 -0.62 -10.75 -13.97
C LEU B 928 -1.43 -9.83 -14.85
N ASN B 929 -2.62 -10.26 -15.28
CA ASN B 929 -3.43 -9.44 -16.17
C ASN B 929 -3.98 -8.23 -15.44
N THR B 930 -4.11 -8.31 -14.12
CA THR B 930 -4.39 -7.11 -13.34
C THR B 930 -3.22 -6.16 -13.35
N LEU B 931 -2.01 -6.69 -13.18
CA LEU B 931 -0.81 -5.86 -13.12
C LEU B 931 -0.52 -5.20 -14.47
N VAL B 932 -0.83 -5.91 -15.55
CA VAL B 932 -0.60 -5.37 -16.88
C VAL B 932 -1.62 -4.30 -17.22
N LYS B 933 -2.87 -4.47 -16.79
CA LYS B 933 -3.90 -3.50 -17.11
C LYS B 933 -3.82 -2.25 -16.24
N GLN B 934 -2.95 -2.23 -15.24
CA GLN B 934 -2.76 -1.00 -14.49
C GLN B 934 -1.81 -0.08 -15.24
N LEU B 935 -1.15 -0.58 -16.28
CA LEU B 935 -0.39 0.30 -17.16
C LEU B 935 -1.32 1.14 -18.02
N SER B 936 -2.49 0.61 -18.37
CA SER B 936 -3.48 1.39 -19.08
C SER B 936 -4.34 2.22 -18.14
N SER B 937 -4.08 2.16 -16.84
CA SER B 937 -4.79 3.00 -15.89
C SER B 937 -4.21 4.41 -15.92
N ASN B 938 -5.07 5.40 -15.71
CA ASN B 938 -4.68 6.79 -15.89
C ASN B 938 -4.02 7.35 -14.63
N PHE B 939 -4.57 7.03 -13.47
CA PHE B 939 -4.15 7.52 -12.15
C PHE B 939 -4.15 9.04 -12.06
N GLY B 940 -5.10 9.69 -12.72
CA GLY B 940 -5.18 11.14 -12.64
C GLY B 940 -4.11 11.86 -13.42
N ALA B 941 -3.44 11.18 -14.34
CA ALA B 941 -2.51 11.85 -15.24
C ALA B 941 -3.28 12.29 -16.48
N ILE B 942 -2.57 12.87 -17.45
CA ILE B 942 -3.21 13.22 -18.70
C ILE B 942 -3.54 11.97 -19.51
N SER B 943 -2.58 11.06 -19.61
CA SER B 943 -2.76 9.84 -20.38
C SER B 943 -2.07 8.70 -19.65
N SER B 944 -2.54 7.49 -19.91
CA SER B 944 -1.90 6.31 -19.33
C SER B 944 -0.60 5.99 -20.03
N VAL B 945 -0.46 6.40 -21.29
CA VAL B 945 0.78 6.18 -22.04
C VAL B 945 1.84 7.12 -21.47
N LEU B 946 2.98 6.54 -21.10
CA LEU B 946 3.96 7.33 -20.37
C LEU B 946 4.79 8.20 -21.32
N ASN B 947 5.03 7.73 -22.53
CA ASN B 947 5.83 8.53 -23.47
C ASN B 947 5.04 9.69 -24.03
N ASP B 948 3.71 9.63 -23.97
CA ASP B 948 2.91 10.78 -24.38
C ASP B 948 2.97 11.89 -23.33
N ILE B 949 3.23 11.53 -22.07
CA ILE B 949 3.37 12.56 -21.05
C ILE B 949 4.69 13.29 -21.23
N LEU B 950 5.74 12.56 -21.63
CA LEU B 950 7.02 13.18 -21.89
C LEU B 950 6.99 14.06 -23.14
N SER B 951 6.34 13.58 -24.19
CA SER B 951 6.45 14.23 -25.49
C SER B 951 5.64 15.50 -25.60
N ARG B 952 4.83 15.88 -24.60
CA ARG B 952 4.08 17.13 -24.73
C ARG B 952 3.95 17.90 -23.42
N LEU B 953 4.86 17.73 -22.46
CA LEU B 953 4.74 18.56 -21.25
C LEU B 953 6.03 19.18 -20.71
N ASP B 954 7.15 19.02 -21.42
CA ASP B 954 8.39 19.77 -21.19
C ASP B 954 9.04 19.65 -19.81
N LYS B 955 8.80 18.54 -19.09
CA LYS B 955 9.56 18.12 -17.90
C LYS B 955 9.43 19.08 -16.70
N VAL B 956 8.56 20.08 -16.79
CA VAL B 956 8.30 20.94 -15.64
C VAL B 956 6.84 20.78 -15.24
N GLU B 957 5.97 20.62 -16.23
CA GLU B 957 4.61 20.18 -15.99
C GLU B 957 4.53 18.66 -15.90
N ALA B 958 5.46 17.97 -16.56
CA ALA B 958 5.47 16.51 -16.57
C ALA B 958 5.83 15.94 -15.21
N GLU B 959 6.67 16.63 -14.44
CA GLU B 959 7.02 16.19 -13.09
C GLU B 959 5.81 16.12 -12.17
N VAL B 960 4.78 16.92 -12.42
CA VAL B 960 3.51 16.80 -11.71
C VAL B 960 2.72 15.59 -12.21
N GLN B 961 2.77 15.32 -13.51
CA GLN B 961 1.89 14.32 -14.11
C GLN B 961 2.53 12.94 -14.19
N ILE B 962 3.86 12.87 -14.26
CA ILE B 962 4.52 11.57 -14.19
C ILE B 962 4.47 11.03 -12.77
N ASP B 963 4.56 11.92 -11.78
CA ASP B 963 4.60 11.48 -10.39
C ASP B 963 3.25 10.95 -9.94
N ARG B 964 2.17 11.41 -10.57
CA ARG B 964 0.88 10.78 -10.36
C ARG B 964 0.83 9.40 -10.99
N LEU B 965 1.64 9.20 -12.03
CA LEU B 965 1.62 7.93 -12.74
C LEU B 965 2.65 6.97 -12.15
N ILE B 966 3.65 7.50 -11.46
CA ILE B 966 4.63 6.64 -10.78
C ILE B 966 4.03 6.04 -9.52
N THR B 967 3.43 6.89 -8.68
CA THR B 967 2.86 6.41 -7.42
C THR B 967 1.65 5.52 -7.64
N GLY B 968 1.04 5.62 -8.81
CA GLY B 968 0.01 4.66 -9.16
C GLY B 968 0.58 3.32 -9.56
N ARG B 969 1.77 3.32 -10.16
CA ARG B 969 2.36 2.08 -10.63
C ARG B 969 3.26 1.46 -9.57
N LEU B 970 3.69 2.25 -8.58
CA LEU B 970 4.26 1.65 -7.38
C LEU B 970 3.18 0.90 -6.62
N GLN B 971 2.01 1.52 -6.48
CA GLN B 971 0.98 0.96 -5.62
C GLN B 971 0.23 -0.15 -6.34
N SER B 972 0.54 -0.39 -7.62
CA SER B 972 0.08 -1.59 -8.30
C SER B 972 1.13 -2.69 -8.27
N LEU B 973 2.42 -2.33 -8.21
CA LEU B 973 3.44 -3.34 -7.98
C LEU B 973 3.47 -3.76 -6.53
N GLN B 974 3.33 -2.81 -5.62
CA GLN B 974 3.32 -3.14 -4.20
C GLN B 974 2.06 -3.93 -3.84
N THR B 975 0.99 -3.73 -4.61
CA THR B 975 -0.17 -4.60 -4.48
C THR B 975 0.15 -6.00 -4.97
N TYR B 976 0.74 -6.12 -6.15
CA TYR B 976 0.95 -7.41 -6.81
C TYR B 976 1.92 -8.28 -6.03
N VAL B 977 3.02 -7.71 -5.58
CA VAL B 977 4.04 -8.48 -4.88
C VAL B 977 3.52 -8.93 -3.52
N THR B 978 2.68 -8.11 -2.89
CA THR B 978 2.05 -8.52 -1.64
C THR B 978 1.04 -9.63 -1.87
N GLN B 979 0.29 -9.58 -2.97
CA GLN B 979 -0.61 -10.69 -3.30
C GLN B 979 0.17 -11.95 -3.62
N GLN B 980 1.35 -11.82 -4.24
CA GLN B 980 2.14 -12.99 -4.56
C GLN B 980 2.82 -13.57 -3.34
N LEU B 981 3.17 -12.73 -2.37
CA LEU B 981 3.76 -13.24 -1.13
C LEU B 981 2.73 -13.98 -0.29
N ILE B 982 1.46 -13.64 -0.46
CA ILE B 982 0.41 -14.35 0.25
C ILE B 982 0.11 -15.67 -0.48
N ARG B 983 0.13 -15.65 -1.81
CA ARG B 983 -0.04 -16.88 -2.56
C ARG B 983 1.15 -17.81 -2.40
N ALA B 984 2.32 -17.25 -2.14
CA ALA B 984 3.50 -18.09 -1.91
C ALA B 984 3.37 -18.83 -0.58
N ALA B 985 2.76 -18.19 0.41
CA ALA B 985 2.54 -18.85 1.69
C ALA B 985 1.46 -19.91 1.57
N GLU B 986 0.47 -19.67 0.71
CA GLU B 986 -0.61 -20.63 0.54
C GLU B 986 -0.16 -21.84 -0.25
N ILE B 987 0.92 -21.71 -1.00
CA ILE B 987 1.42 -22.82 -1.79
C ILE B 987 2.58 -23.51 -1.08
N ARG B 988 3.36 -22.75 -0.30
CA ARG B 988 4.37 -23.37 0.56
C ARG B 988 3.72 -24.23 1.63
N ALA B 989 2.55 -23.81 2.12
CA ALA B 989 1.78 -24.65 3.03
C ALA B 989 1.20 -25.85 2.29
N SER B 990 0.98 -25.71 0.99
CA SER B 990 0.49 -26.84 0.20
C SER B 990 1.63 -27.65 -0.37
N ALA B 991 2.83 -27.06 -0.43
CA ALA B 991 3.99 -27.85 -0.82
C ALA B 991 4.55 -28.60 0.37
N ASN B 992 4.46 -28.03 1.57
CA ASN B 992 4.89 -28.75 2.76
C ASN B 992 3.93 -29.87 3.10
N LEU B 993 2.67 -29.74 2.71
CA LEU B 993 1.73 -30.85 2.89
C LEU B 993 2.00 -31.94 1.88
N ALA B 994 2.38 -31.58 0.66
CA ALA B 994 2.72 -32.58 -0.33
C ALA B 994 4.11 -33.14 -0.08
N ALA B 995 4.94 -32.42 0.66
CA ALA B 995 6.26 -32.95 1.02
C ALA B 995 6.12 -34.04 2.06
N THR B 996 5.10 -33.95 2.91
CA THR B 996 4.85 -35.02 3.87
C THR B 996 4.08 -36.16 3.24
N LYS B 997 3.19 -35.87 2.29
CA LYS B 997 2.46 -36.95 1.63
C LYS B 997 3.39 -37.78 0.75
N MET B 998 4.43 -37.19 0.20
CA MET B 998 5.39 -38.05 -0.49
C MET B 998 6.29 -38.72 0.52
N SER B 999 6.45 -38.12 1.69
CA SER B 999 7.27 -38.75 2.72
C SER B 999 6.52 -39.90 3.39
N GLU B 1000 5.21 -39.78 3.55
CA GLU B 1000 4.48 -40.71 4.40
C GLU B 1000 3.51 -41.59 3.65
N CYS B 1001 2.86 -41.10 2.60
CA CYS B 1001 2.01 -41.98 1.83
C CYS B 1001 2.82 -42.82 0.86
N VAL B 1002 3.82 -42.21 0.22
CA VAL B 1002 4.58 -42.88 -0.82
C VAL B 1002 5.68 -43.74 -0.26
N LEU B 1003 6.56 -43.16 0.54
CA LEU B 1003 7.71 -43.89 1.07
C LEU B 1003 7.28 -44.92 2.10
N GLY B 1004 6.57 -44.49 3.13
CA GLY B 1004 6.03 -45.41 4.11
C GLY B 1004 4.57 -45.68 3.89
N GLN B 1005 3.97 -46.34 4.89
CA GLN B 1005 2.52 -46.55 4.94
C GLN B 1005 1.98 -45.73 6.09
N SER B 1006 0.85 -45.09 5.87
CA SER B 1006 0.33 -44.15 6.85
C SER B 1006 -0.81 -44.76 7.64
N LYS B 1007 -0.56 -45.00 8.93
CA LYS B 1007 -1.59 -45.43 9.85
C LYS B 1007 -2.59 -44.32 10.13
N ARG B 1008 -2.08 -43.08 10.06
CA ARG B 1008 -2.81 -41.82 10.08
C ARG B 1008 -3.97 -41.81 9.10
N VAL B 1009 -5.21 -41.72 9.60
CA VAL B 1009 -6.40 -42.00 8.79
C VAL B 1009 -6.86 -40.73 8.09
N ASP B 1010 -7.40 -40.94 6.88
CA ASP B 1010 -7.92 -39.88 6.00
C ASP B 1010 -6.90 -38.80 5.71
N PHE B 1011 -5.63 -39.15 5.78
CA PHE B 1011 -4.56 -38.27 5.36
C PHE B 1011 -4.15 -38.56 3.94
N CYS B 1012 -3.81 -39.80 3.64
CA CYS B 1012 -3.50 -40.13 2.27
C CYS B 1012 -4.76 -40.40 1.48
N GLY B 1013 -5.47 -41.47 1.81
CA GLY B 1013 -6.64 -41.88 1.07
C GLY B 1013 -7.91 -41.81 1.88
N LYS B 1014 -9.01 -42.20 1.25
CA LYS B 1014 -10.28 -42.31 1.97
C LYS B 1014 -10.27 -43.55 2.86
N GLY B 1015 -10.01 -44.72 2.29
CA GLY B 1015 -10.03 -45.93 3.07
C GLY B 1015 -8.75 -46.18 3.85
N TYR B 1016 -8.57 -47.41 4.30
CA TYR B 1016 -7.31 -47.81 4.90
C TYR B 1016 -6.22 -47.84 3.84
N HIS B 1017 -5.09 -47.24 4.14
CA HIS B 1017 -4.10 -46.89 3.13
C HIS B 1017 -3.10 -47.99 2.90
N LEU B 1018 -3.04 -48.51 1.67
CA LEU B 1018 -2.02 -49.48 1.30
C LEU B 1018 -0.74 -48.78 0.87
N MET B 1019 -0.78 -48.04 -0.23
CA MET B 1019 0.38 -47.33 -0.75
C MET B 1019 -0.12 -46.19 -1.63
N SER B 1020 0.83 -45.40 -2.13
CA SER B 1020 0.50 -44.27 -2.98
C SER B 1020 1.58 -44.11 -4.04
N PHE B 1021 1.24 -43.37 -5.09
CA PHE B 1021 2.15 -43.14 -6.20
C PHE B 1021 2.10 -41.68 -6.61
N PRO B 1022 3.22 -41.01 -6.63
CA PRO B 1022 3.21 -39.63 -7.10
C PRO B 1022 3.22 -39.57 -8.61
N GLN B 1023 2.58 -38.58 -9.20
CA GLN B 1023 2.63 -38.42 -10.65
C GLN B 1023 3.00 -36.98 -10.93
N ALA B 1024 3.90 -36.77 -11.88
CA ALA B 1024 4.35 -35.44 -12.23
C ALA B 1024 3.23 -34.66 -12.88
N ALA B 1025 2.65 -33.76 -12.13
CA ALA B 1025 1.63 -32.87 -12.68
C ALA B 1025 2.29 -31.51 -12.88
N PRO B 1026 1.79 -30.66 -13.76
CA PRO B 1026 2.42 -29.35 -13.94
C PRO B 1026 2.12 -28.40 -12.81
N HIS B 1027 3.18 -27.92 -12.16
CA HIS B 1027 3.19 -27.17 -10.90
C HIS B 1027 2.44 -27.89 -9.79
N GLY B 1028 2.57 -29.20 -9.68
CA GLY B 1028 1.89 -29.93 -8.63
C GLY B 1028 2.19 -31.40 -8.60
N VAL B 1029 1.58 -32.13 -7.66
CA VAL B 1029 1.68 -33.57 -7.59
C VAL B 1029 0.27 -34.12 -7.60
N VAL B 1030 0.06 -35.19 -8.34
CA VAL B 1030 -1.14 -36.00 -8.24
C VAL B 1030 -0.76 -37.32 -7.62
N PHE B 1031 -1.15 -37.53 -6.37
CA PHE B 1031 -0.91 -38.81 -5.72
C PHE B 1031 -2.02 -39.78 -6.08
N LEU B 1032 -1.65 -41.05 -6.20
CA LEU B 1032 -2.61 -42.10 -6.52
C LEU B 1032 -2.69 -43.02 -5.31
N HIS B 1033 -3.56 -42.68 -4.37
CA HIS B 1033 -3.59 -43.35 -3.08
C HIS B 1033 -4.33 -44.67 -3.19
N VAL B 1034 -3.58 -45.76 -3.22
CA VAL B 1034 -4.16 -47.10 -3.24
C VAL B 1034 -4.67 -47.41 -1.85
N THR B 1035 -6.00 -47.52 -1.71
CA THR B 1035 -6.62 -47.68 -0.42
C THR B 1035 -7.19 -49.10 -0.31
N TYR B 1036 -7.89 -49.36 0.80
CA TYR B 1036 -8.45 -50.69 1.05
C TYR B 1036 -9.96 -50.75 0.89
N VAL B 1037 -10.71 -49.92 1.62
CA VAL B 1037 -12.16 -49.72 1.53
C VAL B 1037 -12.93 -51.03 1.64
N PRO B 1038 -13.09 -51.59 2.84
CA PRO B 1038 -13.84 -52.84 2.97
C PRO B 1038 -15.32 -52.64 2.71
N SER B 1039 -15.89 -53.51 1.89
CA SER B 1039 -17.15 -53.18 1.24
C SER B 1039 -18.34 -54.03 1.68
N GLN B 1040 -18.25 -55.35 1.55
CA GLN B 1040 -19.41 -56.21 1.76
C GLN B 1040 -19.36 -56.81 3.16
N GLU B 1041 -20.34 -56.47 3.99
CA GLU B 1041 -20.34 -56.89 5.38
C GLU B 1041 -21.56 -57.74 5.67
N ARG B 1042 -21.55 -58.35 6.86
CA ARG B 1042 -22.64 -59.16 7.37
C ARG B 1042 -22.84 -58.84 8.84
N ASN B 1043 -24.09 -58.95 9.30
CA ASN B 1043 -24.35 -58.91 10.72
C ASN B 1043 -23.74 -60.11 11.42
N PHE B 1044 -23.22 -59.88 12.62
CA PHE B 1044 -22.73 -60.96 13.47
C PHE B 1044 -22.95 -60.60 14.92
N THR B 1045 -23.62 -61.50 15.64
CA THR B 1045 -23.73 -61.36 17.08
C THR B 1045 -22.35 -61.55 17.70
N THR B 1046 -21.99 -60.68 18.63
CA THR B 1046 -20.72 -60.85 19.32
C THR B 1046 -20.91 -60.59 20.81
N ALA B 1047 -19.91 -61.03 21.57
CA ALA B 1047 -19.89 -60.83 23.01
C ALA B 1047 -18.44 -60.92 23.48
N PRO B 1048 -17.96 -59.95 24.25
CA PRO B 1048 -16.59 -60.03 24.76
C PRO B 1048 -16.49 -61.09 25.84
N ALA B 1049 -15.29 -61.68 25.94
CA ALA B 1049 -14.88 -62.52 27.06
C ALA B 1049 -15.79 -63.72 27.28
N ILE B 1050 -15.76 -64.69 26.36
CA ILE B 1050 -16.50 -65.94 26.50
C ILE B 1050 -16.10 -66.64 27.79
N CYS B 1051 -17.08 -67.12 28.54
CA CYS B 1051 -16.83 -67.72 29.84
C CYS B 1051 -16.51 -69.20 29.67
N HIS B 1052 -15.27 -69.56 29.94
CA HIS B 1052 -14.84 -70.96 29.82
C HIS B 1052 -14.03 -71.33 31.05
N GLU B 1053 -14.60 -72.23 31.87
CA GLU B 1053 -13.97 -72.80 33.06
C GLU B 1053 -13.59 -71.69 34.05
N GLY B 1054 -14.61 -71.02 34.56
CA GLY B 1054 -14.41 -70.00 35.55
C GLY B 1054 -14.17 -68.61 34.97
N LYS B 1055 -12.91 -68.21 34.94
CA LYS B 1055 -12.56 -66.89 34.42
C LYS B 1055 -12.63 -66.87 32.90
N ALA B 1056 -13.22 -65.81 32.36
CA ALA B 1056 -13.44 -65.64 30.94
C ALA B 1056 -12.15 -65.26 30.21
N TYR B 1057 -12.21 -65.34 28.89
CA TYR B 1057 -11.04 -65.14 28.03
C TYR B 1057 -11.28 -63.96 27.10
N PHE B 1058 -10.62 -62.86 27.37
CA PHE B 1058 -10.60 -61.69 26.50
C PHE B 1058 -9.77 -61.96 25.26
N PRO B 1059 -10.16 -61.43 24.10
CA PRO B 1059 -9.49 -61.81 22.87
C PRO B 1059 -8.16 -61.09 22.68
N ARG B 1060 -7.20 -61.83 22.12
CA ARG B 1060 -5.92 -61.26 21.71
C ARG B 1060 -6.11 -60.71 20.30
N GLU B 1061 -6.58 -59.45 20.25
CA GLU B 1061 -6.94 -58.72 19.03
C GLU B 1061 -8.01 -59.49 18.25
N GLY B 1062 -9.21 -59.56 18.82
CA GLY B 1062 -10.34 -60.19 18.16
C GLY B 1062 -11.65 -59.53 18.56
N VAL B 1063 -12.78 -60.09 18.15
CA VAL B 1063 -14.08 -59.51 18.47
C VAL B 1063 -15.01 -60.54 19.10
N PHE B 1064 -14.64 -61.82 19.01
CA PHE B 1064 -15.50 -62.98 19.26
C PHE B 1064 -16.77 -62.96 18.42
N VAL B 1065 -16.59 -63.12 17.12
CA VAL B 1065 -17.67 -63.25 16.16
C VAL B 1065 -18.44 -64.54 16.44
N PHE B 1066 -19.72 -64.58 16.05
CA PHE B 1066 -20.56 -65.76 16.19
C PHE B 1066 -21.39 -65.93 14.92
N ASN B 1067 -21.00 -66.89 14.08
CA ASN B 1067 -21.85 -67.34 12.99
C ASN B 1067 -22.81 -68.42 13.51
N GLY B 1068 -23.43 -69.17 12.61
CA GLY B 1068 -24.42 -70.15 13.02
C GLY B 1068 -23.90 -71.28 13.89
N THR B 1069 -24.18 -71.16 15.19
CA THR B 1069 -23.89 -72.15 16.24
C THR B 1069 -22.41 -72.52 16.28
N SER B 1070 -21.56 -71.49 16.30
CA SER B 1070 -20.12 -71.63 16.52
C SER B 1070 -19.52 -70.26 16.80
N TRP B 1071 -18.61 -70.21 17.76
CA TRP B 1071 -17.87 -69.00 18.07
C TRP B 1071 -16.51 -69.01 17.38
N PHE B 1072 -16.09 -67.85 16.89
CA PHE B 1072 -14.77 -67.69 16.32
C PHE B 1072 -14.23 -66.33 16.72
N ILE B 1073 -12.96 -66.08 16.40
CA ILE B 1073 -12.38 -64.76 16.54
C ILE B 1073 -11.90 -64.29 15.18
N THR B 1074 -12.11 -63.00 14.90
CA THR B 1074 -11.68 -62.39 13.66
C THR B 1074 -10.98 -61.08 13.94
N GLN B 1075 -10.18 -60.65 12.99
CA GLN B 1075 -9.80 -59.25 12.92
C GLN B 1075 -10.97 -58.47 12.35
N ARG B 1076 -11.17 -57.25 12.84
CA ARG B 1076 -12.42 -56.54 12.58
C ARG B 1076 -12.38 -55.69 11.32
N ASN B 1077 -11.53 -56.05 10.36
CA ASN B 1077 -11.63 -55.42 9.05
C ASN B 1077 -11.80 -56.44 7.92
N PHE B 1078 -11.82 -57.73 8.24
CA PHE B 1078 -12.05 -58.79 7.26
C PHE B 1078 -12.51 -60.04 7.98
N PHE B 1079 -13.60 -60.65 7.53
CA PHE B 1079 -14.15 -61.82 8.20
C PHE B 1079 -13.29 -63.03 7.88
N SER B 1080 -12.37 -63.36 8.79
CA SER B 1080 -11.53 -64.54 8.69
C SER B 1080 -11.69 -65.31 10.01
N PRO B 1081 -12.67 -66.20 10.10
CA PRO B 1081 -12.94 -66.88 11.37
C PRO B 1081 -11.88 -67.92 11.73
N GLN B 1082 -11.23 -67.71 12.87
CA GLN B 1082 -10.23 -68.64 13.36
C GLN B 1082 -10.80 -69.49 14.49
N ILE B 1083 -10.29 -70.71 14.60
CA ILE B 1083 -10.65 -71.59 15.71
C ILE B 1083 -10.11 -70.99 17.00
N ILE B 1084 -10.98 -70.87 17.99
CA ILE B 1084 -10.62 -70.23 19.25
C ILE B 1084 -9.68 -71.15 20.04
N THR B 1085 -8.54 -70.60 20.44
CA THR B 1085 -7.51 -71.35 21.15
C THR B 1085 -7.09 -70.58 22.40
N THR B 1086 -5.99 -71.04 23.01
CA THR B 1086 -5.46 -70.34 24.17
C THR B 1086 -4.68 -69.10 23.74
N ASP B 1087 -3.84 -69.23 22.72
CA ASP B 1087 -3.02 -68.13 22.25
C ASP B 1087 -3.78 -67.11 21.42
N ASN B 1088 -5.05 -67.36 21.11
CA ASN B 1088 -5.92 -66.34 20.55
C ASN B 1088 -6.55 -65.49 21.63
N THR B 1089 -6.37 -65.85 22.91
CA THR B 1089 -6.93 -65.12 24.03
C THR B 1089 -5.88 -64.94 25.09
N PHE B 1090 -6.33 -64.45 26.25
CA PHE B 1090 -5.53 -64.39 27.46
C PHE B 1090 -6.50 -64.36 28.63
N VAL B 1091 -5.99 -64.12 29.83
CA VAL B 1091 -6.84 -64.13 31.02
C VAL B 1091 -6.85 -62.76 31.69
N ARG C 5 -21.83 53.98 40.07
CA ARG C 5 -20.87 54.57 41.00
C ARG C 5 -19.94 53.52 41.59
N CYS C 6 -18.69 53.93 41.83
CA CYS C 6 -17.65 53.02 42.34
C CYS C 6 -17.74 52.95 43.85
N THR C 7 -18.79 52.28 44.33
CA THR C 7 -19.03 52.12 45.76
C THR C 7 -18.45 50.78 46.21
N THR C 8 -17.41 50.85 47.03
CA THR C 8 -16.82 49.66 47.64
C THR C 8 -17.16 49.64 49.12
N PHE C 9 -17.53 48.46 49.61
CA PHE C 9 -17.74 48.30 51.04
C PHE C 9 -16.39 48.32 51.77
N ASP C 10 -16.44 48.65 53.06
CA ASP C 10 -15.21 48.84 53.82
C ASP C 10 -14.53 47.51 54.14
N ASP C 11 -15.19 46.64 54.89
CA ASP C 11 -14.59 45.39 55.35
C ASP C 11 -14.71 44.36 54.23
N VAL C 12 -13.63 44.20 53.49
CA VAL C 12 -13.54 43.23 52.40
C VAL C 12 -12.55 42.15 52.83
N GLN C 13 -13.07 41.00 53.23
CA GLN C 13 -12.22 39.92 53.71
C GLN C 13 -11.72 39.07 52.54
N ALA C 14 -10.42 38.78 52.55
CA ALA C 14 -9.77 38.05 51.47
C ALA C 14 -10.20 36.59 51.45
N PRO C 15 -10.24 35.98 50.26
CA PRO C 15 -10.56 34.55 50.19
C PRO C 15 -9.43 33.67 50.74
N ASN C 16 -9.82 32.58 51.39
CA ASN C 16 -8.84 31.63 51.91
C ASN C 16 -8.37 30.64 50.86
N TYR C 17 -9.02 30.61 49.69
CA TYR C 17 -8.73 29.71 48.57
C TYR C 17 -8.80 28.24 49.00
N THR C 18 -9.97 27.87 49.51
CA THR C 18 -10.22 26.49 49.89
C THR C 18 -10.45 25.68 48.62
N GLN C 19 -9.47 24.86 48.26
CA GLN C 19 -9.53 24.11 47.01
C GLN C 19 -10.49 22.93 47.13
N HIS C 20 -11.12 22.60 46.02
CA HIS C 20 -12.04 21.47 45.96
C HIS C 20 -11.78 20.69 44.68
N THR C 21 -12.31 19.48 44.64
CA THR C 21 -12.05 18.56 43.54
C THR C 21 -13.18 18.59 42.53
N SER C 22 -12.84 18.86 41.27
CA SER C 22 -13.78 18.73 40.16
C SER C 22 -13.97 17.25 39.90
N SER C 23 -14.86 16.65 40.68
CA SER C 23 -14.98 15.20 40.78
C SER C 23 -15.42 14.56 39.46
N MET C 24 -16.63 14.82 39.02
CA MET C 24 -17.10 14.32 37.73
C MET C 24 -17.89 15.40 37.01
N ARG C 25 -17.38 16.63 37.04
CA ARG C 25 -18.11 17.77 36.51
C ARG C 25 -17.34 18.45 35.39
N GLY C 26 -18.02 19.34 34.69
CA GLY C 26 -17.43 20.02 33.57
C GLY C 26 -17.51 19.24 32.28
N VAL C 27 -18.58 18.48 32.08
CA VAL C 27 -18.77 17.66 30.90
C VAL C 27 -19.95 18.22 30.12
N TYR C 28 -19.71 18.60 28.87
CA TYR C 28 -20.75 19.19 28.06
C TYR C 28 -20.84 18.47 26.72
N TYR C 29 -21.96 18.65 26.04
CA TYR C 29 -22.10 18.14 24.69
C TYR C 29 -21.16 18.93 23.79
N PRO C 30 -20.16 18.27 23.20
CA PRO C 30 -19.11 19.03 22.50
C PRO C 30 -19.56 19.63 21.19
N ASP C 31 -20.58 19.08 20.56
CA ASP C 31 -21.09 19.58 19.30
C ASP C 31 -22.57 19.25 19.18
N GLU C 32 -23.19 19.79 18.14
CA GLU C 32 -24.63 19.69 17.94
C GLU C 32 -25.01 18.42 17.20
N ILE C 33 -24.43 17.30 17.60
CA ILE C 33 -24.56 16.05 16.86
C ILE C 33 -25.14 15.01 17.79
N PHE C 34 -26.26 14.41 17.39
CA PHE C 34 -26.85 13.36 18.20
C PHE C 34 -26.08 12.06 18.02
N ARG C 35 -25.70 11.44 19.13
CA ARG C 35 -25.03 10.16 19.13
C ARG C 35 -25.75 9.25 20.11
N SER C 36 -26.09 8.05 19.65
CA SER C 36 -26.92 7.14 20.41
C SER C 36 -26.15 5.86 20.71
N ASP C 37 -25.92 5.63 22.01
CA ASP C 37 -25.32 4.42 22.57
C ASP C 37 -23.96 4.14 21.95
N THR C 38 -23.00 5.04 22.14
CA THR C 38 -21.70 4.86 21.53
C THR C 38 -20.66 5.53 22.42
N LEU C 39 -19.40 5.14 22.20
CA LEU C 39 -18.26 5.73 22.86
C LEU C 39 -17.57 6.68 21.91
N TYR C 40 -17.29 7.88 22.38
CA TYR C 40 -16.84 8.93 21.47
C TYR C 40 -15.70 9.71 22.09
N LEU C 41 -14.59 9.80 21.37
CA LEU C 41 -13.43 10.59 21.78
C LEU C 41 -13.58 12.01 21.28
N THR C 42 -13.07 12.96 22.06
CA THR C 42 -13.21 14.38 21.74
C THR C 42 -11.96 15.12 22.16
N GLN C 43 -11.39 15.91 21.25
CA GLN C 43 -10.31 16.82 21.59
C GLN C 43 -10.88 18.24 21.65
N ASP C 44 -11.17 18.72 22.86
CA ASP C 44 -11.72 20.04 23.05
C ASP C 44 -11.37 20.47 24.48
N LEU C 45 -11.67 21.74 24.79
CA LEU C 45 -11.45 22.27 26.12
C LEU C 45 -12.49 21.70 27.07
N PHE C 46 -12.05 20.85 27.99
CA PHE C 46 -12.92 20.26 29.00
C PHE C 46 -12.35 20.53 30.39
N LEU C 47 -13.18 20.36 31.40
CA LEU C 47 -12.72 20.39 32.77
C LEU C 47 -12.23 19.01 33.16
N PRO C 48 -10.97 18.85 33.55
CA PRO C 48 -10.47 17.53 33.89
C PRO C 48 -11.07 17.01 35.19
N PHE C 49 -11.21 15.69 35.25
CA PHE C 49 -11.67 15.03 36.46
C PHE C 49 -10.64 15.18 37.55
N TYR C 50 -11.12 15.56 38.75
CA TYR C 50 -10.32 15.73 39.96
C TYR C 50 -9.24 16.80 39.77
N SER C 51 -9.68 18.00 39.46
CA SER C 51 -8.81 19.17 39.40
C SER C 51 -9.14 20.11 40.54
N ASN C 52 -8.26 21.07 40.77
CA ASN C 52 -8.42 21.99 41.89
C ASN C 52 -9.40 23.09 41.50
N VAL C 53 -10.52 23.17 42.20
CA VAL C 53 -11.54 24.18 41.95
C VAL C 53 -11.57 25.12 43.15
N THR C 54 -11.29 26.39 42.89
CA THR C 54 -11.17 27.38 43.96
C THR C 54 -12.56 27.73 44.47
N GLY C 55 -12.84 27.36 45.72
CA GLY C 55 -14.10 27.70 46.32
C GLY C 55 -14.17 29.15 46.74
N PHE C 56 -15.40 29.66 46.86
CA PHE C 56 -15.65 31.04 47.27
C PHE C 56 -16.87 31.05 48.17
N HIS C 57 -16.64 31.14 49.48
CA HIS C 57 -17.68 30.96 50.49
C HIS C 57 -18.07 32.33 51.05
N THR C 58 -19.32 32.73 50.81
CA THR C 58 -19.78 34.03 51.26
C THR C 58 -20.45 33.93 52.63
N ILE C 59 -19.91 34.69 53.60
CA ILE C 59 -20.49 34.77 54.93
C ILE C 59 -20.66 36.26 55.22
N ASN C 60 -21.13 36.60 56.42
CA ASN C 60 -21.39 37.98 56.85
C ASN C 60 -20.17 38.89 56.75
N HIS C 61 -18.96 38.33 56.87
CA HIS C 61 -17.74 39.10 56.74
C HIS C 61 -17.04 38.88 55.40
N THR C 62 -17.09 37.66 54.88
CA THR C 62 -16.36 37.32 53.67
C THR C 62 -17.19 37.63 52.43
N PHE C 63 -16.61 38.44 51.54
CA PHE C 63 -17.26 38.88 50.30
C PHE C 63 -16.34 38.50 49.15
N ASP C 64 -16.70 37.41 48.46
CA ASP C 64 -15.81 36.78 47.49
C ASP C 64 -16.19 37.15 46.07
N ASN C 65 -15.44 38.09 45.48
CA ASN C 65 -15.40 38.29 44.04
C ASN C 65 -14.08 38.91 43.60
N PRO C 66 -12.99 38.12 43.56
CA PRO C 66 -11.71 38.69 43.10
C PRO C 66 -11.66 38.74 41.58
N VAL C 67 -10.67 39.46 41.04
CA VAL C 67 -10.47 39.47 39.60
C VAL C 67 -9.72 38.21 39.22
N ILE C 68 -10.45 37.21 38.74
CA ILE C 68 -9.89 35.88 38.51
C ILE C 68 -9.41 35.81 37.06
N PRO C 69 -8.23 35.26 36.79
CA PRO C 69 -7.79 35.10 35.39
C PRO C 69 -8.64 34.07 34.67
N PHE C 70 -8.92 34.35 33.40
CA PHE C 70 -9.76 33.49 32.58
C PHE C 70 -9.02 32.25 32.10
N LYS C 71 -7.91 32.43 31.37
CA LYS C 71 -6.96 31.39 31.01
C LYS C 71 -7.58 30.25 30.20
N ASP C 72 -7.98 30.55 28.96
CA ASP C 72 -8.35 29.62 27.89
C ASP C 72 -9.73 29.00 28.12
N GLY C 73 -10.37 29.30 29.24
CA GLY C 73 -11.68 28.76 29.47
C GLY C 73 -11.91 28.34 30.91
N ILE C 74 -13.09 28.62 31.44
CA ILE C 74 -13.40 28.35 32.83
C ILE C 74 -14.62 27.45 32.95
N TYR C 75 -14.66 26.72 34.05
CA TYR C 75 -15.87 26.11 34.55
C TYR C 75 -16.43 27.02 35.63
N PHE C 76 -17.75 26.98 35.79
CA PHE C 76 -18.36 27.79 36.83
C PHE C 76 -19.48 26.99 37.44
N ALA C 77 -19.56 27.06 38.76
CA ALA C 77 -20.66 26.44 39.49
C ALA C 77 -21.09 27.43 40.56
N ALA C 78 -22.30 27.25 41.07
CA ALA C 78 -22.83 28.13 42.09
C ALA C 78 -23.88 27.38 42.89
N THR C 79 -23.52 26.98 44.11
CA THR C 79 -24.49 26.39 45.03
C THR C 79 -25.48 27.46 45.47
N GLU C 80 -26.74 27.32 45.06
CA GLU C 80 -27.70 28.37 45.31
C GLU C 80 -28.99 27.80 45.91
N LYS C 81 -29.60 28.57 46.77
CA LYS C 81 -30.96 28.44 47.25
C LYS C 81 -31.67 29.78 47.27
N SER C 82 -30.92 30.88 47.07
CA SER C 82 -31.47 32.21 46.92
C SER C 82 -31.18 32.83 45.56
N ASN C 83 -30.41 32.13 44.71
CA ASN C 83 -30.00 32.58 43.38
C ASN C 83 -29.25 33.90 43.44
N VAL C 84 -28.10 33.85 44.14
CA VAL C 84 -27.31 35.03 44.44
C VAL C 84 -26.37 35.39 43.30
N VAL C 85 -25.58 34.43 42.81
CA VAL C 85 -24.52 34.77 41.87
C VAL C 85 -25.14 34.86 40.48
N ARG C 86 -25.65 36.03 40.14
CA ARG C 86 -26.23 36.31 38.84
C ARG C 86 -25.45 37.47 38.25
N GLY C 87 -24.48 37.14 37.39
CA GLY C 87 -23.71 38.19 36.75
C GLY C 87 -22.26 37.85 36.49
N TRP C 88 -21.82 38.10 35.25
CA TRP C 88 -20.47 37.77 34.82
C TRP C 88 -19.93 38.91 33.98
N VAL C 89 -18.71 39.32 34.29
CA VAL C 89 -17.98 40.28 33.47
C VAL C 89 -16.77 39.54 32.92
N PHE C 90 -16.45 39.77 31.65
CA PHE C 90 -15.27 39.14 31.03
C PHE C 90 -14.45 40.26 30.38
N GLY C 91 -13.50 40.79 31.14
CA GLY C 91 -12.70 41.92 30.69
C GLY C 91 -11.24 41.56 30.46
N SER C 92 -10.53 42.53 29.88
CA SER C 92 -9.10 42.40 29.66
C SER C 92 -8.31 42.93 30.84
N THR C 93 -8.51 44.21 31.17
CA THR C 93 -7.89 44.83 32.33
C THR C 93 -8.90 45.27 33.38
N MET C 94 -10.20 45.02 33.14
CA MET C 94 -11.31 45.40 34.03
C MET C 94 -11.35 46.90 34.29
N ASN C 95 -11.03 47.68 33.26
CA ASN C 95 -11.05 49.13 33.36
C ASN C 95 -11.79 49.69 32.15
N ASN C 96 -11.77 51.02 32.05
CA ASN C 96 -12.63 51.72 31.09
C ASN C 96 -12.18 51.54 29.65
N LYS C 97 -10.88 51.39 29.42
CA LYS C 97 -10.39 51.34 28.05
C LYS C 97 -10.61 49.97 27.42
N SER C 98 -10.59 48.92 28.23
CA SER C 98 -10.64 47.56 27.70
C SER C 98 -12.07 47.16 27.35
N GLN C 99 -12.20 46.16 26.49
CA GLN C 99 -13.50 45.62 26.12
C GLN C 99 -13.93 44.59 27.15
N SER C 100 -15.17 44.70 27.60
CA SER C 100 -15.69 43.84 28.66
C SER C 100 -17.13 43.49 28.34
N VAL C 101 -17.40 42.21 28.15
CA VAL C 101 -18.79 41.78 28.02
C VAL C 101 -19.36 41.58 29.43
N ILE C 102 -20.61 41.94 29.61
CA ILE C 102 -21.29 41.84 30.90
C ILE C 102 -22.53 40.97 30.68
N ILE C 103 -22.48 39.74 31.18
CA ILE C 103 -23.62 38.85 31.15
C ILE C 103 -24.29 38.88 32.51
N ILE C 104 -25.50 39.44 32.57
CA ILE C 104 -26.22 39.58 33.84
C ILE C 104 -27.66 39.14 33.67
N ASN C 105 -28.22 38.59 34.73
CA ASN C 105 -29.66 38.41 34.86
C ASN C 105 -30.17 39.39 35.91
N ASN C 106 -31.11 40.25 35.51
CA ASN C 106 -31.66 41.17 36.50
C ASN C 106 -33.03 40.65 36.95
N SER C 107 -33.12 39.32 37.12
CA SER C 107 -34.22 38.59 37.75
C SER C 107 -35.51 38.63 36.94
N THR C 108 -35.43 39.06 35.68
CA THR C 108 -36.56 38.91 34.78
C THR C 108 -36.10 38.39 33.43
N ASN C 109 -34.85 38.64 33.06
CA ASN C 109 -34.31 38.29 31.75
C ASN C 109 -32.79 38.46 31.79
N VAL C 110 -32.11 37.65 30.99
CA VAL C 110 -30.65 37.71 30.90
C VAL C 110 -30.26 38.72 29.84
N VAL C 111 -29.40 39.66 30.20
CA VAL C 111 -28.99 40.72 29.28
C VAL C 111 -27.49 40.70 29.06
N ILE C 112 -27.07 40.47 27.82
CA ILE C 112 -25.66 40.44 27.45
C ILE C 112 -25.35 41.69 26.65
N ARG C 113 -24.36 42.46 27.10
CA ARG C 113 -24.07 43.75 26.47
C ARG C 113 -22.58 44.05 26.64
N ALA C 114 -21.86 44.04 25.52
CA ALA C 114 -20.42 44.27 25.54
C ALA C 114 -20.09 45.67 25.07
N CYS C 115 -19.22 46.34 25.83
CA CYS C 115 -18.83 47.71 25.54
C CYS C 115 -17.49 47.97 26.21
N ASN C 116 -17.08 49.23 26.29
CA ASN C 116 -15.89 49.62 27.04
C ASN C 116 -16.38 50.21 28.36
N PHE C 117 -16.68 49.33 29.31
CA PHE C 117 -17.26 49.75 30.58
C PHE C 117 -16.19 50.23 31.53
N GLU C 118 -16.48 51.33 32.23
CA GLU C 118 -15.72 51.72 33.40
C GLU C 118 -16.14 50.81 34.53
N LEU C 119 -15.41 49.71 34.72
CA LEU C 119 -15.77 48.72 35.72
C LEU C 119 -15.52 49.25 37.12
N CYS C 120 -16.56 49.20 37.95
CA CYS C 120 -16.41 49.51 39.36
C CYS C 120 -15.68 48.35 40.05
N ASP C 121 -14.99 48.68 41.15
CA ASP C 121 -14.26 47.65 41.88
C ASP C 121 -15.19 46.76 42.71
N ASN C 122 -16.45 47.16 42.89
CA ASN C 122 -17.38 46.41 43.71
C ASN C 122 -18.78 46.55 43.15
N PRO C 123 -19.19 45.67 42.23
CA PRO C 123 -20.58 45.65 41.79
C PRO C 123 -21.46 44.88 42.76
N PHE C 124 -22.68 45.38 42.96
CA PHE C 124 -23.60 44.77 43.90
C PHE C 124 -25.03 45.18 43.54
N PHE C 125 -25.98 44.37 43.97
CA PHE C 125 -27.39 44.70 43.84
C PHE C 125 -27.95 45.07 45.21
N ALA C 126 -28.52 46.27 45.31
CA ALA C 126 -29.10 46.74 46.56
C ALA C 126 -30.43 46.01 46.79
N VAL C 127 -30.33 44.85 47.43
CA VAL C 127 -31.49 44.01 47.75
C VAL C 127 -31.62 43.95 49.26
N SER C 128 -32.84 44.14 49.76
CA SER C 128 -33.09 44.04 51.19
C SER C 128 -33.05 42.59 51.64
N LYS C 129 -32.59 42.38 52.88
CA LYS C 129 -32.44 41.01 53.38
C LYS C 129 -33.76 40.36 53.79
N PRO C 130 -34.69 41.03 54.58
CA PRO C 130 -35.97 40.35 54.82
C PRO C 130 -36.94 40.43 53.63
N MET C 131 -36.85 41.49 52.84
CA MET C 131 -37.75 41.64 51.70
C MET C 131 -37.33 40.76 50.53
N GLY C 132 -36.12 40.97 50.03
CA GLY C 132 -35.62 40.19 48.91
C GLY C 132 -36.11 40.70 47.57
N THR C 133 -35.99 42.01 47.35
CA THR C 133 -36.39 42.63 46.10
C THR C 133 -35.23 43.45 45.54
N GLN C 134 -35.02 43.34 44.23
CA GLN C 134 -33.99 44.13 43.55
C GLN C 134 -34.48 45.56 43.42
N THR C 135 -33.78 46.49 44.07
CA THR C 135 -34.15 47.89 43.98
C THR C 135 -33.45 48.58 42.81
N HIS C 136 -32.12 48.51 42.78
CA HIS C 136 -31.33 49.18 41.76
C HIS C 136 -30.16 48.30 41.35
N THR C 137 -29.38 48.80 40.39
CA THR C 137 -28.10 48.20 40.02
C THR C 137 -27.11 49.34 39.79
N MET C 138 -25.85 49.09 40.15
CA MET C 138 -24.79 50.09 40.08
C MET C 138 -23.53 49.48 39.45
N ILE C 139 -23.73 48.54 38.52
CA ILE C 139 -22.61 47.84 37.90
C ILE C 139 -21.87 48.75 36.93
N PHE C 140 -22.61 49.43 36.07
CA PHE C 140 -22.06 50.25 35.01
C PHE C 140 -22.58 51.68 35.15
N ASP C 141 -21.73 52.65 34.82
CA ASP C 141 -22.16 54.04 34.70
C ASP C 141 -21.93 54.55 33.29
N ASN C 142 -20.73 54.41 32.76
CA ASN C 142 -20.40 54.91 31.43
C ASN C 142 -20.21 53.74 30.47
N ALA C 143 -20.74 53.89 29.25
CA ALA C 143 -20.62 52.84 28.25
C ALA C 143 -20.37 53.51 26.90
N PHE C 144 -19.10 53.70 26.57
CA PHE C 144 -18.70 54.35 25.32
C PHE C 144 -18.03 53.33 24.44
N ASN C 145 -18.21 53.50 23.11
CA ASN C 145 -17.71 52.58 22.09
C ASN C 145 -18.23 51.16 22.31
N CYS C 146 -19.55 51.00 22.19
CA CYS C 146 -20.21 49.73 22.48
C CYS C 146 -20.27 48.87 21.23
N THR C 147 -19.79 47.63 21.35
CA THR C 147 -19.79 46.66 20.27
C THR C 147 -21.09 45.87 20.21
N PHE C 148 -21.42 45.15 21.28
CA PHE C 148 -22.39 44.07 21.22
C PHE C 148 -23.60 44.38 22.10
N GLU C 149 -24.76 43.93 21.64
CA GLU C 149 -26.03 44.16 22.30
C GLU C 149 -26.88 42.90 22.18
N TYR C 150 -27.46 42.47 23.30
CA TYR C 150 -28.35 41.31 23.26
C TYR C 150 -29.30 41.36 24.45
N ILE C 151 -30.53 40.90 24.20
CA ILE C 151 -31.55 40.70 25.23
C ILE C 151 -32.19 39.34 24.96
N SER C 152 -32.24 38.48 25.98
CA SER C 152 -32.68 37.10 25.82
C SER C 152 -34.17 36.98 26.08
N ASP C 153 -34.66 35.75 26.23
CA ASP C 153 -36.06 35.49 26.56
C ASP C 153 -36.27 35.50 28.06
N ALA C 154 -37.45 35.93 28.49
CA ALA C 154 -37.70 36.24 29.89
C ALA C 154 -38.08 35.00 30.69
N PHE C 155 -37.78 35.05 31.99
CA PHE C 155 -38.15 34.03 32.96
C PHE C 155 -38.04 34.62 34.36
N SER C 156 -38.86 34.11 35.27
CA SER C 156 -38.91 34.65 36.62
C SER C 156 -37.73 34.15 37.46
N LEU C 157 -37.47 34.84 38.56
CA LEU C 157 -36.39 34.50 39.46
C LEU C 157 -36.77 34.90 40.88
N ASP C 158 -36.39 34.06 41.85
CA ASP C 158 -36.59 34.35 43.27
C ASP C 158 -35.27 34.85 43.84
N VAL C 159 -35.35 35.85 44.71
CA VAL C 159 -34.15 36.53 45.21
C VAL C 159 -33.95 36.34 46.71
N SER C 160 -35.03 36.20 47.49
CA SER C 160 -35.01 36.39 48.93
C SER C 160 -34.27 35.25 49.65
N GLU C 161 -34.06 35.47 50.94
CA GLU C 161 -33.19 34.62 51.76
C GLU C 161 -33.87 33.31 52.13
N LYS C 162 -33.10 32.22 52.07
CA LYS C 162 -33.49 30.92 52.61
C LYS C 162 -32.51 30.55 53.71
N SER C 163 -32.61 29.33 54.23
CA SER C 163 -31.73 28.88 55.30
C SER C 163 -31.62 27.36 55.25
N GLY C 164 -30.41 26.84 55.10
CA GLY C 164 -30.19 25.41 55.10
C GLY C 164 -29.35 24.92 53.93
N ASN C 165 -29.65 23.72 53.45
CA ASN C 165 -28.95 23.16 52.31
C ASN C 165 -29.40 23.81 51.01
N PHE C 166 -28.67 23.54 49.94
CA PHE C 166 -28.93 24.16 48.66
C PHE C 166 -29.85 23.30 47.80
N LYS C 167 -30.80 23.97 47.15
CA LYS C 167 -31.73 23.33 46.23
C LYS C 167 -31.27 23.41 44.78
N HIS C 168 -30.68 24.53 44.40
CA HIS C 168 -30.25 24.76 43.03
C HIS C 168 -28.75 24.60 42.89
N LEU C 169 -28.31 24.34 41.65
CA LEU C 169 -26.88 24.30 41.34
C LEU C 169 -26.75 24.62 39.84
N ARG C 170 -26.40 25.86 39.53
CA ARG C 170 -26.19 26.27 38.15
C ARG C 170 -24.74 25.99 37.77
N GLU C 171 -24.53 25.29 36.64
CA GLU C 171 -23.21 24.88 36.22
C GLU C 171 -22.94 25.40 34.82
N PHE C 172 -21.94 26.28 34.69
CA PHE C 172 -21.68 27.03 33.47
C PHE C 172 -20.26 26.81 32.99
N VAL C 173 -20.09 26.90 31.67
CA VAL C 173 -18.79 26.75 31.02
C VAL C 173 -18.61 27.84 29.99
N PHE C 174 -17.51 28.59 30.11
CA PHE C 174 -17.23 29.73 29.25
C PHE C 174 -15.96 29.47 28.47
N LYS C 175 -16.06 29.43 27.14
CA LYS C 175 -14.91 29.21 26.28
C LYS C 175 -14.74 30.38 25.35
N ASN C 176 -13.61 31.07 25.44
CA ASN C 176 -13.22 32.05 24.44
C ASN C 176 -12.56 31.28 23.31
N LYS C 177 -13.19 31.29 22.13
CA LYS C 177 -12.66 30.52 21.01
C LYS C 177 -13.02 31.19 19.69
N ASP C 178 -12.00 31.77 19.03
CA ASP C 178 -12.16 32.60 17.82
C ASP C 178 -13.17 33.73 18.03
N GLY C 179 -13.11 34.35 19.20
CA GLY C 179 -14.01 35.43 19.50
C GLY C 179 -15.44 35.03 19.75
N PHE C 180 -15.71 33.73 19.91
CA PHE C 180 -17.05 33.23 20.20
C PHE C 180 -17.07 32.71 21.63
N LEU C 181 -17.77 33.42 22.50
CA LEU C 181 -17.91 32.99 23.88
C LEU C 181 -18.95 31.87 23.97
N TYR C 182 -18.49 30.62 23.97
CA TYR C 182 -19.41 29.51 24.12
C TYR C 182 -19.85 29.38 25.57
N VAL C 183 -21.16 29.41 25.79
CA VAL C 183 -21.73 29.35 27.14
C VAL C 183 -22.58 28.10 27.22
N TYR C 184 -22.39 27.32 28.29
CA TYR C 184 -23.07 26.05 28.49
C TYR C 184 -23.87 26.11 29.78
N LYS C 185 -24.76 25.13 29.99
CA LYS C 185 -25.68 25.20 31.11
C LYS C 185 -26.14 23.82 31.52
N GLY C 186 -26.17 23.58 32.83
CA GLY C 186 -26.76 22.36 33.38
C GLY C 186 -27.28 22.62 34.78
N TYR C 187 -27.96 21.62 35.31
CA TYR C 187 -28.68 21.77 36.56
C TYR C 187 -28.99 20.40 37.16
N GLN C 188 -28.85 20.29 38.48
CA GLN C 188 -29.33 19.14 39.23
C GLN C 188 -29.50 19.55 40.69
N PRO C 189 -30.40 18.90 41.43
CA PRO C 189 -30.53 19.21 42.86
C PRO C 189 -29.46 18.51 43.68
N ILE C 190 -29.05 19.18 44.77
CA ILE C 190 -27.98 18.70 45.64
C ILE C 190 -28.40 18.78 47.09
N ASP C 191 -27.49 18.38 47.99
CA ASP C 191 -27.64 18.61 49.43
C ASP C 191 -26.24 18.64 50.05
N VAL C 192 -25.74 19.84 50.31
CA VAL C 192 -24.39 20.06 50.82
C VAL C 192 -24.34 21.44 51.45
N VAL C 193 -23.38 21.63 52.35
CA VAL C 193 -23.17 22.94 52.97
C VAL C 193 -22.11 23.74 52.23
N ARG C 194 -20.93 23.18 52.06
CA ARG C 194 -19.83 23.94 51.46
C ARG C 194 -19.05 23.21 50.37
N ASP C 195 -19.10 21.88 50.30
CA ASP C 195 -18.27 21.16 49.35
C ASP C 195 -18.94 21.15 47.97
N LEU C 196 -18.14 21.31 46.93
CA LEU C 196 -18.62 21.09 45.58
C LEU C 196 -18.87 19.60 45.41
N PRO C 197 -20.12 19.16 45.30
CA PRO C 197 -20.42 17.74 45.51
C PRO C 197 -19.99 16.88 44.33
N SER C 198 -19.60 15.66 44.66
CA SER C 198 -19.24 14.67 43.65
C SER C 198 -20.50 14.19 42.95
N GLY C 199 -20.38 13.96 41.66
CA GLY C 199 -21.50 13.56 40.85
C GLY C 199 -21.29 14.00 39.42
N PHE C 200 -22.00 13.33 38.52
CA PHE C 200 -21.87 13.57 37.09
C PHE C 200 -23.08 14.36 36.60
N ASN C 201 -22.84 15.38 35.79
CA ASN C 201 -23.92 16.18 35.24
C ASN C 201 -23.45 16.72 33.89
N THR C 202 -24.34 16.68 32.91
CA THR C 202 -23.98 17.05 31.55
C THR C 202 -24.54 18.43 31.23
N LEU C 203 -23.75 19.22 30.51
CA LEU C 203 -24.08 20.61 30.26
C LEU C 203 -24.46 20.81 28.79
N LYS C 204 -25.34 21.77 28.54
CA LYS C 204 -25.92 22.00 27.23
C LYS C 204 -25.71 23.43 26.77
N PRO C 205 -25.49 23.66 25.49
CA PRO C 205 -25.13 25.01 25.01
C PRO C 205 -26.34 25.94 24.95
N ILE C 206 -26.06 27.22 25.17
CA ILE C 206 -27.09 28.26 25.05
C ILE C 206 -26.64 29.38 24.13
N PHE C 207 -25.40 29.85 24.24
CA PHE C 207 -24.97 31.05 23.52
C PHE C 207 -23.61 30.85 22.86
N LYS C 208 -23.56 31.08 21.55
CA LYS C 208 -22.33 31.29 20.80
C LYS C 208 -22.22 32.77 20.47
N LEU C 209 -21.69 33.54 21.42
CA LEU C 209 -21.75 34.99 21.33
C LEU C 209 -20.63 35.55 20.46
N PRO C 210 -20.93 36.21 19.36
CA PRO C 210 -19.85 36.77 18.51
C PRO C 210 -19.26 38.06 19.07
N LEU C 211 -18.35 37.91 20.02
CA LEU C 211 -17.79 39.07 20.72
C LEU C 211 -16.49 39.56 20.07
N GLY C 212 -15.50 38.68 19.97
CA GLY C 212 -14.22 39.08 19.42
C GLY C 212 -13.37 39.91 20.35
N ILE C 213 -13.59 39.79 21.66
CA ILE C 213 -12.93 40.65 22.64
C ILE C 213 -11.84 39.85 23.35
N ASN C 214 -10.83 40.56 23.84
CA ASN C 214 -9.75 39.97 24.62
C ASN C 214 -10.27 39.70 26.03
N ILE C 215 -10.50 38.41 26.32
CA ILE C 215 -10.89 37.99 27.65
C ILE C 215 -9.70 37.32 28.32
N THR C 216 -9.14 37.97 29.34
CA THR C 216 -8.10 37.37 30.18
C THR C 216 -8.50 37.33 31.64
N ASN C 217 -9.35 38.24 32.08
CA ASN C 217 -9.80 38.28 33.46
C ASN C 217 -11.32 38.24 33.52
N PHE C 218 -11.84 37.82 34.67
CA PHE C 218 -13.28 37.82 34.85
C PHE C 218 -13.60 38.01 36.32
N ARG C 219 -14.86 38.36 36.59
CA ARG C 219 -15.34 38.54 37.95
C ARG C 219 -16.84 38.28 37.97
N ALA C 220 -17.27 37.46 38.93
CA ALA C 220 -18.69 37.22 39.12
C ALA C 220 -19.34 38.44 39.77
N ILE C 221 -20.66 38.50 39.70
CA ILE C 221 -21.42 39.60 40.31
C ILE C 221 -22.39 39.01 41.32
N LEU C 222 -22.30 39.50 42.55
CA LEU C 222 -23.03 38.94 43.68
C LEU C 222 -24.29 39.75 43.95
N THR C 223 -25.22 39.13 44.67
CA THR C 223 -26.46 39.77 45.11
C THR C 223 -26.35 40.00 46.61
N ALA C 224 -25.96 41.21 47.00
CA ALA C 224 -25.81 41.53 48.40
C ALA C 224 -27.18 41.71 49.04
N PHE C 225 -27.31 41.29 50.30
CA PHE C 225 -28.56 41.40 51.04
C PHE C 225 -28.41 42.51 52.08
N SER C 226 -28.74 43.73 51.65
CA SER C 226 -28.65 44.89 52.53
C SER C 226 -29.84 44.93 53.47
N THR C 231 -22.07 48.40 56.45
CA THR C 231 -23.42 47.92 56.72
C THR C 231 -23.94 47.06 55.56
N TRP C 232 -23.57 45.79 55.56
CA TRP C 232 -24.03 44.87 54.52
C TRP C 232 -24.11 43.48 55.12
N GLY C 233 -24.74 42.58 54.36
CA GLY C 233 -24.86 41.19 54.76
C GLY C 233 -25.12 40.32 53.56
N THR C 234 -24.69 39.06 53.67
CA THR C 234 -24.88 38.08 52.60
C THR C 234 -25.40 36.78 53.21
N SER C 235 -26.25 36.09 52.46
CA SER C 235 -26.71 34.79 52.88
C SER C 235 -25.72 33.71 52.47
N ALA C 236 -25.91 32.51 53.01
CA ALA C 236 -25.01 31.39 52.77
C ALA C 236 -25.21 30.88 51.35
N ALA C 237 -24.29 31.23 50.46
CA ALA C 237 -24.35 30.80 49.06
C ALA C 237 -22.94 30.87 48.49
N ALA C 238 -22.40 29.71 48.10
CA ALA C 238 -21.04 29.63 47.60
C ALA C 238 -21.04 29.32 46.10
N TYR C 239 -19.95 29.72 45.44
CA TYR C 239 -19.77 29.43 44.03
C TYR C 239 -18.37 28.90 43.82
N PHE C 240 -18.16 28.28 42.65
CA PHE C 240 -16.94 27.52 42.39
C PHE C 240 -16.44 27.82 41.00
N VAL C 241 -15.11 27.90 40.85
CA VAL C 241 -14.47 28.26 39.59
C VAL C 241 -13.38 27.25 39.28
N GLY C 242 -13.51 26.55 38.14
CA GLY C 242 -12.47 25.69 37.65
C GLY C 242 -11.88 26.23 36.36
N TYR C 243 -10.87 25.51 35.85
CA TYR C 243 -10.18 25.89 34.63
C TYR C 243 -10.26 24.78 33.60
N LEU C 244 -10.52 25.15 32.35
CA LEU C 244 -10.61 24.20 31.26
C LEU C 244 -9.25 24.07 30.59
N LYS C 245 -8.89 22.85 30.23
CA LYS C 245 -7.62 22.56 29.60
C LYS C 245 -7.83 21.67 28.40
N PRO C 246 -7.02 21.84 27.34
CA PRO C 246 -7.21 21.03 26.13
C PRO C 246 -6.80 19.59 26.35
N THR C 247 -7.80 18.71 26.38
CA THR C 247 -7.57 17.33 26.80
C THR C 247 -8.42 16.43 25.92
N THR C 248 -7.84 15.31 25.48
CA THR C 248 -8.63 14.28 24.83
C THR C 248 -9.62 13.70 25.83
N PHE C 249 -10.80 13.33 25.37
CA PHE C 249 -11.89 13.17 26.30
C PHE C 249 -12.96 12.22 25.76
N MET C 250 -13.28 11.17 26.52
CA MET C 250 -14.13 10.08 26.05
C MET C 250 -15.53 10.25 26.64
N LEU C 251 -16.55 9.93 25.86
CA LEU C 251 -17.94 10.13 26.25
C LEU C 251 -18.76 8.88 25.97
N LYS C 252 -19.57 8.48 26.94
CA LYS C 252 -20.49 7.36 26.75
C LYS C 252 -21.91 7.86 26.61
N TYR C 253 -22.54 7.53 25.49
CA TYR C 253 -23.92 7.91 25.23
C TYR C 253 -24.86 6.76 25.61
N ASP C 254 -26.14 7.06 25.60
CA ASP C 254 -27.16 6.14 26.09
C ASP C 254 -28.08 5.74 24.94
N GLU C 255 -28.95 4.77 25.21
CA GLU C 255 -30.09 4.47 24.34
C GLU C 255 -30.97 5.69 24.18
N ASN C 256 -31.17 6.43 25.28
CA ASN C 256 -31.82 7.74 25.20
C ASN C 256 -31.01 8.69 24.33
N GLY C 257 -29.68 8.62 24.41
CA GLY C 257 -28.83 9.53 23.70
C GLY C 257 -28.33 10.66 24.58
N THR C 258 -28.11 10.34 25.85
CA THR C 258 -27.68 11.29 26.86
C THR C 258 -26.39 10.77 27.45
N ILE C 259 -25.42 11.66 27.69
CA ILE C 259 -24.12 11.26 28.21
C ILE C 259 -24.25 10.73 29.64
N THR C 260 -23.97 9.44 29.82
CA THR C 260 -24.10 8.84 31.15
C THR C 260 -22.79 8.92 31.92
N ASP C 261 -21.67 8.67 31.25
CA ASP C 261 -20.38 8.65 31.91
C ASP C 261 -19.31 9.12 30.93
N ALA C 262 -18.29 9.77 31.47
CA ALA C 262 -17.19 10.29 30.67
C ALA C 262 -15.88 9.88 31.31
N VAL C 263 -14.83 9.85 30.50
CA VAL C 263 -13.48 9.44 30.94
C VAL C 263 -12.47 10.42 30.37
N ASP C 264 -11.67 11.03 31.24
CA ASP C 264 -10.57 11.88 30.82
C ASP C 264 -9.46 10.98 30.29
N CYS C 265 -8.79 11.41 29.22
CA CYS C 265 -7.76 10.55 28.65
C CYS C 265 -6.46 10.66 29.43
N SER C 266 -6.20 11.82 30.04
CA SER C 266 -4.92 12.09 30.68
C SER C 266 -5.04 12.21 32.19
N GLN C 267 -5.99 11.49 32.79
CA GLN C 267 -6.11 11.51 34.24
C GLN C 267 -5.11 10.57 34.88
N ASN C 268 -5.23 9.28 34.60
CA ASN C 268 -4.33 8.26 35.08
C ASN C 268 -4.21 7.20 33.98
N PRO C 269 -3.14 6.37 33.99
CA PRO C 269 -2.93 5.45 32.87
C PRO C 269 -3.99 4.38 32.69
N LEU C 270 -4.83 4.14 33.71
CA LEU C 270 -6.01 3.31 33.49
C LEU C 270 -6.98 4.00 32.55
N ALA C 271 -7.16 5.30 32.72
CA ALA C 271 -8.11 6.02 31.87
C ALA C 271 -7.49 6.38 30.53
N GLU C 272 -6.15 6.34 30.44
CA GLU C 272 -5.49 6.36 29.16
C GLU C 272 -5.80 5.09 28.37
N LEU C 273 -5.88 3.96 29.08
CA LEU C 273 -6.18 2.69 28.45
C LEU C 273 -7.62 2.65 27.97
N LYS C 274 -8.52 3.23 28.75
CA LYS C 274 -9.95 3.20 28.43
C LYS C 274 -10.24 3.98 27.15
N CYS C 275 -9.48 5.05 26.91
CA CYS C 275 -9.59 5.75 25.64
C CYS C 275 -8.83 5.04 24.53
N SER C 276 -7.94 4.12 24.88
CA SER C 276 -7.15 3.44 23.85
C SER C 276 -7.90 2.23 23.30
N VAL C 277 -8.44 1.38 24.18
CA VAL C 277 -9.21 0.23 23.74
C VAL C 277 -10.66 0.57 23.49
N LYS C 278 -11.08 1.79 23.81
CA LYS C 278 -12.45 2.30 23.64
C LYS C 278 -13.48 1.42 24.34
N SER C 279 -13.31 1.32 25.67
CA SER C 279 -14.25 0.59 26.51
C SER C 279 -14.09 1.10 27.94
N PHE C 280 -14.99 0.67 28.80
CA PHE C 280 -14.90 1.00 30.22
C PHE C 280 -14.57 -0.20 31.09
N GLU C 281 -14.84 -1.41 30.62
CA GLU C 281 -14.59 -2.62 31.40
C GLU C 281 -13.59 -3.47 30.62
N ILE C 282 -12.35 -3.43 31.05
CA ILE C 282 -11.23 -4.06 30.34
C ILE C 282 -10.89 -5.36 31.05
N ASP C 283 -10.66 -6.41 30.26
CA ASP C 283 -10.44 -7.75 30.80
C ASP C 283 -9.20 -7.86 31.67
N LYS C 284 -8.02 -7.78 31.05
CA LYS C 284 -6.74 -8.11 31.68
C LYS C 284 -5.66 -7.88 30.64
N GLY C 285 -4.42 -7.73 31.09
CA GLY C 285 -3.31 -7.85 30.18
C GLY C 285 -2.41 -6.64 30.10
N ILE C 286 -1.99 -6.32 28.88
CA ILE C 286 -1.02 -5.26 28.64
C ILE C 286 -1.37 -4.59 27.31
N TYR C 287 -1.28 -3.28 27.26
CA TYR C 287 -1.86 -2.50 26.17
C TYR C 287 -0.82 -1.47 25.74
N GLN C 288 -1.23 -0.47 24.93
CA GLN C 288 -0.25 0.46 24.39
C GLN C 288 -0.76 1.90 24.39
N THR C 289 0.22 2.83 24.37
CA THR C 289 0.15 4.21 23.90
C THR C 289 1.59 4.70 23.75
N SER C 290 1.89 5.51 22.74
CA SER C 290 3.28 5.63 22.33
C SER C 290 3.87 7.03 22.47
N ASN C 291 3.49 7.83 23.45
CA ASN C 291 4.08 9.15 23.64
C ASN C 291 5.24 9.05 24.62
N PHE C 292 6.17 10.03 24.53
CA PHE C 292 7.30 10.25 25.43
C PHE C 292 8.00 11.58 25.19
N ARG C 293 8.64 12.07 26.28
CA ARG C 293 9.75 13.01 26.28
C ARG C 293 9.61 14.39 25.65
N VAL C 294 8.85 15.29 26.29
CA VAL C 294 8.89 16.69 25.88
C VAL C 294 10.20 17.27 26.43
N VAL C 295 10.58 18.44 25.95
CA VAL C 295 11.95 18.93 26.01
C VAL C 295 12.00 20.17 26.88
N PRO C 296 12.78 20.15 27.97
CA PRO C 296 12.88 21.32 28.86
C PRO C 296 13.63 22.52 28.29
N SER C 297 14.85 22.34 27.79
CA SER C 297 15.74 23.44 27.47
C SER C 297 16.08 23.44 25.98
N GLY C 298 16.80 24.47 25.57
CA GLY C 298 17.22 24.64 24.19
C GLY C 298 18.65 25.19 24.11
N ASP C 299 19.40 24.70 23.14
CA ASP C 299 20.68 25.27 22.75
C ASP C 299 20.52 25.89 21.37
N VAL C 300 21.02 27.11 21.22
CA VAL C 300 20.99 27.78 19.94
C VAL C 300 22.40 28.24 19.60
N VAL C 301 23.39 27.48 20.08
CA VAL C 301 24.78 27.88 19.99
C VAL C 301 25.30 27.70 18.57
N ARG C 302 25.33 28.80 17.81
CA ARG C 302 25.76 28.80 16.42
C ARG C 302 27.04 29.62 16.29
N PHE C 303 27.72 29.45 15.16
CA PHE C 303 29.15 29.68 15.01
C PHE C 303 29.73 31.05 15.37
N PRO C 304 29.30 32.20 14.71
CA PRO C 304 30.22 33.35 14.51
C PRO C 304 30.97 33.89 15.71
N ASN C 305 32.29 33.77 15.61
CA ASN C 305 33.20 34.18 16.67
C ASN C 305 33.93 35.45 16.28
N ILE C 306 33.51 36.09 15.19
CA ILE C 306 34.02 37.37 14.71
C ILE C 306 32.90 38.42 14.81
N THR C 307 31.73 38.07 14.26
CA THR C 307 30.49 38.84 14.31
C THR C 307 30.58 40.25 13.72
N ASN C 308 30.78 40.36 12.41
CA ASN C 308 30.52 41.59 11.69
C ASN C 308 29.03 41.71 11.40
N LEU C 309 28.61 42.70 10.62
CA LEU C 309 27.19 42.82 10.33
C LEU C 309 27.00 43.47 8.96
N CYS C 310 25.86 43.14 8.33
CA CYS C 310 25.34 43.70 7.08
C CYS C 310 26.34 43.65 5.93
N PRO C 311 26.62 42.47 5.36
CA PRO C 311 27.59 42.41 4.27
C PRO C 311 27.03 42.87 2.94
N PHE C 312 25.72 42.70 2.74
CA PHE C 312 25.04 43.08 1.51
C PHE C 312 24.43 44.47 1.59
N GLY C 313 24.80 45.25 2.60
CA GLY C 313 24.49 46.67 2.58
C GLY C 313 25.29 47.41 1.52
N GLU C 314 26.46 46.87 1.17
CA GLU C 314 27.22 47.41 0.05
C GLU C 314 26.66 46.90 -1.28
N VAL C 315 26.27 45.63 -1.32
CA VAL C 315 25.98 44.89 -2.55
C VAL C 315 24.77 45.42 -3.29
N PHE C 316 23.65 45.57 -2.59
CA PHE C 316 22.41 45.97 -3.24
C PHE C 316 22.41 47.45 -3.60
N ASN C 317 22.92 48.29 -2.70
CA ASN C 317 23.00 49.71 -2.98
C ASN C 317 24.32 50.10 -3.64
N ALA C 318 25.01 49.16 -4.30
CA ALA C 318 26.16 49.51 -5.11
C ALA C 318 25.70 50.19 -6.40
N THR C 319 26.60 51.01 -6.95
CA THR C 319 26.26 51.76 -8.15
C THR C 319 26.54 50.96 -9.41
N LYS C 320 27.80 50.53 -9.59
CA LYS C 320 28.22 49.90 -10.84
C LYS C 320 27.89 48.42 -10.80
N PHE C 321 26.77 48.05 -11.40
CA PHE C 321 26.50 46.64 -11.66
C PHE C 321 26.96 46.30 -13.08
N PRO C 322 27.60 45.17 -13.30
CA PRO C 322 28.01 44.80 -14.66
C PRO C 322 26.86 44.26 -15.49
N SER C 323 27.17 43.80 -16.70
CA SER C 323 26.16 43.34 -17.64
C SER C 323 25.74 41.90 -17.34
N VAL C 324 24.90 41.36 -18.22
CA VAL C 324 24.34 40.03 -18.00
C VAL C 324 25.42 38.96 -18.23
N TYR C 325 26.22 39.13 -19.28
CA TYR C 325 27.22 38.14 -19.61
C TYR C 325 28.40 38.17 -18.63
N ALA C 326 28.68 39.35 -18.06
CA ALA C 326 29.84 39.52 -17.20
C ALA C 326 29.47 39.83 -15.76
N TRP C 327 28.44 39.16 -15.23
CA TRP C 327 27.98 39.33 -13.86
C TRP C 327 29.06 38.96 -12.86
N GLU C 328 29.08 39.63 -11.72
CA GLU C 328 30.11 39.44 -10.71
C GLU C 328 29.55 38.67 -9.53
N ARG C 329 30.28 37.63 -9.12
CA ARG C 329 29.95 36.87 -7.92
C ARG C 329 30.79 37.40 -6.76
N LYS C 330 30.12 37.97 -5.75
CA LYS C 330 30.79 38.60 -4.63
C LYS C 330 30.64 37.71 -3.39
N LYS C 331 31.76 37.25 -2.86
CA LYS C 331 31.74 36.34 -1.72
C LYS C 331 31.56 37.11 -0.42
N ILE C 332 30.70 36.57 0.45
CA ILE C 332 30.48 37.10 1.79
C ILE C 332 31.23 36.21 2.78
N SER C 333 32.11 36.84 3.57
CA SER C 333 33.04 36.10 4.41
C SER C 333 32.88 36.53 5.87
N ASN C 334 32.59 35.57 6.74
CA ASN C 334 32.59 35.68 8.20
C ASN C 334 31.71 36.80 8.74
N CYS C 335 30.62 37.12 8.06
CA CYS C 335 29.80 38.27 8.42
C CYS C 335 28.38 37.82 8.69
N VAL C 336 27.82 38.29 9.80
CA VAL C 336 26.44 37.99 10.18
C VAL C 336 25.50 38.75 9.25
N ALA C 337 24.89 38.04 8.31
CA ALA C 337 23.95 38.66 7.38
C ALA C 337 22.55 38.61 7.98
N ASP C 338 22.12 39.71 8.59
CA ASP C 338 20.75 39.84 9.04
C ASP C 338 19.87 40.18 7.87
N TYR C 339 18.94 39.31 7.54
CA TYR C 339 17.96 39.56 6.49
C TYR C 339 16.83 40.39 7.07
N SER C 340 15.78 40.65 6.26
CA SER C 340 14.58 41.45 6.51
C SER C 340 14.87 42.95 6.56
N VAL C 341 16.15 43.33 6.55
CA VAL C 341 16.55 44.66 6.09
C VAL C 341 16.35 44.61 4.59
N LEU C 342 16.62 43.43 4.03
CA LEU C 342 16.46 43.17 2.61
C LEU C 342 14.99 42.92 2.26
N TYR C 343 14.27 42.21 3.12
CA TYR C 343 13.01 41.58 2.72
C TYR C 343 11.75 42.43 2.89
N ASN C 344 11.47 42.88 4.11
CA ASN C 344 10.10 43.32 4.41
C ASN C 344 9.80 44.70 3.81
N SER C 345 10.79 45.58 3.77
CA SER C 345 10.66 46.82 3.01
C SER C 345 10.73 46.47 1.53
N THR C 346 9.63 46.69 0.82
CA THR C 346 9.50 46.23 -0.57
C THR C 346 10.25 47.22 -1.47
N PHE C 347 11.54 46.94 -1.65
CA PHE C 347 12.30 47.57 -2.72
C PHE C 347 12.15 46.82 -4.03
N PHE C 348 11.79 45.54 -3.95
CA PHE C 348 11.96 44.60 -5.05
C PHE C 348 10.61 44.35 -5.73
N SER C 349 10.61 44.42 -7.06
CA SER C 349 9.41 44.12 -7.82
C SER C 349 9.08 42.63 -7.75
N THR C 350 10.10 41.78 -7.83
CA THR C 350 9.92 40.34 -7.79
C THR C 350 10.93 39.75 -6.80
N PHE C 351 10.46 39.52 -5.58
CA PHE C 351 11.18 38.71 -4.63
C PHE C 351 10.62 37.29 -4.67
N LYS C 352 11.50 36.31 -4.83
CA LYS C 352 11.04 34.94 -5.06
C LYS C 352 12.16 33.98 -4.62
N CYS C 353 11.91 33.27 -3.51
CA CYS C 353 12.87 32.31 -2.98
C CYS C 353 12.80 30.99 -3.74
N TYR C 354 13.81 30.15 -3.50
CA TYR C 354 13.81 28.77 -3.97
C TYR C 354 14.38 27.89 -2.88
N GLY C 355 13.63 26.86 -2.48
CA GLY C 355 14.05 25.99 -1.41
C GLY C 355 13.85 26.61 -0.05
N VAL C 356 14.66 27.63 0.27
CA VAL C 356 14.53 28.36 1.52
C VAL C 356 13.30 29.26 1.46
N SER C 357 12.91 29.81 2.60
CA SER C 357 11.83 30.78 2.64
C SER C 357 12.27 31.95 3.50
N ALA C 358 11.73 33.13 3.19
CA ALA C 358 12.35 34.38 3.62
C ALA C 358 12.18 34.64 5.11
N THR C 359 11.12 34.12 5.73
CA THR C 359 10.89 34.40 7.13
C THR C 359 11.84 33.60 8.01
N LYS C 360 12.05 32.33 7.68
CA LYS C 360 13.05 31.54 8.36
C LYS C 360 14.42 31.62 7.71
N LEU C 361 14.62 32.56 6.79
CA LEU C 361 15.93 32.72 6.16
C LEU C 361 16.96 33.27 7.14
N ASN C 362 16.50 33.95 8.18
CA ASN C 362 17.36 34.42 9.26
C ASN C 362 17.95 33.27 10.06
N ASP C 363 17.09 32.36 10.53
CA ASP C 363 17.40 31.42 11.60
C ASP C 363 18.52 30.43 11.26
N LEU C 364 18.61 29.99 10.01
CA LEU C 364 19.61 29.00 9.65
C LEU C 364 20.88 29.69 9.17
N CYS C 365 22.02 29.03 9.42
CA CYS C 365 23.31 29.53 8.98
C CYS C 365 23.63 29.01 7.58
N PHE C 366 24.55 29.72 6.92
CA PHE C 366 25.05 29.31 5.62
C PHE C 366 26.57 29.40 5.63
N SER C 367 27.19 28.46 4.92
CA SER C 367 28.65 28.35 4.98
C SER C 367 29.31 29.49 4.22
N ASN C 368 28.77 29.84 3.04
CA ASN C 368 29.09 31.05 2.30
C ASN C 368 27.87 31.40 1.47
N VAL C 369 27.63 32.69 1.30
CA VAL C 369 26.58 33.13 0.40
C VAL C 369 27.22 33.98 -0.69
N TYR C 370 26.65 33.89 -1.88
CA TYR C 370 27.21 34.57 -3.05
C TYR C 370 26.13 35.41 -3.70
N ALA C 371 26.53 36.57 -4.19
CA ALA C 371 25.61 37.54 -4.80
C ALA C 371 25.99 37.69 -6.27
N ASP C 372 25.03 37.44 -7.15
CA ASP C 372 25.26 37.50 -8.58
C ASP C 372 24.45 38.66 -9.14
N SER C 373 25.11 39.77 -9.46
CA SER C 373 24.45 41.05 -9.66
C SER C 373 24.58 41.51 -11.09
N PHE C 374 23.44 41.74 -11.76
CA PHE C 374 23.40 42.12 -13.17
C PHE C 374 22.00 42.63 -13.49
N VAL C 375 21.86 43.26 -14.67
CA VAL C 375 20.69 44.07 -15.02
C VAL C 375 20.05 43.51 -16.28
N VAL C 376 18.76 43.15 -16.21
CA VAL C 376 18.07 42.49 -17.32
C VAL C 376 16.76 43.21 -17.63
N LYS C 377 16.01 42.62 -18.56
CA LYS C 377 14.71 43.08 -19.03
C LYS C 377 13.61 42.57 -18.11
N GLY C 378 12.44 43.21 -18.18
CA GLY C 378 11.33 42.84 -17.31
C GLY C 378 10.74 41.48 -17.62
N ASP C 379 10.77 41.09 -18.89
CA ASP C 379 10.44 39.70 -19.24
C ASP C 379 11.52 38.75 -18.71
N ASP C 380 12.77 39.22 -18.69
CA ASP C 380 13.87 38.38 -18.23
C ASP C 380 13.95 38.32 -16.71
N VAL C 381 13.14 39.12 -16.00
CA VAL C 381 12.98 38.96 -14.56
C VAL C 381 12.42 37.59 -14.24
N ARG C 382 11.40 37.17 -15.00
CA ARG C 382 10.83 35.83 -14.82
C ARG C 382 11.80 34.76 -15.31
N GLN C 383 12.67 35.11 -16.26
CA GLN C 383 13.48 34.09 -16.92
C GLN C 383 14.69 33.70 -16.07
N ILE C 384 15.08 34.52 -15.11
CA ILE C 384 16.14 34.15 -14.19
C ILE C 384 15.53 33.22 -13.16
N ALA C 385 15.62 31.91 -13.42
CA ALA C 385 14.87 30.88 -12.73
C ALA C 385 15.44 29.53 -13.14
N PRO C 386 15.19 28.46 -12.37
CA PRO C 386 15.44 27.12 -12.88
C PRO C 386 14.53 26.82 -14.07
N GLY C 387 15.05 26.03 -15.01
CA GLY C 387 14.33 25.84 -16.26
C GLY C 387 14.42 27.08 -17.12
N GLN C 388 13.34 27.32 -17.88
CA GLN C 388 13.18 28.50 -18.76
C GLN C 388 14.32 28.62 -19.77
N THR C 389 14.61 27.52 -20.46
CA THR C 389 15.88 27.40 -21.17
C THR C 389 15.91 28.20 -22.47
N GLY C 390 14.81 28.19 -23.22
CA GLY C 390 14.83 28.64 -24.60
C GLY C 390 15.03 30.14 -24.80
N VAL C 391 14.86 30.92 -23.74
CA VAL C 391 15.07 32.37 -23.81
C VAL C 391 16.55 32.68 -23.79
N ILE C 392 16.90 33.94 -24.03
CA ILE C 392 18.28 34.32 -24.25
C ILE C 392 18.98 34.75 -22.96
N ALA C 393 18.25 35.29 -21.98
CA ALA C 393 18.89 35.72 -20.74
C ALA C 393 19.29 34.52 -19.89
N ASP C 394 18.45 33.50 -19.84
CA ASP C 394 18.81 32.25 -19.18
C ASP C 394 19.89 31.51 -19.96
N TYR C 395 19.98 31.76 -21.26
CA TYR C 395 21.08 31.30 -22.10
C TYR C 395 22.40 31.99 -21.78
N ASN C 396 22.35 33.11 -21.05
CA ASN C 396 23.52 33.80 -20.52
C ASN C 396 23.77 33.50 -19.04
N TYR C 397 22.73 33.46 -18.23
CA TYR C 397 22.86 33.17 -16.80
C TYR C 397 21.89 32.04 -16.47
N LYS C 398 22.43 30.86 -16.20
CA LYS C 398 21.63 29.66 -15.99
C LYS C 398 21.59 29.33 -14.50
N LEU C 399 20.39 29.15 -13.97
CA LEU C 399 20.22 28.72 -12.59
C LEU C 399 19.73 27.27 -12.59
N PRO C 400 20.39 26.37 -11.88
CA PRO C 400 20.09 24.93 -12.05
C PRO C 400 18.85 24.52 -11.28
N ASP C 401 18.36 23.33 -11.63
CA ASP C 401 17.26 22.73 -10.89
C ASP C 401 17.72 22.19 -9.54
N ASP C 402 18.98 21.78 -9.45
CA ASP C 402 19.47 21.12 -8.23
C ASP C 402 19.75 22.14 -7.14
N PHE C 403 20.70 23.03 -7.37
CA PHE C 403 21.06 24.04 -6.38
C PHE C 403 20.27 25.32 -6.64
N MET C 404 19.97 26.02 -5.55
CA MET C 404 18.98 27.08 -5.67
C MET C 404 19.16 28.06 -4.52
N GLY C 405 18.78 29.32 -4.78
CA GLY C 405 18.87 30.37 -3.79
C GLY C 405 17.69 31.31 -3.83
N CYS C 406 17.97 32.61 -3.97
CA CYS C 406 16.95 33.65 -3.99
C CYS C 406 17.25 34.62 -5.12
N VAL C 407 16.22 34.94 -5.92
CA VAL C 407 16.36 35.84 -7.06
C VAL C 407 15.65 37.15 -6.74
N LEU C 408 16.37 38.27 -6.86
CA LEU C 408 15.91 39.57 -6.37
C LEU C 408 16.02 40.64 -7.45
N ALA C 409 14.88 41.01 -8.03
CA ALA C 409 14.83 42.04 -9.06
C ALA C 409 14.08 43.27 -8.57
N TRP C 410 14.52 44.45 -9.03
CA TRP C 410 13.86 45.68 -8.64
C TRP C 410 14.05 46.73 -9.73
N ASN C 411 13.10 47.68 -9.78
CA ASN C 411 12.99 48.56 -10.93
C ASN C 411 14.00 49.71 -10.85
N THR C 412 14.58 50.06 -12.00
CA THR C 412 15.54 51.14 -12.12
C THR C 412 15.21 52.03 -13.33
N ARG C 413 13.93 52.43 -13.41
CA ARG C 413 13.53 53.42 -14.40
C ARG C 413 14.22 54.77 -14.18
N ASN C 414 14.50 55.12 -12.92
CA ASN C 414 15.06 56.43 -12.61
C ASN C 414 16.54 56.50 -12.92
N ILE C 415 17.29 55.46 -12.58
CA ILE C 415 18.75 55.53 -12.64
C ILE C 415 19.27 55.11 -14.00
N ASP C 416 19.01 53.85 -14.38
CA ASP C 416 19.63 53.29 -15.59
C ASP C 416 18.91 53.76 -16.85
N ALA C 417 17.59 53.86 -16.80
CA ALA C 417 16.81 54.19 -18.00
C ALA C 417 16.92 55.69 -18.28
N THR C 418 18.03 56.07 -18.90
CA THR C 418 18.27 57.44 -19.33
C THR C 418 17.33 57.76 -20.50
N SER C 419 16.91 59.02 -20.57
CA SER C 419 15.95 59.44 -21.60
C SER C 419 16.56 59.39 -22.99
N THR C 420 17.88 59.50 -23.10
CA THR C 420 18.53 59.51 -24.40
C THR C 420 19.12 58.16 -24.79
N GLY C 421 19.23 57.23 -23.85
CA GLY C 421 19.75 55.91 -24.14
C GLY C 421 20.72 55.44 -23.08
N ASN C 422 20.91 54.12 -23.02
CA ASN C 422 21.81 53.51 -22.03
C ASN C 422 22.40 52.25 -22.67
N TYR C 423 23.57 52.41 -23.28
CA TYR C 423 24.23 51.34 -24.03
C TYR C 423 25.49 50.85 -23.33
N ASN C 424 25.47 50.85 -21.99
CA ASN C 424 26.56 50.25 -21.24
C ASN C 424 26.34 48.75 -21.04
N TYR C 425 25.09 48.32 -21.04
CA TYR C 425 24.74 46.93 -20.76
C TYR C 425 24.53 46.15 -22.06
N LYS C 426 25.10 44.95 -22.11
CA LYS C 426 24.99 44.07 -23.26
C LYS C 426 24.74 42.64 -22.77
N TYR C 427 24.42 41.76 -23.71
CA TYR C 427 24.31 40.33 -23.44
C TYR C 427 24.47 39.58 -24.75
N ARG C 428 24.99 38.35 -24.66
CA ARG C 428 25.18 37.52 -25.84
C ARG C 428 23.84 36.96 -26.30
N TYR C 429 23.64 36.88 -27.61
CA TYR C 429 22.47 36.20 -28.16
C TYR C 429 22.81 35.06 -29.11
N LEU C 430 24.08 34.84 -29.40
CA LEU C 430 24.54 33.69 -30.17
C LEU C 430 25.78 33.10 -29.53
N ARG C 431 25.81 31.78 -29.40
CA ARG C 431 26.94 31.07 -28.81
C ARG C 431 26.89 29.62 -29.26
N HIS C 432 28.06 29.02 -29.45
CA HIS C 432 28.18 27.61 -29.77
C HIS C 432 27.67 26.79 -28.60
N GLY C 433 26.50 26.18 -28.76
CA GLY C 433 25.91 25.39 -27.70
C GLY C 433 25.28 26.25 -26.62
N LYS C 434 25.27 25.76 -25.38
CA LYS C 434 24.64 26.44 -24.26
C LYS C 434 25.67 26.69 -23.16
N LEU C 435 25.19 27.27 -22.06
CA LEU C 435 26.02 27.48 -20.88
C LEU C 435 25.59 26.55 -19.75
N ARG C 436 26.58 26.03 -19.04
CA ARG C 436 26.33 25.30 -17.80
C ARG C 436 25.86 26.28 -16.73
N PRO C 437 25.13 25.80 -15.71
CA PRO C 437 24.66 26.71 -14.66
C PRO C 437 25.79 27.23 -13.78
N PHE C 438 25.59 28.47 -13.30
CA PHE C 438 26.61 29.27 -12.61
C PHE C 438 27.91 29.35 -13.41
N GLU C 439 27.76 29.63 -14.70
CA GLU C 439 28.90 29.63 -15.61
C GLU C 439 28.57 30.49 -16.82
N ARG C 440 29.56 31.30 -17.23
CA ARG C 440 29.30 32.38 -18.15
C ARG C 440 30.49 32.54 -19.08
N ASP C 441 30.33 33.42 -20.07
CA ASP C 441 31.37 33.74 -21.04
C ASP C 441 31.42 35.25 -21.20
N ILE C 442 32.43 35.89 -20.59
CA ILE C 442 32.59 37.33 -20.71
C ILE C 442 33.15 37.68 -22.10
N SER C 443 33.89 36.74 -22.69
CA SER C 443 34.71 37.00 -23.88
C SER C 443 33.87 37.36 -25.10
N ASN C 444 34.33 38.37 -25.84
CA ASN C 444 33.64 38.86 -27.03
C ASN C 444 34.22 38.14 -28.24
N VAL C 445 33.84 36.87 -28.38
CA VAL C 445 34.32 36.02 -29.48
C VAL C 445 33.47 36.31 -30.71
N PRO C 446 34.08 36.65 -31.86
CA PRO C 446 33.29 36.88 -33.08
C PRO C 446 32.60 35.62 -33.58
N PHE C 447 31.27 35.61 -33.51
CA PHE C 447 30.53 34.38 -33.70
C PHE C 447 30.37 34.05 -35.18
N SER C 448 30.36 32.75 -35.47
CA SER C 448 30.05 32.20 -36.78
C SER C 448 29.14 31.00 -36.54
N PRO C 449 28.16 30.76 -37.41
CA PRO C 449 27.29 29.59 -37.19
C PRO C 449 27.96 28.26 -37.51
N ASP C 450 29.04 28.27 -38.31
CA ASP C 450 29.67 27.00 -38.68
C ASP C 450 30.80 26.63 -37.72
N GLY C 451 31.51 27.61 -37.20
CA GLY C 451 32.60 27.35 -36.28
C GLY C 451 33.93 27.92 -36.72
N LYS C 452 33.99 28.41 -37.95
CA LYS C 452 35.19 29.04 -38.46
C LYS C 452 35.42 30.38 -37.76
N PRO C 453 36.68 30.82 -37.65
CA PRO C 453 36.93 32.19 -37.20
C PRO C 453 36.53 33.20 -38.27
N CYS C 454 36.19 34.41 -37.81
CA CYS C 454 35.65 35.45 -38.68
C CYS C 454 36.38 36.77 -38.53
N THR C 455 36.00 37.69 -39.41
CA THR C 455 36.26 39.13 -39.35
C THR C 455 35.06 39.82 -39.99
N PRO C 456 34.27 40.55 -39.21
CA PRO C 456 33.03 41.16 -39.74
C PRO C 456 33.33 42.31 -40.68
N PRO C 457 32.37 42.73 -41.53
CA PRO C 457 30.97 42.33 -41.76
C PRO C 457 30.79 41.28 -42.85
N ALA C 458 31.57 40.20 -42.82
CA ALA C 458 31.48 39.17 -43.84
C ALA C 458 30.18 38.36 -43.68
N LEU C 459 29.99 37.42 -44.61
CA LEU C 459 28.77 36.61 -44.63
C LEU C 459 28.73 35.68 -43.42
N ASN C 460 27.69 35.86 -42.58
CA ASN C 460 27.45 35.10 -41.35
C ASN C 460 28.64 35.19 -40.39
N CYS C 461 29.02 36.43 -40.06
CA CYS C 461 30.05 36.71 -39.06
C CYS C 461 29.51 37.85 -38.20
N TYR C 462 28.79 37.48 -37.15
CA TYR C 462 28.09 38.42 -36.30
C TYR C 462 28.83 38.63 -34.98
N TRP C 463 28.57 39.80 -34.36
CA TRP C 463 29.03 39.99 -33.00
C TRP C 463 28.03 39.37 -32.02
N PRO C 464 28.52 38.73 -30.96
CA PRO C 464 27.59 38.03 -30.06
C PRO C 464 26.79 38.97 -29.19
N LEU C 465 27.33 40.12 -28.84
CA LEU C 465 26.67 41.02 -27.90
C LEU C 465 25.55 41.80 -28.58
N ASN C 466 24.62 42.29 -27.78
CA ASN C 466 23.46 43.00 -28.29
C ASN C 466 23.55 44.47 -27.89
N ASP C 467 23.19 45.35 -28.82
CA ASP C 467 23.07 46.77 -28.54
C ASP C 467 21.82 46.96 -27.71
N TYR C 468 21.99 46.83 -26.39
CA TYR C 468 20.88 46.65 -25.47
C TYR C 468 20.66 47.94 -24.70
N GLY C 469 19.86 48.83 -25.31
CA GLY C 469 19.63 50.14 -24.76
C GLY C 469 18.33 50.25 -23.97
N PHE C 470 18.15 51.41 -23.34
CA PHE C 470 16.98 51.66 -22.51
C PHE C 470 16.48 53.09 -22.70
N TYR C 471 15.19 53.27 -22.45
CA TYR C 471 14.57 54.58 -22.43
C TYR C 471 13.52 54.60 -21.34
N THR C 472 13.39 55.74 -20.66
CA THR C 472 12.42 55.85 -19.58
C THR C 472 10.99 55.98 -20.12
N THR C 473 10.84 56.27 -21.41
CA THR C 473 9.52 56.41 -22.00
C THR C 473 8.94 55.07 -22.41
N THR C 474 9.74 54.00 -22.39
CA THR C 474 9.26 52.69 -22.76
C THR C 474 8.37 52.10 -21.67
N GLY C 475 7.73 50.98 -22.01
CA GLY C 475 6.84 50.32 -21.08
C GLY C 475 7.61 49.62 -19.96
N ILE C 476 6.83 49.06 -19.03
CA ILE C 476 7.39 48.38 -17.86
C ILE C 476 8.10 47.10 -18.26
N GLY C 477 7.68 46.49 -19.38
CA GLY C 477 8.32 45.27 -19.85
C GLY C 477 9.72 45.49 -20.40
N TYR C 478 10.04 46.73 -20.76
CA TYR C 478 11.37 47.06 -21.30
C TYR C 478 12.22 47.87 -20.33
N GLN C 479 11.78 48.06 -19.09
CA GLN C 479 12.57 48.81 -18.13
C GLN C 479 13.73 47.96 -17.62
N PRO C 480 14.83 48.58 -17.18
CA PRO C 480 15.94 47.78 -16.63
C PRO C 480 15.66 47.35 -15.20
N TYR C 481 16.16 46.17 -14.84
CA TYR C 481 15.96 45.61 -13.51
C TYR C 481 17.27 45.05 -12.97
N ARG C 482 17.79 45.68 -11.93
CA ARG C 482 19.00 45.20 -11.26
C ARG C 482 18.68 43.92 -10.50
N VAL C 483 19.26 42.80 -10.92
CA VAL C 483 18.94 41.49 -10.37
C VAL C 483 20.14 40.98 -9.61
N VAL C 484 19.95 40.72 -8.31
CA VAL C 484 20.96 40.09 -7.49
C VAL C 484 20.49 38.70 -7.11
N VAL C 485 21.29 37.69 -7.46
CA VAL C 485 20.96 36.29 -7.23
C VAL C 485 21.74 35.82 -6.01
N LEU C 486 21.03 35.44 -4.95
CA LEU C 486 21.65 35.03 -3.71
C LEU C 486 21.72 33.51 -3.66
N SER C 487 22.77 32.95 -4.24
CA SER C 487 23.03 31.53 -4.08
C SER C 487 23.61 31.29 -2.70
N PHE C 488 23.20 30.18 -2.10
CA PHE C 488 23.62 29.83 -0.76
C PHE C 488 24.58 28.67 -0.80
N GLU C 489 25.04 28.20 0.35
CA GLU C 489 25.76 26.92 0.44
C GLU C 489 25.04 26.03 1.43
N LEU C 490 24.35 25.02 0.91
CA LEU C 490 23.90 23.92 1.75
C LEU C 490 25.06 23.00 2.11
N LEU C 491 26.18 23.12 1.39
CA LEU C 491 27.39 22.41 1.74
C LEU C 491 27.93 22.95 3.06
N ASN C 492 27.68 22.22 4.14
CA ASN C 492 27.87 22.74 5.50
C ASN C 492 29.35 22.72 5.86
N ALA C 493 30.03 23.79 5.45
CA ALA C 493 31.39 24.14 5.87
C ALA C 493 31.25 24.92 7.18
N PRO C 494 32.33 25.38 7.82
CA PRO C 494 32.17 26.39 8.88
C PRO C 494 31.43 27.63 8.38
N ALA C 495 30.43 28.05 9.16
CA ALA C 495 29.39 28.93 8.65
C ALA C 495 29.83 30.39 8.59
N THR C 496 29.12 31.16 7.76
CA THR C 496 29.35 32.59 7.60
C THR C 496 28.16 33.40 8.07
N VAL C 497 26.98 33.17 7.51
CA VAL C 497 25.79 33.94 7.88
C VAL C 497 25.24 33.39 9.18
N CYS C 498 24.77 34.28 10.06
CA CYS C 498 24.12 33.85 11.28
C CYS C 498 22.63 34.14 11.29
N GLY C 499 22.21 35.35 10.91
CA GLY C 499 20.85 35.79 11.17
C GLY C 499 20.59 35.80 12.65
N PRO C 500 21.14 36.80 13.34
CA PRO C 500 21.71 36.60 14.68
C PRO C 500 20.69 36.25 15.76
N LYS C 501 20.98 35.15 16.45
CA LYS C 501 20.40 34.85 17.74
C LYS C 501 21.54 34.80 18.75
N LEU C 502 21.22 35.05 20.02
CA LEU C 502 22.24 34.94 21.06
C LEU C 502 22.49 33.47 21.33
N SER C 503 23.75 33.08 21.42
CA SER C 503 24.12 31.67 21.52
C SER C 503 24.25 31.28 22.99
N THR C 504 23.48 30.29 23.41
CA THR C 504 23.51 29.85 24.80
C THR C 504 24.69 28.91 25.03
N ASP C 505 24.78 28.39 26.24
CA ASP C 505 25.82 27.42 26.59
C ASP C 505 25.27 26.02 26.43
N LEU C 506 26.10 25.11 25.94
CA LEU C 506 25.68 23.74 25.73
C LEU C 506 25.72 22.99 27.05
N ILE C 507 24.84 22.00 27.17
CA ILE C 507 24.66 21.26 28.42
C ILE C 507 24.57 19.78 28.10
N LYS C 508 25.04 18.95 29.04
CA LYS C 508 25.01 17.50 28.88
C LYS C 508 23.61 16.95 29.14
N ASN C 509 22.73 17.77 29.74
CA ASN C 509 21.34 17.49 30.09
C ASN C 509 20.58 16.82 28.96
N GLN C 510 19.82 15.78 29.28
CA GLN C 510 19.01 15.12 28.28
C GLN C 510 17.90 16.04 27.80
N CYS C 511 17.45 15.81 26.57
CA CYS C 511 16.37 16.55 25.92
C CYS C 511 16.63 18.05 25.87
N VAL C 512 17.52 18.45 24.96
CA VAL C 512 17.74 19.85 24.68
C VAL C 512 17.33 20.12 23.24
N ASN C 513 16.55 21.17 23.00
CA ASN C 513 16.27 21.62 21.65
C ASN C 513 17.51 22.27 21.04
N PHE C 514 18.42 21.43 20.54
CA PHE C 514 19.68 21.97 20.04
C PHE C 514 19.44 22.63 18.69
N ASN C 515 19.98 23.83 18.53
CA ASN C 515 19.97 24.56 17.27
C ASN C 515 21.43 24.90 17.00
N PHE C 516 22.12 24.00 16.32
CA PHE C 516 23.41 24.36 15.77
C PHE C 516 23.20 25.09 14.44
N ASN C 517 24.27 25.18 13.66
CA ASN C 517 24.33 25.97 12.43
C ASN C 517 23.19 25.70 11.45
N GLY C 518 22.88 24.43 11.23
CA GLY C 518 21.74 24.11 10.38
C GLY C 518 20.94 22.93 10.89
N LEU C 519 21.01 22.68 12.19
CA LEU C 519 20.37 21.52 12.78
C LEU C 519 19.37 21.96 13.85
N THR C 520 18.12 22.15 13.44
CA THR C 520 17.06 22.46 14.39
C THR C 520 16.42 21.18 14.90
N GLY C 521 17.22 20.24 15.37
CA GLY C 521 16.72 19.01 15.95
C GLY C 521 16.50 19.15 17.44
N THR C 522 16.29 18.00 18.07
CA THR C 522 16.18 17.95 19.52
C THR C 522 16.76 16.63 20.00
N GLY C 523 17.31 16.65 21.22
CA GLY C 523 17.92 15.44 21.73
C GLY C 523 18.85 15.62 22.90
N VAL C 524 19.79 14.70 23.07
CA VAL C 524 20.63 14.62 24.27
C VAL C 524 22.05 14.93 23.83
N LEU C 525 22.57 16.09 24.24
CA LEU C 525 23.95 16.40 23.93
C LEU C 525 24.86 15.62 24.87
N THR C 526 25.84 14.95 24.31
CA THR C 526 26.71 14.06 25.08
C THR C 526 28.08 14.03 24.43
N PRO C 527 29.17 14.26 25.18
CA PRO C 527 30.49 14.25 24.55
C PRO C 527 30.93 12.86 24.14
N SER C 528 31.66 12.77 23.04
CA SER C 528 31.94 11.50 22.38
C SER C 528 33.38 11.42 21.90
N SER C 529 33.87 10.19 21.75
CA SER C 529 35.20 9.94 21.19
C SER C 529 35.07 9.52 19.72
N LYS C 530 34.80 10.53 18.89
CA LYS C 530 34.71 10.34 17.44
C LYS C 530 35.71 11.30 16.82
N ARG C 531 36.31 10.93 15.69
CA ARG C 531 37.62 11.47 15.37
C ARG C 531 37.54 12.82 14.65
N PHE C 532 36.72 12.93 13.61
CA PHE C 532 36.44 14.19 12.91
C PHE C 532 37.65 14.91 12.33
N GLN C 533 38.18 14.40 11.21
CA GLN C 533 39.09 15.18 10.36
C GLN C 533 38.53 16.58 10.11
N PRO C 534 39.37 17.64 10.16
CA PRO C 534 38.85 19.00 10.32
C PRO C 534 38.04 19.59 9.16
N PHE C 535 37.91 18.86 8.06
CA PHE C 535 37.05 19.33 6.97
C PHE C 535 35.65 18.74 7.03
N GLN C 536 35.30 18.03 8.10
CA GLN C 536 33.95 17.53 8.28
C GLN C 536 33.49 17.84 9.70
N GLN C 537 32.23 18.22 9.83
CA GLN C 537 31.74 18.66 11.13
C GLN C 537 30.33 18.16 11.46
N PHE C 538 29.70 17.36 10.61
CA PHE C 538 28.49 16.63 10.93
C PHE C 538 28.82 15.15 10.90
N GLY C 539 28.28 14.39 11.85
CA GLY C 539 28.44 12.96 11.84
C GLY C 539 27.11 12.26 11.61
N ARG C 540 27.13 11.25 10.75
CA ARG C 540 25.97 10.40 10.52
C ARG C 540 26.39 8.96 10.73
N ASP C 541 25.43 8.12 11.10
CA ASP C 541 25.76 6.78 11.54
C ASP C 541 25.33 5.71 10.55
N VAL C 542 24.05 5.59 10.25
CA VAL C 542 23.58 4.55 9.35
C VAL C 542 22.62 5.14 8.32
N SER C 543 22.08 6.32 8.63
CA SER C 543 20.97 6.85 7.85
C SER C 543 20.96 8.37 7.86
N ASP C 544 19.78 8.89 7.54
CA ASP C 544 19.44 10.30 7.38
C ASP C 544 19.83 11.19 8.56
N PHE C 545 19.72 10.66 9.77
CA PHE C 545 19.81 11.51 10.96
C PHE C 545 21.25 11.80 11.33
N THR C 546 21.50 13.04 11.74
CA THR C 546 22.82 13.46 12.20
C THR C 546 23.08 12.86 13.57
N ASP C 547 24.14 12.07 13.67
CA ASP C 547 24.48 11.40 14.93
C ASP C 547 25.33 12.27 15.83
N SER C 548 26.37 12.88 15.28
CA SER C 548 27.32 13.63 16.09
C SER C 548 27.68 14.95 15.43
N VAL C 549 27.94 15.96 16.25
CA VAL C 549 28.36 17.27 15.76
C VAL C 549 29.61 17.69 16.52
N ARG C 550 30.54 18.31 15.82
CA ARG C 550 31.59 19.10 16.43
C ARG C 550 31.03 20.51 16.64
N ASP C 551 31.14 21.00 17.88
CA ASP C 551 30.55 22.28 18.27
C ASP C 551 31.22 23.43 17.51
N PRO C 552 30.46 24.42 17.04
CA PRO C 552 31.08 25.47 16.24
C PRO C 552 31.89 26.47 17.06
N LYS C 553 31.53 26.73 18.31
CA LYS C 553 32.31 27.62 19.14
C LYS C 553 33.60 26.96 19.63
N THR C 554 33.47 25.86 20.36
CA THR C 554 34.57 25.32 21.14
C THR C 554 35.28 24.16 20.47
N SER C 555 34.79 23.70 19.32
CA SER C 555 35.32 22.54 18.57
C SER C 555 35.33 21.27 19.43
N GLU C 556 34.33 21.13 20.29
CA GLU C 556 34.17 19.95 21.10
C GLU C 556 33.36 18.92 20.32
N ILE C 557 33.81 17.68 20.38
CA ILE C 557 33.19 16.59 19.63
C ILE C 557 32.18 15.91 20.53
N LEU C 558 30.92 15.90 20.09
CA LEU C 558 29.82 15.39 20.90
C LEU C 558 28.83 14.65 20.02
N ASP C 559 28.28 13.55 20.53
CA ASP C 559 27.27 12.81 19.78
C ASP C 559 25.89 13.05 20.37
N ILE C 560 24.88 12.91 19.52
CA ILE C 560 23.51 13.24 19.88
C ILE C 560 22.73 11.95 20.02
N SER C 561 22.11 11.77 21.15
CA SER C 561 21.07 10.78 21.33
C SER C 561 19.72 11.48 21.36
N PRO C 562 18.68 10.85 20.85
CA PRO C 562 17.37 11.51 20.85
C PRO C 562 16.76 11.53 22.23
N CYS C 563 15.68 12.29 22.36
CA CYS C 563 14.88 12.27 23.57
C CYS C 563 14.29 10.89 23.77
N SER C 564 14.50 10.34 24.97
CA SER C 564 14.48 8.91 25.18
C SER C 564 13.07 8.35 25.09
N PHE C 565 12.62 8.15 23.86
CA PHE C 565 11.26 7.76 23.54
C PHE C 565 11.04 6.27 23.78
N GLY C 566 9.89 5.80 23.31
CA GLY C 566 9.48 4.43 23.52
C GLY C 566 7.97 4.37 23.61
N GLY C 567 7.48 3.16 23.84
CA GLY C 567 6.06 2.95 24.01
C GLY C 567 5.69 2.73 25.47
N VAL C 568 4.55 3.28 25.86
CA VAL C 568 4.01 3.08 27.19
C VAL C 568 3.04 1.91 27.15
N SER C 569 3.36 0.86 27.89
CA SER C 569 2.46 -0.25 28.05
C SER C 569 1.96 -0.24 29.47
N VAL C 570 0.75 -0.75 29.69
CA VAL C 570 0.07 -0.66 30.99
C VAL C 570 -0.51 -2.01 31.39
N ILE C 571 -0.07 -2.52 32.54
CA ILE C 571 -0.65 -3.73 33.10
C ILE C 571 -1.94 -3.39 33.83
N THR C 572 -2.99 -4.13 33.52
CA THR C 572 -4.19 -4.09 34.34
C THR C 572 -4.64 -5.49 34.69
N PRO C 573 -5.10 -5.70 35.90
CA PRO C 573 -5.98 -6.83 36.18
C PRO C 573 -7.41 -6.46 35.81
N GLY C 574 -8.37 -7.28 36.19
CA GLY C 574 -9.78 -7.01 35.95
C GLY C 574 -10.27 -5.68 36.50
N THR C 575 -10.83 -4.85 35.61
CA THR C 575 -11.43 -3.59 36.05
C THR C 575 -12.67 -3.86 36.90
N ASN C 576 -13.38 -4.95 36.62
CA ASN C 576 -14.40 -5.43 37.54
C ASN C 576 -13.76 -6.01 38.80
N ALA C 577 -12.59 -6.61 38.67
CA ALA C 577 -11.89 -7.13 39.84
C ALA C 577 -11.30 -6.01 40.67
N SER C 578 -10.55 -5.10 40.04
CA SER C 578 -10.03 -3.93 40.74
C SER C 578 -9.73 -2.79 39.78
N SER C 579 -10.21 -1.60 40.11
CA SER C 579 -9.76 -0.39 39.43
C SER C 579 -8.46 0.15 40.00
N GLU C 580 -7.77 -0.64 40.84
CA GLU C 580 -6.49 -0.29 41.43
C GLU C 580 -5.44 -0.09 40.34
N VAL C 581 -4.39 0.65 40.70
CA VAL C 581 -3.54 1.39 39.77
C VAL C 581 -2.93 0.54 38.65
N ALA C 582 -3.27 0.90 37.42
CA ALA C 582 -2.60 0.35 36.26
C ALA C 582 -1.12 0.71 36.31
N VAL C 583 -0.27 -0.31 36.35
CA VAL C 583 1.16 -0.08 36.44
C VAL C 583 1.68 -0.10 35.01
N LEU C 584 2.81 0.55 34.79
CA LEU C 584 3.11 1.04 33.46
C LEU C 584 4.43 0.52 32.93
N TYR C 585 4.69 0.86 31.68
CA TYR C 585 5.98 0.60 31.06
C TYR C 585 6.55 1.85 30.45
N GLN C 586 7.82 2.02 30.67
CA GLN C 586 8.63 2.96 29.94
C GLN C 586 9.76 2.11 29.40
N ASP C 587 9.95 2.08 28.09
CA ASP C 587 10.85 1.11 27.45
C ASP C 587 12.29 1.62 27.40
N VAL C 588 12.61 2.38 28.44
CA VAL C 588 13.67 3.37 28.52
C VAL C 588 14.50 2.98 29.74
N ASN C 589 15.73 3.48 29.81
CA ASN C 589 16.51 3.51 31.05
C ASN C 589 15.72 4.21 32.14
N CYS C 590 15.80 3.68 33.36
CA CYS C 590 14.82 4.04 34.39
C CYS C 590 15.11 5.42 34.98
N THR C 591 16.38 5.75 35.15
CA THR C 591 16.72 7.02 35.78
C THR C 591 16.47 8.19 34.84
N ASP C 592 16.36 7.91 33.54
CA ASP C 592 15.88 8.93 32.60
C ASP C 592 14.37 9.13 32.77
N VAL C 593 13.69 8.16 33.35
CA VAL C 593 12.25 8.26 33.54
C VAL C 593 11.94 8.91 34.89
N SER C 594 12.58 8.43 35.94
CA SER C 594 12.35 8.93 37.30
C SER C 594 12.74 10.40 37.42
N THR C 595 13.84 10.78 36.79
CA THR C 595 14.21 12.20 36.76
C THR C 595 13.45 12.99 35.70
N ALA C 596 12.33 12.47 35.19
CA ALA C 596 11.46 13.21 34.30
C ALA C 596 9.99 13.11 34.68
N ILE C 597 9.62 12.26 35.63
CA ILE C 597 8.26 12.27 36.17
C ILE C 597 8.17 13.23 37.37
N HIS C 598 9.25 13.38 38.13
CA HIS C 598 9.30 14.40 39.16
C HIS C 598 9.31 15.81 38.59
N ALA C 599 9.93 16.03 37.44
CA ALA C 599 9.72 17.22 36.64
C ALA C 599 8.62 16.92 35.61
N ASP C 600 8.40 17.75 34.59
CA ASP C 600 7.30 17.53 33.67
C ASP C 600 7.75 17.17 32.26
N GLN C 601 8.79 16.34 32.11
CA GLN C 601 9.32 16.10 30.78
C GLN C 601 8.59 15.02 30.00
N LEU C 602 7.77 14.19 30.65
CA LEU C 602 7.02 13.24 29.83
C LEU C 602 5.84 13.93 29.16
N THR C 603 5.53 13.46 27.96
CA THR C 603 4.30 13.95 27.35
C THR C 603 3.32 12.88 26.88
N PRO C 604 3.08 11.81 27.65
CA PRO C 604 1.69 11.41 27.89
C PRO C 604 1.10 12.16 29.08
N ALA C 605 1.94 12.48 30.08
CA ALA C 605 1.71 13.51 31.08
C ALA C 605 0.45 13.26 31.90
N TRP C 606 0.46 12.18 32.67
CA TRP C 606 -0.70 11.89 33.49
C TRP C 606 -0.75 12.83 34.69
N ARG C 607 -1.98 13.18 35.07
CA ARG C 607 -2.18 14.27 36.02
C ARG C 607 -2.06 13.77 37.46
N ILE C 608 -2.95 12.89 37.88
CA ILE C 608 -2.86 12.36 39.23
C ILE C 608 -1.95 11.14 39.16
N TYR C 609 -0.64 11.42 39.14
CA TYR C 609 0.34 10.40 38.89
C TYR C 609 1.54 10.68 39.81
N SER C 610 1.28 10.83 41.11
CA SER C 610 2.36 11.05 42.07
C SER C 610 3.19 9.79 42.26
N THR C 611 2.67 8.63 41.87
CA THR C 611 3.46 7.44 41.61
C THR C 611 4.56 7.75 40.60
N GLY C 612 5.75 7.13 40.75
CA GLY C 612 5.99 5.91 41.49
C GLY C 612 6.72 5.86 42.81
N ASN C 613 6.62 4.68 43.41
CA ASN C 613 7.42 4.24 44.55
C ASN C 613 8.40 3.16 44.16
N ASN C 614 8.08 2.39 43.12
CA ASN C 614 8.87 1.26 42.68
C ASN C 614 9.49 1.54 41.31
N VAL C 615 10.69 1.01 41.08
CA VAL C 615 11.45 1.25 39.85
C VAL C 615 12.19 -0.05 39.51
N PHE C 616 12.09 -0.46 38.25
CA PHE C 616 12.86 -1.58 37.72
C PHE C 616 13.84 -1.08 36.68
N GLN C 617 14.67 -1.98 36.18
CA GLN C 617 15.47 -1.76 34.98
C GLN C 617 15.41 -3.00 34.11
N THR C 618 14.35 -3.78 34.28
CA THR C 618 14.21 -5.06 33.60
C THR C 618 14.06 -4.86 32.10
N GLN C 619 14.85 -5.61 31.32
CA GLN C 619 15.17 -5.44 29.90
C GLN C 619 14.02 -4.98 29.01
N ALA C 620 12.80 -5.46 29.33
CA ALA C 620 11.58 -5.00 28.70
C ALA C 620 11.32 -3.51 28.87
N GLY C 621 11.80 -2.91 29.94
CA GLY C 621 11.60 -1.49 30.14
C GLY C 621 11.88 -1.09 31.57
N CYS C 622 10.93 -0.38 32.17
CA CYS C 622 10.94 -0.16 33.62
C CYS C 622 9.50 -0.02 34.11
N LEU C 623 9.04 -1.04 34.85
CA LEU C 623 7.80 -0.95 35.57
C LEU C 623 7.86 0.15 36.62
N ILE C 624 6.71 0.72 36.91
CA ILE C 624 6.66 1.81 37.88
C ILE C 624 5.77 1.44 39.05
N GLY C 625 4.54 1.05 38.78
CA GLY C 625 3.68 0.78 39.91
C GLY C 625 3.81 -0.63 40.46
N ALA C 626 4.53 -1.50 39.77
CA ALA C 626 4.56 -2.90 40.14
C ALA C 626 5.66 -3.18 41.15
N GLU C 627 5.37 -4.11 42.05
CA GLU C 627 6.22 -4.38 43.20
C GLU C 627 7.12 -5.58 42.90
N HIS C 628 8.42 -5.45 43.22
CA HIS C 628 9.33 -6.57 43.07
C HIS C 628 9.12 -7.56 44.20
N VAL C 629 8.86 -8.81 43.84
CA VAL C 629 8.65 -9.88 44.80
C VAL C 629 9.57 -11.04 44.45
N ASP C 630 10.32 -11.52 45.45
CA ASP C 630 11.36 -12.50 45.20
C ASP C 630 10.80 -13.88 44.85
N THR C 631 9.59 -14.19 45.32
CA THR C 631 9.04 -15.49 44.96
C THR C 631 8.49 -15.45 43.54
N SER C 632 8.07 -16.62 43.06
CA SER C 632 7.98 -16.84 41.63
C SER C 632 6.89 -17.86 41.33
N TYR C 633 5.74 -17.39 40.82
CA TYR C 633 4.55 -18.23 40.75
C TYR C 633 4.41 -18.93 39.40
N GLU C 634 4.10 -18.18 38.35
CA GLU C 634 3.67 -18.68 37.04
C GLU C 634 3.44 -17.43 36.20
N CYS C 635 3.56 -17.50 34.88
CA CYS C 635 3.36 -16.29 34.10
C CYS C 635 1.87 -15.97 33.99
N ASP C 636 1.50 -14.80 34.49
CA ASP C 636 0.12 -14.35 34.48
C ASP C 636 -0.13 -13.33 33.39
N ILE C 637 0.64 -12.25 33.36
CA ILE C 637 0.59 -11.26 32.29
C ILE C 637 2.01 -11.09 31.79
N PRO C 638 2.29 -11.36 30.51
CA PRO C 638 3.67 -11.35 30.04
C PRO C 638 4.23 -9.94 29.96
N ILE C 639 5.53 -9.82 30.19
CA ILE C 639 6.19 -8.53 30.24
C ILE C 639 7.30 -8.48 29.21
N GLY C 640 8.25 -9.40 29.35
CA GLY C 640 9.45 -9.37 28.57
C GLY C 640 10.62 -9.69 29.45
N ALA C 641 11.51 -10.52 28.91
CA ALA C 641 12.76 -10.95 29.53
C ALA C 641 12.52 -11.65 30.87
N GLY C 642 11.63 -12.63 30.85
CA GLY C 642 11.52 -13.60 31.90
C GLY C 642 10.65 -13.20 33.06
N ILE C 643 10.23 -11.96 33.14
CA ILE C 643 9.35 -11.56 34.24
C ILE C 643 7.92 -11.49 33.74
N CYS C 644 6.97 -11.75 34.63
CA CYS C 644 5.55 -11.60 34.33
C CYS C 644 4.88 -10.91 35.50
N ALA C 645 3.85 -10.12 35.21
CA ALA C 645 3.15 -9.35 36.21
C ALA C 645 1.84 -10.04 36.55
N SER C 646 1.30 -9.71 37.71
CA SER C 646 0.13 -10.40 38.22
C SER C 646 -0.61 -9.52 39.21
N TYR C 647 -1.52 -10.14 39.96
CA TYR C 647 -2.36 -9.45 40.93
C TYR C 647 -2.39 -10.30 42.21
N HIS C 648 -1.42 -10.10 43.08
CA HIS C 648 -1.33 -10.83 44.34
C HIS C 648 -1.01 -9.89 45.49
N THR C 649 -0.81 -10.45 46.68
CA THR C 649 -0.48 -9.63 47.85
C THR C 649 0.99 -9.23 47.84
N SER C 660 -2.05 -5.99 45.65
CA SER C 660 -1.27 -5.10 44.80
C SER C 660 -1.02 -5.78 43.46
N ILE C 661 -0.16 -5.16 42.65
CA ILE C 661 0.31 -5.77 41.41
C ILE C 661 1.75 -6.19 41.58
N VAL C 662 1.99 -7.47 41.32
CA VAL C 662 3.22 -8.15 41.69
C VAL C 662 4.06 -8.36 40.44
N ALA C 663 5.30 -7.89 40.47
CA ALA C 663 6.26 -8.16 39.41
C ALA C 663 7.27 -9.17 39.90
N TYR C 664 7.57 -10.15 39.05
CA TYR C 664 8.38 -11.29 39.47
C TYR C 664 8.91 -11.99 38.24
N THR C 665 10.13 -12.52 38.34
CA THR C 665 10.57 -13.46 37.33
C THR C 665 9.80 -14.77 37.49
N MET C 666 9.37 -15.34 36.38
CA MET C 666 8.41 -16.43 36.45
C MET C 666 9.11 -17.76 36.68
N SER C 667 8.43 -18.61 37.44
CA SER C 667 8.82 -20.00 37.58
C SER C 667 8.09 -20.83 36.54
N LEU C 668 8.85 -21.65 35.84
CA LEU C 668 8.33 -22.38 34.70
C LEU C 668 7.58 -23.58 35.24
N GLY C 669 6.25 -23.49 35.30
CA GLY C 669 5.44 -24.57 35.83
C GLY C 669 5.70 -24.81 37.30
N ALA C 670 6.37 -25.92 37.60
CA ALA C 670 6.77 -26.27 38.96
C ALA C 670 7.99 -27.17 38.93
N ASP C 671 8.96 -26.92 39.80
CA ASP C 671 10.16 -27.73 39.83
C ASP C 671 9.85 -29.11 40.38
N SER C 672 10.40 -30.13 39.73
CA SER C 672 10.04 -31.51 40.04
C SER C 672 11.31 -32.33 40.18
N SER C 673 11.14 -33.60 40.50
CA SER C 673 12.27 -34.49 40.73
C SER C 673 11.83 -35.93 40.53
N ILE C 674 12.55 -36.64 39.67
CA ILE C 674 12.44 -38.09 39.56
C ILE C 674 13.85 -38.67 39.60
N ALA C 675 13.98 -39.84 40.22
CA ALA C 675 15.30 -40.44 40.40
C ALA C 675 15.55 -41.46 39.31
N TYR C 676 16.59 -41.24 38.51
CA TYR C 676 17.04 -42.28 37.59
C TYR C 676 17.62 -43.43 38.40
N SER C 677 17.29 -44.66 37.99
CA SER C 677 17.85 -45.84 38.62
C SER C 677 17.92 -46.94 37.59
N ASN C 678 18.92 -47.82 37.71
CA ASN C 678 19.08 -48.86 36.71
C ASN C 678 18.07 -49.98 36.88
N ASN C 679 17.43 -50.09 38.04
CA ASN C 679 16.58 -51.22 38.35
C ASN C 679 15.11 -50.88 38.43
N THR C 680 14.76 -49.74 39.03
CA THR C 680 13.36 -49.45 39.34
C THR C 680 12.68 -48.87 38.11
N ILE C 681 11.55 -49.48 37.74
CA ILE C 681 10.64 -48.88 36.76
C ILE C 681 9.40 -48.47 37.54
N ALA C 682 8.70 -47.45 37.05
CA ALA C 682 7.45 -47.02 37.66
C ALA C 682 6.37 -47.19 36.61
N ILE C 683 5.42 -48.08 36.87
CA ILE C 683 4.32 -48.31 35.93
C ILE C 683 3.02 -48.06 36.69
N PRO C 684 2.01 -47.55 36.00
CA PRO C 684 0.79 -47.14 36.70
C PRO C 684 -0.10 -48.31 37.07
N THR C 685 -0.77 -48.15 38.20
CA THR C 685 -1.80 -49.09 38.60
C THR C 685 -3.21 -48.58 38.32
N ASN C 686 -3.35 -47.31 37.95
CA ASN C 686 -4.67 -46.72 37.84
C ASN C 686 -4.60 -45.57 36.86
N PHE C 687 -5.76 -45.16 36.37
CA PHE C 687 -5.85 -44.19 35.29
C PHE C 687 -7.10 -43.37 35.46
N SER C 688 -7.04 -42.13 35.01
CA SER C 688 -8.16 -41.21 35.09
C SER C 688 -8.48 -40.72 33.68
N ILE C 689 -9.55 -41.27 33.09
CA ILE C 689 -10.00 -40.81 31.79
C ILE C 689 -10.56 -39.41 31.92
N SER C 690 -9.80 -38.44 31.43
CA SER C 690 -10.19 -37.04 31.42
C SER C 690 -10.36 -36.58 29.98
N ILE C 691 -11.37 -35.76 29.74
CA ILE C 691 -11.56 -35.19 28.41
C ILE C 691 -11.16 -33.73 28.47
N THR C 692 -10.83 -33.18 27.32
CA THR C 692 -10.21 -31.88 27.25
C THR C 692 -10.75 -31.14 26.04
N THR C 693 -11.24 -29.94 26.27
CA THR C 693 -11.65 -29.10 25.16
C THR C 693 -10.43 -28.60 24.41
N GLU C 694 -10.46 -28.77 23.09
CA GLU C 694 -9.46 -28.14 22.24
C GLU C 694 -10.17 -27.36 21.17
N VAL C 695 -10.13 -26.05 21.27
CA VAL C 695 -10.95 -25.19 20.42
C VAL C 695 -10.11 -24.76 19.22
N MET C 696 -10.69 -24.91 18.03
CA MET C 696 -10.01 -24.68 16.76
C MET C 696 -10.89 -23.80 15.90
N PRO C 697 -10.46 -22.58 15.57
CA PRO C 697 -11.25 -21.77 14.65
C PRO C 697 -11.11 -22.25 13.23
N VAL C 698 -12.22 -22.31 12.50
CA VAL C 698 -12.19 -22.87 11.16
C VAL C 698 -12.61 -21.84 10.13
N SER C 699 -13.35 -20.82 10.53
CA SER C 699 -13.83 -19.86 9.56
C SER C 699 -13.86 -18.49 10.20
N MET C 700 -14.06 -17.47 9.38
CA MET C 700 -14.23 -16.12 9.89
C MET C 700 -15.35 -15.46 9.11
N ALA C 701 -15.51 -14.16 9.32
CA ALA C 701 -16.59 -13.42 8.69
C ALA C 701 -16.33 -13.28 7.19
N LYS C 702 -17.39 -13.38 6.41
CA LYS C 702 -17.32 -13.34 4.96
C LYS C 702 -17.52 -11.95 4.40
N THR C 703 -17.04 -10.94 5.12
CA THR C 703 -17.10 -9.51 4.78
C THR C 703 -16.72 -9.21 3.34
N SER C 704 -17.60 -8.51 2.62
CA SER C 704 -17.30 -8.10 1.27
C SER C 704 -17.68 -6.64 1.07
N VAL C 705 -16.70 -5.75 1.20
CA VAL C 705 -16.94 -4.31 1.12
C VAL C 705 -17.30 -3.91 -0.30
N ASP C 706 -18.41 -3.19 -0.44
CA ASP C 706 -18.85 -2.66 -1.72
C ASP C 706 -18.03 -1.41 -2.02
N CYS C 707 -16.89 -1.63 -2.69
CA CYS C 707 -15.77 -0.71 -2.85
C CYS C 707 -16.15 0.67 -3.36
N ASN C 708 -17.15 0.75 -4.23
CA ASN C 708 -17.55 2.05 -4.73
C ASN C 708 -18.41 2.77 -3.69
N MET C 709 -19.19 2.03 -2.91
CA MET C 709 -20.02 2.65 -1.89
C MET C 709 -19.19 3.09 -0.70
N TYR C 710 -18.09 2.39 -0.42
CA TYR C 710 -17.20 2.77 0.67
C TYR C 710 -16.52 4.09 0.37
N ILE C 711 -15.83 4.16 -0.76
CA ILE C 711 -15.00 5.31 -1.09
C ILE C 711 -15.84 6.55 -1.32
N CYS C 712 -16.80 6.47 -2.24
CA CYS C 712 -17.76 7.54 -2.45
C CYS C 712 -19.05 7.02 -3.06
N GLY C 713 -20.07 6.85 -2.23
CA GLY C 713 -21.26 6.16 -2.68
C GLY C 713 -22.36 7.09 -3.12
N ASP C 714 -22.63 8.13 -2.33
CA ASP C 714 -23.67 9.08 -2.69
C ASP C 714 -23.25 9.94 -3.88
N SER C 715 -21.95 10.13 -4.07
CA SER C 715 -21.45 10.93 -5.17
C SER C 715 -21.38 10.10 -6.45
N THR C 716 -21.51 10.80 -7.58
CA THR C 716 -21.27 10.21 -8.89
C THR C 716 -20.16 10.94 -9.64
N GLU C 717 -19.72 12.09 -9.14
CA GLU C 717 -18.57 12.75 -9.73
C GLU C 717 -17.28 12.14 -9.20
N CYS C 718 -17.33 11.62 -7.97
CA CYS C 718 -16.20 10.88 -7.43
C CYS C 718 -16.10 9.50 -8.06
N ALA C 719 -17.23 8.89 -8.37
CA ALA C 719 -17.22 7.56 -8.98
C ALA C 719 -16.68 7.62 -10.40
N ASN C 720 -16.87 8.76 -11.07
CA ASN C 720 -16.19 8.99 -12.33
C ASN C 720 -14.70 9.21 -12.09
N LEU C 721 -14.37 9.91 -10.99
CA LEU C 721 -12.98 10.17 -10.67
C LEU C 721 -12.28 8.91 -10.15
N LEU C 722 -13.05 7.98 -9.59
CA LEU C 722 -12.48 6.73 -9.09
C LEU C 722 -12.18 5.78 -10.22
N LEU C 723 -12.81 5.99 -11.38
CA LEU C 723 -12.76 5.05 -12.49
C LEU C 723 -11.39 5.02 -13.14
N GLN C 724 -10.61 6.10 -12.98
CA GLN C 724 -9.32 6.19 -13.64
C GLN C 724 -8.20 5.57 -12.83
N TYR C 725 -8.54 4.85 -11.76
CA TYR C 725 -7.60 4.02 -11.03
C TYR C 725 -7.62 2.59 -11.54
N GLY C 726 -8.26 2.37 -12.68
CA GLY C 726 -8.25 1.09 -13.34
C GLY C 726 -9.03 0.03 -12.61
N SER C 727 -8.32 -0.91 -12.00
CA SER C 727 -8.92 -2.06 -11.35
C SER C 727 -8.45 -2.11 -9.90
N PHE C 728 -8.62 -1.00 -9.20
CA PHE C 728 -8.48 -0.99 -7.75
C PHE C 728 -9.82 -1.01 -7.04
N CYS C 729 -10.92 -0.84 -7.76
CA CYS C 729 -12.17 -1.52 -7.44
C CYS C 729 -12.16 -2.78 -8.29
N THR C 730 -13.04 -3.74 -8.00
CA THR C 730 -13.34 -4.93 -8.83
C THR C 730 -12.18 -5.94 -8.84
N GLN C 731 -11.03 -5.57 -8.29
CA GLN C 731 -10.00 -6.53 -7.94
C GLN C 731 -9.84 -6.58 -6.44
N LEU C 732 -10.01 -5.42 -5.81
CA LEU C 732 -10.18 -5.29 -4.37
C LEU C 732 -11.40 -6.11 -3.98
N ASN C 733 -12.50 -5.92 -4.72
CA ASN C 733 -13.71 -6.69 -4.48
C ASN C 733 -13.51 -8.16 -4.80
N ARG C 734 -12.69 -8.46 -5.82
CA ARG C 734 -12.48 -9.86 -6.19
C ARG C 734 -11.52 -10.53 -5.23
N ALA C 735 -10.72 -9.76 -4.50
CA ALA C 735 -9.76 -10.34 -3.57
C ALA C 735 -10.45 -10.88 -2.33
N LEU C 736 -11.30 -10.08 -1.69
CA LEU C 736 -11.97 -10.57 -0.50
C LEU C 736 -13.31 -11.22 -0.83
N SER C 737 -13.62 -11.40 -2.10
CA SER C 737 -14.62 -12.40 -2.47
C SER C 737 -13.99 -13.78 -2.61
N GLY C 738 -12.68 -13.81 -2.85
CA GLY C 738 -11.97 -15.07 -2.81
C GLY C 738 -11.77 -15.56 -1.39
N ILE C 739 -11.67 -14.62 -0.45
CA ILE C 739 -11.67 -14.98 0.97
C ILE C 739 -13.00 -15.59 1.36
N ALA C 740 -14.10 -14.93 0.99
CA ALA C 740 -15.43 -15.39 1.37
C ALA C 740 -15.76 -16.71 0.68
N ALA C 741 -15.17 -16.97 -0.48
CA ALA C 741 -15.42 -18.23 -1.16
C ALA C 741 -14.72 -19.38 -0.46
N GLU C 742 -13.63 -19.09 0.26
CA GLU C 742 -12.92 -20.17 0.93
C GLU C 742 -13.29 -20.30 2.40
N GLN C 743 -14.12 -19.41 2.93
CA GLN C 743 -14.59 -19.60 4.31
C GLN C 743 -15.59 -20.73 4.38
N ASP C 744 -16.24 -21.05 3.26
CA ASP C 744 -17.07 -22.25 3.22
C ASP C 744 -16.27 -23.46 2.80
N ARG C 745 -15.21 -23.24 2.01
CA ARG C 745 -14.27 -24.33 1.71
C ARG C 745 -13.58 -24.79 2.97
N ASN C 746 -13.28 -23.85 3.87
CA ASN C 746 -12.73 -24.22 5.17
C ASN C 746 -13.75 -24.98 6.01
N THR C 747 -15.02 -24.66 5.87
CA THR C 747 -16.02 -25.27 6.73
C THR C 747 -16.53 -26.57 6.12
N ARG C 748 -16.29 -26.80 4.83
CA ARG C 748 -16.60 -28.10 4.25
C ARG C 748 -15.45 -29.07 4.43
N GLU C 749 -14.21 -28.57 4.43
CA GLU C 749 -13.06 -29.43 4.69
C GLU C 749 -13.10 -29.99 6.09
N VAL C 750 -13.57 -29.20 7.05
CA VAL C 750 -13.61 -29.67 8.43
C VAL C 750 -14.77 -30.62 8.64
N PHE C 751 -15.99 -30.12 8.47
CA PHE C 751 -17.17 -30.85 8.92
C PHE C 751 -17.66 -31.93 7.98
N ALA C 752 -17.55 -31.74 6.68
CA ALA C 752 -17.99 -32.77 5.75
C ALA C 752 -16.95 -33.88 5.54
N GLN C 753 -16.43 -34.44 6.62
CA GLN C 753 -15.63 -35.66 6.51
C GLN C 753 -16.55 -36.85 6.38
N VAL C 754 -17.68 -36.83 7.10
CA VAL C 754 -18.70 -37.84 6.93
C VAL C 754 -19.41 -37.59 5.60
N LYS C 755 -19.83 -38.68 4.96
CA LYS C 755 -20.56 -38.56 3.69
C LYS C 755 -22.06 -38.65 3.93
N GLN C 756 -22.48 -39.67 4.68
CA GLN C 756 -23.89 -39.90 4.92
C GLN C 756 -24.25 -39.58 6.36
N MET C 757 -25.34 -38.84 6.55
CA MET C 757 -25.72 -38.30 7.85
C MET C 757 -26.35 -39.40 8.68
N TYR C 758 -25.64 -39.89 9.68
CA TYR C 758 -26.23 -40.86 10.58
C TYR C 758 -27.12 -40.16 11.59
N LYS C 759 -28.34 -40.67 11.73
CA LYS C 759 -29.33 -39.98 12.53
C LYS C 759 -29.01 -40.16 14.01
N THR C 760 -29.53 -39.26 14.83
CA THR C 760 -29.30 -39.29 16.27
C THR C 760 -29.99 -40.50 16.89
N PRO C 761 -29.25 -41.39 17.55
CA PRO C 761 -29.88 -42.55 18.16
C PRO C 761 -30.64 -42.17 19.43
N THR C 762 -31.67 -42.95 19.72
CA THR C 762 -32.55 -42.65 20.85
C THR C 762 -31.95 -43.15 22.17
N LEU C 763 -31.51 -44.40 22.21
CA LEU C 763 -30.93 -44.97 23.42
C LEU C 763 -29.51 -44.42 23.59
N LYS C 764 -29.44 -43.27 24.27
CA LYS C 764 -28.18 -42.54 24.36
C LYS C 764 -27.32 -42.97 25.54
N TYR C 765 -27.81 -43.89 26.36
CA TYR C 765 -27.02 -44.46 27.45
C TYR C 765 -26.25 -45.63 26.88
N PHE C 766 -25.10 -45.34 26.27
CA PHE C 766 -24.30 -46.35 25.57
C PHE C 766 -23.35 -47.03 26.53
N GLY C 767 -23.86 -48.00 27.30
CA GLY C 767 -23.04 -48.78 28.20
C GLY C 767 -22.38 -48.00 29.31
N GLY C 768 -23.14 -47.14 29.99
CA GLY C 768 -22.64 -46.31 31.06
C GLY C 768 -22.23 -44.92 30.62
N PHE C 769 -21.94 -44.74 29.34
CA PHE C 769 -21.45 -43.48 28.81
C PHE C 769 -22.65 -42.62 28.43
N ASN C 770 -22.73 -41.41 29.00
CA ASN C 770 -24.02 -40.74 29.11
C ASN C 770 -24.45 -40.06 27.81
N PHE C 771 -23.52 -39.35 27.15
CA PHE C 771 -23.74 -38.64 25.89
C PHE C 771 -24.85 -37.58 25.97
N SER C 772 -24.59 -36.53 26.74
CA SER C 772 -25.42 -35.33 26.72
C SER C 772 -24.90 -34.33 25.70
N GLN C 773 -24.30 -34.83 24.61
CA GLN C 773 -23.63 -34.02 23.61
C GLN C 773 -24.15 -34.28 22.21
N ILE C 774 -25.27 -34.97 22.07
CA ILE C 774 -25.65 -35.57 20.80
C ILE C 774 -27.08 -35.14 20.45
N LEU C 775 -27.44 -33.89 20.83
CA LEU C 775 -28.57 -33.15 20.28
C LEU C 775 -29.93 -33.81 20.50
N PRO C 776 -30.50 -33.73 21.70
CA PRO C 776 -31.83 -34.31 21.93
C PRO C 776 -32.95 -33.51 21.29
N ASP C 777 -33.99 -34.22 20.86
CA ASP C 777 -35.12 -33.60 20.18
C ASP C 777 -36.14 -32.91 21.10
N PRO C 778 -36.74 -33.57 22.16
CA PRO C 778 -37.87 -32.90 22.83
C PRO C 778 -37.51 -31.71 23.72
N LEU C 779 -36.41 -31.79 24.46
CA LEU C 779 -36.12 -30.77 25.46
C LEU C 779 -35.63 -29.47 24.81
N LYS C 780 -34.78 -29.59 23.81
CA LYS C 780 -34.29 -28.41 23.10
C LYS C 780 -35.11 -28.21 21.83
N PRO C 781 -35.77 -27.06 21.65
CA PRO C 781 -36.42 -26.79 20.37
C PRO C 781 -35.44 -26.61 19.24
N THR C 782 -34.29 -25.99 19.52
CA THR C 782 -33.24 -25.90 18.53
C THR C 782 -32.56 -27.26 18.37
N LYS C 783 -32.01 -27.48 17.18
CA LYS C 783 -31.31 -28.72 16.87
C LYS C 783 -29.81 -28.53 17.06
N ARG C 784 -29.41 -28.43 18.33
CA ARG C 784 -28.01 -28.41 18.71
C ARG C 784 -27.89 -29.04 20.08
N SER C 785 -26.69 -29.50 20.41
CA SER C 785 -26.43 -30.14 21.69
C SER C 785 -26.54 -29.22 22.89
N PHE C 786 -26.50 -29.80 24.09
CA PHE C 786 -26.46 -28.99 25.30
C PHE C 786 -25.08 -28.37 25.49
N ILE C 787 -24.05 -29.07 25.02
CA ILE C 787 -22.71 -28.49 25.09
C ILE C 787 -22.52 -27.47 23.98
N GLU C 788 -23.10 -27.74 22.80
CA GLU C 788 -23.05 -26.78 21.70
C GLU C 788 -23.80 -25.51 22.05
N ASP C 789 -24.98 -25.64 22.67
CA ASP C 789 -25.75 -24.46 23.04
C ASP C 789 -25.05 -23.68 24.15
N LEU C 790 -24.22 -24.36 24.94
CA LEU C 790 -23.39 -23.66 25.90
C LEU C 790 -22.19 -23.03 25.22
N LEU C 791 -21.87 -23.48 24.01
CA LEU C 791 -20.76 -22.87 23.25
C LEU C 791 -21.23 -21.69 22.42
N PHE C 792 -22.45 -21.76 21.88
CA PHE C 792 -22.95 -20.63 21.10
C PHE C 792 -23.29 -19.43 21.97
N ASN C 793 -23.47 -19.64 23.28
CA ASN C 793 -23.77 -18.52 24.15
C ASN C 793 -22.51 -17.78 24.59
N LYS C 794 -21.37 -18.48 24.65
CA LYS C 794 -20.15 -17.91 25.21
C LYS C 794 -19.28 -17.31 24.11
N VAL C 795 -19.91 -16.46 23.29
CA VAL C 795 -19.21 -15.60 22.32
C VAL C 795 -19.90 -14.25 22.30
N THR C 796 -19.31 -13.31 21.55
CA THR C 796 -19.73 -11.90 21.43
C THR C 796 -19.98 -11.22 22.77
N LEU C 818 -34.50 -12.97 9.18
CA LEU C 818 -33.84 -11.68 9.36
C LEU C 818 -34.00 -10.83 8.12
N ILE C 819 -33.99 -9.51 8.31
CA ILE C 819 -34.10 -8.55 7.22
C ILE C 819 -32.85 -7.68 7.19
N CYS C 820 -32.54 -7.14 6.02
CA CYS C 820 -31.26 -6.48 5.78
C CYS C 820 -31.21 -5.10 6.44
N ALA C 821 -30.00 -4.70 6.86
CA ALA C 821 -29.77 -3.41 7.50
C ALA C 821 -29.07 -2.42 6.60
N GLN C 822 -27.87 -2.78 6.09
CA GLN C 822 -27.12 -2.03 5.08
C GLN C 822 -26.78 -0.60 5.45
N LYS C 823 -25.86 -0.41 6.38
CA LYS C 823 -25.38 0.91 6.78
C LYS C 823 -24.66 1.62 5.64
N PHE C 824 -24.39 2.91 5.83
CA PHE C 824 -23.89 3.78 4.77
C PHE C 824 -22.49 3.43 4.29
N ASN C 825 -21.70 2.78 5.14
CA ASN C 825 -20.27 2.65 4.92
C ASN C 825 -19.90 1.66 3.83
N GLY C 826 -20.87 0.94 3.26
CA GLY C 826 -20.57 0.02 2.19
C GLY C 826 -20.12 -1.33 2.65
N LEU C 827 -20.01 -1.56 3.95
CA LEU C 827 -19.57 -2.82 4.50
C LEU C 827 -20.75 -3.78 4.59
N THR C 828 -20.44 -5.08 4.59
CA THR C 828 -21.45 -6.08 4.86
C THR C 828 -20.81 -7.32 5.46
N VAL C 829 -21.63 -8.24 5.96
CA VAL C 829 -21.16 -9.53 6.41
C VAL C 829 -22.02 -10.58 5.73
N LEU C 830 -21.46 -11.28 4.79
CA LEU C 830 -22.19 -12.29 4.06
C LEU C 830 -22.42 -13.51 4.94
N PRO C 831 -23.56 -14.16 4.82
CA PRO C 831 -23.83 -15.32 5.65
C PRO C 831 -23.07 -16.53 5.15
N PRO C 832 -22.67 -17.43 6.04
CA PRO C 832 -21.98 -18.63 5.60
C PRO C 832 -22.92 -19.61 4.94
N LEU C 833 -22.36 -20.37 4.00
CA LEU C 833 -23.16 -21.34 3.24
C LEU C 833 -23.58 -22.51 4.10
N LEU C 834 -22.84 -22.83 5.14
CA LEU C 834 -23.24 -23.82 6.12
C LEU C 834 -23.80 -23.07 7.33
N THR C 835 -25.10 -23.18 7.55
CA THR C 835 -25.72 -22.49 8.68
C THR C 835 -25.30 -23.13 9.98
N ASP C 836 -25.61 -22.46 11.09
CA ASP C 836 -25.29 -22.97 12.41
C ASP C 836 -26.09 -24.24 12.70
N ASP C 837 -27.28 -24.36 12.11
CA ASP C 837 -28.10 -25.55 12.31
C ASP C 837 -27.64 -26.70 11.42
N MET C 838 -26.93 -26.39 10.33
CA MET C 838 -26.38 -27.47 9.51
C MET C 838 -25.02 -27.90 10.01
N ILE C 839 -24.27 -26.99 10.63
CA ILE C 839 -23.04 -27.37 11.31
C ILE C 839 -23.35 -28.23 12.52
N ALA C 840 -24.42 -27.89 13.24
CA ALA C 840 -24.84 -28.70 14.38
C ALA C 840 -25.43 -30.03 13.93
N ALA C 841 -25.91 -30.09 12.70
CA ALA C 841 -26.39 -31.36 12.16
C ALA C 841 -25.21 -32.27 11.84
N TYR C 842 -24.14 -31.70 11.29
CA TYR C 842 -22.91 -32.41 11.02
C TYR C 842 -22.34 -33.05 12.28
N THR C 843 -22.16 -32.27 13.33
CA THR C 843 -21.53 -32.78 14.55
C THR C 843 -22.47 -33.72 15.30
N ALA C 844 -23.76 -33.69 15.00
CA ALA C 844 -24.64 -34.74 15.48
C ALA C 844 -24.33 -36.05 14.78
N ALA C 845 -23.97 -35.98 13.50
CA ALA C 845 -23.69 -37.19 12.75
C ALA C 845 -22.31 -37.74 13.07
N LEU C 846 -21.36 -36.85 13.40
CA LEU C 846 -20.03 -37.31 13.74
C LEU C 846 -20.00 -38.00 15.10
N VAL C 847 -20.79 -37.50 16.06
CA VAL C 847 -20.83 -38.13 17.37
C VAL C 847 -21.64 -39.41 17.31
N SER C 848 -22.74 -39.41 16.55
CA SER C 848 -23.53 -40.63 16.40
C SER C 848 -22.77 -41.70 15.63
N GLY C 849 -21.92 -41.29 14.69
CA GLY C 849 -21.05 -42.25 14.05
C GLY C 849 -19.96 -42.73 14.99
N THR C 850 -19.54 -41.86 15.91
CA THR C 850 -18.52 -42.25 16.87
C THR C 850 -19.12 -43.13 17.96
N ALA C 851 -20.37 -42.87 18.34
CA ALA C 851 -20.99 -43.62 19.41
C ALA C 851 -21.44 -45.00 18.94
N THR C 852 -21.75 -45.15 17.66
CA THR C 852 -22.32 -46.39 17.16
C THR C 852 -21.39 -47.13 16.21
N ALA C 853 -20.57 -46.44 15.43
CA ALA C 853 -19.75 -47.14 14.46
C ALA C 853 -18.25 -46.92 14.65
N GLY C 854 -17.83 -45.66 14.64
CA GLY C 854 -16.45 -45.30 14.86
C GLY C 854 -15.49 -45.49 13.70
N TRP C 855 -15.20 -46.73 13.33
CA TRP C 855 -13.96 -47.01 12.61
C TRP C 855 -14.06 -46.98 11.10
N THR C 856 -14.85 -47.89 10.51
CA THR C 856 -14.95 -47.93 9.05
C THR C 856 -15.80 -46.76 8.57
N PHE C 857 -16.58 -46.19 9.49
CA PHE C 857 -17.15 -44.85 9.46
C PHE C 857 -16.18 -43.79 8.93
N GLY C 858 -14.92 -43.87 9.32
CA GLY C 858 -13.91 -43.02 8.72
C GLY C 858 -13.53 -43.47 7.33
N ALA C 859 -13.14 -44.74 7.21
CA ALA C 859 -12.65 -45.31 5.95
C ALA C 859 -13.70 -45.33 4.84
N GLY C 860 -14.76 -46.12 5.02
CA GLY C 860 -15.80 -46.21 4.00
C GLY C 860 -17.20 -46.02 4.54
N ALA C 861 -18.04 -47.04 4.35
CA ALA C 861 -19.36 -47.07 4.97
C ALA C 861 -19.19 -47.39 6.44
N ALA C 862 -20.20 -47.14 7.25
CA ALA C 862 -20.00 -47.31 8.69
C ALA C 862 -20.58 -48.64 9.13
N LEU C 863 -19.91 -49.24 10.11
CA LEU C 863 -20.19 -50.58 10.58
C LEU C 863 -20.50 -50.51 12.06
N GLN C 864 -21.66 -51.03 12.46
CA GLN C 864 -22.10 -50.87 13.84
C GLN C 864 -21.25 -51.76 14.77
N ILE C 865 -20.72 -51.14 15.81
CA ILE C 865 -19.98 -51.82 16.87
C ILE C 865 -20.57 -51.31 18.18
N PRO C 866 -20.93 -52.19 19.12
CA PRO C 866 -21.39 -51.70 20.42
C PRO C 866 -20.28 -50.95 21.16
N PHE C 867 -20.70 -49.96 21.94
CA PHE C 867 -19.78 -48.91 22.33
C PHE C 867 -18.79 -49.40 23.39
N ALA C 868 -19.14 -50.45 24.11
CA ALA C 868 -18.16 -51.07 24.99
C ALA C 868 -17.13 -51.86 24.19
N MET C 869 -17.56 -52.47 23.09
CA MET C 869 -16.62 -53.14 22.20
C MET C 869 -15.80 -52.13 21.42
N GLN C 870 -16.33 -50.92 21.23
CA GLN C 870 -15.60 -49.89 20.50
C GLN C 870 -14.51 -49.28 21.36
N MET C 871 -14.82 -48.95 22.61
CA MET C 871 -13.84 -48.37 23.51
C MET C 871 -12.74 -49.35 23.84
N ALA C 872 -13.06 -50.64 23.94
CA ALA C 872 -12.06 -51.65 24.30
C ALA C 872 -11.05 -51.84 23.18
N TYR C 873 -11.49 -51.60 21.94
CA TYR C 873 -10.56 -51.63 20.82
C TYR C 873 -9.71 -50.36 20.79
N ARG C 874 -10.17 -49.31 21.46
CA ARG C 874 -9.41 -48.07 21.52
C ARG C 874 -8.44 -48.08 22.70
N PHE C 875 -8.75 -48.85 23.74
CA PHE C 875 -7.72 -49.19 24.72
C PHE C 875 -6.64 -50.04 24.07
N ASN C 876 -7.03 -50.93 23.16
CA ASN C 876 -6.08 -51.83 22.54
C ASN C 876 -5.17 -51.12 21.55
N GLY C 877 -5.53 -49.90 21.15
CA GLY C 877 -4.60 -49.08 20.40
C GLY C 877 -3.53 -48.47 21.29
N ILE C 878 -3.86 -48.27 22.56
CA ILE C 878 -2.93 -47.66 23.51
C ILE C 878 -1.90 -48.71 23.92
N GLY C 879 -2.32 -49.97 23.90
CA GLY C 879 -1.45 -51.03 24.35
C GLY C 879 -2.00 -51.66 25.60
N VAL C 880 -2.76 -50.87 26.36
CA VAL C 880 -3.49 -51.38 27.51
C VAL C 880 -4.56 -52.35 27.01
N THR C 881 -4.63 -53.52 27.63
CA THR C 881 -5.36 -54.64 27.04
C THR C 881 -6.87 -54.45 27.15
N GLN C 882 -7.60 -55.32 26.45
CA GLN C 882 -9.06 -55.24 26.43
C GLN C 882 -9.66 -55.80 27.72
N ASN C 883 -8.84 -56.47 28.52
CA ASN C 883 -9.17 -56.88 29.87
C ASN C 883 -9.53 -55.68 30.72
N VAL C 884 -8.77 -54.60 30.55
CA VAL C 884 -8.78 -53.49 31.49
C VAL C 884 -10.07 -52.69 31.39
N LEU C 885 -10.75 -52.77 30.25
CA LEU C 885 -12.05 -52.13 30.15
C LEU C 885 -13.09 -52.87 30.97
N TYR C 886 -13.37 -54.13 30.64
CA TYR C 886 -14.51 -54.83 31.22
C TYR C 886 -14.28 -55.17 32.68
N GLU C 887 -13.02 -55.18 33.10
CA GLU C 887 -12.68 -55.24 34.50
C GLU C 887 -13.13 -53.97 35.22
N ASN C 888 -13.09 -52.83 34.52
CA ASN C 888 -13.33 -51.54 35.14
C ASN C 888 -14.34 -50.69 34.38
N GLN C 889 -15.30 -51.32 33.70
CA GLN C 889 -16.19 -50.61 32.78
C GLN C 889 -17.10 -49.62 33.49
N LYS C 890 -17.60 -50.00 34.67
CA LYS C 890 -18.39 -49.07 35.45
C LYS C 890 -17.54 -47.91 35.95
N GLN C 891 -16.28 -48.19 36.29
CA GLN C 891 -15.40 -47.12 36.78
C GLN C 891 -14.93 -46.25 35.62
N ILE C 892 -14.72 -46.86 34.46
CA ILE C 892 -14.39 -46.10 33.24
C ILE C 892 -15.55 -45.19 32.85
N ALA C 893 -16.78 -45.71 32.92
CA ALA C 893 -17.93 -44.93 32.50
C ALA C 893 -18.21 -43.77 33.45
N ASN C 894 -17.98 -43.96 34.75
CA ASN C 894 -18.23 -42.88 35.69
C ASN C 894 -17.13 -41.83 35.64
N GLN C 895 -15.93 -42.21 35.22
CA GLN C 895 -14.90 -41.20 34.97
C GLN C 895 -15.21 -40.45 33.68
N PHE C 896 -15.91 -41.10 32.75
CA PHE C 896 -16.32 -40.43 31.53
C PHE C 896 -17.46 -39.46 31.81
N ASN C 897 -18.45 -39.90 32.59
CA ASN C 897 -19.64 -39.09 32.79
C ASN C 897 -19.34 -37.91 33.71
N LYS C 898 -18.38 -38.08 34.62
CA LYS C 898 -17.94 -36.97 35.44
C LYS C 898 -17.16 -35.97 34.60
N ALA C 899 -16.48 -36.44 33.56
CA ALA C 899 -15.62 -35.58 32.76
C ALA C 899 -16.44 -34.59 31.94
N ILE C 900 -17.53 -35.06 31.32
CA ILE C 900 -18.42 -34.16 30.59
C ILE C 900 -19.14 -33.23 31.55
N SER C 901 -19.45 -33.70 32.76
CA SER C 901 -20.09 -32.85 33.76
C SER C 901 -19.13 -31.77 34.25
N GLN C 902 -17.83 -32.01 34.16
CA GLN C 902 -16.87 -30.93 34.41
C GLN C 902 -16.83 -29.97 33.24
N ILE C 903 -16.94 -30.49 32.02
CA ILE C 903 -16.89 -29.65 30.82
C ILE C 903 -18.13 -28.77 30.73
N GLN C 904 -19.28 -29.32 31.13
CA GLN C 904 -20.49 -28.51 31.25
C GLN C 904 -20.36 -27.47 32.37
N GLU C 905 -19.47 -27.74 33.33
CA GLU C 905 -19.25 -26.79 34.41
C GLU C 905 -18.13 -25.81 34.07
N SER C 906 -17.07 -26.29 33.41
CA SER C 906 -15.87 -25.47 33.21
C SER C 906 -16.12 -24.37 32.18
N LEU C 907 -16.64 -24.74 31.02
CA LEU C 907 -16.82 -23.78 29.94
C LEU C 907 -18.17 -23.06 30.01
N THR C 908 -18.81 -23.11 31.18
CA THR C 908 -19.92 -22.22 31.49
C THR C 908 -19.43 -20.85 31.94
N THR C 909 -18.38 -20.82 32.77
CA THR C 909 -17.95 -19.60 33.44
C THR C 909 -16.55 -19.15 33.07
N THR C 910 -15.62 -20.09 32.83
CA THR C 910 -14.20 -19.77 32.83
C THR C 910 -13.79 -19.02 31.56
N SER C 911 -14.58 -19.14 30.49
CA SER C 911 -14.38 -18.52 29.18
C SER C 911 -13.02 -18.89 28.57
N THR C 912 -12.82 -20.18 28.29
CA THR C 912 -11.59 -20.64 27.66
C THR C 912 -11.87 -21.02 26.22
N ALA C 913 -12.96 -21.76 25.99
CA ALA C 913 -13.45 -22.01 24.64
C ALA C 913 -13.95 -20.73 23.98
N LEU C 914 -14.28 -19.72 24.77
CA LEU C 914 -14.34 -18.35 24.32
C LEU C 914 -13.03 -17.97 23.64
N GLY C 915 -11.92 -18.12 24.37
CA GLY C 915 -10.65 -17.47 24.11
C GLY C 915 -10.06 -17.48 22.72
N LYS C 916 -10.03 -18.65 22.09
CA LYS C 916 -9.42 -18.74 20.78
C LYS C 916 -10.39 -18.30 19.68
N LEU C 917 -11.68 -18.52 19.89
CA LEU C 917 -12.68 -18.07 18.92
C LEU C 917 -12.97 -16.59 19.05
N GLN C 918 -13.00 -16.09 20.28
CA GLN C 918 -13.30 -14.68 20.50
C GLN C 918 -12.17 -13.81 19.98
N ASP C 919 -10.95 -14.34 19.98
CA ASP C 919 -9.82 -13.62 19.41
C ASP C 919 -9.92 -13.58 17.89
N VAL C 920 -10.66 -14.51 17.30
CA VAL C 920 -10.94 -14.45 15.86
C VAL C 920 -12.02 -13.42 15.57
N VAL C 921 -13.06 -13.40 16.40
CA VAL C 921 -14.20 -12.49 16.16
C VAL C 921 -13.81 -11.06 16.49
N ASN C 922 -13.01 -10.86 17.54
CA ASN C 922 -12.57 -9.51 17.88
C ASN C 922 -11.60 -8.96 16.86
N GLN C 923 -10.79 -9.82 16.26
CA GLN C 923 -9.77 -9.34 15.33
C GLN C 923 -10.41 -8.94 14.00
N ASN C 924 -11.54 -9.55 13.67
CA ASN C 924 -12.27 -9.14 12.48
C ASN C 924 -13.09 -7.89 12.75
N ALA C 925 -13.70 -7.81 13.93
CA ALA C 925 -14.55 -6.68 14.25
C ALA C 925 -13.73 -5.42 14.51
N GLN C 926 -12.47 -5.59 14.90
CA GLN C 926 -11.62 -4.41 15.10
C GLN C 926 -10.99 -3.99 13.78
N ALA C 927 -10.85 -4.92 12.85
CA ALA C 927 -10.37 -4.57 11.52
C ALA C 927 -11.46 -3.90 10.71
N LEU C 928 -12.72 -4.20 11.03
CA LEU C 928 -13.82 -3.46 10.41
C LEU C 928 -13.94 -2.07 11.00
N ASN C 929 -13.80 -1.94 12.32
CA ASN C 929 -13.95 -0.62 12.94
C ASN C 929 -12.80 0.30 12.59
N THR C 930 -11.66 -0.28 12.23
CA THR C 930 -10.58 0.52 11.66
C THR C 930 -10.97 1.02 10.27
N LEU C 931 -11.55 0.14 9.45
CA LEU C 931 -11.91 0.49 8.08
C LEU C 931 -13.03 1.51 8.06
N VAL C 932 -13.95 1.43 9.02
CA VAL C 932 -15.06 2.38 9.08
C VAL C 932 -14.59 3.73 9.56
N LYS C 933 -13.63 3.77 10.50
CA LYS C 933 -13.18 5.05 11.02
C LYS C 933 -12.22 5.76 10.09
N GLN C 934 -11.80 5.10 9.00
CA GLN C 934 -10.98 5.82 8.02
C GLN C 934 -11.88 6.65 7.11
N LEU C 935 -13.19 6.44 7.18
CA LEU C 935 -14.11 7.35 6.49
C LEU C 935 -14.17 8.69 7.19
N SER C 936 -14.01 8.70 8.51
CA SER C 936 -13.92 9.97 9.24
C SER C 936 -12.52 10.55 9.21
N SER C 937 -11.58 9.89 8.56
CA SER C 937 -10.25 10.44 8.41
C SER C 937 -10.25 11.51 7.33
N ASN C 938 -9.41 12.53 7.51
CA ASN C 938 -9.45 13.69 6.64
C ASN C 938 -8.60 13.48 5.39
N PHE C 939 -7.41 12.89 5.55
CA PHE C 939 -6.41 12.66 4.50
C PHE C 939 -5.99 13.94 3.80
N GLY C 940 -5.92 15.04 4.52
CA GLY C 940 -5.50 16.29 3.91
C GLY C 940 -6.51 16.93 3.01
N ALA C 941 -7.77 16.52 3.10
CA ALA C 941 -8.84 17.19 2.38
C ALA C 941 -9.38 18.30 3.26
N ILE C 942 -10.43 18.98 2.78
CA ILE C 942 -11.08 19.99 3.61
C ILE C 942 -11.86 19.33 4.73
N SER C 943 -12.64 18.30 4.39
CA SER C 943 -13.47 17.61 5.36
C SER C 943 -13.46 16.13 5.04
N SER C 944 -13.71 15.32 6.05
CA SER C 944 -13.81 13.88 5.84
C SER C 944 -15.12 13.51 5.19
N VAL C 945 -16.15 14.33 5.35
CA VAL C 945 -17.44 14.09 4.72
C VAL C 945 -17.30 14.35 3.23
N LEU C 946 -17.68 13.38 2.41
CA LEU C 946 -17.38 13.48 0.98
C LEU C 946 -18.39 14.37 0.28
N ASN C 947 -19.64 14.40 0.73
CA ASN C 947 -20.64 15.23 0.07
C ASN C 947 -20.45 16.71 0.40
N ASP C 948 -19.76 17.01 1.49
CA ASP C 948 -19.44 18.41 1.78
C ASP C 948 -18.34 18.92 0.86
N ILE C 949 -17.50 18.03 0.34
CA ILE C 949 -16.48 18.47 -0.60
C ILE C 949 -17.12 18.79 -1.94
N LEU C 950 -18.14 18.01 -2.32
CA LEU C 950 -18.86 18.29 -3.57
C LEU C 950 -19.69 19.56 -3.46
N SER C 951 -20.35 19.77 -2.33
CA SER C 951 -21.36 20.81 -2.23
C SER C 951 -20.76 22.21 -2.10
N ARG C 952 -19.42 22.36 -1.98
CA ARG C 952 -18.88 23.72 -1.88
C ARG C 952 -17.54 23.89 -2.59
N LEU C 953 -17.22 23.09 -3.61
CA LEU C 953 -15.97 23.35 -4.33
C LEU C 953 -16.03 23.29 -5.85
N ASP C 954 -17.21 23.12 -6.44
CA ASP C 954 -17.48 23.32 -7.87
C ASP C 954 -16.67 22.46 -8.86
N LYS C 955 -16.20 21.28 -8.42
CA LYS C 955 -15.68 20.21 -9.30
C LYS C 955 -14.39 20.59 -10.06
N VAL C 956 -13.81 21.75 -9.76
CA VAL C 956 -12.52 22.10 -10.36
C VAL C 956 -11.50 22.22 -9.24
N GLU C 957 -11.92 22.74 -8.09
CA GLU C 957 -11.15 22.66 -6.87
C GLU C 957 -11.37 21.32 -6.17
N ALA C 958 -12.55 20.72 -6.36
CA ALA C 958 -12.89 19.45 -5.73
C ALA C 958 -12.05 18.30 -6.26
N GLU C 959 -11.68 18.34 -7.54
CA GLU C 959 -10.81 17.32 -8.13
C GLU C 959 -9.45 17.24 -7.45
N VAL C 960 -8.97 18.33 -6.86
CA VAL C 960 -7.78 18.29 -6.03
C VAL C 960 -8.07 17.69 -4.67
N GLN C 961 -9.25 17.96 -4.11
CA GLN C 961 -9.53 17.60 -2.73
C GLN C 961 -10.24 16.25 -2.61
N ILE C 962 -10.97 15.83 -3.64
CA ILE C 962 -11.54 14.48 -3.63
C ILE C 962 -10.44 13.45 -3.87
N ASP C 963 -9.45 13.80 -4.70
CA ASP C 963 -8.42 12.84 -5.05
C ASP C 963 -7.47 12.59 -3.88
N ARG C 964 -7.37 13.56 -2.97
CA ARG C 964 -6.69 13.30 -1.70
C ARG C 964 -7.51 12.36 -0.83
N LEU C 965 -8.82 12.39 -1.02
CA LEU C 965 -9.70 11.58 -0.18
C LEU C 965 -9.92 10.21 -0.80
N ILE C 966 -9.73 10.10 -2.12
CA ILE C 966 -9.85 8.79 -2.77
C ILE C 966 -8.63 7.94 -2.48
N THR C 967 -7.43 8.50 -2.68
CA THR C 967 -6.20 7.74 -2.47
C THR C 967 -5.98 7.41 -1.00
N GLY C 968 -6.64 8.15 -0.11
CA GLY C 968 -6.63 7.75 1.29
C GLY C 968 -7.56 6.59 1.56
N ARG C 969 -8.65 6.50 0.81
CA ARG C 969 -9.61 5.43 1.05
C ARG C 969 -9.32 4.21 0.20
N LEU C 970 -8.54 4.37 -0.86
CA LEU C 970 -7.94 3.19 -1.49
C LEU C 970 -6.95 2.54 -0.56
N GLN C 971 -6.10 3.37 0.06
CA GLN C 971 -4.99 2.83 0.83
C GLN C 971 -5.48 2.38 2.21
N SER C 972 -6.75 2.60 2.52
CA SER C 972 -7.35 1.97 3.69
C SER C 972 -8.10 0.70 3.31
N LEU C 973 -8.62 0.62 2.07
CA LEU C 973 -9.17 -0.65 1.61
C LEU C 973 -8.06 -1.62 1.24
N GLN C 974 -7.01 -1.12 0.60
CA GLN C 974 -5.89 -1.98 0.23
C GLN C 974 -5.15 -2.44 1.48
N THR C 975 -5.21 -1.65 2.55
CA THR C 975 -4.72 -2.12 3.83
C THR C 975 -5.60 -3.22 4.38
N TYR C 976 -6.92 -3.01 4.38
CA TYR C 976 -7.86 -3.93 5.02
C TYR C 976 -7.89 -5.28 4.34
N VAL C 977 -7.92 -5.29 3.01
CA VAL C 977 -8.02 -6.54 2.26
C VAL C 977 -6.74 -7.33 2.39
N THR C 978 -5.60 -6.63 2.48
CA THR C 978 -4.34 -7.32 2.71
C THR C 978 -4.26 -7.89 4.13
N GLN C 979 -4.81 -7.18 5.12
CA GLN C 979 -4.89 -7.74 6.46
C GLN C 979 -5.82 -8.94 6.51
N GLN C 980 -6.90 -8.91 5.71
CA GLN C 980 -7.84 -10.03 5.71
C GLN C 980 -7.28 -11.22 4.96
N LEU C 981 -6.45 -10.99 3.95
CA LEU C 981 -5.83 -12.10 3.24
C LEU C 981 -4.77 -12.78 4.09
N ILE C 982 -4.20 -12.06 5.04
CA ILE C 982 -3.25 -12.67 5.97
C ILE C 982 -4.00 -13.43 7.05
N ARG C 983 -5.12 -12.87 7.52
CA ARG C 983 -5.95 -13.58 8.50
C ARG C 983 -6.61 -14.79 7.87
N ALA C 984 -6.87 -14.76 6.56
CA ALA C 984 -7.44 -15.92 5.89
C ALA C 984 -6.43 -17.06 5.84
N ALA C 985 -5.16 -16.73 5.69
CA ALA C 985 -4.12 -17.76 5.69
C ALA C 985 -3.92 -18.32 7.09
N GLU C 986 -4.09 -17.48 8.11
CA GLU C 986 -3.91 -17.93 9.49
C GLU C 986 -5.07 -18.79 9.94
N ILE C 987 -6.21 -18.68 9.27
CA ILE C 987 -7.37 -19.47 9.65
C ILE C 987 -7.51 -20.68 8.75
N ARG C 988 -7.07 -20.57 7.48
CA ARG C 988 -7.00 -21.76 6.63
C ARG C 988 -5.97 -22.75 7.15
N ALA C 989 -4.89 -22.24 7.73
CA ALA C 989 -3.94 -23.11 8.41
C ALA C 989 -4.53 -23.68 9.68
N SER C 990 -5.48 -22.97 10.28
CA SER C 990 -6.15 -23.48 11.47
C SER C 990 -7.38 -24.28 11.11
N ALA C 991 -7.89 -24.10 9.89
CA ALA C 991 -8.98 -24.97 9.43
C ALA C 991 -8.44 -26.26 8.87
N ASN C 992 -7.25 -26.22 8.26
CA ASN C 992 -6.63 -27.45 7.79
C ASN C 992 -6.12 -28.29 8.95
N LEU C 993 -5.79 -27.65 10.06
CA LEU C 993 -5.42 -28.41 11.25
C LEU C 993 -6.65 -29.04 11.89
N ALA C 994 -7.78 -28.33 11.86
CA ALA C 994 -9.01 -28.89 12.39
C ALA C 994 -9.61 -29.89 11.43
N ALA C 995 -9.25 -29.80 10.14
CA ALA C 995 -9.72 -30.79 9.18
C ALA C 995 -9.02 -32.11 9.39
N THR C 996 -7.79 -32.08 9.87
CA THR C 996 -7.10 -33.33 10.19
C THR C 996 -7.51 -33.84 11.57
N LYS C 997 -7.79 -32.94 12.51
CA LYS C 997 -8.23 -33.40 13.83
C LYS C 997 -9.59 -34.04 13.77
N MET C 998 -10.46 -33.59 12.86
CA MET C 998 -11.70 -34.34 12.71
C MET C 998 -11.45 -35.60 11.91
N SER C 999 -10.42 -35.59 11.07
CA SER C 999 -10.11 -36.80 10.31
C SER C 999 -9.45 -37.85 11.18
N GLU C 1000 -8.63 -37.43 12.14
CA GLU C 1000 -7.76 -38.37 12.83
C GLU C 1000 -8.09 -38.55 14.30
N CYS C 1001 -8.54 -37.50 14.99
CA CYS C 1001 -8.96 -37.71 16.38
C CYS C 1001 -10.36 -38.28 16.44
N VAL C 1002 -11.25 -37.79 15.59
CA VAL C 1002 -12.66 -38.15 15.64
C VAL C 1002 -12.93 -39.46 14.92
N LEU C 1003 -12.57 -39.52 13.64
CA LEU C 1003 -12.87 -40.70 12.84
C LEU C 1003 -12.03 -41.90 13.27
N GLY C 1004 -10.71 -41.74 13.29
CA GLY C 1004 -9.84 -42.78 13.77
C GLY C 1004 -9.34 -42.50 15.17
N GLN C 1005 -8.36 -43.29 15.59
CA GLN C 1005 -7.65 -43.08 16.84
C GLN C 1005 -6.23 -42.68 16.49
N SER C 1006 -5.69 -41.72 17.22
CA SER C 1006 -4.41 -41.14 16.87
C SER C 1006 -3.31 -41.66 17.77
N LYS C 1007 -2.42 -42.47 17.19
CA LYS C 1007 -1.23 -42.92 17.89
C LYS C 1007 -0.25 -41.78 18.10
N ARG C 1008 -0.27 -40.83 17.18
CA ARG C 1008 0.39 -39.53 17.20
C ARG C 1008 0.15 -38.78 18.50
N VAL C 1009 1.20 -38.56 19.30
CA VAL C 1009 1.06 -38.12 20.69
C VAL C 1009 0.99 -36.61 20.76
N ASP C 1010 0.20 -36.13 21.72
CA ASP C 1010 -0.03 -34.71 22.02
C ASP C 1010 -0.55 -33.94 20.81
N PHE C 1011 -1.20 -34.65 19.89
CA PHE C 1011 -1.89 -34.04 18.78
C PHE C 1011 -3.35 -33.82 19.11
N CYS C 1012 -4.05 -34.87 19.49
CA CYS C 1012 -5.43 -34.69 19.88
C CYS C 1012 -5.52 -34.24 21.33
N GLY C 1013 -5.13 -35.10 22.26
CA GLY C 1013 -5.25 -34.81 23.67
C GLY C 1013 -3.92 -34.72 24.37
N LYS C 1014 -3.99 -34.49 25.68
CA LYS C 1014 -2.79 -34.50 26.51
C LYS C 1014 -2.32 -35.94 26.71
N GLY C 1015 -3.20 -36.79 27.24
CA GLY C 1015 -2.81 -38.16 27.50
C GLY C 1015 -2.84 -39.06 26.28
N TYR C 1016 -2.85 -40.36 26.52
CA TYR C 1016 -3.05 -41.32 25.45
C TYR C 1016 -4.50 -41.23 24.96
N HIS C 1017 -4.67 -41.16 23.65
CA HIS C 1017 -5.93 -40.72 23.07
C HIS C 1017 -6.87 -41.88 22.81
N LEU C 1018 -8.05 -41.85 23.47
CA LEU C 1018 -9.09 -42.83 23.18
C LEU C 1018 -9.93 -42.42 21.98
N MET C 1019 -10.65 -41.32 22.11
CA MET C 1019 -11.51 -40.83 21.03
C MET C 1019 -11.74 -39.34 21.24
N SER C 1020 -12.46 -38.73 20.30
CA SER C 1020 -12.75 -37.31 20.39
C SER C 1020 -14.13 -37.04 19.82
N PHE C 1021 -14.67 -35.88 20.16
CA PHE C 1021 -16.00 -35.49 19.72
C PHE C 1021 -16.00 -34.05 19.26
N PRO C 1022 -16.42 -33.78 18.05
CA PRO C 1022 -16.50 -32.38 17.62
C PRO C 1022 -17.76 -31.74 18.14
N GLN C 1023 -17.70 -30.44 18.44
CA GLN C 1023 -18.90 -29.73 18.85
C GLN C 1023 -19.00 -28.47 18.02
N ALA C 1024 -20.20 -28.18 17.55
CA ALA C 1024 -20.41 -27.01 16.71
C ALA C 1024 -20.23 -25.74 17.51
N ALA C 1025 -19.10 -25.09 17.31
CA ALA C 1025 -18.85 -23.81 17.95
C ALA C 1025 -19.04 -22.74 16.89
N PRO C 1026 -19.33 -21.49 17.25
CA PRO C 1026 -19.51 -20.47 16.20
C PRO C 1026 -18.19 -20.02 15.61
N HIS C 1027 -18.06 -20.19 14.29
CA HIS C 1027 -16.85 -20.04 13.49
C HIS C 1027 -15.72 -20.91 14.02
N GLY C 1028 -15.99 -22.13 14.45
CA GLY C 1028 -14.93 -22.98 14.94
C GLY C 1028 -15.39 -24.36 15.34
N VAL C 1029 -14.46 -25.19 15.82
CA VAL C 1029 -14.78 -26.50 16.36
C VAL C 1029 -14.20 -26.56 17.76
N VAL C 1030 -14.96 -27.13 18.67
CA VAL C 1030 -14.46 -27.52 19.97
C VAL C 1030 -14.44 -29.03 20.02
N PHE C 1031 -13.25 -29.61 19.98
CA PHE C 1031 -13.10 -31.05 20.11
C PHE C 1031 -13.07 -31.43 21.59
N LEU C 1032 -13.64 -32.58 21.89
CA LEU C 1032 -13.67 -33.08 23.26
C LEU C 1032 -12.82 -34.35 23.29
N HIS C 1033 -11.52 -34.19 23.51
CA HIS C 1033 -10.58 -35.28 23.35
C HIS C 1033 -10.59 -36.17 24.58
N VAL C 1034 -11.25 -37.31 24.47
CA VAL C 1034 -11.29 -38.30 25.54
C VAL C 1034 -9.93 -38.99 25.60
N THR C 1035 -9.18 -38.75 26.67
CA THR C 1035 -7.81 -39.24 26.78
C THR C 1035 -7.76 -40.34 27.84
N TYR C 1036 -6.55 -40.82 28.12
CA TYR C 1036 -6.35 -41.91 29.07
C TYR C 1036 -5.75 -41.46 30.39
N VAL C 1037 -4.57 -40.82 30.36
CA VAL C 1037 -3.87 -40.20 31.49
C VAL C 1037 -3.71 -41.16 32.66
N PRO C 1038 -2.74 -42.07 32.61
CA PRO C 1038 -2.55 -43.00 33.72
C PRO C 1038 -1.97 -42.29 34.94
N SER C 1039 -2.58 -42.54 36.10
CA SER C 1039 -2.41 -41.63 37.22
C SER C 1039 -1.64 -42.20 38.40
N GLN C 1040 -2.10 -43.32 38.96
CA GLN C 1040 -1.53 -43.81 40.21
C GLN C 1040 -0.52 -44.92 39.92
N GLU C 1041 0.74 -44.68 40.27
CA GLU C 1041 1.80 -45.61 39.95
C GLU C 1041 2.47 -46.11 41.22
N ARG C 1042 3.31 -47.12 41.04
CA ARG C 1042 4.11 -47.71 42.11
C ARG C 1042 5.51 -47.98 41.59
N ASN C 1043 6.48 -47.90 42.49
CA ASN C 1043 7.83 -48.37 42.16
C ASN C 1043 7.83 -49.87 41.94
N PHE C 1044 8.63 -50.32 40.98
CA PHE C 1044 8.84 -51.73 40.74
C PHE C 1044 10.25 -51.95 40.23
N THR C 1045 10.98 -52.82 40.90
CA THR C 1045 12.27 -53.26 40.41
C THR C 1045 12.06 -54.07 39.14
N THR C 1046 12.86 -53.81 38.10
CA THR C 1046 12.76 -54.59 36.90
C THR C 1046 14.16 -54.93 36.39
N ALA C 1047 14.20 -55.90 35.50
CA ALA C 1047 15.44 -56.32 34.85
C ALA C 1047 15.10 -57.01 33.55
N PRO C 1048 15.72 -56.62 32.43
CA PRO C 1048 15.45 -57.29 31.17
C PRO C 1048 16.05 -58.67 31.16
N ALA C 1049 15.41 -59.57 30.40
CA ALA C 1049 15.95 -60.88 30.04
C ALA C 1049 16.31 -61.74 31.23
N ILE C 1050 15.31 -62.22 31.97
CA ILE C 1050 15.51 -63.15 33.08
C ILE C 1050 16.24 -64.39 32.58
N CYS C 1051 17.25 -64.83 33.33
CA CYS C 1051 18.07 -65.95 32.91
C CYS C 1051 17.44 -67.25 33.37
N HIS C 1052 16.97 -68.05 32.42
CA HIS C 1052 16.33 -69.32 32.73
C HIS C 1052 16.88 -70.38 31.80
N GLU C 1053 17.64 -71.33 32.36
CA GLU C 1053 18.19 -72.48 31.66
C GLU C 1053 19.09 -72.04 30.49
N GLY C 1054 20.16 -71.37 30.85
CA GLY C 1054 21.14 -70.94 29.86
C GLY C 1054 20.83 -69.59 29.26
N LYS C 1055 20.27 -69.57 28.06
CA LYS C 1055 19.96 -68.33 27.38
C LYS C 1055 18.72 -67.68 27.98
N ALA C 1056 18.81 -66.36 28.19
CA ALA C 1056 17.77 -65.58 28.82
C ALA C 1056 16.60 -65.32 27.86
N TYR C 1057 15.50 -64.83 28.43
CA TYR C 1057 14.25 -64.65 27.71
C TYR C 1057 13.85 -63.18 27.72
N PHE C 1058 13.99 -62.53 26.59
CA PHE C 1058 13.54 -61.17 26.37
C PHE C 1058 12.02 -61.14 26.26
N PRO C 1059 11.36 -60.09 26.77
CA PRO C 1059 9.91 -60.12 26.84
C PRO C 1059 9.25 -59.81 25.51
N ARG C 1060 8.13 -60.49 25.27
CA ARG C 1060 7.28 -60.20 24.12
C ARG C 1060 6.32 -59.09 24.55
N GLU C 1061 6.80 -57.85 24.40
CA GLU C 1061 6.12 -56.63 24.81
C GLU C 1061 5.82 -56.66 26.31
N GLY C 1062 6.89 -56.60 27.11
CA GLY C 1062 6.76 -56.55 28.56
C GLY C 1062 7.90 -55.77 29.19
N VAL C 1063 8.00 -55.76 30.51
CA VAL C 1063 9.05 -55.01 31.20
C VAL C 1063 9.80 -55.89 32.19
N PHE C 1064 9.25 -57.07 32.48
CA PHE C 1064 9.63 -57.92 33.61
C PHE C 1064 9.57 -57.20 34.94
N VAL C 1065 8.35 -56.87 35.35
CA VAL C 1065 8.07 -56.28 36.65
C VAL C 1065 8.38 -57.29 37.75
N PHE C 1066 8.69 -56.79 38.94
CA PHE C 1066 8.96 -57.62 40.11
C PHE C 1066 8.28 -57.02 41.32
N ASN C 1067 7.17 -57.61 41.74
CA ASN C 1067 6.57 -57.32 43.04
C ASN C 1067 7.23 -58.19 44.11
N GLY C 1068 6.63 -58.29 45.28
CA GLY C 1068 7.25 -59.03 46.37
C GLY C 1068 7.44 -60.51 46.13
N THR C 1069 8.71 -60.85 45.83
CA THR C 1069 9.23 -62.21 45.66
C THR C 1069 8.43 -62.99 44.59
N SER C 1070 8.25 -62.34 43.43
CA SER C 1070 7.68 -62.97 42.23
C SER C 1070 7.94 -62.07 41.04
N TRP C 1071 8.30 -62.68 39.91
CA TRP C 1071 8.46 -61.97 38.66
C TRP C 1071 7.20 -62.11 37.80
N PHE C 1072 6.85 -61.02 37.12
CA PHE C 1072 5.73 -61.02 36.19
C PHE C 1072 6.11 -60.16 35.00
N ILE C 1073 5.26 -60.18 33.97
CA ILE C 1073 5.38 -59.27 32.84
C ILE C 1073 4.12 -58.45 32.74
N THR C 1074 4.29 -57.16 32.45
CA THR C 1074 3.16 -56.24 32.28
C THR C 1074 3.35 -55.43 31.02
N GLN C 1075 2.24 -54.90 30.52
CA GLN C 1075 2.32 -53.76 29.62
C GLN C 1075 2.59 -52.52 30.44
N ARG C 1076 3.38 -51.60 29.87
CA ARG C 1076 3.95 -50.53 30.68
C ARG C 1076 3.07 -49.28 30.73
N ASN C 1077 1.76 -49.45 30.55
CA ASN C 1077 0.85 -48.35 30.83
C ASN C 1077 -0.22 -48.73 31.84
N PHE C 1078 -0.25 -49.96 32.31
CA PHE C 1078 -1.19 -50.41 33.34
C PHE C 1078 -0.64 -51.66 34.01
N PHE C 1079 -0.61 -51.68 35.34
CA PHE C 1079 -0.03 -52.82 36.06
C PHE C 1079 -1.01 -53.99 36.00
N SER C 1080 -0.78 -54.90 35.07
CA SER C 1080 -1.54 -56.13 34.94
C SER C 1080 -0.55 -57.29 34.93
N PRO C 1081 -0.19 -57.82 36.10
CA PRO C 1081 0.86 -58.84 36.15
C PRO C 1081 0.40 -60.20 35.61
N GLN C 1082 1.08 -60.67 34.58
CA GLN C 1082 0.79 -61.96 33.98
C GLN C 1082 1.82 -62.99 34.41
N ILE C 1083 1.38 -64.24 34.50
CA ILE C 1083 2.28 -65.34 34.78
C ILE C 1083 3.24 -65.51 33.61
N ILE C 1084 4.54 -65.56 33.89
CA ILE C 1084 5.54 -65.62 32.85
C ILE C 1084 5.53 -67.00 32.21
N THR C 1085 5.43 -67.02 30.88
CA THR C 1085 5.33 -68.26 30.11
C THR C 1085 6.34 -68.22 28.97
N THR C 1086 6.20 -69.18 28.05
CA THR C 1086 7.06 -69.21 26.88
C THR C 1086 6.59 -68.19 25.84
N ASP C 1087 5.29 -68.12 25.60
CA ASP C 1087 4.73 -67.22 24.60
C ASP C 1087 4.65 -65.77 25.08
N ASN C 1088 4.97 -65.50 26.35
CA ASN C 1088 5.17 -64.14 26.81
C ASN C 1088 6.58 -63.65 26.54
N THR C 1089 7.47 -64.54 26.09
CA THR C 1089 8.85 -64.19 25.82
C THR C 1089 9.26 -64.78 24.47
N PHE C 1090 10.56 -64.70 24.20
CA PHE C 1090 11.20 -65.37 23.08
C PHE C 1090 12.67 -65.53 23.44
N VAL C 1091 13.47 -65.96 22.47
CA VAL C 1091 14.88 -66.21 22.73
C VAL C 1091 15.76 -65.29 21.88
#